data_6WTU
#
_entry.id   6WTU
#
_cell.length_a   93.988
_cell.length_b   99.506
_cell.length_c   103.487
_cell.angle_alpha   114.720
_cell.angle_beta   104.980
_cell.angle_gamma   89.810
#
_symmetry.space_group_name_H-M   'P 1'
#
loop_
_entity.id
_entity.type
_entity.pdbx_description
1 polymer 'reticulocyte binding protein 2b'
2 polymer '273264 Fab heavy chain'
3 polymer '273264 Fab light chain'
4 water water
#
loop_
_entity_poly.entity_id
_entity_poly.type
_entity_poly.pdbx_seq_one_letter_code
_entity_poly.pdbx_strand_id
1 'polypeptide(L)'
;GAMGSTNTTDNIDYFDISDESNYYLISQLRPHFSNIYFFDEFKRYASYHTEIKRYEDIHKTKVNSLLNEASRAIGICNRA
KNTVKGLINILENPQKFKTQRESYDVKLRQYEEKKEAFRGCLLNKNRKNLDQIKKINNEIRDLLEKLKCSQDCQTNVYFD
MIKIYLVDFKKMPYENYDTFIKQYKNSYLSGVDMIRKIEKQIDNPVTINAIKFTQKEMGYIIDRFEYHLQKVKHSIDQVT
ALSDGVKPKQVTKNRLKEYYFNIGNYYSIFKFGKDSLNMLNKALIHKEKIVHNLLGELFGHLEERIS
;
A,G,J,D
2 'polypeptide(L)'
;TGVHSEVQLLESGGGLVRPGGSQRLSCAASGFTFTPYAMTWVRQAPGKGLEWLSTISGSGGSTSYADSVKGRFTISRDNS
KNILYLQMDSLRAEDTALYYCTKDKDEYTFGHNAFDVWGRGTMVTVSSASTKGPSVFPLAPSSKSTSGGTAALGCLVKDY
FPEPVTVSWNSGALTSGVHTFPAVLQSSGLYSLSSVVTVPSSSLGTQTYICNVNHKPSNTKVDKKVEPKSCDKTHTCP
;
K,B,E,H
3 'polypeptide(L)'
;TGSVTSYELTQAPSVSVAPGQTARITCGGDNIGRTSVHWYQQKPGQAPVLVIFYDNDRPSGIPERFSGSNSGNMATLSIS
RVEVGDEADYYCQVWDSNNDHPVFGGGTKLTVVGQPKAAPSVTLFPPSSEELQANKATLVCLISDFYPGAVTVAWKADSS
PVKAGVETTTPSKQSNNKYAASSYLSLTPEQWKSHRSYSCQVTHEGSTVEKTVAPTECS
;
L,I,C,F
#
# COMPACT_ATOMS: atom_id res chain seq x y z
N ASN A 7 -4.99 24.43 16.05
CA ASN A 7 -5.02 25.48 17.05
C ASN A 7 -4.99 24.90 18.47
N THR A 8 -6.07 25.08 19.21
CA THR A 8 -6.15 24.68 20.61
C THR A 8 -7.55 24.14 20.90
N THR A 9 -7.61 23.07 21.66
CA THR A 9 -8.89 22.51 22.11
C THR A 9 -9.29 23.22 23.40
N ASP A 10 -10.24 24.15 23.29
CA ASP A 10 -10.68 24.93 24.44
C ASP A 10 -11.69 24.21 25.30
N ASN A 11 -12.23 23.08 24.85
CA ASN A 11 -13.29 22.38 25.56
C ASN A 11 -13.11 20.88 25.38
N ILE A 12 -13.07 20.14 26.48
CA ILE A 12 -12.90 18.70 26.42
C ILE A 12 -14.14 18.01 27.00
N ASP A 13 -15.32 18.53 26.67
CA ASP A 13 -16.57 17.95 27.12
C ASP A 13 -16.88 16.61 26.45
N TYR A 14 -16.06 16.15 25.51
CA TYR A 14 -16.39 14.97 24.73
C TYR A 14 -16.05 13.66 25.44
N PHE A 15 -15.18 13.69 26.46
CA PHE A 15 -14.88 12.48 27.20
C PHE A 15 -16.09 12.01 27.99
N ASP A 16 -16.32 10.69 27.98
CA ASP A 16 -17.32 10.09 28.86
C ASP A 16 -16.72 8.83 29.48
N ILE A 17 -17.52 8.14 30.30
CA ILE A 17 -17.08 6.91 30.94
C ILE A 17 -18.32 6.18 31.43
N SER A 18 -18.18 4.86 31.63
CA SER A 18 -19.27 4.04 32.12
C SER A 18 -18.73 3.10 33.20
N ASP A 19 -19.64 2.57 34.00
CA ASP A 19 -19.25 1.65 35.06
C ASP A 19 -18.74 0.34 34.46
N GLU A 20 -18.17 -0.50 35.33
CA GLU A 20 -17.57 -1.75 34.89
C GLU A 20 -18.60 -2.67 34.23
N SER A 21 -19.86 -2.59 34.67
CA SER A 21 -20.93 -3.36 34.04
C SER A 21 -21.39 -2.73 32.73
N ASN A 22 -20.85 -1.57 32.36
CA ASN A 22 -21.25 -0.86 31.14
C ASN A 22 -22.75 -0.60 31.10
N TYR A 23 -23.35 -0.41 32.28
CA TYR A 23 -24.79 -0.17 32.38
C TYR A 23 -25.15 1.29 32.54
N TYR A 24 -24.34 2.08 33.22
CA TYR A 24 -24.57 3.50 33.42
C TYR A 24 -23.51 4.30 32.68
N LEU A 25 -23.94 5.28 31.90
CA LEU A 25 -23.04 6.10 31.09
C LEU A 25 -23.05 7.53 31.62
N ILE A 26 -21.88 8.01 32.03
CA ILE A 26 -21.74 9.35 32.60
C ILE A 26 -21.27 10.29 31.50
N SER A 27 -22.03 11.36 31.28
CA SER A 27 -21.65 12.42 30.36
C SER A 27 -21.36 13.69 31.14
N GLN A 28 -20.47 14.52 30.61
CA GLN A 28 -20.15 15.78 31.27
C GLN A 28 -21.26 16.81 31.13
N LEU A 29 -22.22 16.59 30.23
CA LEU A 29 -23.35 17.49 30.06
C LEU A 29 -24.47 17.09 31.01
N ARG A 30 -25.18 18.10 31.51
CA ARG A 30 -26.32 17.84 32.37
C ARG A 30 -27.39 17.09 31.57
N PRO A 31 -28.12 16.14 32.20
CA PRO A 31 -28.01 15.77 33.61
C PRO A 31 -27.01 14.65 33.91
N HIS A 32 -26.03 14.45 33.02
CA HIS A 32 -24.95 13.48 33.19
C HIS A 32 -25.42 12.03 33.10
N PHE A 33 -26.66 11.77 33.48
CA PHE A 33 -27.26 10.45 33.33
C PHE A 33 -28.55 10.57 32.53
N SER A 34 -28.76 9.63 31.60
CA SER A 34 -30.02 9.61 30.87
C SER A 34 -31.18 9.23 31.78
N ASN A 35 -30.91 8.50 32.85
CA ASN A 35 -31.97 8.09 33.77
C ASN A 35 -32.69 9.30 34.38
N ILE A 36 -31.98 10.42 34.53
CA ILE A 36 -32.62 11.64 35.05
C ILE A 36 -33.69 12.12 34.08
N TYR A 37 -33.43 12.00 32.78
CA TYR A 37 -34.45 12.34 31.79
C TYR A 37 -35.66 11.44 31.91
N PHE A 38 -35.46 10.17 32.29
CA PHE A 38 -36.58 9.25 32.46
C PHE A 38 -37.40 9.59 33.69
N PHE A 39 -36.74 10.05 34.76
CA PHE A 39 -37.47 10.48 35.94
C PHE A 39 -38.36 11.68 35.63
N ASP A 40 -37.87 12.59 34.78
CA ASP A 40 -38.69 13.72 34.35
C ASP A 40 -39.88 13.28 33.51
N GLU A 41 -39.80 12.13 32.85
CA GLU A 41 -40.93 11.66 32.06
C GLU A 41 -42.03 11.09 32.94
N PHE A 42 -41.65 10.41 34.04
CA PHE A 42 -42.66 10.01 35.02
C PHE A 42 -43.31 11.23 35.66
N LYS A 43 -42.54 12.30 35.85
CA LYS A 43 -43.11 13.57 36.26
C LYS A 43 -44.23 13.99 35.32
N ARG A 44 -44.05 13.75 34.02
CA ARG A 44 -45.12 14.04 33.06
C ARG A 44 -46.14 12.93 32.97
N TYR A 45 -45.76 11.69 33.30
CA TYR A 45 -46.72 10.59 33.28
C TYR A 45 -47.75 10.76 34.38
N ALA A 46 -47.30 11.03 35.61
CA ALA A 46 -48.23 11.31 36.70
C ALA A 46 -49.01 12.59 36.48
N SER A 47 -48.52 13.50 35.62
CA SER A 47 -49.25 14.73 35.35
C SER A 47 -50.61 14.45 34.73
N TYR A 48 -50.75 13.33 34.03
CA TYR A 48 -52.01 12.99 33.38
C TYR A 48 -52.83 12.00 34.17
N HIS A 49 -52.28 11.44 35.24
CA HIS A 49 -53.01 10.56 36.15
C HIS A 49 -53.33 11.39 37.41
N THR A 50 -54.57 11.83 37.51
CA THR A 50 -54.94 12.82 38.53
C THR A 50 -54.92 12.26 39.93
N GLU A 51 -55.00 10.94 40.10
CA GLU A 51 -54.99 10.35 41.43
C GLU A 51 -53.59 10.28 42.04
N ILE A 52 -52.60 10.89 41.41
CA ILE A 52 -51.23 10.92 41.92
C ILE A 52 -50.84 12.37 42.17
N LYS A 53 -50.79 12.76 43.45
CA LYS A 53 -50.31 14.08 43.84
C LYS A 53 -48.95 14.03 44.49
N ARG A 54 -48.16 12.99 44.20
CA ARG A 54 -46.79 12.86 44.68
C ARG A 54 -45.79 13.55 43.76
N TYR A 55 -46.27 14.47 42.92
CA TYR A 55 -45.39 15.21 42.01
C TYR A 55 -44.28 15.93 42.77
N GLU A 56 -44.65 16.65 43.83
CA GLU A 56 -43.66 17.41 44.58
C GLU A 56 -42.69 16.50 45.33
N ASP A 57 -43.14 15.32 45.74
CA ASP A 57 -42.27 14.41 46.49
C ASP A 57 -41.15 13.87 45.61
N ILE A 58 -41.50 13.37 44.42
CA ILE A 58 -40.49 12.75 43.57
C ILE A 58 -39.55 13.80 42.99
N HIS A 59 -40.08 14.97 42.64
CA HIS A 59 -39.26 16.00 42.01
C HIS A 59 -38.35 16.69 43.01
N LYS A 60 -38.94 17.31 44.03
CA LYS A 60 -38.15 18.14 44.94
C LYS A 60 -37.27 17.28 45.85
N THR A 61 -37.85 16.25 46.48
CA THR A 61 -37.12 15.51 47.50
C THR A 61 -36.13 14.50 46.93
N LYS A 62 -36.28 14.11 45.66
CA LYS A 62 -35.47 13.03 45.12
C LYS A 62 -34.75 13.41 43.84
N VAL A 63 -35.51 13.68 42.77
CA VAL A 63 -34.92 13.79 41.43
C VAL A 63 -33.98 14.99 41.36
N ASN A 64 -34.46 16.17 41.77
CA ASN A 64 -33.64 17.37 41.63
C ASN A 64 -32.40 17.32 42.50
N SER A 65 -32.47 16.66 43.66
CA SER A 65 -31.30 16.57 44.53
C SER A 65 -30.29 15.54 44.02
N LEU A 66 -30.74 14.52 43.29
CA LEU A 66 -29.80 13.64 42.62
C LEU A 66 -29.08 14.37 41.49
N LEU A 67 -29.82 15.21 40.77
CA LEU A 67 -29.20 16.01 39.71
C LEU A 67 -28.11 16.92 40.28
N ASN A 68 -28.37 17.53 41.44
CA ASN A 68 -27.38 18.41 42.05
C ASN A 68 -26.18 17.64 42.57
N GLU A 69 -26.39 16.43 43.08
CA GLU A 69 -25.27 15.64 43.58
C GLU A 69 -24.39 15.14 42.45
N ALA A 70 -24.99 14.72 41.34
CA ALA A 70 -24.19 14.40 40.16
C ALA A 70 -23.48 15.63 39.63
N SER A 71 -24.18 16.78 39.61
CA SER A 71 -23.55 18.03 39.20
C SER A 71 -22.36 18.37 40.07
N ARG A 72 -22.48 18.16 41.39
CA ARG A 72 -21.38 18.47 42.29
C ARG A 72 -20.24 17.48 42.11
N ALA A 73 -20.56 16.21 41.85
CA ALA A 73 -19.51 15.21 41.66
C ALA A 73 -18.69 15.49 40.41
N ILE A 74 -19.35 15.97 39.34
CA ILE A 74 -18.63 16.34 38.13
C ILE A 74 -17.68 17.50 38.41
N GLY A 75 -18.11 18.43 39.26
CA GLY A 75 -17.28 19.60 39.53
C GLY A 75 -16.02 19.29 40.31
N ILE A 76 -16.03 18.22 41.10
CA ILE A 76 -14.83 17.84 41.86
C ILE A 76 -13.69 17.48 40.91
N CYS A 77 -14.01 17.03 39.70
CA CYS A 77 -13.03 16.63 38.71
C CYS A 77 -12.58 17.78 37.82
N ASN A 78 -13.05 19.01 38.08
CA ASN A 78 -12.68 20.13 37.22
C ASN A 78 -11.19 20.41 37.24
N ARG A 79 -10.53 20.17 38.39
CA ARG A 79 -9.08 20.37 38.47
C ARG A 79 -8.36 19.35 37.60
N ALA A 80 -8.74 18.07 37.70
CA ALA A 80 -8.17 17.07 36.81
C ALA A 80 -8.56 17.32 35.36
N LYS A 81 -9.75 17.89 35.14
CA LYS A 81 -10.19 18.20 33.78
C LYS A 81 -9.24 19.19 33.11
N ASN A 82 -8.91 20.27 33.82
CA ASN A 82 -8.05 21.30 33.23
C ASN A 82 -6.61 20.80 33.09
N THR A 83 -6.17 19.92 33.99
CA THR A 83 -4.84 19.32 33.84
C THR A 83 -4.74 18.53 32.54
N VAL A 84 -5.81 17.80 32.19
CA VAL A 84 -5.82 17.04 30.93
C VAL A 84 -5.83 18.00 29.75
N LYS A 85 -6.62 19.08 29.81
CA LYS A 85 -6.67 20.03 28.71
C LYS A 85 -5.32 20.68 28.48
N GLY A 86 -4.59 20.98 29.56
CA GLY A 86 -3.29 21.60 29.41
C GLY A 86 -2.31 20.72 28.66
N LEU A 87 -2.39 19.40 28.88
CA LEU A 87 -1.52 18.49 28.15
C LEU A 87 -1.99 18.28 26.71
N ILE A 88 -3.30 18.36 26.46
CA ILE A 88 -3.81 18.26 25.11
C ILE A 88 -3.33 19.46 24.28
N ASN A 89 -3.32 20.64 24.87
CA ASN A 89 -2.93 21.85 24.14
C ASN A 89 -1.43 21.87 23.85
N ILE A 90 -0.64 21.06 24.54
CA ILE A 90 0.78 20.94 24.24
C ILE A 90 1.03 19.89 23.17
N LEU A 91 0.32 18.76 23.24
CA LEU A 91 0.57 17.66 22.32
C LEU A 91 -0.02 17.89 20.93
N GLU A 92 -1.04 18.74 20.81
CA GLU A 92 -1.65 19.03 19.53
C GLU A 92 -1.07 20.28 18.88
N ASN A 93 -0.17 20.99 19.55
CA ASN A 93 0.33 22.28 19.08
C ASN A 93 1.86 22.26 19.05
N PRO A 94 2.46 22.06 17.87
CA PRO A 94 3.93 22.06 17.80
C PRO A 94 4.56 23.36 18.25
N GLN A 95 3.92 24.51 18.00
CA GLN A 95 4.48 25.78 18.46
C GLN A 95 4.50 25.85 19.98
N LYS A 96 3.48 25.32 20.64
CA LYS A 96 3.46 25.28 22.10
C LYS A 96 4.39 24.20 22.64
N PHE A 97 4.44 23.04 21.97
CA PHE A 97 5.36 21.99 22.40
C PHE A 97 6.81 22.44 22.32
N LYS A 98 7.13 23.36 21.41
CA LYS A 98 8.50 23.82 21.26
C LYS A 98 8.92 24.75 22.40
N THR A 99 7.98 25.38 23.09
CA THR A 99 8.32 26.26 24.20
C THR A 99 8.64 25.49 25.49
N GLN A 100 8.26 24.22 25.58
CA GLN A 100 8.64 23.38 26.71
C GLN A 100 9.81 22.49 26.29
N ARG A 101 10.32 21.71 27.25
CA ARG A 101 11.60 21.03 27.08
C ARG A 101 11.54 19.51 27.08
N GLU A 102 10.45 18.89 27.54
CA GLU A 102 10.43 17.45 27.67
C GLU A 102 10.12 16.77 26.33
N SER A 103 10.53 15.51 26.21
CA SER A 103 10.33 14.71 25.01
C SER A 103 8.85 14.63 24.67
N TYR A 104 8.56 14.20 23.44
CA TYR A 104 7.18 13.97 23.04
C TYR A 104 6.61 12.70 23.69
N ASP A 105 7.43 11.68 23.90
CA ASP A 105 6.94 10.48 24.56
C ASP A 105 6.68 10.71 26.05
N VAL A 106 7.45 11.61 26.66
CA VAL A 106 7.22 11.93 28.08
C VAL A 106 5.90 12.66 28.25
N LYS A 107 5.67 13.72 27.45
CA LYS A 107 4.42 14.45 27.52
C LYS A 107 3.24 13.59 27.06
N LEU A 108 3.49 12.61 26.19
CA LEU A 108 2.42 11.73 25.75
C LEU A 108 1.99 10.79 26.87
N ARG A 109 2.94 10.30 27.66
CA ARG A 109 2.60 9.40 28.76
C ARG A 109 1.84 10.13 29.85
N GLN A 110 2.21 11.38 30.13
CA GLN A 110 1.48 12.17 31.12
C GLN A 110 0.03 12.35 30.70
N TYR A 111 -0.21 12.57 29.41
CA TYR A 111 -1.58 12.70 28.91
C TYR A 111 -2.38 11.42 29.15
N GLU A 112 -1.77 10.27 28.92
CA GLU A 112 -2.46 9.00 29.17
C GLU A 112 -2.79 8.84 30.65
N GLU A 113 -1.85 9.23 31.53
CA GLU A 113 -2.12 9.10 32.96
C GLU A 113 -3.20 10.09 33.41
N LYS A 114 -3.08 11.35 33.00
CA LYS A 114 -4.02 12.36 33.45
C LYS A 114 -5.41 12.11 32.89
N LYS A 115 -5.50 11.62 31.64
CA LYS A 115 -6.80 11.34 31.04
C LYS A 115 -7.54 10.26 31.81
N GLU A 116 -6.85 9.14 32.11
CA GLU A 116 -7.47 8.07 32.87
C GLU A 116 -7.81 8.53 34.29
N ALA A 117 -7.00 9.44 34.85
CA ALA A 117 -7.32 9.99 36.16
C ALA A 117 -8.55 10.89 36.11
N PHE A 118 -8.76 11.57 34.99
CA PHE A 118 -9.92 12.46 34.87
C PHE A 118 -11.20 11.65 34.67
N ARG A 119 -11.22 10.77 33.66
CA ARG A 119 -12.42 9.98 33.41
C ARG A 119 -12.75 9.08 34.60
N GLY A 120 -11.72 8.49 35.22
CA GLY A 120 -11.94 7.73 36.43
C GLY A 120 -12.53 8.57 37.55
N CYS A 121 -12.15 9.84 37.63
CA CYS A 121 -12.78 10.73 38.61
C CYS A 121 -14.26 10.90 38.35
N LEU A 122 -14.66 10.91 37.07
CA LEU A 122 -16.07 11.07 36.73
C LEU A 122 -16.90 9.90 37.22
N LEU A 123 -16.32 8.69 37.24
CA LEU A 123 -17.03 7.51 37.73
C LEU A 123 -16.94 7.36 39.24
N ASN A 124 -15.75 7.56 39.81
CA ASN A 124 -15.56 7.35 41.25
C ASN A 124 -16.41 8.31 42.07
N LYS A 125 -16.40 9.60 41.71
CA LYS A 125 -17.20 10.57 42.44
C LYS A 125 -18.70 10.39 42.22
N ASN A 126 -19.11 9.59 41.25
CA ASN A 126 -20.52 9.39 40.94
C ASN A 126 -21.04 8.01 41.35
N ARG A 127 -20.21 7.19 42.00
CA ARG A 127 -20.63 5.83 42.33
C ARG A 127 -21.84 5.83 43.26
N LYS A 128 -21.79 6.65 44.33
CA LYS A 128 -22.92 6.73 45.23
C LYS A 128 -24.15 7.32 44.54
N ASN A 129 -23.95 8.19 43.54
CA ASN A 129 -25.09 8.72 42.80
C ASN A 129 -25.71 7.67 41.89
N LEU A 130 -24.90 6.72 41.40
CA LEU A 130 -25.44 5.67 40.54
C LEU A 130 -26.31 4.69 41.33
N ASP A 131 -25.91 4.37 42.56
CA ASP A 131 -26.74 3.53 43.42
C ASP A 131 -28.07 4.21 43.74
N GLN A 132 -28.07 5.54 43.83
CA GLN A 132 -29.32 6.27 44.05
C GLN A 132 -30.29 6.12 42.89
N ILE A 133 -29.79 5.82 41.69
CA ILE A 133 -30.66 5.69 40.53
C ILE A 133 -31.56 4.47 40.67
N LYS A 134 -31.00 3.33 41.06
CA LYS A 134 -31.81 2.13 41.21
C LYS A 134 -32.82 2.26 42.34
N LYS A 135 -32.46 2.99 43.41
CA LYS A 135 -33.41 3.22 44.50
C LYS A 135 -34.54 4.14 44.08
N ILE A 136 -34.33 4.98 43.07
CA ILE A 136 -35.40 5.86 42.60
C ILE A 136 -36.32 5.11 41.65
N ASN A 137 -35.76 4.32 40.74
CA ASN A 137 -36.51 3.49 39.81
C ASN A 137 -37.64 2.74 40.51
N ASN A 138 -37.35 2.15 41.67
CA ASN A 138 -38.37 1.43 42.41
C ASN A 138 -39.49 2.35 42.88
N GLU A 139 -39.17 3.61 43.19
CA GLU A 139 -40.16 4.52 43.72
C GLU A 139 -41.20 4.93 42.67
N ILE A 140 -40.81 4.97 41.40
CA ILE A 140 -41.78 5.30 40.36
C ILE A 140 -42.74 4.13 40.14
N ARG A 141 -42.24 2.90 40.21
CA ARG A 141 -43.12 1.74 40.15
C ARG A 141 -44.12 1.77 41.29
N ASP A 142 -43.65 2.09 42.50
CA ASP A 142 -44.55 2.17 43.65
C ASP A 142 -45.55 3.31 43.48
N LEU A 143 -45.08 4.46 42.95
CA LEU A 143 -45.99 5.58 42.73
C LEU A 143 -47.03 5.26 41.67
N LEU A 144 -46.66 4.48 40.65
CA LEU A 144 -47.63 4.07 39.65
C LEU A 144 -48.61 3.04 40.20
N GLU A 145 -48.24 2.32 41.28
CA GLU A 145 -49.17 1.39 41.90
C GLU A 145 -50.33 2.11 42.58
N LYS A 146 -50.16 3.38 42.94
CA LYS A 146 -51.25 4.16 43.51
C LYS A 146 -52.30 4.54 42.47
N LEU A 147 -52.15 4.07 41.23
CA LEU A 147 -53.19 4.28 40.22
C LEU A 147 -54.49 3.61 40.69
N LYS A 148 -55.60 4.32 40.48
CA LYS A 148 -56.89 3.82 40.96
C LYS A 148 -57.28 2.49 40.32
N CYS A 149 -56.80 2.22 39.11
CA CYS A 149 -57.21 1.06 38.32
C CYS A 149 -56.36 -0.16 38.65
N SER A 150 -56.63 -1.27 37.97
CA SER A 150 -55.85 -2.46 38.20
C SER A 150 -55.95 -3.47 37.06
N GLN A 151 -57.07 -4.19 36.97
CA GLN A 151 -57.20 -5.19 35.91
C GLN A 151 -57.40 -4.54 34.53
N ASP A 152 -58.07 -3.37 34.49
CA ASP A 152 -58.27 -2.61 33.26
C ASP A 152 -57.83 -1.16 33.50
N CYS A 153 -56.69 -0.81 32.90
CA CYS A 153 -56.04 0.50 33.05
C CYS A 153 -55.92 1.13 31.66
N GLN A 154 -56.60 2.26 31.44
CA GLN A 154 -56.65 2.84 30.10
C GLN A 154 -55.25 3.19 29.59
N THR A 155 -54.98 2.85 28.33
CA THR A 155 -53.75 3.20 27.63
C THR A 155 -53.89 4.52 26.86
N ASN A 156 -54.78 5.40 27.30
CA ASN A 156 -54.96 6.68 26.61
C ASN A 156 -53.74 7.57 26.77
N VAL A 157 -53.25 7.72 28.01
CA VAL A 157 -52.08 8.55 28.26
C VAL A 157 -50.85 7.96 27.60
N TYR A 158 -50.71 6.63 27.67
CA TYR A 158 -49.53 5.96 27.13
C TYR A 158 -49.39 6.22 25.63
N PHE A 159 -50.50 6.24 24.90
CA PHE A 159 -50.46 6.54 23.48
C PHE A 159 -50.45 8.04 23.19
N ASP A 160 -50.96 8.86 24.11
CA ASP A 160 -50.82 10.30 23.97
C ASP A 160 -49.36 10.71 24.10
N MET A 161 -48.62 10.07 25.00
CA MET A 161 -47.20 10.36 25.16
C MET A 161 -46.40 9.89 23.95
N ILE A 162 -46.80 8.77 23.35
CA ILE A 162 -46.10 8.26 22.18
C ILE A 162 -46.22 9.22 21.02
N LYS A 163 -47.43 9.76 20.79
CA LYS A 163 -47.64 10.67 19.67
C LYS A 163 -46.88 11.98 19.88
N ILE A 164 -46.81 12.47 21.12
CA ILE A 164 -46.02 13.65 21.40
C ILE A 164 -44.54 13.37 21.17
N TYR A 165 -44.09 12.15 21.48
CA TYR A 165 -42.69 11.80 21.27
C TYR A 165 -42.31 11.79 19.80
N LEU A 166 -43.28 11.50 18.92
CA LEU A 166 -42.98 11.42 17.49
C LEU A 166 -42.65 12.79 16.90
N VAL A 167 -43.32 13.84 17.37
CA VAL A 167 -43.02 15.16 16.85
C VAL A 167 -41.74 15.72 17.48
N ASP A 168 -41.42 15.30 18.71
CA ASP A 168 -40.14 15.71 19.30
C ASP A 168 -38.97 15.11 18.54
N PHE A 169 -39.14 13.93 17.95
CA PHE A 169 -38.08 13.34 17.13
C PHE A 169 -37.89 14.11 15.84
N LYS A 170 -38.97 14.69 15.29
CA LYS A 170 -38.85 15.44 14.05
C LYS A 170 -37.90 16.62 14.17
N LYS A 171 -37.79 17.21 15.37
CA LYS A 171 -36.91 18.34 15.56
C LYS A 171 -35.45 17.96 15.36
N MET A 172 -35.11 16.70 15.58
CA MET A 172 -33.72 16.27 15.46
C MET A 172 -33.38 15.96 14.01
N PRO A 173 -32.30 16.53 13.47
CA PRO A 173 -31.88 16.27 12.08
C PRO A 173 -31.05 15.00 11.95
N TYR A 174 -31.73 13.85 11.93
CA TYR A 174 -31.03 12.57 11.91
C TYR A 174 -30.30 12.35 10.58
N GLU A 175 -30.99 12.60 9.47
CA GLU A 175 -30.38 12.35 8.16
C GLU A 175 -29.13 13.19 7.97
N ASN A 176 -29.18 14.48 8.33
CA ASN A 176 -28.00 15.33 8.21
C ASN A 176 -26.91 14.89 9.17
N TYR A 177 -27.28 14.48 10.39
CA TYR A 177 -26.30 13.91 11.31
C TYR A 177 -25.65 12.67 10.71
N ASP A 178 -26.45 11.83 10.06
CA ASP A 178 -25.90 10.66 9.38
C ASP A 178 -24.97 11.08 8.26
N THR A 179 -25.41 12.03 7.43
CA THR A 179 -24.54 12.57 6.38
C THR A 179 -23.25 13.13 6.96
N PHE A 180 -23.35 13.84 8.10
CA PHE A 180 -22.17 14.47 8.68
C PHE A 180 -21.14 13.43 9.11
N ILE A 181 -21.57 12.44 9.91
CA ILE A 181 -20.61 11.49 10.47
C ILE A 181 -20.00 10.62 9.39
N LYS A 182 -20.72 10.37 8.29
CA LYS A 182 -20.14 9.59 7.20
C LYS A 182 -19.08 10.39 6.45
N GLN A 183 -19.30 11.69 6.30
CA GLN A 183 -18.33 12.52 5.58
C GLN A 183 -17.04 12.68 6.38
N TYR A 184 -17.16 12.97 7.67
CA TYR A 184 -15.96 13.21 8.47
C TYR A 184 -15.22 11.91 8.79
N LYS A 185 -15.95 10.83 9.00
CA LYS A 185 -15.31 9.53 9.19
C LYS A 185 -14.52 9.12 7.97
N ASN A 186 -15.06 9.38 6.78
CA ASN A 186 -14.35 9.06 5.54
C ASN A 186 -13.09 9.92 5.39
N SER A 187 -13.21 11.22 5.67
CA SER A 187 -12.03 12.08 5.64
C SER A 187 -11.02 11.67 6.71
N TYR A 188 -11.52 11.25 7.87
CA TYR A 188 -10.63 10.86 8.96
C TYR A 188 -9.79 9.65 8.59
N LEU A 189 -10.44 8.62 8.01
CA LEU A 189 -9.72 7.39 7.67
C LEU A 189 -8.69 7.64 6.58
N SER A 190 -9.05 8.40 5.55
CA SER A 190 -8.10 8.70 4.47
C SER A 190 -6.97 9.59 4.96
N GLY A 191 -7.25 10.48 5.92
CA GLY A 191 -6.19 11.27 6.51
C GLY A 191 -5.25 10.44 7.36
N VAL A 192 -5.79 9.45 8.07
CA VAL A 192 -4.96 8.58 8.89
C VAL A 192 -4.08 7.71 8.00
N ASP A 193 -4.67 7.09 6.97
CA ASP A 193 -3.92 6.21 6.08
C ASP A 193 -2.82 6.98 5.35
N MET A 194 -3.08 8.24 5.00
CA MET A 194 -2.09 9.02 4.27
C MET A 194 -0.91 9.40 5.17
N ILE A 195 -1.18 9.69 6.45
CA ILE A 195 -0.11 9.97 7.39
C ILE A 195 0.76 8.73 7.57
N ARG A 196 0.16 7.53 7.50
CA ARG A 196 0.95 6.31 7.56
C ARG A 196 2.00 6.26 6.46
N LYS A 197 1.62 6.67 5.24
CA LYS A 197 2.53 6.54 4.10
C LYS A 197 3.56 7.67 4.08
N ILE A 198 3.14 8.89 4.44
CA ILE A 198 4.03 10.05 4.35
C ILE A 198 4.98 10.19 5.52
N GLU A 199 4.76 9.43 6.60
CA GLU A 199 5.56 9.60 7.81
C GLU A 199 6.96 8.99 7.63
N LYS A 200 7.96 9.70 8.11
CA LYS A 200 9.35 9.25 8.11
C LYS A 200 10.03 9.76 9.37
N GLN A 201 11.29 9.38 9.57
CA GLN A 201 11.98 9.69 10.82
C GLN A 201 13.32 10.38 10.61
N ILE A 202 13.56 11.00 9.45
CA ILE A 202 14.83 11.66 9.21
C ILE A 202 14.83 13.14 9.57
N ASP A 203 13.65 13.78 9.59
CA ASP A 203 13.52 15.18 9.96
C ASP A 203 12.83 15.29 11.33
N ASN A 204 12.51 16.53 11.71
CA ASN A 204 11.84 16.77 12.99
C ASN A 204 10.41 16.26 12.92
N PRO A 205 10.01 15.32 13.78
CA PRO A 205 8.69 14.69 13.62
C PRO A 205 7.60 15.31 14.48
N VAL A 206 7.77 16.57 14.89
CA VAL A 206 6.83 17.13 15.85
C VAL A 206 5.47 17.41 15.21
N THR A 207 5.47 17.81 13.93
CA THR A 207 4.20 18.11 13.27
C THR A 207 3.43 16.85 12.94
N ILE A 208 4.13 15.79 12.51
CA ILE A 208 3.47 14.50 12.32
C ILE A 208 2.91 13.98 13.64
N ASN A 209 3.63 14.21 14.74
CA ASN A 209 3.17 13.76 16.05
C ASN A 209 1.87 14.45 16.44
N ALA A 210 1.81 15.77 16.30
CA ALA A 210 0.60 16.50 16.65
C ALA A 210 -0.58 16.07 15.80
N ILE A 211 -0.34 15.76 14.53
CA ILE A 211 -1.40 15.29 13.66
C ILE A 211 -1.95 13.96 14.15
N LYS A 212 -1.05 12.98 14.39
CA LYS A 212 -1.48 11.67 14.84
C LYS A 212 -2.20 11.75 16.19
N PHE A 213 -1.71 12.60 17.10
CA PHE A 213 -2.37 12.76 18.38
C PHE A 213 -3.80 13.28 18.21
N THR A 214 -3.96 14.36 17.45
CA THR A 214 -5.29 14.91 17.20
C THR A 214 -6.18 13.89 16.50
N GLN A 215 -5.62 13.11 15.58
CA GLN A 215 -6.42 12.13 14.86
C GLN A 215 -6.94 11.05 15.80
N LYS A 216 -6.13 10.63 16.77
CA LYS A 216 -6.59 9.60 17.71
C LYS A 216 -7.76 10.10 18.54
N GLU A 217 -7.74 11.36 18.94
CA GLU A 217 -8.90 11.94 19.59
C GLU A 217 -10.08 12.06 18.64
N MET A 218 -9.81 12.34 17.36
CA MET A 218 -10.87 12.35 16.36
C MET A 218 -11.57 11.01 16.28
N GLY A 219 -10.81 9.91 16.30
CA GLY A 219 -11.42 8.60 16.25
C GLY A 219 -12.28 8.30 17.45
N TYR A 220 -11.83 8.73 18.63
CA TYR A 220 -12.64 8.54 19.85
C TYR A 220 -13.95 9.30 19.75
N ILE A 221 -13.89 10.55 19.26
CA ILE A 221 -15.11 11.34 19.12
C ILE A 221 -16.04 10.71 18.08
N ILE A 222 -15.48 10.24 16.97
CA ILE A 222 -16.28 9.57 15.95
C ILE A 222 -16.91 8.31 16.53
N ASP A 223 -16.14 7.53 17.28
CA ASP A 223 -16.65 6.30 17.89
C ASP A 223 -17.83 6.61 18.81
N ARG A 224 -17.72 7.67 19.60
CA ARG A 224 -18.81 8.03 20.53
C ARG A 224 -20.01 8.59 19.77
N PHE A 225 -19.76 9.35 18.70
CA PHE A 225 -20.86 9.90 17.91
C PHE A 225 -21.71 8.78 17.31
N GLU A 226 -21.07 7.78 16.72
CA GLU A 226 -21.80 6.67 16.12
C GLU A 226 -22.60 5.90 17.16
N TYR A 227 -22.06 5.79 18.38
CA TYR A 227 -22.80 5.11 19.45
C TYR A 227 -24.11 5.83 19.74
N HIS A 228 -24.05 7.15 19.93
CA HIS A 228 -25.26 7.90 20.25
C HIS A 228 -26.22 7.94 19.06
N LEU A 229 -25.69 8.14 17.85
CA LEU A 229 -26.54 8.16 16.67
C LEU A 229 -27.29 6.84 16.50
N GLN A 230 -26.64 5.72 16.81
CA GLN A 230 -27.30 4.44 16.71
C GLN A 230 -28.37 4.29 17.79
N LYS A 231 -28.07 4.72 19.02
CA LYS A 231 -29.05 4.64 20.09
C LYS A 231 -30.26 5.51 19.80
N VAL A 232 -30.03 6.72 19.27
CA VAL A 232 -31.14 7.61 18.93
C VAL A 232 -32.01 6.98 17.86
N LYS A 233 -31.39 6.41 16.83
CA LYS A 233 -32.17 5.78 15.76
C LYS A 233 -32.96 4.59 16.29
N HIS A 234 -32.38 3.84 17.24
CA HIS A 234 -33.06 2.67 17.78
C HIS A 234 -34.34 3.07 18.50
N SER A 235 -34.23 4.00 19.45
CA SER A 235 -35.41 4.39 20.22
C SER A 235 -36.44 5.12 19.35
N ILE A 236 -35.99 5.81 18.30
CA ILE A 236 -36.94 6.42 17.37
C ILE A 236 -37.76 5.35 16.67
N ASP A 237 -37.07 4.38 16.04
CA ASP A 237 -37.78 3.32 15.35
C ASP A 237 -38.64 2.49 16.29
N GLN A 238 -38.24 2.37 17.56
CA GLN A 238 -38.96 1.50 18.49
C GLN A 238 -40.31 2.08 18.86
N VAL A 239 -40.37 3.37 19.19
CA VAL A 239 -41.65 3.93 19.63
C VAL A 239 -42.57 4.24 18.45
N THR A 240 -42.00 4.57 17.27
CA THR A 240 -42.84 4.65 16.08
C THR A 240 -43.40 3.28 15.71
N ALA A 241 -42.66 2.22 16.03
CA ALA A 241 -43.23 0.88 15.92
C ALA A 241 -44.35 0.69 16.92
N LEU A 242 -44.17 1.17 18.15
CA LEU A 242 -45.27 1.14 19.12
C LEU A 242 -46.42 2.03 18.69
N SER A 243 -46.12 3.15 18.02
CA SER A 243 -47.17 3.98 17.46
C SER A 243 -47.98 3.21 16.42
N ASP A 244 -47.33 2.30 15.70
CA ASP A 244 -48.02 1.36 14.81
C ASP A 244 -48.25 0.00 15.45
N GLY A 245 -47.62 -0.27 16.60
CA GLY A 245 -47.82 -1.52 17.32
C GLY A 245 -49.07 -1.53 18.17
N VAL A 246 -49.48 -2.75 18.54
CA VAL A 246 -50.87 -3.03 18.88
C VAL A 246 -51.36 -2.13 20.00
N LYS A 247 -52.61 -1.69 19.89
CA LYS A 247 -53.15 -0.61 20.70
C LYS A 247 -54.38 -1.08 21.46
N PRO A 248 -54.18 -1.79 22.57
CA PRO A 248 -55.31 -2.13 23.44
C PRO A 248 -55.74 -0.89 24.22
N LYS A 249 -57.06 -0.69 24.29
CA LYS A 249 -57.59 0.43 25.04
C LYS A 249 -57.38 0.27 26.53
N GLN A 250 -57.04 -0.93 27.00
CA GLN A 250 -56.87 -1.18 28.42
C GLN A 250 -55.92 -2.35 28.62
N VAL A 251 -55.07 -2.23 29.65
CA VAL A 251 -54.20 -3.30 30.10
C VAL A 251 -54.27 -3.34 31.62
N THR A 252 -53.68 -4.39 32.20
CA THR A 252 -53.59 -4.45 33.66
C THR A 252 -52.44 -3.58 34.15
N LYS A 253 -52.57 -3.11 35.39
CA LYS A 253 -51.65 -2.09 35.91
C LYS A 253 -50.20 -2.53 35.83
N ASN A 254 -49.93 -3.82 35.91
CA ASN A 254 -48.56 -4.28 35.78
C ASN A 254 -48.04 -4.09 34.36
N ARG A 255 -48.91 -4.29 33.36
CA ARG A 255 -48.49 -4.10 31.97
C ARG A 255 -48.30 -2.62 31.64
N LEU A 256 -49.17 -1.76 32.20
CA LEU A 256 -49.02 -0.33 31.97
C LEU A 256 -47.77 0.22 32.64
N LYS A 257 -47.28 -0.43 33.70
CA LYS A 257 -46.06 0.02 34.34
C LYS A 257 -44.85 -0.17 33.42
N GLU A 258 -44.76 -1.33 32.77
CA GLU A 258 -43.66 -1.56 31.84
C GLU A 258 -43.88 -0.82 30.52
N TYR A 259 -45.13 -0.47 30.22
CA TYR A 259 -45.39 0.45 29.10
C TYR A 259 -44.72 1.80 29.35
N TYR A 260 -45.01 2.41 30.50
CA TYR A 260 -44.40 3.70 30.84
C TYR A 260 -42.89 3.58 30.96
N PHE A 261 -42.40 2.43 31.44
CA PHE A 261 -40.96 2.23 31.54
C PHE A 261 -40.30 1.94 30.20
N ASN A 262 -41.06 1.44 29.23
CA ASN A 262 -40.51 1.18 27.90
C ASN A 262 -40.29 2.48 27.13
N ILE A 263 -41.36 3.26 26.95
CA ILE A 263 -41.22 4.50 26.20
C ILE A 263 -40.43 5.52 27.00
N GLY A 264 -40.51 5.47 28.33
CA GLY A 264 -39.71 6.37 29.14
C GLY A 264 -38.22 6.14 28.97
N ASN A 265 -37.80 4.88 28.92
CA ASN A 265 -36.41 4.58 28.63
C ASN A 265 -36.05 5.01 27.22
N TYR A 266 -36.87 4.64 26.23
CA TYR A 266 -36.59 5.00 24.85
C TYR A 266 -36.48 6.50 24.66
N TYR A 267 -37.39 7.27 25.27
CA TYR A 267 -37.37 8.71 25.08
C TYR A 267 -36.18 9.35 25.80
N SER A 268 -35.81 8.82 26.96
CA SER A 268 -34.69 9.40 27.70
C SER A 268 -33.36 9.16 26.99
N ILE A 269 -33.21 8.01 26.34
CA ILE A 269 -32.02 7.79 25.52
C ILE A 269 -31.99 8.76 24.34
N PHE A 270 -33.17 9.11 23.81
CA PHE A 270 -33.21 10.08 22.71
C PHE A 270 -32.72 11.45 23.17
N LYS A 271 -33.26 11.95 24.28
CA LYS A 271 -32.85 13.25 24.79
C LYS A 271 -31.37 13.25 25.17
N PHE A 272 -30.90 12.15 25.77
CA PHE A 272 -29.49 12.03 26.12
C PHE A 272 -28.61 12.02 24.88
N GLY A 273 -29.04 11.29 23.84
CA GLY A 273 -28.28 11.28 22.60
C GLY A 273 -28.27 12.64 21.92
N LYS A 274 -29.41 13.33 21.93
CA LYS A 274 -29.48 14.65 21.31
C LYS A 274 -28.50 15.61 21.96
N ASP A 275 -28.37 15.55 23.29
CA ASP A 275 -27.40 16.41 23.97
C ASP A 275 -25.98 16.05 23.56
N SER A 276 -25.66 14.75 23.55
CA SER A 276 -24.30 14.32 23.26
C SER A 276 -23.96 14.51 21.78
N LEU A 277 -24.91 14.25 20.88
CA LEU A 277 -24.63 14.36 19.45
C LEU A 277 -24.42 15.80 19.04
N ASN A 278 -25.17 16.73 19.64
CA ASN A 278 -24.94 18.14 19.36
C ASN A 278 -23.56 18.58 19.84
N MET A 279 -23.09 18.01 20.95
CA MET A 279 -21.79 18.38 21.50
C MET A 279 -20.65 17.70 20.74
N LEU A 280 -20.80 16.41 20.44
CA LEU A 280 -19.77 15.70 19.70
C LEU A 280 -19.64 16.24 18.27
N ASN A 281 -20.73 16.76 17.72
CA ASN A 281 -20.68 17.37 16.40
C ASN A 281 -19.71 18.56 16.40
N LYS A 282 -19.79 19.41 17.42
CA LYS A 282 -18.87 20.55 17.49
C LYS A 282 -17.45 20.10 17.83
N ALA A 283 -17.32 19.09 18.69
CA ALA A 283 -15.99 18.62 19.09
C ALA A 283 -15.25 18.01 17.90
N LEU A 284 -15.95 17.23 17.07
CA LEU A 284 -15.31 16.64 15.90
C LEU A 284 -14.96 17.70 14.88
N ILE A 285 -15.84 18.67 14.68
CA ILE A 285 -15.58 19.75 13.72
C ILE A 285 -14.35 20.55 14.16
N HIS A 286 -14.24 20.82 15.46
CA HIS A 286 -13.09 21.57 15.95
C HIS A 286 -11.80 20.77 15.81
N LYS A 287 -11.85 19.46 16.01
CA LYS A 287 -10.67 18.64 15.84
C LYS A 287 -10.24 18.57 14.38
N GLU A 288 -11.22 18.43 13.47
CA GLU A 288 -10.90 18.38 12.05
C GLU A 288 -10.24 19.67 11.59
N LYS A 289 -10.72 20.81 12.07
CA LYS A 289 -10.11 22.09 11.70
C LYS A 289 -8.70 22.22 12.24
N ILE A 290 -8.41 21.58 13.38
CA ILE A 290 -7.04 21.58 13.90
C ILE A 290 -6.14 20.71 13.02
N VAL A 291 -6.63 19.55 12.60
CA VAL A 291 -5.85 18.67 11.74
C VAL A 291 -5.48 19.37 10.44
N HIS A 292 -6.44 20.09 9.85
CA HIS A 292 -6.15 20.80 8.61
C HIS A 292 -5.20 21.97 8.83
N ASN A 293 -5.29 22.64 9.98
CA ASN A 293 -4.29 23.66 10.31
C ASN A 293 -2.92 23.03 10.48
N LEU A 294 -2.87 21.80 11.01
CA LEU A 294 -1.61 21.11 11.16
C LEU A 294 -1.06 20.65 9.81
N LEU A 295 -1.94 20.16 8.94
CA LEU A 295 -1.51 19.75 7.60
C LEU A 295 -0.96 20.92 6.81
N GLY A 296 -1.48 22.12 7.04
CA GLY A 296 -0.92 23.30 6.40
C GLY A 296 0.50 23.59 6.87
N GLU A 297 0.77 23.41 8.17
CA GLU A 297 2.13 23.51 8.67
C GLU A 297 3.03 22.46 8.06
N LEU A 298 2.51 21.23 7.93
CA LEU A 298 3.31 20.14 7.37
C LEU A 298 3.70 20.43 5.93
N PHE A 299 2.80 21.03 5.15
CA PHE A 299 3.05 21.34 3.75
C PHE A 299 3.42 22.80 3.51
N GLY A 300 3.73 23.55 4.58
CA GLY A 300 3.98 24.98 4.44
C GLY A 300 5.36 25.35 3.97
N HIS A 301 6.33 24.45 4.08
CA HIS A 301 7.71 24.74 3.69
C HIS A 301 8.20 23.67 2.71
N LEU A 302 7.57 23.64 1.53
CA LEU A 302 7.93 22.64 0.52
C LEU A 302 9.36 22.83 0.02
N GLU A 303 9.87 24.07 0.05
CA GLU A 303 11.24 24.30 -0.39
C GLU A 303 12.24 23.65 0.54
N GLU A 304 11.89 23.50 1.82
CA GLU A 304 12.79 22.87 2.78
C GLU A 304 12.56 21.36 2.84
N ARG A 305 11.49 20.94 3.50
CA ARG A 305 11.24 19.52 3.73
C ARG A 305 9.75 19.33 4.01
N ILE A 306 9.35 18.07 4.18
CA ILE A 306 7.98 17.72 4.57
C ILE A 306 8.02 16.82 5.80
N SER A 307 8.36 15.56 5.59
CA SER A 307 8.36 14.58 6.67
C SER A 307 9.61 13.69 6.62
N GLU B 6 28.60 -26.26 -41.89
CA GLU B 6 28.84 -24.83 -42.04
C GLU B 6 27.58 -24.11 -42.49
N VAL B 7 26.45 -24.50 -41.92
CA VAL B 7 25.18 -23.83 -42.20
C VAL B 7 25.09 -22.60 -41.30
N GLN B 8 24.79 -21.45 -41.90
CA GLN B 8 24.77 -20.20 -41.16
C GLN B 8 23.56 -19.36 -41.56
N LEU B 9 22.96 -18.72 -40.56
CA LEU B 9 21.94 -17.69 -40.77
C LEU B 9 22.40 -16.45 -40.03
N LEU B 10 22.61 -15.35 -40.76
CA LEU B 10 23.18 -14.14 -40.19
C LEU B 10 22.16 -13.00 -40.31
N GLU B 11 21.70 -12.51 -39.17
CA GLU B 11 20.75 -11.41 -39.13
C GLU B 11 21.46 -10.07 -39.19
N SER B 12 20.72 -9.05 -39.63
CA SER B 12 21.20 -7.68 -39.66
C SER B 12 20.01 -6.77 -39.93
N GLY B 13 20.20 -5.48 -39.67
CA GLY B 13 19.21 -4.46 -39.93
C GLY B 13 18.53 -3.90 -38.71
N GLY B 14 18.65 -4.56 -37.56
CA GLY B 14 18.02 -4.05 -36.35
C GLY B 14 18.76 -2.86 -35.78
N GLY B 15 18.01 -1.96 -35.17
CA GLY B 15 18.60 -0.79 -34.57
C GLY B 15 17.53 0.13 -34.02
N LEU B 16 17.94 1.35 -33.72
CA LEU B 16 17.02 2.35 -33.18
C LEU B 16 16.05 2.82 -34.25
N VAL B 17 14.76 2.83 -33.92
CA VAL B 17 13.71 3.24 -34.85
C VAL B 17 12.58 3.87 -34.06
N ARG B 18 12.02 4.95 -34.60
CA ARG B 18 11.00 5.69 -33.88
C ARG B 18 9.66 4.94 -33.89
N PRO B 19 8.85 5.12 -32.85
CA PRO B 19 7.48 4.56 -32.86
C PRO B 19 6.72 5.01 -34.10
N GLY B 20 5.98 4.08 -34.68
CA GLY B 20 5.31 4.32 -35.95
C GLY B 20 6.20 4.26 -37.16
N GLY B 21 7.53 4.17 -36.98
CA GLY B 21 8.46 4.15 -38.08
C GLY B 21 8.48 2.80 -38.79
N SER B 22 9.51 2.63 -39.61
CA SER B 22 9.69 1.42 -40.40
C SER B 22 11.12 0.92 -40.28
N GLN B 23 11.28 -0.39 -40.41
CA GLN B 23 12.59 -1.03 -40.37
C GLN B 23 12.49 -2.38 -41.03
N ARG B 24 13.54 -2.77 -41.75
CA ARG B 24 13.59 -4.04 -42.46
C ARG B 24 14.77 -4.85 -41.95
N LEU B 25 14.50 -6.08 -41.51
CA LEU B 25 15.53 -7.01 -41.10
C LEU B 25 15.87 -7.95 -42.26
N SER B 26 17.14 -8.36 -42.31
CA SER B 26 17.62 -9.28 -43.33
C SER B 26 18.22 -10.51 -42.65
N CYS B 27 18.08 -11.65 -43.31
CA CYS B 27 18.70 -12.90 -42.85
C CYS B 27 19.48 -13.51 -44.01
N ALA B 28 20.80 -13.45 -43.92
CA ALA B 28 21.67 -14.02 -44.95
C ALA B 28 21.91 -15.49 -44.64
N ALA B 29 21.44 -16.37 -45.53
CA ALA B 29 21.58 -17.80 -45.37
C ALA B 29 22.80 -18.30 -46.12
N SER B 30 23.50 -19.27 -45.52
CA SER B 30 24.70 -19.82 -46.14
C SER B 30 24.78 -21.30 -45.82
N GLY B 31 25.58 -22.01 -46.60
CA GLY B 31 25.87 -23.41 -46.33
C GLY B 31 24.75 -24.38 -46.62
N PHE B 32 23.68 -23.94 -47.27
CA PHE B 32 22.61 -24.83 -47.67
C PHE B 32 21.75 -24.14 -48.73
N THR B 33 21.18 -24.95 -49.62
CA THR B 33 20.32 -24.39 -50.67
C THR B 33 19.06 -23.83 -50.04
N PHE B 34 18.85 -22.53 -50.22
CA PHE B 34 17.89 -21.78 -49.42
C PHE B 34 16.45 -22.07 -49.83
N THR B 35 16.23 -22.27 -51.13
CA THR B 35 14.86 -22.25 -51.67
C THR B 35 13.93 -23.30 -51.07
N PRO B 36 14.30 -24.58 -50.92
CA PRO B 36 13.30 -25.58 -50.52
C PRO B 36 12.87 -25.49 -49.06
N TYR B 37 13.54 -24.70 -48.22
CA TYR B 37 13.25 -24.67 -46.79
C TYR B 37 12.33 -23.50 -46.45
N ALA B 38 11.35 -23.75 -45.59
CA ALA B 38 10.49 -22.70 -45.08
C ALA B 38 11.20 -21.97 -43.95
N MET B 39 11.25 -20.64 -44.04
CA MET B 39 11.95 -19.81 -43.08
C MET B 39 10.98 -19.16 -42.11
N THR B 40 11.48 -18.84 -40.91
CA THR B 40 10.64 -18.40 -39.81
C THR B 40 11.34 -17.31 -39.01
N TRP B 41 10.58 -16.30 -38.61
CA TRP B 41 11.05 -15.24 -37.72
C TRP B 41 10.50 -15.48 -36.32
N VAL B 42 11.40 -15.55 -35.34
CA VAL B 42 11.03 -15.69 -33.94
C VAL B 42 11.73 -14.59 -33.16
N ARG B 43 10.97 -13.86 -32.35
CA ARG B 43 11.50 -12.78 -31.54
C ARG B 43 11.44 -13.14 -30.06
N GLN B 44 12.20 -12.39 -29.27
CA GLN B 44 12.27 -12.63 -27.83
C GLN B 44 12.58 -11.31 -27.14
N ALA B 45 11.60 -10.79 -26.39
CA ALA B 45 11.84 -9.60 -25.58
C ALA B 45 12.89 -9.90 -24.51
N PRO B 46 13.69 -8.92 -24.14
CA PRO B 46 14.77 -9.17 -23.16
C PRO B 46 14.21 -9.65 -21.83
N GLY B 47 14.66 -10.82 -21.40
CA GLY B 47 14.18 -11.42 -20.18
C GLY B 47 12.92 -12.23 -20.31
N LYS B 48 12.33 -12.30 -21.51
CA LYS B 48 11.12 -13.07 -21.77
C LYS B 48 11.47 -14.30 -22.61
N GLY B 49 10.46 -14.90 -23.24
CA GLY B 49 10.62 -16.13 -23.98
C GLY B 49 10.39 -15.96 -25.48
N LEU B 50 10.60 -17.06 -26.18
CA LEU B 50 10.46 -17.07 -27.63
C LEU B 50 8.99 -16.89 -28.03
N GLU B 51 8.75 -15.96 -28.94
CA GLU B 51 7.43 -15.75 -29.52
C GLU B 51 7.54 -15.94 -31.03
N TRP B 52 6.80 -16.91 -31.56
CA TRP B 52 6.75 -17.05 -33.01
C TRP B 52 6.08 -15.84 -33.63
N LEU B 53 6.62 -15.40 -34.76
CA LEU B 53 6.10 -14.22 -35.45
C LEU B 53 5.59 -14.54 -36.85
N SER B 54 6.42 -15.14 -37.71
CA SER B 54 6.09 -15.25 -39.12
C SER B 54 6.80 -16.46 -39.71
N THR B 55 6.11 -17.13 -40.63
CA THR B 55 6.68 -18.24 -41.38
C THR B 55 6.31 -18.07 -42.84
N ILE B 56 7.30 -18.21 -43.73
CA ILE B 56 7.10 -18.11 -45.17
C ILE B 56 7.52 -19.42 -45.80
N SER B 57 6.80 -19.85 -46.84
CA SER B 57 7.10 -21.09 -47.51
C SER B 57 8.37 -20.96 -48.33
N GLY B 58 8.76 -22.07 -48.97
CA GLY B 58 10.01 -22.07 -49.71
C GLY B 58 9.99 -21.12 -50.90
N SER B 59 8.92 -21.18 -51.70
CA SER B 59 8.80 -20.35 -52.89
C SER B 59 8.17 -18.99 -52.59
N GLY B 60 7.81 -18.72 -51.35
CA GLY B 60 6.95 -17.60 -51.09
C GLY B 60 5.53 -17.94 -51.51
N GLY B 61 4.68 -16.93 -51.52
CA GLY B 61 3.29 -17.18 -51.84
C GLY B 61 2.56 -17.99 -50.81
N SER B 62 3.11 -18.08 -49.60
CA SER B 62 2.44 -18.74 -48.48
C SER B 62 3.03 -18.12 -47.22
N THR B 63 2.27 -17.26 -46.55
CA THR B 63 2.76 -16.52 -45.40
C THR B 63 1.76 -16.61 -44.26
N SER B 64 2.30 -16.63 -43.04
CA SER B 64 1.48 -16.63 -41.84
C SER B 64 2.11 -15.71 -40.82
N TYR B 65 1.28 -15.12 -39.97
CA TYR B 65 1.75 -14.13 -39.01
C TYR B 65 1.04 -14.33 -37.68
N ALA B 66 1.74 -14.00 -36.60
CA ALA B 66 1.11 -13.94 -35.29
C ALA B 66 0.22 -12.71 -35.20
N ASP B 67 -0.87 -12.83 -34.43
CA ASP B 67 -1.80 -11.73 -34.28
C ASP B 67 -1.14 -10.47 -33.73
N SER B 68 -0.03 -10.62 -33.02
CA SER B 68 0.64 -9.47 -32.42
C SER B 68 1.33 -8.59 -33.44
N VAL B 69 1.54 -9.08 -34.67
CA VAL B 69 2.24 -8.32 -35.69
C VAL B 69 1.43 -8.31 -37.00
N LYS B 70 0.24 -8.89 -36.97
CA LYS B 70 -0.59 -8.93 -38.18
C LYS B 70 -0.95 -7.51 -38.63
N GLY B 71 -0.96 -7.31 -39.95
CA GLY B 71 -1.25 -6.02 -40.54
C GLY B 71 -0.11 -5.04 -40.55
N ARG B 72 0.99 -5.33 -39.85
CA ARG B 72 2.13 -4.43 -39.75
C ARG B 72 3.42 -5.02 -40.29
N PHE B 73 3.69 -6.28 -39.99
CA PHE B 73 4.89 -6.94 -40.48
C PHE B 73 4.59 -7.70 -41.77
N THR B 74 5.59 -7.82 -42.63
CA THR B 74 5.44 -8.51 -43.90
C THR B 74 6.72 -9.29 -44.19
N ILE B 75 6.59 -10.60 -44.29
CA ILE B 75 7.73 -11.48 -44.52
C ILE B 75 7.91 -11.69 -46.02
N SER B 76 9.16 -11.85 -46.44
CA SER B 76 9.49 -12.06 -47.84
C SER B 76 10.84 -12.74 -47.92
N ARG B 77 11.17 -13.22 -49.11
CA ARG B 77 12.44 -13.91 -49.31
C ARG B 77 12.95 -13.68 -50.72
N ASP B 78 14.27 -13.68 -50.85
CA ASP B 78 14.95 -13.57 -52.14
C ASP B 78 15.68 -14.88 -52.39
N ASN B 79 15.05 -15.79 -53.12
CA ASN B 79 15.67 -17.06 -53.45
C ASN B 79 16.77 -16.92 -54.50
N SER B 80 17.01 -15.71 -55.01
CA SER B 80 18.15 -15.46 -55.88
C SER B 80 19.41 -15.19 -55.07
N LYS B 81 19.30 -14.41 -54.00
CA LYS B 81 20.43 -14.09 -53.14
C LYS B 81 20.43 -14.91 -51.85
N ASN B 82 19.42 -15.75 -51.64
CA ASN B 82 19.32 -16.60 -50.44
C ASN B 82 19.26 -15.74 -49.17
N ILE B 83 18.37 -14.75 -49.19
CA ILE B 83 18.21 -13.84 -48.07
C ILE B 83 16.73 -13.80 -47.66
N LEU B 84 16.48 -13.88 -46.36
CA LEU B 84 15.14 -13.73 -45.80
C LEU B 84 14.97 -12.31 -45.28
N TYR B 85 13.78 -11.75 -45.46
CA TYR B 85 13.48 -10.38 -45.08
C TYR B 85 12.29 -10.34 -44.13
N LEU B 86 12.25 -9.30 -43.31
CA LEU B 86 11.11 -9.03 -42.42
C LEU B 86 10.89 -7.52 -42.42
N GLN B 87 9.91 -7.06 -43.18
CA GLN B 87 9.55 -5.65 -43.21
C GLN B 87 8.65 -5.33 -42.02
N MET B 88 9.06 -4.35 -41.21
CA MET B 88 8.30 -3.91 -40.05
C MET B 88 7.78 -2.51 -40.30
N ASP B 89 6.46 -2.35 -40.33
CA ASP B 89 5.82 -1.06 -40.42
C ASP B 89 4.98 -0.82 -39.17
N SER B 90 4.75 0.47 -38.88
CA SER B 90 3.90 0.88 -37.76
C SER B 90 4.38 0.27 -36.44
N LEU B 91 5.70 0.29 -36.23
CA LEU B 91 6.27 -0.35 -35.06
C LEU B 91 5.81 0.32 -33.78
N ARG B 92 5.44 -0.50 -32.80
CA ARG B 92 5.09 -0.03 -31.47
C ARG B 92 6.29 -0.16 -30.53
N ALA B 93 6.14 0.37 -29.32
CA ALA B 93 7.20 0.26 -28.33
C ALA B 93 7.36 -1.17 -27.84
N GLU B 94 6.30 -1.97 -27.88
CA GLU B 94 6.36 -3.36 -27.45
C GLU B 94 7.00 -4.28 -28.48
N ASP B 95 7.24 -3.80 -29.70
CA ASP B 95 7.98 -4.57 -30.69
C ASP B 95 9.46 -4.67 -30.37
N THR B 96 9.93 -4.00 -29.32
CA THR B 96 11.34 -4.03 -28.94
C THR B 96 11.71 -5.43 -28.45
N ALA B 97 12.58 -6.10 -29.20
CA ALA B 97 13.01 -7.46 -28.88
C ALA B 97 14.19 -7.82 -29.77
N LEU B 98 14.82 -8.95 -29.46
CA LEU B 98 15.82 -9.52 -30.33
C LEU B 98 15.13 -10.50 -31.28
N TYR B 99 15.42 -10.37 -32.57
CA TYR B 99 14.70 -11.12 -33.60
C TYR B 99 15.61 -12.18 -34.19
N TYR B 100 15.19 -13.44 -34.06
CA TYR B 100 15.99 -14.58 -34.50
C TYR B 100 15.58 -15.01 -35.91
N CYS B 101 16.54 -15.55 -36.64
CA CYS B 101 16.30 -16.21 -37.92
C CYS B 101 16.44 -17.71 -37.72
N THR B 102 15.54 -18.48 -38.32
CA THR B 102 15.58 -19.93 -38.17
C THR B 102 14.96 -20.60 -39.39
N LYS B 103 15.29 -21.88 -39.56
CA LYS B 103 14.89 -22.65 -40.72
C LYS B 103 14.22 -23.94 -40.28
N ASP B 104 13.36 -24.47 -41.15
CA ASP B 104 12.79 -25.79 -40.93
C ASP B 104 13.88 -26.85 -41.03
N LYS B 105 13.77 -27.90 -40.22
CA LYS B 105 14.76 -28.97 -40.27
C LYS B 105 14.73 -29.69 -41.61
N ASP B 106 13.58 -29.76 -42.25
CA ASP B 106 13.41 -30.48 -43.51
C ASP B 106 12.80 -29.56 -44.56
N GLU B 107 12.83 -30.03 -45.80
CA GLU B 107 12.31 -29.26 -46.92
C GLU B 107 10.81 -29.46 -47.06
N TYR B 108 10.12 -28.39 -47.48
CA TYR B 108 8.69 -28.44 -47.78
C TYR B 108 7.87 -28.96 -46.60
N THR B 109 8.12 -28.38 -45.42
CA THR B 109 7.34 -28.69 -44.23
C THR B 109 6.61 -27.49 -43.66
N PHE B 110 6.80 -26.29 -44.23
CA PHE B 110 5.92 -25.13 -44.01
C PHE B 110 5.85 -24.73 -42.53
N GLY B 111 6.97 -24.86 -41.82
CA GLY B 111 7.01 -24.51 -40.42
C GLY B 111 6.48 -25.56 -39.47
N HIS B 112 5.84 -26.61 -39.96
CA HIS B 112 5.41 -27.72 -39.13
C HIS B 112 6.58 -28.71 -38.99
N ASN B 113 7.55 -28.30 -38.19
CA ASN B 113 8.81 -29.01 -38.05
C ASN B 113 9.57 -28.43 -36.87
N ALA B 114 10.68 -29.07 -36.53
CA ALA B 114 11.61 -28.51 -35.57
C ALA B 114 12.53 -27.50 -36.26
N PHE B 115 13.16 -26.65 -35.45
CA PHE B 115 14.07 -25.63 -35.94
C PHE B 115 15.48 -26.02 -35.54
N ASP B 116 16.28 -26.45 -36.51
CA ASP B 116 17.60 -27.01 -36.24
C ASP B 116 18.70 -25.96 -36.21
N VAL B 117 18.59 -24.92 -37.04
CA VAL B 117 19.62 -23.89 -37.14
C VAL B 117 18.98 -22.54 -36.85
N TRP B 118 19.60 -21.78 -35.95
CA TRP B 118 19.16 -20.44 -35.62
C TRP B 118 20.26 -19.43 -35.92
N GLY B 119 19.86 -18.19 -36.20
CA GLY B 119 20.79 -17.10 -36.27
C GLY B 119 21.21 -16.63 -34.88
N ARG B 120 22.07 -15.61 -34.87
CA ARG B 120 22.47 -15.00 -33.61
C ARG B 120 21.52 -13.93 -33.13
N GLY B 121 20.63 -13.45 -33.99
CA GLY B 121 19.66 -12.43 -33.61
C GLY B 121 20.11 -11.02 -33.91
N THR B 122 19.17 -10.16 -34.29
CA THR B 122 19.42 -8.74 -34.47
C THR B 122 18.47 -7.97 -33.55
N MET B 123 19.00 -7.00 -32.82
CA MET B 123 18.25 -6.30 -31.79
C MET B 123 17.49 -5.12 -32.40
N VAL B 124 16.21 -5.02 -32.07
CA VAL B 124 15.34 -3.94 -32.53
C VAL B 124 14.89 -3.15 -31.32
N THR B 125 15.12 -1.84 -31.35
CA THR B 125 14.81 -0.95 -30.24
C THR B 125 13.93 0.18 -30.76
N VAL B 126 12.67 0.18 -30.34
CA VAL B 126 11.70 1.20 -30.74
C VAL B 126 11.63 2.22 -29.61
N SER B 127 12.13 3.42 -29.87
CA SER B 127 12.18 4.49 -28.89
C SER B 127 12.26 5.82 -29.63
N SER B 128 12.02 6.90 -28.89
CA SER B 128 12.17 8.25 -29.40
C SER B 128 13.42 8.94 -28.86
N ALA B 129 14.19 8.27 -28.02
CA ALA B 129 15.45 8.81 -27.55
C ALA B 129 16.48 8.83 -28.68
N SER B 130 17.43 9.75 -28.57
CA SER B 130 18.42 9.97 -29.62
C SER B 130 19.65 9.10 -29.40
N THR B 131 20.35 8.81 -30.51
CA THR B 131 21.58 8.04 -30.43
C THR B 131 22.70 8.89 -29.84
N LYS B 132 23.45 8.31 -28.91
CA LYS B 132 24.54 8.99 -28.24
C LYS B 132 25.78 8.11 -28.29
N GLY B 133 26.87 8.64 -28.83
CA GLY B 133 28.14 7.94 -28.84
C GLY B 133 28.83 8.04 -27.50
N PRO B 134 29.55 6.98 -27.11
CA PRO B 134 30.18 6.95 -25.79
C PRO B 134 31.59 7.52 -25.78
N SER B 135 31.98 8.00 -24.61
CA SER B 135 33.36 8.33 -24.31
C SER B 135 34.01 7.10 -23.67
N VAL B 136 35.20 6.74 -24.15
CA VAL B 136 35.92 5.57 -23.64
C VAL B 136 37.15 6.07 -22.89
N PHE B 137 37.38 5.49 -21.71
CA PHE B 137 38.44 5.90 -20.81
C PHE B 137 39.27 4.70 -20.40
N PRO B 138 40.57 4.91 -20.16
CA PRO B 138 41.43 3.80 -19.72
C PRO B 138 41.40 3.63 -18.21
N LEU B 139 41.50 2.37 -17.79
CA LEU B 139 41.56 2.02 -16.38
C LEU B 139 42.97 1.49 -16.12
N ALA B 140 43.82 2.33 -15.52
CA ALA B 140 45.21 1.97 -15.32
C ALA B 140 45.33 0.81 -14.34
N PRO B 141 46.36 -0.02 -14.51
CA PRO B 141 46.55 -1.15 -13.60
C PRO B 141 47.06 -0.68 -12.24
N SER B 142 46.86 -1.54 -11.24
CA SER B 142 47.28 -1.25 -9.87
C SER B 142 48.80 -1.20 -9.77
N THR B 150 49.90 -11.53 -11.71
CA THR B 150 48.94 -11.06 -12.71
C THR B 150 48.38 -9.69 -12.33
N ALA B 151 48.01 -8.91 -13.34
CA ALA B 151 47.51 -7.56 -13.15
C ALA B 151 46.18 -7.39 -13.86
N ALA B 152 45.40 -6.41 -13.39
CA ALA B 152 44.12 -6.07 -13.98
C ALA B 152 44.26 -4.84 -14.87
N LEU B 153 43.39 -4.76 -15.87
CA LEU B 153 43.48 -3.75 -16.91
C LEU B 153 42.15 -3.72 -17.65
N GLY B 154 41.74 -2.53 -18.09
CA GLY B 154 40.47 -2.44 -18.78
C GLY B 154 40.16 -1.06 -19.30
N CYS B 155 38.96 -0.94 -19.87
CA CYS B 155 38.42 0.30 -20.41
C CYS B 155 37.00 0.52 -19.90
N LEU B 156 36.59 1.78 -19.91
CA LEU B 156 35.26 2.20 -19.45
C LEU B 156 34.55 2.89 -20.61
N VAL B 157 33.46 2.29 -21.07
CA VAL B 157 32.62 2.87 -22.13
C VAL B 157 31.46 3.58 -21.43
N LYS B 158 31.47 4.91 -21.47
CA LYS B 158 30.59 5.72 -20.64
C LYS B 158 29.55 6.45 -21.47
N ASP B 159 28.29 6.37 -21.03
CA ASP B 159 27.19 7.17 -21.56
C ASP B 159 26.96 6.97 -23.05
N TYR B 160 26.23 5.93 -23.42
CA TYR B 160 25.87 5.69 -24.81
C TYR B 160 24.42 5.22 -24.89
N PHE B 161 23.88 5.24 -26.10
CA PHE B 161 22.53 4.76 -26.38
C PHE B 161 22.33 4.58 -27.87
N PRO B 162 21.71 3.48 -28.32
CA PRO B 162 21.32 2.36 -27.46
C PRO B 162 22.34 1.24 -27.48
N GLU B 163 21.98 0.09 -26.92
CA GLU B 163 22.83 -1.09 -27.01
C GLU B 163 22.97 -1.50 -28.48
N PRO B 164 24.02 -2.25 -28.82
CA PRO B 164 25.08 -2.78 -27.96
C PRO B 164 26.46 -2.14 -28.17
N VAL B 165 27.46 -2.74 -27.51
CA VAL B 165 28.85 -2.33 -27.65
C VAL B 165 29.70 -3.58 -27.82
N THR B 166 30.64 -3.52 -28.77
CA THR B 166 31.63 -4.57 -28.96
C THR B 166 33.00 -3.97 -28.65
N VAL B 167 33.74 -4.62 -27.75
CA VAL B 167 35.07 -4.17 -27.39
C VAL B 167 36.06 -5.28 -27.71
N SER B 168 37.18 -4.91 -28.32
CA SER B 168 38.27 -5.81 -28.62
C SER B 168 39.54 -5.31 -27.95
N TRP B 169 40.51 -6.20 -27.79
CA TRP B 169 41.82 -5.87 -27.24
C TRP B 169 42.88 -6.27 -28.25
N ASN B 170 43.73 -5.30 -28.63
CA ASN B 170 44.79 -5.51 -29.61
C ASN B 170 44.23 -6.05 -30.92
N SER B 171 43.16 -5.41 -31.41
CA SER B 171 42.52 -5.77 -32.67
C SER B 171 42.07 -7.23 -32.69
N GLY B 172 41.73 -7.77 -31.52
CA GLY B 172 41.30 -9.15 -31.41
C GLY B 172 42.41 -10.16 -31.21
N ALA B 173 43.65 -9.72 -31.01
CA ALA B 173 44.75 -10.66 -30.85
C ALA B 173 44.70 -11.35 -29.49
N LEU B 174 44.20 -10.66 -28.47
CA LEU B 174 44.17 -11.18 -27.10
C LEU B 174 42.73 -11.52 -26.76
N THR B 175 42.45 -12.82 -26.59
CA THR B 175 41.12 -13.30 -26.27
C THR B 175 41.02 -14.05 -24.96
N SER B 176 42.13 -14.46 -24.37
CA SER B 176 42.11 -15.15 -23.09
C SER B 176 42.27 -14.14 -21.96
N GLY B 177 41.33 -14.15 -21.02
CA GLY B 177 41.35 -13.25 -19.89
C GLY B 177 40.45 -12.04 -20.03
N VAL B 178 39.83 -11.85 -21.20
CA VAL B 178 38.87 -10.78 -21.37
C VAL B 178 37.64 -11.05 -20.51
N HIS B 179 37.07 -9.99 -19.95
CA HIS B 179 35.77 -10.08 -19.29
C HIS B 179 35.08 -8.73 -19.45
N THR B 180 34.14 -8.66 -20.38
CA THR B 180 33.38 -7.45 -20.65
C THR B 180 32.07 -7.53 -19.88
N PHE B 181 31.96 -6.72 -18.83
CA PHE B 181 30.82 -6.80 -17.94
C PHE B 181 29.56 -6.29 -18.64
N PRO B 182 28.38 -6.78 -18.25
CA PRO B 182 27.15 -6.23 -18.78
C PRO B 182 27.01 -4.75 -18.44
N ALA B 183 26.22 -4.05 -19.25
CA ALA B 183 26.08 -2.62 -19.13
C ALA B 183 25.09 -2.25 -18.03
N VAL B 184 25.34 -1.12 -17.39
CA VAL B 184 24.40 -0.54 -16.44
C VAL B 184 23.52 0.44 -17.18
N LEU B 185 22.25 0.51 -16.80
CA LEU B 185 21.31 1.47 -17.37
C LEU B 185 21.11 2.57 -16.33
N GLN B 186 21.85 3.66 -16.49
CA GLN B 186 21.80 4.75 -15.53
C GLN B 186 20.49 5.52 -15.68
N SER B 187 20.13 6.24 -14.61
CA SER B 187 18.90 7.03 -14.61
C SER B 187 18.88 8.07 -15.72
N SER B 188 20.05 8.44 -16.25
CA SER B 188 20.12 9.35 -17.39
C SER B 188 19.48 8.76 -18.63
N GLY B 189 19.32 7.44 -18.69
CA GLY B 189 18.88 6.75 -19.89
C GLY B 189 20.00 6.24 -20.75
N LEU B 190 21.25 6.55 -20.42
CA LEU B 190 22.41 6.12 -21.18
C LEU B 190 23.10 4.96 -20.47
N TYR B 191 23.66 4.05 -21.27
CA TYR B 191 24.31 2.87 -20.73
C TYR B 191 25.78 3.13 -20.45
N SER B 192 26.35 2.29 -19.59
CA SER B 192 27.78 2.31 -19.29
C SER B 192 28.24 0.89 -19.03
N LEU B 193 29.37 0.50 -19.61
CA LEU B 193 29.97 -0.79 -19.35
C LEU B 193 31.48 -0.62 -19.18
N SER B 194 32.15 -1.72 -18.85
CA SER B 194 33.59 -1.76 -18.75
C SER B 194 34.08 -3.13 -19.15
N SER B 195 35.19 -3.16 -19.88
CA SER B 195 35.91 -4.39 -20.18
C SER B 195 37.13 -4.46 -19.26
N VAL B 196 37.51 -5.68 -18.87
CA VAL B 196 38.67 -5.89 -18.01
C VAL B 196 39.38 -7.16 -18.45
N VAL B 197 40.69 -7.07 -18.63
CA VAL B 197 41.52 -8.19 -19.09
C VAL B 197 42.46 -8.60 -17.97
N THR B 198 42.55 -9.92 -17.72
CA THR B 198 43.55 -10.46 -16.81
C THR B 198 44.85 -10.58 -17.58
N VAL B 199 45.86 -9.83 -17.14
CA VAL B 199 47.14 -9.75 -17.83
C VAL B 199 48.22 -10.11 -16.82
N PRO B 200 49.16 -11.00 -17.14
CA PRO B 200 50.30 -11.22 -16.25
C PRO B 200 51.17 -9.97 -16.15
N SER B 201 51.51 -9.59 -14.91
CA SER B 201 52.28 -8.38 -14.68
C SER B 201 53.71 -8.46 -15.21
N SER B 202 54.14 -9.62 -15.73
CA SER B 202 55.46 -9.70 -16.32
C SER B 202 55.50 -9.05 -17.70
N SER B 203 54.35 -8.95 -18.37
CA SER B 203 54.29 -8.47 -19.75
C SER B 203 53.73 -7.05 -19.86
N LEU B 204 53.67 -6.31 -18.75
CA LEU B 204 53.16 -4.94 -18.80
C LEU B 204 54.18 -3.99 -19.39
N GLY B 205 55.46 -4.17 -19.04
CA GLY B 205 56.51 -3.31 -19.59
C GLY B 205 56.97 -3.70 -20.97
N THR B 206 56.75 -4.95 -21.38
CA THR B 206 57.18 -5.42 -22.69
C THR B 206 56.04 -5.49 -23.70
N GLN B 207 54.80 -5.60 -23.25
CA GLN B 207 53.64 -5.65 -24.13
C GLN B 207 52.62 -4.61 -23.68
N THR B 208 52.05 -3.90 -24.64
CA THR B 208 51.05 -2.87 -24.38
C THR B 208 49.70 -3.32 -24.92
N TYR B 209 48.64 -2.98 -24.20
CA TYR B 209 47.28 -3.33 -24.57
C TYR B 209 46.52 -2.10 -25.02
N ILE B 210 45.79 -2.21 -26.13
CA ILE B 210 44.98 -1.13 -26.65
C ILE B 210 43.52 -1.57 -26.63
N CYS B 211 42.63 -0.60 -26.60
CA CYS B 211 41.19 -0.84 -26.60
C CYS B 211 40.62 -0.62 -27.99
N ASN B 212 39.68 -1.48 -28.37
CA ASN B 212 38.97 -1.35 -29.64
C ASN B 212 37.48 -1.49 -29.34
N VAL B 213 36.80 -0.35 -29.22
CA VAL B 213 35.38 -0.31 -28.88
C VAL B 213 34.62 0.30 -30.05
N ASN B 214 33.52 -0.34 -30.45
CA ASN B 214 32.70 0.09 -31.56
C ASN B 214 31.28 0.31 -31.08
N HIS B 215 30.70 1.46 -31.43
CA HIS B 215 29.28 1.73 -31.21
C HIS B 215 28.65 1.96 -32.57
N LYS B 216 28.08 0.90 -33.14
CA LYS B 216 27.52 0.98 -34.48
C LYS B 216 26.39 2.00 -34.63
N PRO B 217 25.43 2.13 -33.69
CA PRO B 217 24.34 3.09 -33.91
C PRO B 217 24.82 4.52 -34.11
N SER B 218 25.90 4.93 -33.46
CA SER B 218 26.43 6.28 -33.59
C SER B 218 27.67 6.36 -34.48
N ASN B 219 28.07 5.25 -35.09
CA ASN B 219 29.31 5.17 -35.86
C ASN B 219 30.49 5.67 -35.03
N THR B 220 30.56 5.20 -33.78
CA THR B 220 31.61 5.56 -32.84
C THR B 220 32.63 4.44 -32.82
N LYS B 221 33.80 4.69 -33.41
CA LYS B 221 34.92 3.75 -33.40
C LYS B 221 36.14 4.49 -32.88
N VAL B 222 36.71 3.99 -31.78
CA VAL B 222 37.80 4.68 -31.09
C VAL B 222 38.72 3.65 -30.46
N ASP B 223 40.01 3.97 -30.41
CA ASP B 223 41.01 3.13 -29.77
C ASP B 223 41.67 3.88 -28.63
N LYS B 224 41.88 3.18 -27.52
CA LYS B 224 42.47 3.77 -26.32
C LYS B 224 43.53 2.82 -25.76
N LYS B 225 44.73 3.36 -25.52
CA LYS B 225 45.82 2.57 -24.99
C LYS B 225 45.80 2.57 -23.46
N VAL B 226 46.31 1.50 -22.87
CA VAL B 226 46.38 1.33 -21.43
C VAL B 226 47.84 1.41 -21.01
N GLU B 227 48.17 2.43 -20.23
CA GLU B 227 49.53 2.64 -19.75
C GLU B 227 49.50 2.95 -18.25
N PRO B 228 50.39 2.34 -17.47
CA PRO B 228 50.46 2.66 -16.05
C PRO B 228 50.72 4.14 -15.83
N LYS B 229 49.99 4.72 -14.87
CA LYS B 229 49.98 6.16 -14.62
C LYS B 229 51.37 6.78 -14.52
N TYR C 7 -4.17 -22.49 -29.32
CA TYR C 7 -3.53 -23.54 -28.56
C TYR C 7 -2.42 -22.97 -27.69
N GLU C 8 -2.40 -23.37 -26.41
CA GLU C 8 -1.42 -22.90 -25.46
C GLU C 8 -0.60 -24.06 -24.93
N LEU C 9 0.68 -23.77 -24.65
CA LEU C 9 1.59 -24.73 -24.05
C LEU C 9 1.92 -24.25 -22.63
N THR C 10 1.76 -25.14 -21.67
CA THR C 10 1.97 -24.81 -20.26
C THR C 10 3.33 -25.31 -19.81
N GLN C 11 4.20 -24.38 -19.41
CA GLN C 11 5.50 -24.70 -18.84
C GLN C 11 5.62 -24.05 -17.47
N ALA C 12 6.19 -24.77 -16.52
CA ALA C 12 6.47 -24.17 -15.22
C ALA C 12 7.58 -23.14 -15.37
N PRO C 13 7.54 -22.06 -14.60
CA PRO C 13 8.60 -21.04 -14.72
C PRO C 13 9.96 -21.54 -14.28
N SER C 14 10.02 -22.34 -13.22
CA SER C 14 11.28 -22.77 -12.64
C SER C 14 11.23 -24.26 -12.30
N VAL C 15 12.37 -24.92 -12.51
CA VAL C 15 12.56 -26.31 -12.09
C VAL C 15 13.99 -26.44 -11.56
N SER C 16 14.14 -27.00 -10.36
CA SER C 16 15.44 -27.16 -9.74
C SER C 16 15.77 -28.64 -9.57
N VAL C 17 17.05 -28.97 -9.61
CA VAL C 17 17.50 -30.34 -9.55
C VAL C 17 18.88 -30.39 -8.91
N ALA C 18 19.16 -31.49 -8.21
CA ALA C 18 20.48 -31.71 -7.63
C ALA C 18 21.41 -32.34 -8.68
N PRO C 19 22.71 -32.07 -8.59
CA PRO C 19 23.65 -32.64 -9.57
C PRO C 19 23.61 -34.15 -9.56
N GLY C 20 23.81 -34.74 -10.74
CA GLY C 20 23.77 -36.18 -10.90
C GLY C 20 22.39 -36.78 -11.01
N GLN C 21 21.36 -36.12 -10.48
CA GLN C 21 20.00 -36.61 -10.59
C GLN C 21 19.42 -36.28 -11.96
N THR C 22 18.17 -36.65 -12.16
CA THR C 22 17.49 -36.43 -13.43
C THR C 22 16.57 -35.21 -13.32
N ALA C 23 16.69 -34.29 -14.27
CA ALA C 23 15.83 -33.12 -14.34
C ALA C 23 14.65 -33.41 -15.26
N ARG C 24 13.44 -33.10 -14.78
CA ARG C 24 12.21 -33.34 -15.53
C ARG C 24 11.56 -31.99 -15.81
N ILE C 25 11.51 -31.61 -17.09
CA ILE C 25 10.90 -30.37 -17.53
C ILE C 25 9.66 -30.73 -18.34
N THR C 26 8.50 -30.28 -17.86
CA THR C 26 7.23 -30.65 -18.44
C THR C 26 6.69 -29.54 -19.34
N CYS C 27 5.82 -29.94 -20.27
CA CYS C 27 5.17 -29.01 -21.19
C CYS C 27 3.76 -29.55 -21.45
N GLY C 28 2.74 -28.81 -21.03
CA GLY C 28 1.39 -29.32 -21.07
C GLY C 28 0.42 -28.59 -21.98
N GLY C 29 -0.65 -29.29 -22.32
CA GLY C 29 -1.67 -28.75 -23.21
C GLY C 29 -2.84 -29.70 -23.25
N ASP C 30 -3.68 -29.55 -24.26
CA ASP C 30 -4.92 -30.33 -24.29
C ASP C 30 -4.66 -31.79 -24.67
N ASN C 31 -4.12 -32.03 -25.86
CA ASN C 31 -3.85 -33.40 -26.31
C ASN C 31 -2.58 -33.43 -27.15
N ILE C 32 -1.46 -33.05 -26.53
CA ILE C 32 -0.20 -32.89 -27.24
C ILE C 32 0.29 -34.22 -27.79
N GLY C 33 -0.12 -35.33 -27.17
CA GLY C 33 0.31 -36.65 -27.61
C GLY C 33 -0.03 -36.94 -29.05
N ARG C 34 -0.90 -36.12 -29.64
CA ARG C 34 -1.29 -36.26 -31.03
C ARG C 34 -0.34 -35.53 -31.99
N THR C 35 0.59 -34.73 -31.48
CA THR C 35 1.51 -33.99 -32.34
C THR C 35 2.92 -34.10 -31.77
N SER C 36 3.90 -33.79 -32.60
CA SER C 36 5.29 -33.87 -32.20
C SER C 36 5.68 -32.67 -31.35
N VAL C 37 6.59 -32.91 -30.39
CA VAL C 37 7.08 -31.88 -29.49
C VAL C 37 8.57 -31.68 -29.74
N HIS C 38 8.97 -30.41 -29.87
CA HIS C 38 10.37 -30.05 -30.05
C HIS C 38 10.85 -29.28 -28.83
N TRP C 39 12.10 -29.50 -28.44
CA TRP C 39 12.68 -28.89 -27.25
C TRP C 39 13.92 -28.10 -27.64
N TYR C 40 14.12 -26.95 -26.99
CA TYR C 40 15.22 -26.05 -27.31
C TYR C 40 15.92 -25.62 -26.02
N GLN C 41 17.24 -25.66 -26.04
CA GLN C 41 18.06 -25.22 -24.92
C GLN C 41 18.67 -23.87 -25.26
N GLN C 42 18.54 -22.91 -24.32
CA GLN C 42 19.04 -21.56 -24.52
C GLN C 42 19.87 -21.15 -23.30
N LYS C 43 21.19 -21.31 -23.43
CA LYS C 43 22.10 -20.81 -22.42
C LYS C 43 22.08 -19.27 -22.43
N PRO C 44 22.42 -18.64 -21.31
CA PRO C 44 22.33 -17.18 -21.23
C PRO C 44 23.14 -16.49 -22.32
N GLY C 45 22.47 -15.60 -23.07
CA GLY C 45 23.14 -14.84 -24.10
C GLY C 45 23.47 -15.60 -25.36
N GLN C 46 22.76 -16.69 -25.64
CA GLN C 46 23.03 -17.51 -26.81
C GLN C 46 21.75 -17.75 -27.59
N ALA C 47 21.91 -18.31 -28.79
CA ALA C 47 20.79 -18.69 -29.63
C ALA C 47 20.21 -20.02 -29.18
N PRO C 48 18.94 -20.27 -29.48
CA PRO C 48 18.35 -21.56 -29.11
C PRO C 48 19.05 -22.71 -29.83
N VAL C 49 19.16 -23.84 -29.13
CA VAL C 49 19.76 -25.05 -29.67
C VAL C 49 18.74 -26.17 -29.60
N LEU C 50 18.56 -26.88 -30.71
CA LEU C 50 17.63 -28.01 -30.75
C LEU C 50 18.25 -29.21 -30.03
N VAL C 51 17.57 -29.67 -28.98
CA VAL C 51 18.06 -30.79 -28.18
C VAL C 51 17.23 -32.05 -28.40
N ILE C 52 15.91 -31.92 -28.52
CA ILE C 52 15.01 -33.04 -28.76
C ILE C 52 13.95 -32.60 -29.74
N PHE C 53 13.69 -33.42 -30.76
CA PHE C 53 12.64 -33.15 -31.73
C PHE C 53 11.81 -34.41 -31.95
N TYR C 54 10.58 -34.19 -32.41
CA TYR C 54 9.61 -35.26 -32.63
C TYR C 54 9.45 -36.11 -31.37
N ASP C 55 9.17 -35.42 -30.25
CA ASP C 55 8.92 -36.02 -28.95
C ASP C 55 10.17 -36.66 -28.33
N ASN C 56 10.92 -37.44 -29.10
CA ASN C 56 12.04 -38.16 -28.49
C ASN C 56 13.23 -38.39 -29.41
N ASP C 57 13.28 -37.83 -30.62
CA ASP C 57 14.44 -38.00 -31.47
C ASP C 57 15.52 -36.99 -31.09
N ARG C 58 16.78 -37.44 -31.12
CA ARG C 58 17.90 -36.62 -30.69
C ARG C 58 18.81 -36.32 -31.87
N PRO C 59 19.14 -35.05 -32.10
CA PRO C 59 20.10 -34.73 -33.17
C PRO C 59 21.49 -35.21 -32.82
N SER C 60 22.31 -35.39 -33.86
CA SER C 60 23.70 -35.78 -33.66
C SER C 60 24.46 -34.66 -32.98
N GLY C 61 25.32 -35.03 -32.03
CA GLY C 61 26.08 -34.07 -31.26
C GLY C 61 25.48 -33.75 -29.90
N ILE C 62 24.18 -33.92 -29.75
CA ILE C 62 23.55 -33.71 -28.44
C ILE C 62 23.80 -34.94 -27.58
N PRO C 63 24.26 -34.78 -26.34
CA PRO C 63 24.58 -35.94 -25.51
C PRO C 63 23.35 -36.81 -25.26
N GLU C 64 23.59 -38.12 -25.11
CA GLU C 64 22.50 -39.05 -24.90
C GLU C 64 21.86 -38.93 -23.53
N ARG C 65 22.34 -38.02 -22.68
CA ARG C 65 21.65 -37.75 -21.42
C ARG C 65 20.30 -37.08 -21.64
N PHE C 66 20.05 -36.55 -22.83
CA PHE C 66 18.79 -35.90 -23.16
C PHE C 66 17.83 -36.91 -23.78
N SER C 67 16.59 -36.91 -23.28
CA SER C 67 15.55 -37.79 -23.81
C SER C 67 14.21 -37.09 -23.67
N GLY C 68 13.21 -37.59 -24.40
CA GLY C 68 11.90 -36.99 -24.37
C GLY C 68 10.82 -38.05 -24.44
N SER C 69 9.60 -37.63 -24.07
CA SER C 69 8.44 -38.49 -24.13
C SER C 69 7.19 -37.63 -24.21
N ASN C 70 6.27 -38.02 -25.10
CA ASN C 70 4.99 -37.32 -25.26
C ASN C 70 3.89 -38.37 -25.36
N SER C 71 2.90 -38.28 -24.48
CA SER C 71 1.88 -39.34 -24.40
C SER C 71 0.47 -38.77 -24.30
N GLY C 72 0.15 -38.17 -23.16
CA GLY C 72 -1.21 -37.70 -22.93
C GLY C 72 -1.34 -36.19 -22.97
N ASN C 73 -1.68 -35.60 -21.83
CA ASN C 73 -1.72 -34.15 -21.68
C ASN C 73 -0.40 -33.58 -21.20
N MET C 74 0.71 -34.30 -21.41
CA MET C 74 1.99 -33.89 -20.87
C MET C 74 3.12 -34.45 -21.73
N ALA C 75 4.08 -33.60 -22.05
CA ALA C 75 5.34 -34.01 -22.66
C ALA C 75 6.47 -33.65 -21.70
N THR C 76 7.52 -34.47 -21.69
CA THR C 76 8.58 -34.35 -20.70
C THR C 76 9.94 -34.44 -21.36
N LEU C 77 10.80 -33.47 -21.10
CA LEU C 77 12.20 -33.50 -21.47
C LEU C 77 13.01 -33.93 -20.26
N SER C 78 13.70 -35.06 -20.36
CA SER C 78 14.47 -35.61 -19.25
C SER C 78 15.96 -35.43 -19.53
N ILE C 79 16.67 -34.87 -18.56
CA ILE C 79 18.12 -34.72 -18.62
C ILE C 79 18.69 -35.55 -17.47
N SER C 80 19.15 -36.76 -17.79
CA SER C 80 19.72 -37.63 -16.77
C SER C 80 21.16 -37.21 -16.47
N ARG C 81 21.56 -37.42 -15.22
CA ARG C 81 22.91 -37.09 -14.75
C ARG C 81 23.25 -35.63 -15.08
N VAL C 82 22.48 -34.72 -14.48
CA VAL C 82 22.63 -33.31 -14.80
C VAL C 82 24.00 -32.81 -14.35
N GLU C 83 24.62 -31.98 -15.19
CA GLU C 83 25.84 -31.28 -14.86
C GLU C 83 25.53 -29.81 -14.65
N VAL C 84 26.53 -29.06 -14.17
CA VAL C 84 26.34 -27.64 -13.95
C VAL C 84 26.05 -26.93 -15.27
N GLY C 85 26.64 -27.40 -16.37
CA GLY C 85 26.46 -26.76 -17.67
C GLY C 85 25.04 -26.81 -18.19
N ASP C 86 24.19 -27.67 -17.63
CA ASP C 86 22.82 -27.80 -18.09
C ASP C 86 21.93 -26.62 -17.71
N GLU C 87 22.39 -25.74 -16.81
CA GLU C 87 21.61 -24.59 -16.41
C GLU C 87 21.35 -23.66 -17.59
N ALA C 88 20.10 -23.56 -18.00
CA ALA C 88 19.70 -22.75 -19.15
C ALA C 88 18.17 -22.65 -19.13
N ASP C 89 17.61 -22.11 -20.20
CA ASP C 89 16.17 -22.06 -20.40
C ASP C 89 15.78 -23.09 -21.45
N TYR C 90 14.67 -23.78 -21.21
CA TYR C 90 14.20 -24.83 -22.11
C TYR C 90 12.79 -24.50 -22.58
N TYR C 91 12.56 -24.59 -23.88
CA TYR C 91 11.29 -24.24 -24.51
C TYR C 91 10.75 -25.43 -25.28
N CYS C 92 9.44 -25.64 -25.19
CA CYS C 92 8.76 -26.62 -26.03
C CYS C 92 8.03 -25.92 -27.17
N GLN C 93 7.75 -26.67 -28.22
CA GLN C 93 7.14 -26.13 -29.43
C GLN C 93 6.28 -27.19 -30.09
N VAL C 94 5.12 -26.78 -30.59
CA VAL C 94 4.20 -27.65 -31.32
C VAL C 94 3.61 -26.89 -32.49
N TRP C 95 2.86 -27.60 -33.32
CA TRP C 95 2.14 -27.03 -34.44
C TRP C 95 0.68 -26.82 -34.01
N ASP C 96 0.24 -25.56 -34.02
CA ASP C 96 -1.14 -25.22 -33.71
C ASP C 96 -2.03 -25.65 -34.87
N SER C 97 -2.76 -26.76 -34.69
CA SER C 97 -3.57 -27.30 -35.78
C SER C 97 -4.76 -26.40 -36.09
N ASN C 98 -5.24 -25.62 -35.10
CA ASN C 98 -6.38 -24.75 -35.35
C ASN C 98 -5.98 -23.53 -36.18
N ASN C 99 -4.85 -22.92 -35.84
CA ASN C 99 -4.42 -21.67 -36.46
C ASN C 99 -3.29 -21.84 -37.46
N ASP C 100 -2.75 -23.05 -37.59
CA ASP C 100 -1.77 -23.38 -38.64
C ASP C 100 -0.51 -22.51 -38.52
N HIS C 101 0.16 -22.65 -37.38
CA HIS C 101 1.41 -21.92 -37.14
C HIS C 101 2.13 -22.49 -35.92
N PRO C 102 3.46 -22.34 -35.85
CA PRO C 102 4.17 -22.78 -34.65
C PRO C 102 3.81 -21.93 -33.44
N VAL C 103 4.06 -22.49 -32.26
CA VAL C 103 3.80 -21.80 -31.01
C VAL C 103 4.71 -22.40 -29.95
N PHE C 104 5.21 -21.56 -29.05
CA PHE C 104 6.17 -21.96 -28.04
C PHE C 104 5.55 -21.89 -26.65
N GLY C 105 6.07 -22.73 -25.74
CA GLY C 105 5.73 -22.61 -24.35
C GLY C 105 6.48 -21.46 -23.69
N GLY C 106 6.05 -21.12 -22.47
CA GLY C 106 6.64 -20.01 -21.76
C GLY C 106 8.12 -20.19 -21.45
N GLY C 107 8.60 -21.44 -21.46
CA GLY C 107 9.99 -21.69 -21.14
C GLY C 107 10.21 -21.91 -19.66
N THR C 108 11.08 -22.86 -19.32
CA THR C 108 11.38 -23.21 -17.94
C THR C 108 12.87 -23.03 -17.70
N LYS C 109 13.21 -22.23 -16.69
CA LYS C 109 14.59 -22.02 -16.29
C LYS C 109 15.00 -23.12 -15.31
N LEU C 110 16.06 -23.85 -15.65
CA LEU C 110 16.56 -24.92 -14.80
C LEU C 110 17.75 -24.42 -13.99
N THR C 111 17.72 -24.68 -12.68
CA THR C 111 18.82 -24.38 -11.80
C THR C 111 19.31 -25.66 -11.13
N VAL C 112 20.61 -25.73 -10.91
CA VAL C 112 21.25 -26.87 -10.26
C VAL C 112 21.67 -26.43 -8.86
N VAL C 113 21.05 -27.04 -7.85
CA VAL C 113 21.29 -26.65 -6.45
C VAL C 113 22.59 -27.26 -5.95
N GLY C 114 22.99 -26.89 -4.73
CA GLY C 114 24.16 -27.48 -4.12
C GLY C 114 25.48 -27.07 -4.73
N GLN C 115 25.59 -25.84 -5.20
CA GLN C 115 26.86 -25.43 -5.74
C GLN C 115 27.72 -24.76 -4.68
N PRO C 116 29.04 -24.97 -4.72
CA PRO C 116 29.91 -24.36 -3.70
C PRO C 116 29.95 -22.84 -3.86
N LYS C 117 29.82 -22.14 -2.73
CA LYS C 117 29.88 -20.68 -2.76
C LYS C 117 31.28 -20.22 -3.17
N ALA C 118 31.33 -19.12 -3.91
CA ALA C 118 32.57 -18.57 -4.42
C ALA C 118 32.76 -17.15 -3.90
N ALA C 119 33.99 -16.86 -3.47
CA ALA C 119 34.31 -15.52 -2.99
C ALA C 119 34.31 -14.55 -4.17
N PRO C 120 33.61 -13.42 -4.07
CA PRO C 120 33.49 -12.51 -5.22
C PRO C 120 34.80 -11.79 -5.51
N SER C 121 35.34 -12.02 -6.70
CA SER C 121 36.49 -11.24 -7.18
C SER C 121 36.06 -9.79 -7.36
N VAL C 122 36.74 -8.87 -6.68
CA VAL C 122 36.40 -7.45 -6.73
C VAL C 122 37.62 -6.67 -7.16
N THR C 123 37.43 -5.76 -8.11
CA THR C 123 38.51 -4.92 -8.63
C THR C 123 37.98 -3.50 -8.74
N LEU C 124 38.59 -2.57 -8.01
CA LEU C 124 38.21 -1.17 -8.02
C LEU C 124 39.27 -0.37 -8.78
N PHE C 125 38.80 0.62 -9.54
CA PHE C 125 39.70 1.52 -10.26
C PHE C 125 39.40 2.96 -9.87
N PRO C 126 40.40 3.84 -9.90
CA PRO C 126 40.15 5.26 -9.68
C PRO C 126 39.63 5.92 -10.94
N PRO C 127 39.28 7.21 -10.89
CA PRO C 127 38.88 7.91 -12.12
C PRO C 127 40.01 7.95 -13.13
N SER C 128 39.63 7.96 -14.41
CA SER C 128 40.62 8.09 -15.47
C SER C 128 41.26 9.47 -15.42
N SER C 129 42.55 9.54 -15.74
CA SER C 129 43.21 10.83 -15.88
C SER C 129 42.61 11.64 -17.01
N GLU C 130 42.15 10.97 -18.07
CA GLU C 130 41.50 11.67 -19.17
C GLU C 130 40.12 12.18 -18.77
N GLU C 131 39.37 11.38 -18.01
CA GLU C 131 38.04 11.81 -17.58
C GLU C 131 38.11 12.99 -16.62
N LEU C 132 39.16 13.07 -15.80
CA LEU C 132 39.31 14.21 -14.91
C LEU C 132 39.59 15.49 -15.69
N GLN C 133 40.34 15.39 -16.79
CA GLN C 133 40.56 16.54 -17.65
C GLN C 133 39.29 16.98 -18.36
N ALA C 134 38.29 16.12 -18.43
CA ALA C 134 36.95 16.51 -18.86
C ALA C 134 36.08 16.93 -17.69
N ASN C 135 36.67 17.11 -16.50
CA ASN C 135 35.94 17.53 -15.32
C ASN C 135 34.73 16.64 -15.05
N LYS C 136 34.92 15.33 -15.26
CA LYS C 136 34.01 14.31 -14.77
C LYS C 136 34.81 13.30 -13.95
N ALA C 137 34.10 12.39 -13.28
CA ALA C 137 34.76 11.37 -12.48
C ALA C 137 33.79 10.23 -12.21
N THR C 138 34.23 9.01 -12.49
CA THR C 138 33.46 7.80 -12.22
C THR C 138 34.43 6.68 -11.86
N LEU C 139 34.13 5.95 -10.79
CA LEU C 139 34.95 4.83 -10.35
C LEU C 139 34.19 3.53 -10.57
N VAL C 140 34.90 2.49 -10.99
CA VAL C 140 34.30 1.22 -11.37
C VAL C 140 34.54 0.20 -10.28
N CYS C 141 33.48 -0.48 -9.84
CA CYS C 141 33.56 -1.60 -8.92
C CYS C 141 33.05 -2.83 -9.66
N LEU C 142 33.98 -3.66 -10.12
CA LEU C 142 33.66 -4.81 -10.96
C LEU C 142 33.80 -6.09 -10.14
N ILE C 143 32.73 -6.87 -10.10
CA ILE C 143 32.63 -8.06 -9.26
C ILE C 143 32.39 -9.27 -10.14
N SER C 144 33.25 -10.28 -10.01
CA SER C 144 33.20 -11.47 -10.84
C SER C 144 33.26 -12.73 -10.00
N ASP C 145 32.70 -13.82 -10.54
CA ASP C 145 32.83 -15.17 -9.99
C ASP C 145 32.36 -15.24 -8.54
N PHE C 146 31.06 -15.08 -8.36
CA PHE C 146 30.45 -15.24 -7.05
C PHE C 146 29.17 -16.07 -7.16
N TYR C 147 28.82 -16.74 -6.06
CA TYR C 147 27.69 -17.64 -5.98
C TYR C 147 27.23 -17.68 -4.54
N PRO C 148 25.92 -17.52 -4.27
CA PRO C 148 24.85 -17.30 -5.24
C PRO C 148 24.80 -15.88 -5.80
N GLY C 149 24.05 -15.69 -6.87
CA GLY C 149 23.96 -14.40 -7.53
C GLY C 149 23.07 -13.40 -6.81
N ALA C 150 23.37 -13.16 -5.54
CA ALA C 150 22.65 -12.16 -4.74
C ALA C 150 23.69 -11.40 -3.93
N VAL C 151 23.98 -10.16 -4.34
CA VAL C 151 25.07 -9.38 -3.77
C VAL C 151 24.57 -7.97 -3.49
N THR C 152 25.04 -7.39 -2.38
CA THR C 152 24.74 -6.02 -2.00
C THR C 152 26.02 -5.20 -2.07
N VAL C 153 25.96 -4.06 -2.75
CA VAL C 153 27.11 -3.20 -2.96
C VAL C 153 26.77 -1.80 -2.49
N ALA C 154 27.52 -1.31 -1.49
CA ALA C 154 27.35 0.04 -0.96
C ALA C 154 28.68 0.78 -1.02
N TRP C 155 28.61 2.08 -1.28
CA TRP C 155 29.81 2.88 -1.38
C TRP C 155 30.04 3.70 -0.11
N ASP C 158 35.52 7.73 2.77
CA ASP C 158 36.31 7.77 4.00
C ASP C 158 35.53 7.23 5.18
N SER C 159 35.12 5.96 5.07
CA SER C 159 34.38 5.26 6.13
C SER C 159 33.09 5.99 6.47
N SER C 160 32.38 6.47 5.44
CA SER C 160 31.09 7.13 5.60
C SER C 160 30.25 6.82 4.37
N PRO C 161 29.02 6.35 4.56
CA PRO C 161 28.23 5.85 3.42
C PRO C 161 27.90 6.95 2.41
N VAL C 162 28.04 6.61 1.13
CA VAL C 162 27.67 7.48 0.03
C VAL C 162 26.30 7.08 -0.47
N LYS C 163 25.53 8.07 -0.93
CA LYS C 163 24.15 7.84 -1.34
C LYS C 163 23.89 8.27 -2.78
N ALA C 164 24.10 9.53 -3.11
CA ALA C 164 23.72 10.05 -4.42
C ALA C 164 24.69 9.63 -5.50
N GLY C 165 24.16 9.44 -6.70
CA GLY C 165 24.98 9.15 -7.87
C GLY C 165 25.61 7.77 -7.90
N VAL C 166 24.85 6.73 -7.58
CA VAL C 166 25.34 5.36 -7.62
C VAL C 166 24.37 4.52 -8.45
N GLU C 167 24.93 3.66 -9.29
CA GLU C 167 24.15 2.72 -10.10
C GLU C 167 24.85 1.36 -10.06
N THR C 168 24.17 0.38 -9.44
CA THR C 168 24.66 -0.99 -9.31
C THR C 168 23.91 -1.91 -10.27
N THR C 169 24.60 -2.92 -10.79
CA THR C 169 24.02 -3.86 -11.73
C THR C 169 23.05 -4.82 -11.02
N THR C 170 22.26 -5.52 -11.83
CA THR C 170 21.56 -6.74 -11.45
C THR C 170 22.41 -7.95 -11.84
N PRO C 171 22.52 -8.96 -10.97
CA PRO C 171 23.45 -10.06 -11.24
C PRO C 171 23.13 -10.79 -12.53
N SER C 172 24.18 -11.22 -13.23
CA SER C 172 24.06 -11.94 -14.49
C SER C 172 25.07 -13.09 -14.50
N LYS C 173 24.62 -14.26 -14.92
CA LYS C 173 25.48 -15.43 -14.92
C LYS C 173 26.51 -15.34 -16.05
N GLN C 174 27.77 -15.55 -15.70
CA GLN C 174 28.84 -15.61 -16.70
C GLN C 174 28.78 -16.97 -17.40
N SER C 175 29.83 -17.30 -18.16
CA SER C 175 29.85 -18.56 -18.89
C SER C 175 30.26 -19.73 -18.01
N ASN C 176 30.95 -19.48 -16.89
CA ASN C 176 31.34 -20.51 -15.96
C ASN C 176 30.24 -20.83 -14.94
N ASN C 177 29.02 -20.40 -15.20
CA ASN C 177 27.84 -20.54 -14.33
C ASN C 177 27.95 -19.73 -13.04
N LYS C 178 29.04 -18.99 -12.84
CA LYS C 178 29.15 -18.05 -11.74
C LYS C 178 28.67 -16.68 -12.19
N TYR C 179 28.22 -15.88 -11.23
CA TYR C 179 27.59 -14.60 -11.53
C TYR C 179 28.62 -13.47 -11.55
N ALA C 180 28.22 -12.36 -12.17
CA ALA C 180 29.06 -11.16 -12.26
C ALA C 180 28.20 -9.93 -12.03
N ALA C 181 28.84 -8.87 -11.54
CA ALA C 181 28.15 -7.61 -11.27
C ALA C 181 29.14 -6.46 -11.39
N SER C 182 28.59 -5.26 -11.54
CA SER C 182 29.41 -4.06 -11.72
C SER C 182 28.66 -2.86 -11.17
N SER C 183 29.40 -1.77 -10.91
CA SER C 183 28.73 -0.57 -10.43
C SER C 183 29.61 0.65 -10.63
N TYR C 184 28.95 1.78 -10.80
CA TYR C 184 29.59 3.05 -11.12
C TYR C 184 29.00 4.14 -10.24
N LEU C 185 29.86 4.86 -9.53
CA LEU C 185 29.45 6.07 -8.83
C LEU C 185 30.01 7.28 -9.56
N SER C 186 29.17 8.27 -9.81
CA SER C 186 29.53 9.45 -10.58
C SER C 186 29.60 10.64 -9.62
N LEU C 187 30.82 11.07 -9.30
CA LEU C 187 31.04 12.19 -8.40
C LEU C 187 31.80 13.29 -9.14
N THR C 188 31.78 14.49 -8.56
CA THR C 188 32.53 15.60 -9.12
C THR C 188 34.03 15.31 -8.99
N PRO C 189 34.84 15.92 -9.85
CA PRO C 189 36.31 15.78 -9.69
C PRO C 189 36.81 16.37 -8.38
N GLU C 190 36.17 17.42 -7.89
CA GLU C 190 36.60 18.02 -6.62
C GLU C 190 36.24 17.14 -5.44
N GLN C 191 35.06 16.50 -5.47
CA GLN C 191 34.71 15.55 -4.42
C GLN C 191 35.62 14.34 -4.44
N TRP C 192 36.11 13.95 -5.62
CA TRP C 192 37.10 12.89 -5.69
C TRP C 192 38.43 13.35 -5.07
N LYS C 193 38.77 14.63 -5.25
CA LYS C 193 39.97 15.18 -4.64
C LYS C 193 39.77 15.56 -3.18
N SER C 194 38.52 15.81 -2.76
CA SER C 194 38.27 16.23 -1.38
C SER C 194 38.52 15.08 -0.41
N HIS C 195 37.77 13.99 -0.55
CA HIS C 195 37.89 12.88 0.37
C HIS C 195 39.25 12.19 0.22
N ARG C 196 39.72 11.60 1.32
CA ARG C 196 41.00 10.91 1.30
C ARG C 196 40.93 9.66 0.44
N SER C 197 39.80 8.94 0.48
CA SER C 197 39.61 7.74 -0.32
C SER C 197 38.17 7.25 -0.28
N TYR C 198 37.51 7.21 -1.44
CA TYR C 198 36.27 6.46 -1.60
C TYR C 198 36.59 4.98 -1.74
N SER C 199 35.57 4.14 -1.56
CA SER C 199 35.80 2.71 -1.77
C SER C 199 34.48 1.94 -1.78
N CYS C 200 34.56 0.74 -2.35
CA CYS C 200 33.41 -0.10 -2.65
C CYS C 200 33.29 -1.21 -1.61
N GLN C 201 32.09 -1.37 -1.05
CA GLN C 201 31.81 -2.42 -0.07
C GLN C 201 30.84 -3.42 -0.69
N VAL C 202 31.26 -4.66 -0.82
CA VAL C 202 30.53 -5.70 -1.54
C VAL C 202 30.08 -6.75 -0.54
N THR C 203 28.77 -6.81 -0.29
CA THR C 203 28.19 -7.76 0.67
C THR C 203 27.70 -9.00 -0.07
N HIS C 204 28.21 -10.16 0.33
CA HIS C 204 27.85 -11.41 -0.33
C HIS C 204 27.91 -12.54 0.68
N GLU C 205 26.75 -13.08 1.05
CA GLU C 205 26.64 -14.19 1.99
C GLU C 205 27.30 -13.87 3.33
N GLY C 206 26.94 -12.71 3.88
CA GLY C 206 27.51 -12.27 5.14
C GLY C 206 28.90 -11.68 4.98
N SER C 207 29.83 -12.47 4.43
CA SER C 207 31.19 -12.00 4.23
C SER C 207 31.21 -10.83 3.24
N THR C 208 31.99 -9.80 3.58
CA THR C 208 32.05 -8.59 2.80
C THR C 208 33.46 -8.40 2.25
N VAL C 209 33.55 -8.08 0.96
CA VAL C 209 34.81 -7.75 0.31
C VAL C 209 34.87 -6.24 0.14
N GLU C 210 36.07 -5.68 0.31
CA GLU C 210 36.27 -4.24 0.16
C GLU C 210 37.61 -3.98 -0.50
N LYS C 211 37.61 -3.16 -1.54
CA LYS C 211 38.82 -2.70 -2.21
C LYS C 211 38.92 -1.19 -2.03
N THR C 212 40.14 -0.68 -2.13
CA THR C 212 40.40 0.72 -1.82
C THR C 212 41.18 1.41 -2.94
N VAL C 213 40.76 2.63 -3.28
CA VAL C 213 41.41 3.46 -4.27
C VAL C 213 41.50 4.89 -3.73
N ALA C 214 42.53 5.61 -4.17
CA ALA C 214 42.79 6.96 -3.70
C ALA C 214 43.56 7.72 -4.77
N PRO C 215 43.46 9.06 -4.81
CA PRO C 215 44.17 9.87 -5.81
C PRO C 215 45.68 9.66 -5.78
N GLU D 6 0.66 -12.17 25.47
CA GLU D 6 -0.23 -11.67 26.49
C GLU D 6 -1.61 -11.33 25.92
N VAL D 7 -1.61 -10.62 24.79
CA VAL D 7 -2.86 -10.33 24.10
C VAL D 7 -3.37 -11.62 23.45
N GLN D 8 -4.60 -12.01 23.79
CA GLN D 8 -5.14 -13.29 23.37
C GLN D 8 -6.52 -13.11 22.74
N LEU D 9 -6.78 -13.89 21.70
CA LEU D 9 -8.11 -14.01 21.11
C LEU D 9 -8.43 -15.49 20.95
N LEU D 10 -9.62 -15.90 21.38
CA LEU D 10 -9.99 -17.31 21.42
C LEU D 10 -11.41 -17.48 20.92
N GLU D 11 -11.56 -18.04 19.73
CA GLU D 11 -12.87 -18.29 19.15
C GLU D 11 -13.46 -19.59 19.70
N SER D 12 -14.79 -19.66 19.69
CA SER D 12 -15.50 -20.83 20.16
C SER D 12 -16.93 -20.79 19.64
N GLY D 13 -17.57 -21.97 19.58
CA GLY D 13 -18.98 -22.09 19.27
C GLY D 13 -19.30 -22.76 17.95
N GLY D 14 -18.30 -23.13 17.16
CA GLY D 14 -18.55 -23.74 15.86
C GLY D 14 -18.61 -25.25 15.94
N GLY D 15 -19.57 -25.81 15.22
CA GLY D 15 -19.74 -27.24 15.15
C GLY D 15 -20.62 -27.61 13.99
N LEU D 16 -21.16 -28.83 14.05
CA LEU D 16 -22.08 -29.29 13.02
C LEU D 16 -23.41 -28.55 13.12
N VAL D 17 -23.98 -28.21 11.98
CA VAL D 17 -25.26 -27.50 11.94
C VAL D 17 -25.90 -27.77 10.58
N ARG D 18 -27.22 -27.91 10.59
CA ARG D 18 -28.00 -28.21 9.41
C ARG D 18 -28.09 -26.99 8.48
N PRO D 19 -28.25 -27.21 7.17
CA PRO D 19 -28.58 -26.09 6.29
C PRO D 19 -29.86 -25.41 6.74
N GLY D 20 -29.85 -24.09 6.73
CA GLY D 20 -30.97 -23.31 7.22
C GLY D 20 -30.97 -23.07 8.72
N GLY D 21 -30.10 -23.75 9.46
CA GLY D 21 -30.01 -23.56 10.89
C GLY D 21 -29.14 -22.39 11.28
N SER D 22 -28.95 -22.23 12.58
CA SER D 22 -28.24 -21.11 13.15
C SER D 22 -27.15 -21.60 14.10
N GLN D 23 -26.20 -20.71 14.37
CA GLN D 23 -25.05 -21.03 15.20
C GLN D 23 -24.37 -19.72 15.60
N ARG D 24 -24.03 -19.59 16.88
CA ARG D 24 -23.40 -18.39 17.40
C ARG D 24 -21.93 -18.65 17.70
N LEU D 25 -21.06 -17.83 17.12
CA LEU D 25 -19.64 -17.87 17.41
C LEU D 25 -19.29 -16.77 18.40
N SER D 26 -18.29 -17.03 19.24
CA SER D 26 -17.82 -16.06 20.21
C SER D 26 -16.31 -15.97 20.15
N CYS D 27 -15.79 -14.81 20.53
CA CYS D 27 -14.34 -14.57 20.61
C CYS D 27 -14.05 -13.90 21.94
N ALA D 28 -13.34 -14.60 22.82
CA ALA D 28 -13.00 -14.08 24.13
C ALA D 28 -11.65 -13.37 24.06
N ALA D 29 -11.65 -12.08 24.34
CA ALA D 29 -10.45 -11.26 24.29
C ALA D 29 -9.88 -11.06 25.69
N SER D 30 -8.56 -10.99 25.77
CA SER D 30 -7.88 -10.74 27.03
C SER D 30 -6.51 -10.13 26.75
N GLY D 31 -6.01 -9.39 27.73
CA GLY D 31 -4.67 -8.84 27.66
C GLY D 31 -4.56 -7.43 27.11
N PHE D 32 -5.68 -6.76 26.83
CA PHE D 32 -5.63 -5.41 26.29
C PHE D 32 -6.98 -4.72 26.52
N THR D 33 -6.99 -3.41 26.32
CA THR D 33 -8.21 -2.61 26.40
C THR D 33 -9.07 -2.93 25.19
N PHE D 34 -10.11 -3.76 25.40
CA PHE D 34 -10.87 -4.30 24.27
C PHE D 34 -11.80 -3.26 23.65
N THR D 35 -12.30 -2.32 24.45
CA THR D 35 -13.33 -1.40 23.97
C THR D 35 -12.84 -0.48 22.86
N PRO D 36 -11.66 0.16 22.93
CA PRO D 36 -11.28 1.12 21.88
C PRO D 36 -10.90 0.49 20.54
N TYR D 37 -10.94 -0.83 20.38
CA TYR D 37 -10.49 -1.47 19.15
C TYR D 37 -11.68 -1.97 18.34
N ALA D 38 -11.57 -1.84 17.02
CA ALA D 38 -12.52 -2.47 16.12
C ALA D 38 -12.14 -3.94 15.91
N MET D 39 -13.15 -4.80 15.91
CA MET D 39 -12.94 -6.23 15.81
C MET D 39 -13.56 -6.75 14.52
N THR D 40 -12.96 -7.81 13.97
CA THR D 40 -13.28 -8.28 12.63
C THR D 40 -13.33 -9.80 12.60
N TRP D 41 -14.28 -10.35 11.84
CA TRP D 41 -14.37 -11.77 11.59
C TRP D 41 -13.86 -12.08 10.19
N VAL D 42 -13.03 -13.12 10.07
CA VAL D 42 -12.49 -13.56 8.79
C VAL D 42 -12.59 -15.08 8.75
N ARG D 43 -13.24 -15.61 7.71
CA ARG D 43 -13.38 -17.05 7.56
C ARG D 43 -12.44 -17.54 6.45
N GLN D 44 -12.18 -18.85 6.47
CA GLN D 44 -11.28 -19.47 5.50
C GLN D 44 -11.80 -20.87 5.19
N ALA D 45 -12.41 -21.05 4.02
CA ALA D 45 -12.86 -22.36 3.61
C ALA D 45 -11.67 -23.30 3.47
N PRO D 46 -11.88 -24.61 3.67
CA PRO D 46 -10.75 -25.55 3.63
C PRO D 46 -10.00 -25.49 2.31
N GLY D 47 -8.73 -25.12 2.39
CA GLY D 47 -7.87 -25.03 1.23
C GLY D 47 -8.03 -23.77 0.40
N LYS D 48 -8.93 -22.87 0.79
CA LYS D 48 -9.14 -21.60 0.10
C LYS D 48 -8.43 -20.48 0.85
N GLY D 49 -8.74 -19.23 0.50
CA GLY D 49 -8.06 -18.08 1.05
C GLY D 49 -8.88 -17.36 2.11
N LEU D 50 -8.27 -16.31 2.66
CA LEU D 50 -8.94 -15.50 3.66
C LEU D 50 -10.06 -14.67 3.03
N GLU D 51 -11.17 -14.56 3.74
CA GLU D 51 -12.32 -13.78 3.28
C GLU D 51 -12.82 -12.91 4.43
N TRP D 52 -12.79 -11.59 4.22
CA TRP D 52 -13.33 -10.68 5.23
C TRP D 52 -14.85 -10.85 5.29
N LEU D 53 -15.37 -10.94 6.51
CA LEU D 53 -16.79 -11.13 6.74
C LEU D 53 -17.47 -9.89 7.29
N SER D 54 -17.01 -9.39 8.45
CA SER D 54 -17.68 -8.29 9.11
C SER D 54 -16.70 -7.60 10.04
N THR D 55 -16.94 -6.30 10.24
CA THR D 55 -16.19 -5.49 11.19
C THR D 55 -17.17 -4.68 12.02
N ILE D 56 -16.81 -4.42 13.27
CA ILE D 56 -17.64 -3.65 14.19
C ILE D 56 -16.76 -2.61 14.88
N SER D 57 -17.29 -1.40 15.03
CA SER D 57 -16.57 -0.35 15.72
C SER D 57 -16.33 -0.73 17.18
N GLY D 58 -15.46 0.04 17.83
CA GLY D 58 -15.17 -0.22 19.23
C GLY D 58 -16.39 -0.14 20.11
N SER D 59 -17.24 0.87 19.89
CA SER D 59 -18.46 1.04 20.67
C SER D 59 -19.65 0.33 20.09
N GLY D 60 -19.55 -0.22 18.88
CA GLY D 60 -20.68 -0.85 18.22
C GLY D 60 -21.58 0.08 17.44
N GLY D 61 -21.17 1.33 17.23
CA GLY D 61 -22.03 2.28 16.53
C GLY D 61 -22.10 2.03 15.03
N SER D 62 -21.08 1.40 14.46
CA SER D 62 -21.06 1.07 13.04
C SER D 62 -20.71 -0.40 12.85
N THR D 63 -21.36 -1.02 11.88
CA THR D 63 -21.12 -2.41 11.51
C THR D 63 -21.18 -2.54 10.00
N SER D 64 -20.30 -3.36 9.42
CA SER D 64 -20.29 -3.62 7.99
C SER D 64 -20.25 -5.12 7.75
N TYR D 65 -20.73 -5.52 6.57
CA TYR D 65 -20.80 -6.93 6.21
C TYR D 65 -20.40 -7.10 4.75
N ALA D 66 -19.95 -8.31 4.43
CA ALA D 66 -19.72 -8.70 3.05
C ALA D 66 -21.02 -9.22 2.44
N ASP D 67 -21.14 -9.08 1.12
CA ASP D 67 -22.38 -9.48 0.44
C ASP D 67 -22.67 -10.95 0.62
N SER D 68 -21.63 -11.78 0.78
CA SER D 68 -21.83 -13.21 0.91
C SER D 68 -22.56 -13.58 2.20
N VAL D 69 -22.49 -12.73 3.22
CA VAL D 69 -23.14 -13.00 4.51
C VAL D 69 -24.09 -11.90 4.92
N LYS D 70 -24.18 -10.80 4.18
CA LYS D 70 -25.06 -9.70 4.55
C LYS D 70 -26.51 -10.15 4.53
N GLY D 71 -27.25 -9.78 5.58
CA GLY D 71 -28.62 -10.19 5.74
C GLY D 71 -28.81 -11.49 6.48
N ARG D 72 -27.75 -12.27 6.68
CA ARG D 72 -27.82 -13.53 7.40
C ARG D 72 -26.96 -13.56 8.67
N PHE D 73 -25.83 -12.86 8.67
CA PHE D 73 -24.94 -12.82 9.82
C PHE D 73 -25.12 -11.50 10.57
N THR D 74 -24.74 -11.51 11.84
CA THR D 74 -24.85 -10.31 12.68
C THR D 74 -23.67 -10.29 13.63
N ILE D 75 -22.90 -9.21 13.60
CA ILE D 75 -21.77 -9.02 14.49
C ILE D 75 -22.22 -8.16 15.66
N SER D 76 -21.69 -8.45 16.84
CA SER D 76 -22.00 -7.69 18.04
C SER D 76 -20.89 -7.91 19.06
N ARG D 77 -20.91 -7.11 20.12
CA ARG D 77 -19.86 -7.19 21.12
C ARG D 77 -20.41 -6.79 22.48
N ASP D 78 -19.73 -7.26 23.51
CA ASP D 78 -20.04 -6.94 24.90
C ASP D 78 -18.78 -6.32 25.50
N ASN D 79 -18.79 -4.99 25.62
CA ASN D 79 -17.61 -4.27 26.08
C ASN D 79 -17.37 -4.39 27.57
N SER D 80 -18.28 -5.02 28.32
CA SER D 80 -18.08 -5.24 29.73
C SER D 80 -17.42 -6.58 30.03
N LYS D 81 -17.46 -7.52 29.09
CA LYS D 81 -16.87 -8.84 29.26
C LYS D 81 -15.81 -9.16 28.22
N ASN D 82 -15.50 -8.23 27.31
CA ASN D 82 -14.46 -8.41 26.30
C ASN D 82 -14.74 -9.62 25.42
N ILE D 83 -15.93 -9.66 24.84
CA ILE D 83 -16.37 -10.77 24.01
C ILE D 83 -16.92 -10.22 22.70
N LEU D 84 -16.44 -10.77 21.58
CA LEU D 84 -16.97 -10.47 20.26
C LEU D 84 -17.87 -11.62 19.81
N TYR D 85 -18.97 -11.28 19.16
CA TYR D 85 -19.98 -12.26 18.77
C TYR D 85 -20.20 -12.24 17.26
N LEU D 86 -20.62 -13.39 16.73
CA LEU D 86 -21.08 -13.50 15.36
C LEU D 86 -22.26 -14.47 15.34
N GLN D 87 -23.47 -13.92 15.16
CA GLN D 87 -24.67 -14.73 15.07
C GLN D 87 -24.93 -15.06 13.60
N MET D 88 -24.91 -16.35 13.26
CA MET D 88 -25.08 -16.81 11.90
C MET D 88 -26.44 -17.47 11.75
N ASP D 89 -27.30 -16.87 10.93
CA ASP D 89 -28.61 -17.42 10.61
C ASP D 89 -28.64 -17.85 9.14
N SER D 90 -29.57 -18.76 8.83
CA SER D 90 -29.76 -19.25 7.47
C SER D 90 -28.46 -19.78 6.88
N LEU D 91 -27.80 -20.67 7.63
CA LEU D 91 -26.49 -21.17 7.23
C LEU D 91 -26.63 -22.06 6.00
N ARG D 92 -25.75 -21.85 5.03
CA ARG D 92 -25.69 -22.64 3.82
C ARG D 92 -24.40 -23.46 3.79
N ALA D 93 -24.34 -24.40 2.85
CA ALA D 93 -23.19 -25.28 2.75
C ALA D 93 -21.90 -24.48 2.52
N GLU D 94 -21.97 -23.42 1.72
CA GLU D 94 -20.79 -22.62 1.40
C GLU D 94 -20.26 -21.85 2.59
N ASP D 95 -20.97 -21.86 3.73
CA ASP D 95 -20.47 -21.22 4.95
C ASP D 95 -19.49 -22.10 5.71
N THR D 96 -19.25 -23.33 5.23
CA THR D 96 -18.28 -24.23 5.83
C THR D 96 -16.88 -23.61 5.76
N ALA D 97 -16.33 -23.22 6.91
CA ALA D 97 -15.04 -22.56 6.94
C ALA D 97 -14.53 -22.52 8.36
N LEU D 98 -13.24 -22.17 8.50
CA LEU D 98 -12.64 -21.87 9.79
C LEU D 98 -12.76 -20.37 10.03
N TYR D 99 -13.45 -20.01 11.12
CA TYR D 99 -13.80 -18.62 11.38
C TYR D 99 -12.80 -18.02 12.37
N TYR D 100 -12.10 -16.98 11.94
CA TYR D 100 -11.04 -16.35 12.72
C TYR D 100 -11.53 -15.09 13.41
N CYS D 101 -11.00 -14.85 14.60
CA CYS D 101 -11.16 -13.59 15.31
C CYS D 101 -9.89 -12.77 15.14
N THR D 102 -10.04 -11.47 14.92
CA THR D 102 -8.89 -10.61 14.71
C THR D 102 -9.20 -9.19 15.17
N LYS D 103 -8.15 -8.38 15.28
CA LYS D 103 -8.22 -7.09 15.94
C LYS D 103 -7.39 -6.06 15.18
N ASP D 104 -7.89 -4.83 15.13
CA ASP D 104 -7.13 -3.72 14.53
C ASP D 104 -5.83 -3.51 15.29
N LYS D 105 -4.77 -3.15 14.57
CA LYS D 105 -3.49 -2.91 15.21
C LYS D 105 -3.57 -1.75 16.21
N ASP D 106 -4.40 -0.75 15.93
CA ASP D 106 -4.52 0.44 16.75
C ASP D 106 -5.98 0.66 17.13
N GLU D 107 -6.22 1.69 17.93
CA GLU D 107 -7.56 2.04 18.35
C GLU D 107 -8.18 3.06 17.40
N TYR D 108 -9.50 2.98 17.27
CA TYR D 108 -10.29 3.96 16.51
C TYR D 108 -9.85 4.03 15.04
N THR D 109 -9.70 2.87 14.42
CA THR D 109 -9.37 2.80 13.00
C THR D 109 -10.42 2.07 12.17
N PHE D 110 -11.45 1.51 12.82
CA PHE D 110 -12.67 1.04 12.13
C PHE D 110 -12.39 0.01 11.05
N GLY D 111 -11.35 -0.81 11.24
CA GLY D 111 -11.00 -1.82 10.28
C GLY D 111 -10.07 -1.37 9.18
N HIS D 112 -9.77 -0.07 9.09
CA HIS D 112 -8.80 0.45 8.12
C HIS D 112 -7.41 0.41 8.74
N ASN D 113 -6.90 -0.81 8.88
CA ASN D 113 -5.66 -1.03 9.60
C ASN D 113 -5.19 -2.45 9.30
N ALA D 114 -4.00 -2.79 9.80
CA ALA D 114 -3.55 -4.16 9.76
C ALA D 114 -4.12 -4.93 10.95
N PHE D 115 -4.04 -6.25 10.86
CA PHE D 115 -4.55 -7.15 11.89
C PHE D 115 -3.36 -7.86 12.52
N ASP D 116 -2.98 -7.44 13.72
CA ASP D 116 -1.74 -7.92 14.32
C ASP D 116 -1.92 -9.19 15.14
N VAL D 117 -3.05 -9.36 15.82
CA VAL D 117 -3.30 -10.53 16.66
C VAL D 117 -4.49 -11.27 16.10
N TRP D 118 -4.34 -12.59 15.94
CA TRP D 118 -5.39 -13.46 15.44
C TRP D 118 -5.59 -14.63 16.38
N GLY D 119 -6.84 -15.09 16.50
CA GLY D 119 -7.13 -16.33 17.16
C GLY D 119 -6.80 -17.51 16.27
N ARG D 120 -7.02 -18.71 16.80
CA ARG D 120 -6.73 -19.94 16.07
C ARG D 120 -7.95 -20.49 15.32
N GLY D 121 -9.09 -19.82 15.42
CA GLY D 121 -10.24 -20.14 14.59
C GLY D 121 -11.10 -21.25 15.16
N THR D 122 -12.34 -21.30 14.68
CA THR D 122 -13.29 -22.34 15.02
C THR D 122 -13.92 -22.89 13.75
N MET D 123 -14.05 -24.21 13.67
CA MET D 123 -14.53 -24.87 12.46
C MET D 123 -16.05 -24.93 12.48
N VAL D 124 -16.67 -24.33 11.47
CA VAL D 124 -18.11 -24.39 11.27
C VAL D 124 -18.37 -25.34 10.10
N THR D 125 -19.19 -26.36 10.32
CA THR D 125 -19.49 -27.37 9.32
C THR D 125 -21.00 -27.39 9.11
N VAL D 126 -21.46 -26.81 8.00
CA VAL D 126 -22.87 -26.80 7.64
C VAL D 126 -23.11 -27.97 6.69
N SER D 127 -23.90 -28.94 7.14
CA SER D 127 -24.17 -30.12 6.35
C SER D 127 -25.44 -30.79 6.87
N SER D 128 -26.11 -31.52 5.99
CA SER D 128 -27.29 -32.28 6.36
C SER D 128 -26.98 -33.72 6.76
N ALA D 129 -25.71 -34.13 6.64
CA ALA D 129 -25.32 -35.46 7.11
C ALA D 129 -25.35 -35.51 8.63
N SER D 130 -25.83 -36.63 9.16
CA SER D 130 -25.96 -36.78 10.61
C SER D 130 -24.64 -37.25 11.22
N THR D 131 -24.46 -36.92 12.50
CA THR D 131 -23.29 -37.37 13.23
C THR D 131 -23.28 -38.90 13.32
N LYS D 132 -22.18 -39.50 12.88
CA LYS D 132 -22.03 -40.96 12.87
C LYS D 132 -20.74 -41.35 13.56
N GLY D 133 -20.84 -42.29 14.50
CA GLY D 133 -19.68 -42.81 15.19
C GLY D 133 -18.92 -43.80 14.33
N PRO D 134 -17.62 -43.91 14.56
CA PRO D 134 -16.78 -44.76 13.72
C PRO D 134 -16.82 -46.23 14.15
N SER D 135 -16.49 -47.08 13.19
CA SER D 135 -16.17 -48.48 13.47
C SER D 135 -14.66 -48.64 13.38
N VAL D 136 -14.08 -49.32 14.35
CA VAL D 136 -12.62 -49.44 14.47
C VAL D 136 -12.23 -50.89 14.31
N PHE D 137 -11.26 -51.15 13.43
CA PHE D 137 -10.77 -52.49 13.14
C PHE D 137 -9.26 -52.56 13.34
N PRO D 138 -8.76 -53.69 13.85
CA PRO D 138 -7.31 -53.79 14.08
C PRO D 138 -6.56 -54.18 12.83
N LEU D 139 -5.40 -53.54 12.64
CA LEU D 139 -4.50 -53.85 11.54
C LEU D 139 -3.35 -54.68 12.11
N ALA D 140 -3.47 -56.00 12.01
CA ALA D 140 -2.50 -56.90 12.61
C ALA D 140 -1.17 -56.81 11.88
N PRO D 141 -0.06 -56.96 12.60
CA PRO D 141 1.26 -56.89 11.96
C PRO D 141 1.64 -58.20 11.28
N SER D 142 2.51 -58.10 10.29
CA SER D 142 3.00 -59.26 9.57
C SER D 142 4.17 -59.91 10.29
N THR D 150 11.91 -54.38 12.67
CA THR D 150 10.76 -53.56 13.05
C THR D 150 9.50 -54.00 12.30
N ALA D 151 8.36 -53.87 12.96
CA ALA D 151 7.07 -54.23 12.40
C ALA D 151 6.16 -53.01 12.37
N ALA D 152 4.99 -53.18 11.74
CA ALA D 152 3.99 -52.12 11.64
C ALA D 152 2.62 -52.70 11.97
N LEU D 153 1.97 -52.13 12.98
CA LEU D 153 0.60 -52.48 13.34
C LEU D 153 -0.20 -51.21 13.50
N GLY D 154 -1.52 -51.34 13.44
CA GLY D 154 -2.33 -50.15 13.53
C GLY D 154 -3.80 -50.46 13.71
N CYS D 155 -4.61 -49.41 13.65
CA CYS D 155 -6.05 -49.53 13.75
C CYS D 155 -6.70 -48.68 12.67
N LEU D 156 -7.74 -49.22 12.06
CA LEU D 156 -8.51 -48.53 11.04
C LEU D 156 -9.75 -47.92 11.68
N VAL D 157 -9.92 -46.61 11.50
CA VAL D 157 -11.07 -45.88 12.01
C VAL D 157 -11.94 -45.54 10.81
N LYS D 158 -13.09 -46.22 10.70
CA LYS D 158 -13.83 -46.31 9.44
C LYS D 158 -15.21 -45.67 9.57
N ASP D 159 -15.56 -44.84 8.59
CA ASP D 159 -16.90 -44.29 8.42
C ASP D 159 -17.37 -43.51 9.64
N TYR D 160 -16.90 -42.27 9.79
CA TYR D 160 -17.33 -41.40 10.86
C TYR D 160 -17.57 -40.00 10.32
N PHE D 161 -18.44 -39.26 11.00
CA PHE D 161 -18.74 -37.89 10.61
C PHE D 161 -19.27 -37.12 11.82
N PRO D 162 -18.77 -35.90 12.07
CA PRO D 162 -17.68 -35.28 11.29
C PRO D 162 -16.33 -35.39 11.99
N GLU D 163 -15.37 -34.58 11.56
CA GLU D 163 -14.11 -34.46 12.26
C GLU D 163 -14.34 -33.82 13.62
N PRO D 164 -13.44 -34.06 14.60
CA PRO D 164 -12.18 -34.81 14.52
C PRO D 164 -12.21 -36.20 15.16
N VAL D 165 -11.08 -36.90 15.03
CA VAL D 165 -10.85 -38.19 15.66
C VAL D 165 -9.54 -38.10 16.42
N THR D 166 -9.49 -38.69 17.61
CA THR D 166 -8.28 -38.79 18.40
C THR D 166 -7.95 -40.25 18.66
N VAL D 167 -6.71 -40.63 18.40
CA VAL D 167 -6.25 -42.01 18.58
C VAL D 167 -5.04 -42.01 19.50
N SER D 168 -5.10 -42.78 20.57
CA SER D 168 -3.97 -43.02 21.45
C SER D 168 -3.72 -44.52 21.53
N TRP D 169 -2.57 -44.88 22.10
CA TRP D 169 -2.15 -46.27 22.16
C TRP D 169 -1.81 -46.64 23.59
N ASN D 170 -2.37 -47.76 24.06
CA ASN D 170 -2.17 -48.24 25.43
C ASN D 170 -2.55 -47.15 26.45
N SER D 171 -3.69 -46.50 26.19
CA SER D 171 -4.19 -45.42 27.06
C SER D 171 -3.15 -44.34 27.26
N GLY D 172 -2.40 -44.04 26.19
CA GLY D 172 -1.39 -43.00 26.22
C GLY D 172 0.00 -43.47 26.60
N ALA D 173 0.15 -44.72 27.05
CA ALA D 173 1.46 -45.19 27.47
C ALA D 173 2.42 -45.29 26.29
N LEU D 174 1.92 -45.69 25.12
CA LEU D 174 2.74 -45.81 23.92
C LEU D 174 2.61 -44.54 23.10
N THR D 175 3.76 -43.90 22.83
CA THR D 175 3.79 -42.66 22.08
C THR D 175 4.87 -42.59 21.01
N SER D 176 5.97 -43.32 21.14
CA SER D 176 7.06 -43.25 20.16
C SER D 176 6.79 -44.22 19.02
N GLY D 177 6.96 -43.73 17.80
CA GLY D 177 6.72 -44.54 16.61
C GLY D 177 5.31 -44.47 16.06
N VAL D 178 4.44 -43.68 16.67
CA VAL D 178 3.04 -43.59 16.26
C VAL D 178 2.90 -42.56 15.16
N HIS D 179 2.27 -42.95 14.06
CA HIS D 179 1.96 -42.04 12.95
C HIS D 179 0.47 -42.19 12.65
N THR D 180 -0.31 -41.16 12.94
CA THR D 180 -1.75 -41.15 12.67
C THR D 180 -2.01 -40.26 11.47
N PHE D 181 -2.40 -40.88 10.36
CA PHE D 181 -2.48 -40.21 9.07
C PHE D 181 -3.72 -39.32 8.97
N PRO D 182 -3.64 -38.24 8.19
CA PRO D 182 -4.84 -37.44 7.93
C PRO D 182 -5.95 -38.28 7.29
N ALA D 183 -7.18 -37.94 7.63
CA ALA D 183 -8.33 -38.72 7.22
C ALA D 183 -8.66 -38.51 5.75
N VAL D 184 -9.25 -39.53 5.15
CA VAL D 184 -9.76 -39.45 3.78
C VAL D 184 -11.23 -39.07 3.82
N LEU D 185 -11.64 -38.21 2.90
CA LEU D 185 -13.03 -37.83 2.74
C LEU D 185 -13.61 -38.65 1.59
N GLN D 186 -14.44 -39.64 1.92
CA GLN D 186 -14.96 -40.57 0.93
C GLN D 186 -16.07 -39.92 0.11
N SER D 187 -16.40 -40.58 -1.01
CA SER D 187 -17.51 -40.13 -1.83
C SER D 187 -18.82 -40.17 -1.05
N SER D 188 -18.90 -41.04 -0.05
CA SER D 188 -20.10 -41.14 0.77
C SER D 188 -20.33 -39.90 1.62
N GLY D 189 -19.30 -39.08 1.82
CA GLY D 189 -19.36 -37.98 2.76
C GLY D 189 -18.87 -38.31 4.14
N LEU D 190 -18.45 -39.55 4.39
CA LEU D 190 -17.90 -39.97 5.67
C LEU D 190 -16.38 -39.91 5.63
N TYR D 191 -15.78 -39.91 6.81
CA TYR D 191 -14.33 -39.84 6.96
C TYR D 191 -13.78 -41.17 7.43
N SER D 192 -12.48 -41.37 7.19
CA SER D 192 -11.78 -42.56 7.63
C SER D 192 -10.29 -42.27 7.69
N LEU D 193 -9.64 -42.73 8.76
CA LEU D 193 -8.20 -42.59 8.90
C LEU D 193 -7.62 -43.88 9.47
N SER D 194 -6.29 -43.96 9.45
CA SER D 194 -5.56 -45.06 10.03
C SER D 194 -4.46 -44.51 10.93
N SER D 195 -4.29 -45.14 12.08
CA SER D 195 -3.20 -44.82 13.00
C SER D 195 -2.23 -45.99 13.00
N VAL D 196 -1.00 -45.74 12.57
CA VAL D 196 0.02 -46.77 12.48
C VAL D 196 1.13 -46.46 13.47
N VAL D 197 1.74 -47.52 13.99
CA VAL D 197 2.83 -47.38 14.95
C VAL D 197 3.89 -48.43 14.62
N THR D 198 5.14 -47.99 14.56
CA THR D 198 6.26 -48.88 14.26
C THR D 198 6.88 -49.36 15.56
N VAL D 199 6.84 -50.67 15.80
CA VAL D 199 7.43 -51.27 16.99
C VAL D 199 8.46 -52.28 16.55
N PRO D 200 9.44 -52.59 17.40
CA PRO D 200 10.35 -53.70 17.09
C PRO D 200 9.60 -55.02 17.19
N SER D 201 9.83 -55.89 16.21
CA SER D 201 9.24 -57.22 16.26
C SER D 201 9.74 -58.04 17.45
N SER D 202 10.68 -57.50 18.24
CA SER D 202 11.00 -58.08 19.53
C SER D 202 9.78 -58.15 20.44
N SER D 203 8.77 -57.33 20.18
CA SER D 203 7.68 -57.09 21.13
C SER D 203 6.37 -57.76 20.74
N LEU D 204 6.26 -58.31 19.53
CA LEU D 204 4.97 -58.84 19.07
C LEU D 204 4.44 -59.92 19.99
N GLY D 205 5.34 -60.75 20.54
CA GLY D 205 4.93 -61.76 21.49
C GLY D 205 4.96 -61.33 22.94
N THR D 206 5.56 -60.18 23.24
CA THR D 206 5.73 -59.72 24.61
C THR D 206 4.78 -58.60 24.97
N GLN D 207 4.86 -57.46 24.28
CA GLN D 207 4.05 -56.29 24.60
C GLN D 207 2.72 -56.32 23.87
N THR D 208 1.69 -55.77 24.51
CA THR D 208 0.35 -55.70 23.96
C THR D 208 0.07 -54.29 23.42
N TYR D 209 -0.85 -54.22 22.47
CA TYR D 209 -1.17 -52.97 21.78
C TYR D 209 -2.67 -52.84 21.62
N ILE D 210 -3.24 -51.77 22.19
CA ILE D 210 -4.66 -51.48 22.08
C ILE D 210 -4.82 -50.04 21.64
N CYS D 211 -5.57 -49.81 20.57
CA CYS D 211 -5.84 -48.46 20.12
C CYS D 211 -7.06 -47.92 20.86
N ASN D 212 -7.02 -46.64 21.22
CA ASN D 212 -8.10 -45.94 21.92
C ASN D 212 -8.62 -44.86 20.97
N VAL D 213 -9.81 -45.09 20.42
CA VAL D 213 -10.43 -44.21 19.43
C VAL D 213 -11.56 -43.45 20.11
N ASN D 214 -11.54 -42.13 19.98
CA ASN D 214 -12.55 -41.27 20.59
C ASN D 214 -13.11 -40.33 19.54
N HIS D 215 -14.44 -40.27 19.44
CA HIS D 215 -15.14 -39.39 18.52
C HIS D 215 -16.10 -38.53 19.35
N LYS D 216 -15.63 -37.35 19.76
CA LYS D 216 -16.43 -36.45 20.59
C LYS D 216 -17.81 -36.12 20.01
N PRO D 217 -17.97 -35.81 18.72
CA PRO D 217 -19.31 -35.42 18.23
C PRO D 217 -20.36 -36.50 18.41
N SER D 218 -19.99 -37.78 18.36
CA SER D 218 -20.94 -38.87 18.54
C SER D 218 -20.84 -39.50 19.92
N ASN D 219 -19.90 -39.05 20.76
CA ASN D 219 -19.70 -39.58 22.10
C ASN D 219 -19.53 -41.10 22.07
N THR D 220 -18.52 -41.54 21.30
CA THR D 220 -18.22 -42.96 21.15
C THR D 220 -16.74 -43.18 21.39
N LYS D 221 -16.41 -43.97 22.41
CA LYS D 221 -15.05 -44.40 22.68
C LYS D 221 -14.95 -45.90 22.42
N VAL D 222 -13.96 -46.31 21.63
CA VAL D 222 -13.78 -47.69 21.23
C VAL D 222 -12.33 -48.08 21.44
N ASP D 223 -12.12 -49.29 21.96
CA ASP D 223 -10.79 -49.88 22.12
C ASP D 223 -10.73 -51.16 21.30
N LYS D 224 -9.64 -51.33 20.55
CA LYS D 224 -9.42 -52.55 19.77
C LYS D 224 -8.03 -53.08 20.05
N LYS D 225 -7.96 -54.35 20.45
CA LYS D 225 -6.68 -55.00 20.68
C LYS D 225 -6.03 -55.35 19.35
N VAL D 226 -4.74 -55.00 19.22
CA VAL D 226 -4.00 -55.26 17.99
C VAL D 226 -3.05 -56.43 18.21
N GLU D 227 -3.52 -57.63 17.94
CA GLU D 227 -2.75 -58.85 18.11
C GLU D 227 -2.24 -59.34 16.77
N PRO D 228 -1.14 -60.09 16.76
CA PRO D 228 -0.62 -60.63 15.49
C PRO D 228 -1.60 -61.62 14.86
N LYS D 229 -1.38 -61.90 13.59
CA LYS D 229 -2.20 -62.82 12.84
C LYS D 229 -1.69 -64.25 13.04
N SER D 230 -2.58 -65.15 13.44
CA SER D 230 -2.22 -66.54 13.72
C SER D 230 -3.23 -67.47 13.07
N CYS D 231 -2.77 -68.67 12.74
CA CYS D 231 -3.63 -69.69 12.15
C CYS D 231 -4.08 -70.68 13.22
N GLU E 6 -3.75 6.31 41.66
CA GLU E 6 -2.74 7.34 41.88
C GLU E 6 -1.58 6.80 42.72
N VAL E 7 -0.42 7.43 42.60
CA VAL E 7 0.72 7.09 43.42
C VAL E 7 0.47 7.56 44.84
N GLN E 8 0.83 6.74 45.83
CA GLN E 8 0.57 7.06 47.22
C GLN E 8 1.73 6.61 48.09
N LEU E 9 2.13 7.47 49.03
CA LEU E 9 3.13 7.17 50.04
C LEU E 9 2.56 7.57 51.39
N LEU E 10 2.43 6.61 52.30
CA LEU E 10 1.88 6.86 53.63
C LEU E 10 2.90 6.46 54.68
N GLU E 11 3.27 7.41 55.54
CA GLU E 11 4.22 7.17 56.61
C GLU E 11 3.49 6.74 57.88
N SER E 12 4.20 5.99 58.72
CA SER E 12 3.62 5.52 59.98
C SER E 12 4.74 5.14 60.93
N GLY E 13 4.38 5.02 62.21
CA GLY E 13 5.30 4.58 63.24
C GLY E 13 5.79 5.67 64.16
N GLY E 14 5.46 6.93 63.88
CA GLY E 14 5.90 8.02 64.72
C GLY E 14 5.09 8.12 66.00
N GLY E 15 5.76 8.48 67.08
CA GLY E 15 5.10 8.65 68.36
C GLY E 15 6.10 9.10 69.40
N LEU E 16 5.60 9.22 70.63
CA LEU E 16 6.45 9.62 71.74
C LEU E 16 7.47 8.53 72.06
N VAL E 17 8.71 8.96 72.33
CA VAL E 17 9.80 8.03 72.62
C VAL E 17 10.81 8.74 73.50
N ARG E 18 11.37 8.02 74.46
CA ARG E 18 12.33 8.59 75.39
C ARG E 18 13.70 8.73 74.72
N PRO E 19 14.50 9.73 75.15
CA PRO E 19 15.84 9.89 74.59
C PRO E 19 16.66 8.62 74.74
N GLY E 20 17.50 8.35 73.74
CA GLY E 20 18.23 7.10 73.69
C GLY E 20 17.41 5.90 73.31
N GLY E 21 16.11 6.06 73.03
CA GLY E 21 15.25 4.95 72.67
C GLY E 21 15.29 4.64 71.18
N SER E 22 14.43 3.70 70.79
CA SER E 22 14.33 3.25 69.42
C SER E 22 12.94 3.54 68.85
N GLN E 23 12.88 3.63 67.53
CA GLN E 23 11.61 3.80 66.83
C GLN E 23 11.82 3.50 65.35
N ARG E 24 10.93 2.69 64.78
CA ARG E 24 10.98 2.33 63.37
C ARG E 24 9.82 3.00 62.64
N LEU E 25 10.13 3.78 61.63
CA LEU E 25 9.14 4.38 60.75
C LEU E 25 9.04 3.58 59.47
N SER E 26 7.85 3.60 58.87
CA SER E 26 7.58 2.87 57.64
C SER E 26 6.85 3.77 56.67
N CYS E 27 7.05 3.50 55.38
CA CYS E 27 6.39 4.23 54.30
C CYS E 27 5.76 3.21 53.36
N ALA E 28 4.43 3.18 53.31
CA ALA E 28 3.71 2.24 52.47
C ALA E 28 3.52 2.83 51.08
N ALA E 29 4.03 2.12 50.06
CA ALA E 29 4.01 2.60 48.69
C ALA E 29 2.98 1.82 47.88
N SER E 30 2.14 2.54 47.15
CA SER E 30 1.13 1.92 46.31
C SER E 30 0.94 2.79 45.07
N GLY E 31 0.48 2.14 44.00
CA GLY E 31 0.15 2.84 42.77
C GLY E 31 1.25 2.91 41.74
N PHE E 32 2.40 2.31 41.99
CA PHE E 32 3.50 2.33 41.02
C PHE E 32 4.46 1.20 41.33
N THR E 33 5.26 0.85 40.33
CA THR E 33 6.29 -0.16 40.49
C THR E 33 7.38 0.38 41.41
N PHE E 34 7.38 -0.10 42.66
CA PHE E 34 8.19 0.49 43.71
C PHE E 34 9.68 0.21 43.52
N THR E 35 10.02 -0.96 42.98
CA THR E 35 11.41 -1.43 42.98
C THR E 35 12.38 -0.54 42.20
N PRO E 36 12.07 -0.08 40.98
CA PRO E 36 13.09 0.69 40.22
C PRO E 36 13.29 2.12 40.70
N TYR E 37 12.63 2.56 41.75
CA TYR E 37 12.73 3.95 42.21
C TYR E 37 13.53 4.02 43.50
N ALA E 38 14.45 4.98 43.56
CA ALA E 38 15.16 5.28 44.79
C ALA E 38 14.28 6.09 45.73
N MET E 39 14.28 5.73 47.01
CA MET E 39 13.40 6.34 48.00
C MET E 39 14.22 7.13 49.01
N THR E 40 13.60 8.17 49.56
CA THR E 40 14.30 9.16 50.38
C THR E 40 13.47 9.52 51.60
N TRP E 41 14.14 9.74 52.72
CA TRP E 41 13.54 10.23 53.96
C TRP E 41 13.97 11.67 54.18
N VAL E 42 13.00 12.55 54.39
CA VAL E 42 13.26 13.96 54.65
C VAL E 42 12.44 14.37 55.85
N ARG E 43 13.10 14.91 56.88
CA ARG E 43 12.42 15.33 58.08
C ARG E 43 12.32 16.85 58.15
N GLN E 44 11.44 17.33 59.02
CA GLN E 44 11.19 18.76 59.15
C GLN E 44 10.84 19.04 60.61
N ALA E 45 11.82 19.53 61.36
CA ALA E 45 11.55 20.00 62.72
C ALA E 45 10.49 21.08 62.68
N PRO E 46 9.67 21.18 63.72
CA PRO E 46 8.53 22.12 63.69
C PRO E 46 9.00 23.56 63.51
N GLY E 47 8.42 24.23 62.52
CA GLY E 47 8.78 25.60 62.20
C GLY E 47 10.08 25.77 61.46
N LYS E 48 10.84 24.70 61.24
CA LYS E 48 12.12 24.77 60.54
C LYS E 48 11.96 24.30 59.11
N GLY E 49 13.08 24.08 58.42
CA GLY E 49 13.07 23.73 57.02
C GLY E 49 13.25 22.24 56.76
N LEU E 50 13.21 21.89 55.48
CA LEU E 50 13.42 20.52 55.06
C LEU E 50 14.88 20.12 55.25
N GLU E 51 15.10 18.85 55.60
CA GLU E 51 16.44 18.32 55.79
C GLU E 51 16.52 16.93 55.20
N TRP E 52 17.42 16.73 54.25
CA TRP E 52 17.63 15.39 53.70
C TRP E 52 18.28 14.50 54.76
N LEU E 53 17.74 13.29 54.92
CA LEU E 53 18.24 12.34 55.90
C LEU E 53 18.94 11.15 55.29
N SER E 54 18.28 10.44 54.36
CA SER E 54 18.83 9.21 53.83
C SER E 54 18.14 8.87 52.53
N THR E 55 18.89 8.23 51.63
CA THR E 55 18.37 7.72 50.38
C THR E 55 18.84 6.28 50.20
N ILE E 56 18.00 5.45 49.60
CA ILE E 56 18.32 4.06 49.32
C ILE E 56 18.07 3.80 47.84
N SER E 57 18.94 3.00 47.23
CA SER E 57 18.78 2.66 45.82
C SER E 57 17.55 1.77 45.63
N GLY E 58 17.20 1.56 44.36
CA GLY E 58 16.07 0.69 44.05
C GLY E 58 16.29 -0.73 44.51
N SER E 59 17.45 -1.31 44.15
CA SER E 59 17.76 -2.66 44.59
C SER E 59 18.16 -2.71 46.06
N GLY E 60 18.57 -1.60 46.64
CA GLY E 60 19.04 -1.56 48.01
C GLY E 60 20.53 -1.73 48.18
N GLY E 61 21.27 -1.92 47.09
CA GLY E 61 22.71 -2.10 47.17
C GLY E 61 23.51 -0.87 47.50
N SER E 62 22.86 0.28 47.68
CA SER E 62 23.57 1.51 48.03
C SER E 62 22.69 2.35 48.93
N THR E 63 23.29 2.86 50.01
CA THR E 63 22.59 3.72 50.96
C THR E 63 23.51 4.86 51.38
N SER E 64 22.91 6.02 51.63
CA SER E 64 23.65 7.19 52.07
C SER E 64 22.88 7.85 53.21
N TYR E 65 23.60 8.60 54.05
CA TYR E 65 23.02 9.21 55.23
C TYR E 65 23.58 10.61 55.41
N ALA E 66 22.84 11.42 56.17
CA ALA E 66 23.31 12.74 56.58
C ALA E 66 24.16 12.62 57.83
N ASP E 67 25.10 13.56 57.99
CA ASP E 67 25.99 13.52 59.14
C ASP E 67 25.24 13.62 60.45
N SER E 68 24.14 14.37 60.48
CA SER E 68 23.33 14.52 61.69
C SER E 68 22.70 13.21 62.14
N VAL E 69 22.83 12.15 61.34
CA VAL E 69 21.99 10.96 61.48
C VAL E 69 22.84 9.71 61.32
N LYS E 70 23.97 9.86 60.63
CA LYS E 70 24.87 8.74 60.35
C LYS E 70 25.25 8.01 61.64
N GLY E 71 25.21 6.69 61.60
CA GLY E 71 25.53 5.85 62.73
C GLY E 71 24.35 5.48 63.61
N ARG E 72 23.27 6.25 63.59
CA ARG E 72 22.11 6.00 64.44
C ARG E 72 20.88 5.55 63.68
N PHE E 73 20.69 6.00 62.44
CA PHE E 73 19.54 5.62 61.62
C PHE E 73 19.99 4.65 60.54
N THR E 74 19.08 3.74 60.16
CA THR E 74 19.34 2.79 59.09
C THR E 74 18.15 2.78 58.16
N ILE E 75 18.41 2.94 56.87
CA ILE E 75 17.38 2.92 55.84
C ILE E 75 17.33 1.54 55.22
N SER E 76 16.13 1.05 54.94
CA SER E 76 15.95 -0.26 54.32
C SER E 76 14.63 -0.25 53.57
N ARG E 77 14.47 -1.26 52.71
CA ARG E 77 13.25 -1.38 51.93
C ARG E 77 12.95 -2.85 51.71
N ASP E 78 11.66 -3.15 51.53
CA ASP E 78 11.19 -4.48 51.19
C ASP E 78 10.53 -4.38 49.82
N ASN E 79 11.23 -4.83 48.78
CA ASN E 79 10.73 -4.72 47.42
C ASN E 79 9.61 -5.72 47.12
N SER E 80 9.34 -6.67 48.02
CA SER E 80 8.25 -7.61 47.82
C SER E 80 6.92 -7.08 48.33
N LYS E 81 6.94 -6.20 49.34
CA LYS E 81 5.73 -5.62 49.90
C LYS E 81 5.62 -4.12 49.65
N ASN E 82 6.58 -3.52 48.96
CA ASN E 82 6.58 -2.09 48.63
C ASN E 82 6.55 -1.24 49.90
N ILE E 83 7.55 -1.47 50.76
CA ILE E 83 7.66 -0.79 52.05
C ILE E 83 9.07 -0.27 52.22
N LEU E 84 9.19 1.02 52.53
CA LEU E 84 10.46 1.64 52.88
C LEU E 84 10.51 1.86 54.39
N TYR E 85 11.63 1.50 55.00
CA TYR E 85 11.77 1.54 56.45
C TYR E 85 12.87 2.52 56.85
N LEU E 86 12.70 3.12 58.03
CA LEU E 86 13.75 3.91 58.68
C LEU E 86 13.82 3.50 60.14
N GLN E 87 14.91 2.87 60.53
CA GLN E 87 15.13 2.44 61.90
C GLN E 87 15.96 3.50 62.62
N MET E 88 15.37 4.13 63.63
CA MET E 88 16.03 5.19 64.38
C MET E 88 16.42 4.65 65.75
N ASP E 89 17.72 4.65 66.04
CA ASP E 89 18.25 4.18 67.32
C ASP E 89 18.95 5.32 68.04
N SER E 90 18.96 5.23 69.37
CA SER E 90 19.56 6.23 70.25
C SER E 90 19.14 7.64 69.85
N LEU E 91 17.83 7.87 69.92
CA LEU E 91 17.26 9.14 69.50
C LEU E 91 17.58 10.24 70.49
N ARG E 92 17.69 11.47 69.98
CA ARG E 92 17.89 12.66 70.78
C ARG E 92 16.73 13.62 70.58
N ALA E 93 16.70 14.66 71.42
CA ALA E 93 15.62 15.64 71.33
C ALA E 93 15.61 16.38 70.00
N GLU E 94 16.77 16.54 69.38
CA GLU E 94 16.85 17.24 68.10
C GLU E 94 16.25 16.43 66.96
N ASP E 95 16.06 15.13 67.14
CA ASP E 95 15.40 14.30 66.16
C ASP E 95 13.88 14.51 66.13
N THR E 96 13.36 15.34 67.02
CA THR E 96 11.94 15.67 67.06
C THR E 96 11.53 16.38 65.77
N ALA E 97 10.80 15.69 64.91
CA ALA E 97 10.46 16.26 63.61
C ALA E 97 9.34 15.46 62.98
N LEU E 98 8.74 16.04 61.94
CA LEU E 98 7.84 15.34 61.05
C LEU E 98 8.65 14.68 59.95
N TYR E 99 8.48 13.37 59.78
CA TYR E 99 9.33 12.59 58.87
C TYR E 99 8.55 12.24 57.62
N TYR E 100 9.01 12.74 56.47
CA TYR E 100 8.40 12.49 55.17
C TYR E 100 9.12 11.36 54.46
N CYS E 101 8.40 10.58 53.65
CA CYS E 101 9.05 9.73 52.68
C CYS E 101 8.73 10.22 51.27
N THR E 102 9.64 9.97 50.34
CA THR E 102 9.55 10.52 49.00
C THR E 102 10.27 9.58 48.04
N LYS E 103 9.88 9.67 46.77
CA LYS E 103 10.47 8.90 45.68
C LYS E 103 11.10 9.85 44.67
N ASP E 104 12.06 9.32 43.91
CA ASP E 104 12.57 10.03 42.75
C ASP E 104 11.48 10.14 41.69
N LYS E 105 11.61 11.15 40.84
CA LYS E 105 10.63 11.32 39.76
C LYS E 105 10.73 10.19 38.75
N ASP E 106 11.94 9.67 38.51
CA ASP E 106 12.18 8.68 37.49
C ASP E 106 12.86 7.46 38.11
N GLU E 107 13.09 6.44 37.29
CA GLU E 107 13.71 5.21 37.73
C GLU E 107 15.23 5.30 37.61
N TYR E 108 15.93 4.70 38.57
CA TYR E 108 17.39 4.56 38.55
C TYR E 108 18.10 5.92 38.47
N THR E 109 17.70 6.84 39.36
CA THR E 109 18.39 8.12 39.47
C THR E 109 19.13 8.29 40.78
N PHE E 110 18.94 7.37 41.73
CA PHE E 110 19.77 7.28 42.95
C PHE E 110 19.67 8.54 43.80
N GLY E 111 18.55 9.25 43.73
CA GLY E 111 18.36 10.46 44.50
C GLY E 111 18.79 11.73 43.81
N HIS E 112 19.47 11.63 42.65
CA HIS E 112 19.83 12.82 41.87
C HIS E 112 18.67 13.13 40.93
N ASN E 113 17.62 13.70 41.50
CA ASN E 113 16.38 13.94 40.78
C ASN E 113 15.50 14.82 41.65
N ALA E 114 14.42 15.33 41.05
CA ALA E 114 13.39 15.98 41.84
C ALA E 114 12.56 14.93 42.58
N PHE E 115 11.70 15.41 43.46
CA PHE E 115 10.89 14.55 44.34
C PHE E 115 9.42 14.87 44.10
N ASP E 116 8.75 14.04 43.29
CA ASP E 116 7.45 14.42 42.75
C ASP E 116 6.27 14.00 43.62
N VAL E 117 6.39 12.94 44.42
CA VAL E 117 5.30 12.45 45.25
C VAL E 117 5.79 12.35 46.69
N TRP E 118 5.11 13.06 47.59
CA TRP E 118 5.47 13.08 49.00
C TRP E 118 4.32 12.51 49.83
N GLY E 119 4.66 11.99 51.01
CA GLY E 119 3.66 11.57 51.96
C GLY E 119 3.23 12.69 52.88
N ARG E 120 2.22 12.39 53.71
CA ARG E 120 1.73 13.37 54.66
C ARG E 120 2.64 13.50 55.88
N GLY E 121 3.50 12.52 56.13
CA GLY E 121 4.46 12.61 57.22
C GLY E 121 3.95 11.99 58.51
N THR E 122 4.88 11.49 59.30
CA THR E 122 4.60 10.95 60.62
C THR E 122 5.44 11.68 61.66
N MET E 123 4.82 12.05 62.77
CA MET E 123 5.46 12.90 63.77
C MET E 123 6.19 12.06 64.80
N VAL E 124 7.49 12.35 64.97
CA VAL E 124 8.33 11.71 65.97
C VAL E 124 8.60 12.72 67.08
N THR E 125 8.39 12.30 68.33
CA THR E 125 8.56 13.17 69.49
C THR E 125 9.51 12.50 70.48
N VAL E 126 10.67 13.10 70.69
CA VAL E 126 11.68 12.58 71.60
C VAL E 126 11.72 13.49 72.81
N SER E 127 11.28 12.98 73.96
CA SER E 127 11.23 13.78 75.17
C SER E 127 11.22 12.87 76.39
N SER E 128 11.86 13.34 77.45
CA SER E 128 11.85 12.61 78.71
C SER E 128 10.49 12.66 79.40
N ALA E 129 9.65 13.64 79.06
CA ALA E 129 8.36 13.79 79.71
C ALA E 129 7.46 12.59 79.40
N SER E 130 6.66 12.21 80.38
CA SER E 130 5.73 11.10 80.23
C SER E 130 4.37 11.61 79.76
N THR E 131 3.58 10.69 79.21
CA THR E 131 2.28 11.05 78.67
C THR E 131 1.31 11.42 79.79
N LYS E 132 0.58 12.52 79.59
CA LYS E 132 -0.41 12.97 80.55
C LYS E 132 -1.66 13.42 79.81
N GLY E 133 -2.81 12.89 80.23
CA GLY E 133 -4.08 13.29 79.66
C GLY E 133 -4.52 14.63 80.20
N PRO E 134 -5.35 15.34 79.45
CA PRO E 134 -5.74 16.70 79.87
C PRO E 134 -6.84 16.67 80.92
N SER E 135 -6.93 17.79 81.63
CA SER E 135 -8.09 18.10 82.47
C SER E 135 -8.92 19.15 81.73
N VAL E 136 -10.24 18.92 81.69
CA VAL E 136 -11.14 19.72 80.86
C VAL E 136 -12.11 20.46 81.76
N PHE E 137 -12.39 21.71 81.40
CA PHE E 137 -13.27 22.59 82.15
C PHE E 137 -14.23 23.30 81.22
N PRO E 138 -15.44 23.62 81.70
CA PRO E 138 -16.42 24.30 80.84
C PRO E 138 -16.15 25.79 80.76
N LEU E 139 -16.39 26.36 79.59
CA LEU E 139 -16.34 27.79 79.36
C LEU E 139 -17.77 28.27 79.18
N ALA E 140 -18.40 28.64 80.29
CA ALA E 140 -19.82 28.97 80.30
C ALA E 140 -20.12 30.14 79.35
N PRO E 141 -21.31 30.18 78.77
CA PRO E 141 -21.63 31.26 77.82
C PRO E 141 -21.75 32.60 78.52
N SER E 142 -21.27 33.64 77.84
CA SER E 142 -21.25 34.97 78.42
C SER E 142 -22.66 35.54 78.53
N SER E 143 -22.78 36.59 79.34
CA SER E 143 -24.06 37.27 79.56
C SER E 143 -23.83 38.62 80.23
N THR E 150 -26.02 36.53 69.47
CA THR E 150 -25.26 35.28 69.58
C THR E 150 -24.47 35.24 70.88
N ALA E 151 -23.95 34.06 71.20
CA ALA E 151 -23.16 33.86 72.41
C ALA E 151 -21.98 32.95 72.11
N ALA E 152 -20.99 32.99 72.99
CA ALA E 152 -19.78 32.18 72.85
C ALA E 152 -19.61 31.32 74.08
N LEU E 153 -19.40 30.02 73.86
CA LEU E 153 -19.08 29.08 74.93
C LEU E 153 -18.10 28.06 74.40
N GLY E 154 -17.47 27.32 75.30
CA GLY E 154 -16.45 26.39 74.87
C GLY E 154 -15.94 25.51 75.98
N CYS E 155 -14.76 24.92 75.73
CA CYS E 155 -14.13 24.00 76.66
C CYS E 155 -12.63 24.23 76.67
N LEU E 156 -12.03 24.14 77.86
CA LEU E 156 -10.61 24.32 78.05
C LEU E 156 -9.94 22.97 78.20
N VAL E 157 -9.04 22.64 77.27
CA VAL E 157 -8.26 21.41 77.31
C VAL E 157 -6.90 21.79 77.90
N LYS E 158 -6.70 21.52 79.17
CA LYS E 158 -5.58 22.06 79.93
C LYS E 158 -4.60 20.97 80.33
N ASP E 159 -3.31 21.24 80.10
CA ASP E 159 -2.20 20.43 80.58
C ASP E 159 -2.26 18.98 80.09
N TYR E 160 -1.80 18.75 78.87
CA TYR E 160 -1.71 17.41 78.31
C TYR E 160 -0.40 17.30 77.54
N PHE E 161 0.02 16.05 77.32
CA PHE E 161 1.25 15.80 76.57
C PHE E 161 1.24 14.37 76.07
N PRO E 162 1.60 14.12 74.80
CA PRO E 162 1.92 15.19 73.86
C PRO E 162 0.73 15.54 72.98
N GLU E 163 0.98 16.25 71.90
CA GLU E 163 -0.06 16.51 70.91
C GLU E 163 -0.27 15.25 70.06
N PRO E 164 -1.45 15.11 69.44
CA PRO E 164 -2.57 16.04 69.41
C PRO E 164 -3.72 15.70 70.34
N VAL E 165 -4.73 16.57 70.32
CA VAL E 165 -6.00 16.35 71.00
C VAL E 165 -7.09 16.52 69.96
N THR E 166 -8.24 15.88 70.20
CA THR E 166 -9.41 16.03 69.35
C THR E 166 -10.60 16.39 70.23
N VAL E 167 -11.32 17.44 69.84
CA VAL E 167 -12.49 17.89 70.57
C VAL E 167 -13.69 17.87 69.63
N SER E 168 -14.83 17.40 70.13
CA SER E 168 -16.08 17.38 69.40
C SER E 168 -17.18 17.91 70.29
N TRP E 169 -18.30 18.27 69.67
CA TRP E 169 -19.42 18.89 70.37
C TRP E 169 -20.68 18.07 70.12
N ASN E 170 -21.40 17.76 71.20
CA ASN E 170 -22.59 16.92 71.13
C ASN E 170 -22.30 15.59 70.44
N SER E 171 -21.12 15.02 70.74
CA SER E 171 -20.65 13.78 70.17
C SER E 171 -20.58 13.82 68.65
N GLY E 172 -20.45 15.01 68.07
CA GLY E 172 -20.38 15.18 66.63
C GLY E 172 -21.62 15.77 66.00
N ALA E 173 -22.64 16.09 66.79
CA ALA E 173 -23.87 16.63 66.22
C ALA E 173 -23.73 18.12 65.90
N LEU E 174 -23.02 18.87 66.73
CA LEU E 174 -22.84 20.30 66.56
C LEU E 174 -21.47 20.56 65.96
N THR E 175 -21.43 20.94 64.67
CA THR E 175 -20.18 21.24 63.99
C THR E 175 -20.15 22.60 63.31
N SER E 176 -21.28 23.29 63.17
CA SER E 176 -21.31 24.62 62.57
C SER E 176 -21.08 25.66 63.65
N GLY E 177 -19.96 26.37 63.57
CA GLY E 177 -19.61 27.37 64.54
C GLY E 177 -18.49 26.98 65.49
N VAL E 178 -17.91 25.79 65.34
CA VAL E 178 -16.82 25.35 66.20
C VAL E 178 -15.51 25.99 65.75
N HIS E 179 -14.73 26.47 66.71
CA HIS E 179 -13.40 27.01 66.44
C HIS E 179 -12.47 26.49 67.53
N THR E 180 -11.71 25.45 67.21
CA THR E 180 -10.71 24.90 68.13
C THR E 180 -9.38 25.57 67.85
N PHE E 181 -8.92 26.39 68.78
CA PHE E 181 -7.69 27.14 68.56
C PHE E 181 -6.47 26.25 68.71
N PRO E 182 -5.39 26.57 67.99
CA PRO E 182 -4.14 25.83 68.17
C PRO E 182 -3.64 25.94 69.61
N ALA E 183 -2.84 24.95 70.00
CA ALA E 183 -2.44 24.81 71.39
C ALA E 183 -1.25 25.69 71.73
N VAL E 184 -1.26 26.21 72.95
CA VAL E 184 -0.09 26.86 73.51
C VAL E 184 0.82 25.79 74.09
N LEU E 185 2.13 26.02 74.00
CA LEU E 185 3.12 25.17 74.65
C LEU E 185 3.72 25.96 75.80
N GLN E 186 3.32 25.61 77.03
CA GLN E 186 3.77 26.34 78.21
C GLN E 186 5.20 25.95 78.57
N SER E 187 5.82 26.79 79.40
CA SER E 187 7.18 26.53 79.86
C SER E 187 7.28 25.22 80.61
N SER E 188 6.16 24.72 81.15
CA SER E 188 6.18 23.42 81.82
C SER E 188 6.42 22.27 80.86
N GLY E 189 6.19 22.48 79.56
CA GLY E 189 6.29 21.41 78.59
C GLY E 189 4.97 20.72 78.28
N LEU E 190 3.88 21.13 78.92
CA LEU E 190 2.55 20.61 78.64
C LEU E 190 1.82 21.53 77.67
N TYR E 191 0.75 21.01 77.08
CA TYR E 191 0.00 21.75 76.07
C TYR E 191 -1.36 22.14 76.62
N SER E 192 -1.92 23.19 76.03
CA SER E 192 -3.26 23.66 76.37
C SER E 192 -3.87 24.33 75.14
N LEU E 193 -5.14 24.01 74.88
CA LEU E 193 -5.89 24.69 73.83
C LEU E 193 -7.31 24.94 74.31
N SER E 194 -8.10 25.58 73.46
CA SER E 194 -9.49 25.89 73.74
C SER E 194 -10.30 25.74 72.46
N SER E 195 -11.52 25.24 72.60
CA SER E 195 -12.46 25.11 71.51
C SER E 195 -13.71 25.90 71.86
N VAL E 196 -14.16 26.77 70.96
CA VAL E 196 -15.28 27.66 71.19
C VAL E 196 -16.30 27.45 70.09
N VAL E 197 -17.59 27.58 70.45
CA VAL E 197 -18.69 27.42 69.52
C VAL E 197 -19.52 28.69 69.49
N THR E 198 -19.99 29.07 68.30
CA THR E 198 -20.89 30.20 68.11
C THR E 198 -22.31 29.65 67.98
N VAL E 199 -23.15 29.97 68.94
CA VAL E 199 -24.53 29.49 68.95
C VAL E 199 -25.48 30.67 69.17
N PRO E 200 -26.72 30.60 68.69
CA PRO E 200 -27.66 31.70 68.92
C PRO E 200 -28.02 31.83 70.38
N SER E 201 -28.27 33.08 70.80
CA SER E 201 -28.61 33.35 72.20
C SER E 201 -29.93 32.69 72.58
N SER E 202 -30.82 32.46 71.61
CA SER E 202 -32.10 31.81 71.91
C SER E 202 -31.94 30.34 72.28
N SER E 203 -30.81 29.72 71.91
CA SER E 203 -30.59 28.31 72.18
C SER E 203 -30.09 28.05 73.59
N LEU E 204 -29.79 29.09 74.37
CA LEU E 204 -29.23 28.89 75.70
C LEU E 204 -30.26 28.40 76.71
N GLY E 205 -31.54 28.39 76.36
CA GLY E 205 -32.56 27.90 77.27
C GLY E 205 -33.10 26.54 76.85
N THR E 206 -32.71 26.08 75.66
CA THR E 206 -33.22 24.83 75.11
C THR E 206 -32.11 23.83 74.81
N GLN E 207 -31.18 24.17 73.93
CA GLN E 207 -30.17 23.22 73.48
C GLN E 207 -29.07 23.06 74.52
N THR E 208 -28.70 21.81 74.80
CA THR E 208 -27.60 21.51 75.68
C THR E 208 -26.30 21.37 74.90
N TYR E 209 -25.17 21.45 75.62
CA TYR E 209 -23.86 21.50 74.97
C TYR E 209 -22.88 20.64 75.77
N ILE E 210 -22.42 19.56 75.17
CA ILE E 210 -21.37 18.72 75.72
C ILE E 210 -20.18 18.75 74.79
N CYS E 211 -18.98 18.89 75.35
CA CYS E 211 -17.75 18.79 74.59
C CYS E 211 -17.09 17.46 74.91
N ASN E 212 -16.61 16.77 73.87
CA ASN E 212 -16.02 15.45 73.99
C ASN E 212 -14.55 15.55 73.60
N VAL E 213 -13.67 15.44 74.59
CA VAL E 213 -12.23 15.56 74.39
C VAL E 213 -11.63 14.17 74.37
N ASN E 214 -10.72 13.93 73.43
CA ASN E 214 -10.05 12.65 73.27
C ASN E 214 -8.56 12.86 73.09
N HIS E 215 -7.77 12.34 74.03
CA HIS E 215 -6.31 12.38 73.95
C HIS E 215 -5.82 10.96 73.71
N LYS E 216 -5.60 10.63 72.45
CA LYS E 216 -5.20 9.27 72.10
C LYS E 216 -3.90 8.80 72.76
N PRO E 217 -2.83 9.61 72.86
CA PRO E 217 -1.60 9.10 73.49
C PRO E 217 -1.77 8.65 74.94
N SER E 218 -2.80 9.10 75.64
CA SER E 218 -3.00 8.74 77.04
C SER E 218 -4.25 7.91 77.28
N ASN E 219 -5.02 7.59 76.24
CA ASN E 219 -6.24 6.80 76.37
C ASN E 219 -7.21 7.44 77.36
N THR E 220 -7.36 8.76 77.27
CA THR E 220 -8.25 9.53 78.14
C THR E 220 -9.33 10.19 77.30
N LYS E 221 -10.59 9.84 77.58
CA LYS E 221 -11.74 10.50 76.99
C LYS E 221 -12.57 11.11 78.10
N VAL E 222 -13.11 12.30 77.86
CA VAL E 222 -13.80 13.05 78.90
C VAL E 222 -14.89 13.90 78.26
N ASP E 223 -16.04 13.96 78.90
CA ASP E 223 -17.16 14.78 78.47
C ASP E 223 -17.48 15.80 79.56
N LYS E 224 -17.75 17.03 79.15
CA LYS E 224 -18.02 18.12 80.07
C LYS E 224 -19.29 18.83 79.68
N LYS E 225 -20.18 19.05 80.65
CA LYS E 225 -21.41 19.80 80.43
C LYS E 225 -21.13 21.29 80.54
N VAL E 226 -21.33 22.02 79.44
CA VAL E 226 -21.16 23.47 79.42
C VAL E 226 -22.53 24.10 79.63
N GLU E 227 -22.74 24.65 80.82
CA GLU E 227 -24.02 25.25 81.18
C GLU E 227 -23.80 26.67 81.67
N PRO E 228 -24.77 27.56 81.44
CA PRO E 228 -24.66 28.92 81.97
C PRO E 228 -24.62 28.90 83.49
N LYS E 229 -23.83 29.83 84.06
CA LYS E 229 -23.67 29.91 85.50
C LYS E 229 -24.89 30.55 86.17
N TYR F 7 -12.41 1.64 -12.53
CA TYR F 7 -13.84 1.75 -12.30
C TYR F 7 -14.60 1.68 -13.61
N GLU F 8 -15.66 0.88 -13.65
CA GLU F 8 -16.44 0.71 -14.86
C GLU F 8 -17.92 0.78 -14.53
N LEU F 9 -18.69 1.36 -15.45
CA LEU F 9 -20.13 1.52 -15.30
C LEU F 9 -20.86 0.48 -16.14
N THR F 10 -21.91 -0.10 -15.57
CA THR F 10 -22.66 -1.17 -16.22
C THR F 10 -23.98 -0.61 -16.72
N GLN F 11 -24.23 -0.74 -18.01
CA GLN F 11 -25.45 -0.28 -18.64
C GLN F 11 -26.04 -1.39 -19.48
N ALA F 12 -27.36 -1.57 -19.38
CA ALA F 12 -28.05 -2.50 -20.25
C ALA F 12 -27.93 -2.02 -21.70
N PRO F 13 -27.72 -2.93 -22.66
CA PRO F 13 -27.59 -2.49 -24.06
C PRO F 13 -28.85 -1.90 -24.63
N SER F 14 -30.03 -2.25 -24.11
CA SER F 14 -31.28 -1.78 -24.68
C SER F 14 -32.42 -2.00 -23.71
N VAL F 15 -33.37 -1.07 -23.72
CA VAL F 15 -34.65 -1.24 -23.03
C VAL F 15 -35.76 -0.77 -23.97
N SER F 16 -36.95 -1.33 -23.80
CA SER F 16 -38.11 -1.00 -24.63
C SER F 16 -39.20 -0.42 -23.75
N VAL F 17 -39.90 0.59 -24.28
CA VAL F 17 -40.91 1.32 -23.54
C VAL F 17 -42.09 1.61 -24.47
N ALA F 18 -43.31 1.47 -23.95
CA ALA F 18 -44.48 1.83 -24.71
C ALA F 18 -44.75 3.34 -24.62
N PRO F 19 -45.42 3.91 -25.61
CA PRO F 19 -45.72 5.35 -25.55
C PRO F 19 -46.58 5.69 -24.35
N GLY F 20 -46.23 6.79 -23.68
CA GLY F 20 -46.90 7.20 -22.48
C GLY F 20 -46.37 6.57 -21.20
N GLN F 21 -45.68 5.44 -21.30
CA GLN F 21 -45.10 4.80 -20.13
C GLN F 21 -43.91 5.62 -19.62
N THR F 22 -43.30 5.15 -18.55
CA THR F 22 -42.11 5.78 -17.98
C THR F 22 -40.90 4.89 -18.26
N ALA F 23 -39.91 5.44 -18.95
CA ALA F 23 -38.69 4.72 -19.23
C ALA F 23 -37.76 4.76 -18.02
N ARG F 24 -36.88 3.76 -17.94
CA ARG F 24 -35.92 3.65 -16.85
C ARG F 24 -34.61 3.09 -17.39
N ILE F 25 -33.59 3.94 -17.46
CA ILE F 25 -32.25 3.54 -17.88
C ILE F 25 -31.38 3.42 -16.63
N THR F 26 -30.68 2.30 -16.50
CA THR F 26 -29.91 2.00 -15.30
C THR F 26 -28.43 2.14 -15.57
N CYS F 27 -27.70 2.65 -14.57
CA CYS F 27 -26.25 2.81 -14.62
C CYS F 27 -25.67 2.16 -13.37
N GLY F 28 -25.11 0.97 -13.52
CA GLY F 28 -24.61 0.20 -12.38
C GLY F 28 -23.15 0.47 -12.11
N GLY F 29 -22.82 0.70 -10.85
CA GLY F 29 -21.45 0.93 -10.44
C GLY F 29 -21.26 0.59 -8.99
N ASP F 30 -20.06 0.11 -8.66
CA ASP F 30 -19.72 -0.26 -7.29
C ASP F 30 -19.87 0.92 -6.35
N ASN F 31 -20.95 0.93 -5.56
CA ASN F 31 -21.28 2.04 -4.66
C ASN F 31 -21.34 3.36 -5.42
N ILE F 32 -21.95 3.33 -6.61
CA ILE F 32 -21.99 4.47 -7.53
C ILE F 32 -22.62 5.69 -6.86
N GLY F 33 -23.31 5.48 -5.74
CA GLY F 33 -23.88 6.56 -4.96
C GLY F 33 -22.88 7.48 -4.30
N ARG F 34 -21.58 7.17 -4.35
CA ARG F 34 -20.58 8.06 -3.78
C ARG F 34 -20.27 9.26 -4.68
N THR F 35 -20.60 9.20 -5.96
CA THR F 35 -20.27 10.28 -6.89
C THR F 35 -21.50 10.70 -7.69
N SER F 36 -21.38 11.86 -8.34
CA SER F 36 -22.44 12.40 -9.16
C SER F 36 -22.42 11.78 -10.54
N VAL F 37 -23.56 11.27 -10.99
CA VAL F 37 -23.69 10.66 -12.31
C VAL F 37 -24.31 11.67 -13.26
N HIS F 38 -23.79 11.72 -14.48
CA HIS F 38 -24.31 12.57 -15.54
C HIS F 38 -24.86 11.70 -16.67
N TRP F 39 -25.93 12.18 -17.31
CA TRP F 39 -26.64 11.44 -18.35
C TRP F 39 -26.65 12.23 -19.64
N TYR F 40 -26.50 11.51 -20.76
CA TYR F 40 -26.40 12.14 -22.07
C TYR F 40 -27.32 11.44 -23.05
N GLN F 41 -28.02 12.23 -23.86
CA GLN F 41 -28.86 11.74 -24.94
C GLN F 41 -28.14 11.97 -26.27
N GLN F 42 -28.10 10.93 -27.11
CA GLN F 42 -27.46 11.01 -28.43
C GLN F 42 -28.38 10.40 -29.47
N LYS F 43 -29.12 11.25 -30.17
CA LYS F 43 -29.93 10.80 -31.29
C LYS F 43 -29.04 10.43 -32.48
N PRO F 44 -29.54 9.61 -33.40
CA PRO F 44 -28.70 9.17 -34.53
C PRO F 44 -28.18 10.35 -35.34
N GLY F 45 -26.87 10.36 -35.56
CA GLY F 45 -26.22 11.37 -36.38
C GLY F 45 -25.82 12.63 -35.65
N GLN F 46 -26.27 12.82 -34.41
CA GLN F 46 -26.04 14.05 -33.66
C GLN F 46 -24.99 13.81 -32.57
N ALA F 47 -24.71 14.88 -31.83
CA ALA F 47 -23.77 14.87 -30.72
C ALA F 47 -24.49 14.58 -29.42
N PRO F 48 -23.76 14.15 -28.38
CA PRO F 48 -24.40 13.95 -27.07
C PRO F 48 -24.97 15.25 -26.52
N VAL F 49 -26.07 15.13 -25.81
CA VAL F 49 -26.75 16.26 -25.18
C VAL F 49 -26.91 15.97 -23.70
N LEU F 50 -26.53 16.92 -22.85
CA LEU F 50 -26.65 16.75 -21.41
C LEU F 50 -28.12 16.89 -20.98
N VAL F 51 -28.70 15.79 -20.50
CA VAL F 51 -30.08 15.77 -20.06
C VAL F 51 -30.22 15.76 -18.54
N ILE F 52 -29.29 15.14 -17.82
CA ILE F 52 -29.29 15.10 -16.36
C ILE F 52 -27.85 15.17 -15.89
N PHE F 53 -27.57 16.06 -14.93
CA PHE F 53 -26.25 16.15 -14.32
C PHE F 53 -26.40 16.19 -12.81
N TYR F 54 -25.34 15.73 -12.12
CA TYR F 54 -25.32 15.67 -10.65
C TYR F 54 -26.49 14.83 -10.13
N ASP F 55 -26.63 13.63 -10.69
CA ASP F 55 -27.65 12.66 -10.29
C ASP F 55 -29.06 13.06 -10.67
N ASN F 56 -29.47 14.30 -10.33
CA ASN F 56 -30.87 14.66 -10.54
C ASN F 56 -31.08 16.12 -10.96
N ASP F 57 -30.06 16.86 -11.35
CA ASP F 57 -30.24 18.24 -11.78
C ASP F 57 -30.50 18.30 -13.28
N ARG F 58 -31.42 19.18 -13.67
CA ARG F 58 -31.90 19.25 -15.05
C ARG F 58 -31.40 20.53 -15.72
N PRO F 59 -30.68 20.44 -16.82
CA PRO F 59 -30.29 21.66 -17.54
C PRO F 59 -31.51 22.38 -18.09
N SER F 60 -31.42 23.71 -18.16
CA SER F 60 -32.52 24.52 -18.65
C SER F 60 -32.73 24.27 -20.14
N GLY F 61 -33.98 23.99 -20.52
CA GLY F 61 -34.32 23.58 -21.86
C GLY F 61 -34.59 22.10 -22.01
N ILE F 62 -34.18 21.30 -21.04
CA ILE F 62 -34.49 19.87 -21.05
C ILE F 62 -35.89 19.66 -20.46
N PRO F 63 -36.75 18.89 -21.12
CA PRO F 63 -38.11 18.72 -20.61
C PRO F 63 -38.13 18.15 -19.20
N GLU F 64 -39.03 18.66 -18.38
CA GLU F 64 -39.15 18.23 -16.99
C GLU F 64 -39.52 16.76 -16.86
N ARG F 65 -39.87 16.09 -17.96
CA ARG F 65 -40.12 14.66 -17.93
C ARG F 65 -38.87 13.87 -17.56
N PHE F 66 -37.68 14.44 -17.76
CA PHE F 66 -36.43 13.75 -17.46
C PHE F 66 -36.08 13.95 -16.00
N SER F 67 -35.89 12.84 -15.28
CA SER F 67 -35.53 12.87 -13.87
C SER F 67 -34.41 11.86 -13.63
N GLY F 68 -33.71 12.03 -12.52
CA GLY F 68 -32.60 11.16 -12.19
C GLY F 68 -32.54 10.86 -10.71
N SER F 69 -31.86 9.76 -10.40
CA SER F 69 -31.69 9.32 -9.02
C SER F 69 -30.46 8.42 -8.93
N ASN F 70 -29.70 8.58 -7.85
CA ASN F 70 -28.51 7.78 -7.64
C ASN F 70 -28.43 7.38 -6.16
N SER F 71 -28.33 6.08 -5.92
CA SER F 71 -28.23 5.56 -4.56
C SER F 71 -27.69 4.14 -4.62
N GLY F 72 -26.87 3.79 -3.63
CA GLY F 72 -26.38 2.43 -3.54
C GLY F 72 -25.47 2.08 -4.70
N ASN F 73 -25.84 1.05 -5.46
CA ASN F 73 -25.05 0.56 -6.58
C ASN F 73 -25.70 0.84 -7.92
N MET F 74 -26.80 1.59 -7.96
CA MET F 74 -27.53 1.81 -9.20
C MET F 74 -27.99 3.24 -9.30
N ALA F 75 -27.71 3.87 -10.43
CA ALA F 75 -28.24 5.18 -10.78
C ALA F 75 -29.25 5.02 -11.92
N THR F 76 -30.30 5.84 -11.88
CA THR F 76 -31.44 5.68 -12.79
C THR F 76 -31.80 7.01 -13.43
N LEU F 77 -31.81 7.02 -14.76
CA LEU F 77 -32.42 8.10 -15.53
C LEU F 77 -33.83 7.68 -15.92
N SER F 78 -34.83 8.39 -15.43
CA SER F 78 -36.23 8.08 -15.67
C SER F 78 -36.84 9.12 -16.59
N ILE F 79 -37.53 8.66 -17.62
CA ILE F 79 -38.21 9.53 -18.58
C ILE F 79 -39.70 9.22 -18.49
N SER F 80 -40.46 10.13 -17.89
CA SER F 80 -41.90 9.96 -17.76
C SER F 80 -42.62 10.50 -18.98
N ARG F 81 -43.80 9.93 -19.25
CA ARG F 81 -44.61 10.29 -20.41
C ARG F 81 -43.77 10.24 -21.70
N VAL F 82 -43.20 9.05 -21.94
CA VAL F 82 -42.23 8.89 -23.01
C VAL F 82 -42.89 9.17 -24.36
N GLU F 83 -42.23 10.01 -25.16
CA GLU F 83 -42.63 10.26 -26.54
C GLU F 83 -41.71 9.52 -27.49
N VAL F 84 -42.11 9.49 -28.77
CA VAL F 84 -41.33 8.77 -29.76
C VAL F 84 -40.03 9.51 -30.06
N GLY F 85 -40.01 10.83 -29.88
CA GLY F 85 -38.78 11.58 -30.07
C GLY F 85 -37.68 11.24 -29.08
N ASP F 86 -38.00 10.48 -28.03
CA ASP F 86 -37.03 10.11 -27.02
C ASP F 86 -36.13 8.96 -27.42
N GLU F 87 -36.37 8.34 -28.57
CA GLU F 87 -35.53 7.24 -29.04
C GLU F 87 -34.13 7.75 -29.35
N ALA F 88 -33.15 7.30 -28.57
CA ALA F 88 -31.76 7.71 -28.76
C ALA F 88 -30.88 6.79 -27.91
N ASP F 89 -29.58 7.03 -27.97
CA ASP F 89 -28.62 6.36 -27.10
C ASP F 89 -28.45 7.17 -25.83
N TYR F 90 -28.47 6.48 -24.69
CA TYR F 90 -28.35 7.12 -23.39
C TYR F 90 -27.09 6.60 -22.71
N TYR F 91 -26.15 7.50 -22.45
CA TYR F 91 -24.89 7.18 -21.80
C TYR F 91 -24.83 7.83 -20.42
N CYS F 92 -24.36 7.09 -19.43
CA CYS F 92 -24.08 7.65 -18.13
C CYS F 92 -22.58 7.87 -17.96
N GLN F 93 -22.23 8.80 -17.08
CA GLN F 93 -20.84 9.20 -16.90
C GLN F 93 -20.59 9.49 -15.43
N VAL F 94 -19.38 9.20 -14.98
CA VAL F 94 -18.96 9.53 -13.62
C VAL F 94 -17.44 9.62 -13.57
N TRP F 95 -16.93 10.16 -12.47
CA TRP F 95 -15.49 10.34 -12.26
C TRP F 95 -14.90 9.09 -11.63
N ASP F 96 -13.77 8.63 -12.17
CA ASP F 96 -13.04 7.49 -11.62
C ASP F 96 -12.15 7.99 -10.48
N SER F 97 -12.41 7.51 -9.26
CA SER F 97 -11.65 7.97 -8.10
C SER F 97 -10.27 7.30 -8.00
N ASN F 98 -10.14 6.07 -8.50
CA ASN F 98 -8.86 5.39 -8.42
C ASN F 98 -7.88 5.86 -9.50
N ASN F 99 -8.39 6.24 -10.67
CA ASN F 99 -7.54 6.59 -11.80
C ASN F 99 -7.62 8.05 -12.20
N ASP F 100 -8.53 8.82 -11.61
CA ASP F 100 -8.60 10.27 -11.80
C ASP F 100 -8.83 10.66 -13.26
N HIS F 101 -9.98 10.26 -13.77
CA HIS F 101 -10.40 10.64 -15.13
C HIS F 101 -11.86 10.23 -15.32
N PRO F 102 -12.57 10.89 -16.24
CA PRO F 102 -13.95 10.49 -16.52
C PRO F 102 -14.01 9.11 -17.19
N VAL F 103 -15.18 8.50 -17.08
CA VAL F 103 -15.43 7.20 -17.70
C VAL F 103 -16.90 7.11 -18.04
N PHE F 104 -17.20 6.45 -19.16
CA PHE F 104 -18.56 6.35 -19.67
C PHE F 104 -19.06 4.91 -19.56
N GLY F 105 -20.38 4.78 -19.45
CA GLY F 105 -21.00 3.49 -19.60
C GLY F 105 -21.09 3.08 -21.06
N GLY F 106 -21.50 1.83 -21.28
CA GLY F 106 -21.60 1.33 -22.63
C GLY F 106 -22.70 1.96 -23.46
N GLY F 107 -23.71 2.52 -22.81
CA GLY F 107 -24.82 3.12 -23.53
C GLY F 107 -26.02 2.20 -23.67
N THR F 108 -27.22 2.77 -23.60
CA THR F 108 -28.46 2.02 -23.73
C THR F 108 -29.27 2.61 -24.88
N LYS F 109 -29.76 1.73 -25.76
CA LYS F 109 -30.65 2.14 -26.84
C LYS F 109 -32.10 2.06 -26.36
N LEU F 110 -32.80 3.19 -26.38
CA LEU F 110 -34.20 3.22 -25.99
C LEU F 110 -35.08 3.08 -27.22
N THR F 111 -36.02 2.15 -27.16
CA THR F 111 -36.93 1.88 -28.27
C THR F 111 -38.36 2.09 -27.80
N VAL F 112 -39.14 2.83 -28.58
CA VAL F 112 -40.55 3.04 -28.31
C VAL F 112 -41.34 2.13 -29.24
N VAL F 113 -41.89 1.05 -28.68
CA VAL F 113 -42.65 0.07 -29.46
C VAL F 113 -44.10 0.55 -29.59
N GLY F 114 -44.96 -0.30 -30.14
CA GLY F 114 -46.34 0.07 -30.34
C GLY F 114 -46.54 1.23 -31.29
N GLN F 115 -45.55 1.53 -32.12
CA GLN F 115 -45.62 2.64 -33.04
C GLN F 115 -46.36 2.24 -34.31
N PRO F 116 -47.05 3.19 -34.95
CA PRO F 116 -47.75 2.88 -36.20
C PRO F 116 -46.77 2.45 -37.30
N LYS F 117 -47.10 1.35 -37.96
CA LYS F 117 -46.26 0.85 -39.04
C LYS F 117 -46.41 1.75 -40.26
N ALA F 118 -45.28 2.26 -40.75
CA ALA F 118 -45.26 3.14 -41.91
C ALA F 118 -44.78 2.38 -43.14
N ALA F 119 -45.57 2.43 -44.21
CA ALA F 119 -45.20 1.74 -45.44
C ALA F 119 -44.07 2.49 -46.16
N PRO F 120 -43.14 1.78 -46.77
CA PRO F 120 -42.01 2.45 -47.42
C PRO F 120 -42.43 3.16 -48.69
N SER F 121 -41.57 4.08 -49.12
CA SER F 121 -41.75 4.84 -50.36
C SER F 121 -40.54 4.58 -51.25
N VAL F 122 -40.78 4.03 -52.44
CA VAL F 122 -39.73 3.61 -53.34
C VAL F 122 -39.63 4.58 -54.50
N THR F 123 -38.41 4.85 -54.94
CA THR F 123 -38.15 5.71 -56.10
C THR F 123 -36.97 5.11 -56.85
N LEU F 124 -37.22 4.57 -58.04
CA LEU F 124 -36.20 3.88 -58.82
C LEU F 124 -35.82 4.72 -60.03
N PHE F 125 -34.51 4.90 -60.24
CA PHE F 125 -33.97 5.68 -61.34
C PHE F 125 -33.21 4.80 -62.32
N PRO F 126 -33.32 5.07 -63.62
CA PRO F 126 -32.55 4.30 -64.61
C PRO F 126 -31.15 4.86 -64.73
N PRO F 127 -30.23 4.13 -65.38
CA PRO F 127 -28.89 4.68 -65.62
C PRO F 127 -28.97 5.89 -66.55
N SER F 128 -28.35 6.98 -66.13
CA SER F 128 -28.48 8.25 -66.84
C SER F 128 -27.83 8.17 -68.22
N SER F 129 -28.22 9.11 -69.08
CA SER F 129 -27.63 9.22 -70.41
C SER F 129 -26.12 9.41 -70.33
N GLU F 130 -25.65 10.27 -69.43
CA GLU F 130 -24.24 10.59 -69.35
C GLU F 130 -23.43 9.43 -68.78
N GLU F 131 -24.04 8.58 -67.96
CA GLU F 131 -23.33 7.42 -67.44
C GLU F 131 -23.17 6.34 -68.50
N LEU F 132 -24.16 6.19 -69.37
CA LEU F 132 -24.07 5.17 -70.42
C LEU F 132 -22.95 5.47 -71.41
N GLN F 133 -22.70 6.75 -71.71
CA GLN F 133 -21.63 7.10 -72.62
C GLN F 133 -20.25 6.75 -72.07
N ALA F 134 -20.10 6.68 -70.75
CA ALA F 134 -18.86 6.28 -70.12
C ALA F 134 -18.75 4.78 -69.93
N ASN F 135 -19.57 4.00 -70.64
CA ASN F 135 -19.58 2.53 -70.56
C ASN F 135 -19.86 2.07 -69.13
N LYS F 136 -20.91 2.63 -68.54
CA LYS F 136 -21.32 2.26 -67.20
C LYS F 136 -22.84 2.40 -67.10
N ALA F 137 -23.41 1.69 -66.13
CA ALA F 137 -24.87 1.71 -65.93
C ALA F 137 -25.17 1.24 -64.51
N THR F 138 -25.82 2.10 -63.72
CA THR F 138 -26.24 1.75 -62.37
C THR F 138 -27.65 2.26 -62.15
N LEU F 139 -28.55 1.39 -61.72
CA LEU F 139 -29.89 1.78 -61.32
C LEU F 139 -29.96 1.93 -59.81
N VAL F 140 -30.69 2.94 -59.35
CA VAL F 140 -30.70 3.34 -57.95
C VAL F 140 -32.11 3.11 -57.39
N CYS F 141 -32.19 2.42 -56.26
CA CYS F 141 -33.44 2.18 -55.54
C CYS F 141 -33.33 2.84 -54.18
N LEU F 142 -34.15 3.87 -53.95
CA LEU F 142 -34.10 4.65 -52.71
C LEU F 142 -35.39 4.43 -51.94
N ILE F 143 -35.29 3.79 -50.77
CA ILE F 143 -36.44 3.45 -49.94
C ILE F 143 -36.51 4.44 -48.78
N SER F 144 -37.71 4.95 -48.51
CA SER F 144 -37.87 6.02 -47.52
C SER F 144 -39.07 5.75 -46.63
N ASP F 145 -38.96 6.25 -45.39
CA ASP F 145 -40.09 6.38 -44.46
C ASP F 145 -40.80 5.05 -44.23
N PHE F 146 -40.09 4.15 -43.57
CA PHE F 146 -40.67 2.88 -43.16
C PHE F 146 -40.34 2.60 -41.70
N TYR F 147 -41.32 2.06 -40.98
CA TYR F 147 -41.16 1.69 -39.58
C TYR F 147 -41.86 0.34 -39.38
N PRO F 148 -41.18 -0.67 -38.79
CA PRO F 148 -39.81 -0.63 -38.26
C PRO F 148 -38.73 -0.59 -39.35
N GLY F 149 -37.48 -0.43 -38.92
CA GLY F 149 -36.37 -0.29 -39.86
C GLY F 149 -35.75 -1.60 -40.30
N ALA F 150 -36.53 -2.41 -41.01
CA ALA F 150 -36.04 -3.67 -41.55
C ALA F 150 -36.76 -3.94 -42.87
N VAL F 151 -36.00 -4.01 -43.96
CA VAL F 151 -36.56 -4.15 -45.29
C VAL F 151 -35.71 -5.13 -46.08
N THR F 152 -36.36 -6.06 -46.79
CA THR F 152 -35.68 -6.99 -47.67
C THR F 152 -35.84 -6.51 -49.11
N VAL F 153 -34.71 -6.29 -49.78
CA VAL F 153 -34.70 -5.76 -51.14
C VAL F 153 -34.40 -6.90 -52.12
N ALA F 154 -35.09 -6.88 -53.27
CA ALA F 154 -34.89 -7.90 -54.29
C ALA F 154 -35.16 -7.27 -55.65
N TRP F 155 -34.12 -7.15 -56.47
CA TRP F 155 -34.27 -6.62 -57.81
C TRP F 155 -34.79 -7.70 -58.77
N LYS F 156 -35.13 -7.27 -59.98
CA LYS F 156 -35.65 -8.18 -61.01
C LYS F 156 -35.44 -7.54 -62.39
N ALA F 157 -35.60 -8.36 -63.44
CA ALA F 157 -35.29 -7.92 -64.80
C ALA F 157 -36.02 -8.83 -65.80
N ASP F 158 -37.21 -8.39 -66.22
CA ASP F 158 -38.10 -9.17 -67.07
C ASP F 158 -38.58 -10.43 -66.34
N SER F 159 -39.02 -10.24 -65.09
CA SER F 159 -39.40 -11.37 -64.24
C SER F 159 -38.23 -12.32 -64.03
N SER F 160 -37.08 -11.78 -63.63
CA SER F 160 -35.90 -12.58 -63.37
C SER F 160 -35.33 -12.27 -61.98
N PRO F 161 -34.84 -13.27 -61.28
CA PRO F 161 -34.00 -13.00 -60.09
C PRO F 161 -32.58 -12.66 -60.52
N VAL F 162 -32.08 -11.53 -60.02
CA VAL F 162 -30.74 -11.04 -60.33
C VAL F 162 -29.87 -11.21 -59.10
N LYS F 163 -28.60 -11.55 -59.32
CA LYS F 163 -27.67 -11.83 -58.24
C LYS F 163 -26.46 -10.92 -58.24
N ALA F 164 -25.87 -10.66 -59.40
CA ALA F 164 -24.61 -9.92 -59.47
C ALA F 164 -24.84 -8.42 -59.43
N GLY F 165 -23.90 -7.73 -58.79
CA GLY F 165 -23.86 -6.27 -58.83
C GLY F 165 -24.94 -5.55 -58.05
N VAL F 166 -25.30 -6.05 -56.87
CA VAL F 166 -26.29 -5.40 -56.02
C VAL F 166 -25.62 -5.10 -54.68
N GLU F 167 -25.66 -3.82 -54.28
CA GLU F 167 -25.12 -3.37 -53.00
C GLU F 167 -26.22 -2.60 -52.28
N THR F 168 -26.61 -3.07 -51.11
CA THR F 168 -27.70 -2.47 -50.34
C THR F 168 -27.18 -1.97 -49.01
N THR F 169 -27.77 -0.86 -48.55
CA THR F 169 -27.33 -0.21 -47.33
C THR F 169 -28.06 -0.76 -46.10
N THR F 170 -27.44 -0.56 -44.94
CA THR F 170 -28.15 -0.75 -43.69
C THR F 170 -29.23 0.31 -43.53
N PRO F 171 -30.31 0.01 -42.83
CA PRO F 171 -31.31 1.03 -42.54
C PRO F 171 -30.72 2.16 -41.70
N SER F 172 -31.41 3.30 -41.71
CA SER F 172 -30.91 4.48 -41.02
C SER F 172 -32.08 5.39 -40.66
N LYS F 173 -32.17 5.77 -39.40
CA LYS F 173 -33.26 6.61 -38.94
C LYS F 173 -33.13 8.02 -39.54
N GLN F 174 -34.27 8.70 -39.62
CA GLN F 174 -34.32 10.04 -40.21
C GLN F 174 -34.79 11.08 -39.21
N SER F 175 -35.20 12.25 -39.71
CA SER F 175 -35.74 13.29 -38.84
C SER F 175 -37.16 12.97 -38.37
N ASN F 176 -37.89 12.16 -39.11
CA ASN F 176 -39.25 11.76 -38.75
C ASN F 176 -39.27 10.44 -37.97
N ASN F 177 -38.13 10.01 -37.44
CA ASN F 177 -37.97 8.77 -36.69
C ASN F 177 -38.25 7.53 -37.54
N LYS F 178 -38.48 7.71 -38.84
CA LYS F 178 -38.62 6.61 -39.77
C LYS F 178 -37.27 6.36 -40.46
N TYR F 179 -37.17 5.22 -41.13
CA TYR F 179 -35.89 4.74 -41.64
C TYR F 179 -35.82 4.86 -43.16
N ALA F 180 -34.59 4.85 -43.68
CA ALA F 180 -34.32 4.98 -45.10
C ALA F 180 -33.20 4.05 -45.50
N ALA F 181 -33.32 3.45 -46.69
CA ALA F 181 -32.31 2.53 -47.21
C ALA F 181 -32.15 2.77 -48.70
N SER F 182 -31.09 2.17 -49.26
CA SER F 182 -30.78 2.37 -50.67
C SER F 182 -30.02 1.16 -51.20
N SER F 183 -30.30 0.80 -52.45
CA SER F 183 -29.63 -0.31 -53.12
C SER F 183 -29.23 0.12 -54.53
N TYR F 184 -28.13 -0.44 -55.01
CA TYR F 184 -27.54 -0.05 -56.29
C TYR F 184 -27.31 -1.28 -57.15
N LEU F 185 -27.87 -1.28 -58.36
CA LEU F 185 -27.68 -2.36 -59.33
C LEU F 185 -26.81 -1.82 -60.46
N SER F 186 -25.54 -2.20 -60.45
CA SER F 186 -24.57 -1.77 -61.46
C SER F 186 -24.44 -2.87 -62.51
N LEU F 187 -24.83 -2.55 -63.74
CA LEU F 187 -24.79 -3.50 -64.85
C LEU F 187 -23.92 -2.97 -65.98
N THR F 188 -23.73 -3.82 -66.98
CA THR F 188 -23.12 -3.37 -68.22
C THR F 188 -24.18 -2.70 -69.09
N PRO F 189 -23.80 -1.67 -69.85
CA PRO F 189 -24.79 -0.97 -70.70
C PRO F 189 -25.46 -1.87 -71.72
N GLU F 190 -24.82 -2.98 -72.10
CA GLU F 190 -25.44 -3.89 -73.06
C GLU F 190 -26.55 -4.71 -72.41
N GLN F 191 -26.45 -5.00 -71.11
CA GLN F 191 -27.49 -5.79 -70.44
C GLN F 191 -28.69 -4.93 -70.05
N TRP F 192 -28.48 -3.64 -69.78
CA TRP F 192 -29.62 -2.77 -69.49
C TRP F 192 -30.48 -2.55 -70.71
N LYS F 193 -29.85 -2.41 -71.88
CA LYS F 193 -30.61 -2.29 -73.13
C LYS F 193 -31.11 -3.63 -73.64
N SER F 194 -30.42 -4.71 -73.30
CA SER F 194 -30.87 -6.05 -73.71
C SER F 194 -32.23 -6.37 -73.12
N HIS F 195 -32.37 -6.24 -71.81
CA HIS F 195 -33.60 -6.61 -71.13
C HIS F 195 -34.68 -5.55 -71.34
N ARG F 196 -35.94 -6.01 -71.28
CA ARG F 196 -37.06 -5.11 -71.59
C ARG F 196 -37.43 -4.24 -70.41
N SER F 197 -37.43 -4.79 -69.19
CA SER F 197 -37.83 -4.02 -68.02
C SER F 197 -37.08 -4.54 -66.80
N TYR F 198 -36.57 -3.62 -65.99
CA TYR F 198 -35.94 -3.94 -64.72
C TYR F 198 -36.84 -3.47 -63.58
N SER F 199 -36.69 -4.12 -62.43
CA SER F 199 -37.54 -3.83 -61.28
C SER F 199 -36.73 -3.94 -59.99
N CYS F 200 -37.13 -3.13 -59.01
CA CYS F 200 -36.61 -3.21 -57.66
C CYS F 200 -37.78 -3.42 -56.71
N GLN F 201 -37.83 -4.57 -56.05
CA GLN F 201 -38.94 -4.94 -55.19
C GLN F 201 -38.52 -4.80 -53.72
N VAL F 202 -39.36 -4.14 -52.94
CA VAL F 202 -39.08 -3.84 -51.54
C VAL F 202 -40.20 -4.43 -50.70
N THR F 203 -39.85 -5.32 -49.76
CA THR F 203 -40.78 -5.97 -48.86
C THR F 203 -40.55 -5.45 -47.44
N HIS F 204 -41.56 -4.79 -46.88
CA HIS F 204 -41.51 -4.28 -45.52
C HIS F 204 -42.65 -4.90 -44.72
N GLU F 205 -42.31 -5.66 -43.68
CA GLU F 205 -43.28 -6.31 -42.81
C GLU F 205 -44.21 -7.23 -43.61
N GLY F 206 -43.60 -8.06 -44.46
CA GLY F 206 -44.35 -9.04 -45.23
C GLY F 206 -45.29 -8.47 -46.28
N SER F 207 -44.86 -7.43 -47.00
CA SER F 207 -45.66 -6.84 -48.07
C SER F 207 -44.72 -6.18 -49.05
N THR F 208 -44.63 -6.70 -50.27
CA THR F 208 -43.72 -6.19 -51.28
C THR F 208 -44.38 -5.10 -52.10
N VAL F 209 -43.65 -3.99 -52.30
CA VAL F 209 -44.04 -2.98 -53.28
C VAL F 209 -42.94 -2.91 -54.33
N GLU F 210 -43.35 -2.65 -55.57
CA GLU F 210 -42.47 -2.78 -56.72
C GLU F 210 -42.39 -1.48 -57.50
N LYS F 211 -41.21 -1.23 -58.08
CA LYS F 211 -40.98 -0.11 -58.96
C LYS F 211 -40.32 -0.62 -60.23
N THR F 212 -40.88 -0.25 -61.38
CA THR F 212 -40.43 -0.75 -62.67
C THR F 212 -39.98 0.42 -63.55
N VAL F 213 -38.87 0.22 -64.26
CA VAL F 213 -38.39 1.19 -65.23
C VAL F 213 -37.80 0.43 -66.42
N ALA F 214 -37.96 1.03 -67.61
CA ALA F 214 -37.55 0.43 -68.86
C ALA F 214 -36.60 1.37 -69.61
N PRO F 215 -35.79 0.84 -70.55
CA PRO F 215 -34.95 1.69 -71.40
C PRO F 215 -35.76 2.67 -72.26
N GLU G 6 -24.56 30.27 -28.52
CA GLU G 6 -23.43 31.13 -28.20
C GLU G 6 -22.15 30.32 -28.05
N VAL G 7 -22.15 29.38 -27.10
CA VAL G 7 -21.01 28.50 -26.90
C VAL G 7 -20.89 27.56 -28.08
N GLN G 8 -19.72 27.54 -28.71
CA GLN G 8 -19.51 26.72 -29.91
C GLN G 8 -18.15 26.05 -29.83
N LEU G 9 -18.10 24.80 -30.28
CA LEU G 9 -16.86 24.04 -30.39
C LEU G 9 -16.84 23.43 -31.79
N LEU G 10 -16.00 23.99 -32.67
CA LEU G 10 -15.89 23.53 -34.05
C LEU G 10 -14.61 22.71 -34.20
N GLU G 11 -14.77 21.41 -34.44
CA GLU G 11 -13.62 20.56 -34.66
C GLU G 11 -13.19 20.60 -36.13
N SER G 12 -11.95 20.20 -36.38
CA SER G 12 -11.39 20.15 -37.72
C SER G 12 -10.09 19.37 -37.67
N GLY G 13 -9.67 18.87 -38.83
CA GLY G 13 -8.40 18.21 -39.00
C GLY G 13 -8.49 16.71 -39.25
N GLY G 14 -9.65 16.11 -39.01
CA GLY G 14 -9.77 14.67 -39.18
C GLY G 14 -9.83 14.30 -40.65
N GLY G 15 -9.03 13.33 -41.05
CA GLY G 15 -9.02 12.87 -42.42
C GLY G 15 -8.33 11.54 -42.57
N LEU G 16 -8.10 11.16 -43.82
CA LEU G 16 -7.42 9.90 -44.12
C LEU G 16 -5.95 9.98 -43.74
N VAL G 17 -5.45 8.93 -43.11
CA VAL G 17 -4.06 8.87 -42.67
C VAL G 17 -3.62 7.40 -42.70
N ARG G 18 -2.38 7.18 -43.11
CA ARG G 18 -1.85 5.83 -43.19
C ARG G 18 -1.60 5.28 -41.79
N PRO G 19 -1.74 3.96 -41.60
CA PRO G 19 -1.40 3.36 -40.31
C PRO G 19 0.06 3.64 -39.94
N GLY G 20 0.27 4.13 -38.74
CA GLY G 20 1.57 4.57 -38.31
C GLY G 20 1.85 6.04 -38.56
N GLY G 21 0.95 6.75 -39.21
CA GLY G 21 1.13 8.16 -39.48
C GLY G 21 0.67 9.03 -38.32
N SER G 22 0.67 10.33 -38.57
CA SER G 22 0.31 11.32 -37.57
C SER G 22 -0.76 12.24 -38.12
N GLN G 23 -1.55 12.82 -37.22
CA GLN G 23 -2.65 13.71 -37.60
C GLN G 23 -3.02 14.58 -36.42
N ARG G 24 -3.09 15.89 -36.64
CA ARG G 24 -3.35 16.85 -35.58
C ARG G 24 -4.79 17.34 -35.70
N LEU G 25 -5.58 17.12 -34.65
CA LEU G 25 -6.95 17.61 -34.59
C LEU G 25 -7.00 18.96 -33.90
N SER G 26 -8.02 19.76 -34.27
CA SER G 26 -8.21 21.07 -33.68
C SER G 26 -9.65 21.20 -33.20
N CYS G 27 -9.86 22.04 -32.19
CA CYS G 27 -11.20 22.38 -31.71
C CYS G 27 -11.20 23.86 -31.36
N ALA G 28 -11.86 24.67 -32.18
CA ALA G 28 -11.95 26.10 -31.95
C ALA G 28 -13.14 26.40 -31.06
N ALA G 29 -12.90 27.15 -29.98
CA ALA G 29 -13.93 27.51 -29.03
C ALA G 29 -14.33 28.97 -29.21
N SER G 30 -15.62 29.23 -28.98
CA SER G 30 -16.16 30.58 -29.09
C SER G 30 -17.41 30.67 -28.23
N GLY G 31 -17.70 31.87 -27.75
CA GLY G 31 -18.86 32.09 -26.91
C GLY G 31 -18.63 31.93 -25.43
N PHE G 32 -17.38 31.74 -24.99
CA PHE G 32 -17.07 31.62 -23.57
C PHE G 32 -15.57 31.82 -23.40
N THR G 33 -15.19 32.23 -22.18
CA THR G 33 -13.78 32.41 -21.86
C THR G 33 -13.12 31.04 -21.74
N PHE G 34 -12.20 30.75 -22.68
CA PHE G 34 -11.68 29.40 -22.85
C PHE G 34 -10.76 29.00 -21.70
N THR G 35 -9.87 29.91 -21.30
CA THR G 35 -8.79 29.56 -20.38
C THR G 35 -9.25 28.93 -19.06
N PRO G 36 -10.34 29.36 -18.40
CA PRO G 36 -10.67 28.76 -17.10
C PRO G 36 -11.18 27.32 -17.17
N TYR G 37 -11.72 26.88 -18.31
CA TYR G 37 -12.39 25.59 -18.37
C TYR G 37 -11.43 24.46 -18.76
N ALA G 38 -11.70 23.28 -18.23
CA ALA G 38 -10.99 22.08 -18.65
C ALA G 38 -11.65 21.51 -19.91
N MET G 39 -10.82 21.12 -20.88
CA MET G 39 -11.28 20.56 -22.13
C MET G 39 -10.94 19.09 -22.23
N THR G 40 -11.68 18.38 -23.07
CA THR G 40 -11.64 16.92 -23.10
C THR G 40 -11.95 16.42 -24.50
N TRP G 41 -11.22 15.39 -24.93
CA TRP G 41 -11.49 14.70 -26.19
C TRP G 41 -12.18 13.37 -25.91
N VAL G 42 -13.34 13.16 -26.52
CA VAL G 42 -14.08 11.90 -26.46
C VAL G 42 -14.27 11.41 -27.89
N ARG G 43 -13.97 10.14 -28.12
CA ARG G 43 -14.10 9.54 -29.45
C ARG G 43 -15.17 8.47 -29.45
N GLN G 44 -15.60 8.09 -30.66
CA GLN G 44 -16.69 7.12 -30.81
C GLN G 44 -16.52 6.41 -32.14
N ALA G 45 -16.16 5.13 -32.09
CA ALA G 45 -16.13 4.32 -33.30
C ALA G 45 -17.54 4.20 -33.87
N PRO G 46 -17.67 4.03 -35.18
CA PRO G 46 -19.00 3.94 -35.80
C PRO G 46 -19.80 2.78 -35.21
N GLY G 47 -20.97 3.11 -34.66
CA GLY G 47 -21.85 2.12 -34.09
C GLY G 47 -21.54 1.72 -32.67
N LYS G 48 -20.47 2.24 -32.08
CA LYS G 48 -20.09 1.91 -30.71
C LYS G 48 -20.36 3.10 -29.80
N GLY G 49 -19.82 3.04 -28.59
CA GLY G 49 -20.13 4.00 -27.56
C GLY G 49 -19.03 5.06 -27.35
N LEU G 50 -19.35 6.02 -26.50
CA LEU G 50 -18.41 7.07 -26.16
C LEU G 50 -17.26 6.51 -25.33
N GLU G 51 -16.05 6.96 -25.66
CA GLU G 51 -14.85 6.54 -24.93
C GLU G 51 -14.05 7.79 -24.57
N TRP G 52 -13.85 8.03 -23.29
CA TRP G 52 -13.00 9.14 -22.86
C TRP G 52 -11.56 8.85 -23.27
N LEU G 53 -10.90 9.88 -23.79
CA LEU G 53 -9.53 9.75 -24.28
C LEU G 53 -8.54 10.60 -23.49
N SER G 54 -8.84 11.88 -23.28
CA SER G 54 -7.86 12.76 -22.68
C SER G 54 -8.55 14.02 -22.18
N THR G 55 -8.00 14.58 -21.10
CA THR G 55 -8.49 15.82 -20.52
C THR G 55 -7.28 16.70 -20.21
N ILE G 56 -7.43 18.00 -20.41
CA ILE G 56 -6.39 18.97 -20.10
C ILE G 56 -6.98 20.07 -19.23
N SER G 57 -6.23 20.50 -18.22
CA SER G 57 -6.68 21.57 -17.35
C SER G 57 -6.71 22.90 -18.11
N GLY G 58 -7.31 23.90 -17.46
CA GLY G 58 -7.45 25.20 -18.10
C GLY G 58 -6.11 25.82 -18.46
N SER G 59 -5.18 25.82 -17.52
CA SER G 59 -3.84 26.35 -17.77
C SER G 59 -2.97 25.40 -18.59
N GLY G 60 -3.39 24.15 -18.76
CA GLY G 60 -2.58 23.16 -19.45
C GLY G 60 -1.52 22.51 -18.60
N GLY G 61 -1.40 22.88 -17.32
CA GLY G 61 -0.39 22.30 -16.46
C GLY G 61 -0.67 20.88 -16.00
N SER G 62 -1.78 20.28 -16.43
CA SER G 62 -2.14 18.94 -16.01
C SER G 62 -2.87 18.25 -17.15
N THR G 63 -2.41 17.06 -17.51
CA THR G 63 -3.02 16.27 -18.57
C THR G 63 -3.21 14.84 -18.09
N SER G 64 -4.10 14.12 -18.78
CA SER G 64 -4.41 12.74 -18.44
C SER G 64 -4.90 12.04 -19.71
N TYR G 65 -4.51 10.78 -19.86
CA TYR G 65 -4.83 10.01 -21.06
C TYR G 65 -5.35 8.63 -20.69
N ALA G 66 -6.20 8.10 -21.55
CA ALA G 66 -6.65 6.72 -21.40
C ALA G 66 -5.55 5.76 -21.82
N ASP G 67 -5.56 4.57 -21.21
CA ASP G 67 -4.52 3.58 -21.47
C ASP G 67 -4.47 3.17 -22.93
N SER G 68 -5.56 3.36 -23.68
CA SER G 68 -5.57 2.96 -25.08
C SER G 68 -4.72 3.88 -25.94
N VAL G 69 -4.64 5.17 -25.59
CA VAL G 69 -3.92 6.15 -26.39
C VAL G 69 -2.71 6.73 -25.67
N LYS G 70 -2.44 6.31 -24.43
CA LYS G 70 -1.29 6.83 -23.70
C LYS G 70 0.00 6.49 -24.44
N GLY G 71 0.95 7.42 -24.41
CA GLY G 71 2.20 7.26 -25.13
C GLY G 71 2.12 7.55 -26.61
N ARG G 72 0.93 7.72 -27.17
CA ARG G 72 0.76 8.00 -28.59
C ARG G 72 0.04 9.32 -28.87
N PHE G 73 -0.88 9.73 -28.01
CA PHE G 73 -1.62 10.98 -28.18
C PHE G 73 -1.11 12.03 -27.21
N THR G 74 -1.17 13.29 -27.63
CA THR G 74 -0.74 14.41 -26.81
C THR G 74 -1.77 15.53 -26.92
N ILE G 75 -2.35 15.90 -25.79
CA ILE G 75 -3.32 16.99 -25.75
C ILE G 75 -2.61 18.29 -25.42
N SER G 76 -3.13 19.40 -25.93
CA SER G 76 -2.55 20.71 -25.70
C SER G 76 -3.58 21.76 -26.07
N ARG G 77 -3.30 23.00 -25.65
CA ARG G 77 -4.23 24.09 -25.92
C ARG G 77 -3.46 25.40 -26.10
N ASP G 78 -3.99 26.25 -26.98
CA ASP G 78 -3.48 27.60 -27.18
C ASP G 78 -4.49 28.54 -26.52
N ASN G 79 -4.13 29.05 -25.34
CA ASN G 79 -5.05 29.87 -24.56
C ASN G 79 -5.14 31.31 -25.05
N SER G 80 -4.43 31.67 -26.13
CA SER G 80 -4.59 32.97 -26.77
C SER G 80 -5.52 32.90 -27.97
N LYS G 81 -5.29 31.94 -28.87
CA LYS G 81 -6.21 31.69 -29.98
C LYS G 81 -7.44 30.90 -29.55
N ASN G 82 -7.44 30.34 -28.34
CA ASN G 82 -8.57 29.59 -27.79
C ASN G 82 -8.87 28.36 -28.66
N ILE G 83 -7.86 27.52 -28.83
CA ILE G 83 -7.96 26.32 -29.64
C ILE G 83 -7.46 25.12 -28.82
N LEU G 84 -8.24 24.05 -28.82
CA LEU G 84 -7.84 22.79 -28.21
C LEU G 84 -7.24 21.88 -29.29
N TYR G 85 -6.17 21.18 -28.94
CA TYR G 85 -5.44 20.35 -29.88
C TYR G 85 -5.34 18.91 -29.39
N LEU G 86 -5.36 17.97 -30.33
CA LEU G 86 -5.09 16.56 -30.07
C LEU G 86 -4.10 16.07 -31.11
N GLN G 87 -2.81 16.06 -30.76
CA GLN G 87 -1.77 15.55 -31.65
C GLN G 87 -1.73 14.04 -31.55
N MET G 88 -2.02 13.37 -32.67
CA MET G 88 -2.05 11.91 -32.73
C MET G 88 -0.81 11.39 -33.42
N ASP G 89 -0.08 10.50 -32.75
CA ASP G 89 1.12 9.90 -33.30
C ASP G 89 0.98 8.39 -33.33
N SER G 90 1.61 7.77 -34.34
CA SER G 90 1.66 6.32 -34.50
C SER G 90 0.25 5.71 -34.44
N LEU G 91 -0.56 6.09 -35.41
CA LEU G 91 -1.96 5.69 -35.43
C LEU G 91 -2.11 4.24 -35.88
N ARG G 92 -3.24 3.64 -35.51
CA ARG G 92 -3.60 2.30 -35.94
C ARG G 92 -5.06 2.27 -36.33
N ALA G 93 -5.49 1.13 -36.88
CA ALA G 93 -6.86 1.03 -37.40
C ALA G 93 -7.90 1.15 -36.29
N GLU G 94 -7.54 0.77 -35.06
CA GLU G 94 -8.46 0.87 -33.94
C GLU G 94 -8.78 2.30 -33.56
N ASP G 95 -8.02 3.27 -34.06
CA ASP G 95 -8.25 4.68 -33.78
C ASP G 95 -9.27 5.32 -34.72
N THR G 96 -9.73 4.59 -35.74
CA THR G 96 -10.75 5.10 -36.66
C THR G 96 -12.05 5.35 -35.91
N ALA G 97 -12.43 6.61 -35.75
CA ALA G 97 -13.60 6.98 -34.98
C ALA G 97 -13.93 8.43 -35.24
N LEU G 98 -15.10 8.86 -34.77
CA LEU G 98 -15.47 10.26 -34.74
C LEU G 98 -15.01 10.86 -33.41
N TYR G 99 -14.26 11.94 -33.49
CA TYR G 99 -13.63 12.53 -32.31
C TYR G 99 -14.40 13.79 -31.90
N TYR G 100 -14.93 13.77 -30.69
CA TYR G 100 -15.73 14.87 -30.16
C TYR G 100 -14.88 15.78 -29.29
N CYS G 101 -15.26 17.06 -29.26
CA CYS G 101 -14.63 18.06 -28.42
C CYS G 101 -15.69 18.60 -27.46
N THR G 102 -15.38 18.57 -26.16
CA THR G 102 -16.33 18.97 -25.13
C THR G 102 -15.61 19.71 -24.01
N LYS G 103 -16.39 20.39 -23.18
CA LYS G 103 -15.86 21.24 -22.12
C LYS G 103 -16.57 20.94 -20.81
N ASP G 104 -15.87 21.20 -19.70
CA ASP G 104 -16.49 21.08 -18.39
C ASP G 104 -17.60 22.11 -18.24
N LYS G 105 -18.62 21.74 -17.46
CA LYS G 105 -19.74 22.66 -17.25
C LYS G 105 -19.32 23.88 -16.45
N ASP G 106 -18.35 23.72 -15.55
CA ASP G 106 -17.90 24.80 -14.69
C ASP G 106 -16.39 24.94 -14.78
N GLU G 107 -15.88 26.04 -14.24
CA GLU G 107 -14.46 26.34 -14.31
C GLU G 107 -13.69 25.62 -13.21
N TYR G 108 -12.44 25.28 -13.51
CA TYR G 108 -11.49 24.74 -12.53
C TYR G 108 -12.02 23.46 -11.87
N THR G 109 -12.62 22.58 -12.67
CA THR G 109 -13.11 21.30 -12.17
C THR G 109 -12.34 20.10 -12.72
N PHE G 110 -11.45 20.31 -13.70
CA PHE G 110 -10.44 19.32 -14.08
C PHE G 110 -11.05 18.02 -14.60
N GLY G 111 -12.19 18.10 -15.29
CA GLY G 111 -12.83 16.92 -15.82
C GLY G 111 -13.81 16.24 -14.88
N HIS G 112 -13.78 16.59 -13.58
CA HIS G 112 -14.72 16.05 -12.60
C HIS G 112 -16.02 16.86 -12.67
N ASN G 113 -16.74 16.66 -13.77
CA ASN G 113 -17.92 17.47 -14.04
C ASN G 113 -18.71 16.84 -15.18
N ALA G 114 -19.90 17.36 -15.39
CA ALA G 114 -20.66 17.02 -16.59
C ALA G 114 -20.13 17.83 -17.77
N PHE G 115 -20.46 17.37 -18.97
CA PHE G 115 -20.02 17.99 -20.22
C PHE G 115 -21.25 18.60 -20.89
N ASP G 116 -21.33 19.93 -20.86
CA ASP G 116 -22.55 20.63 -21.24
C ASP G 116 -22.59 21.05 -22.70
N VAL G 117 -21.44 21.16 -23.37
CA VAL G 117 -21.39 21.54 -24.77
C VAL G 117 -20.47 20.57 -25.50
N TRP G 118 -20.94 20.04 -26.63
CA TRP G 118 -20.16 19.15 -27.47
C TRP G 118 -20.07 19.71 -28.87
N GLY G 119 -18.95 19.43 -29.54
CA GLY G 119 -18.80 19.79 -30.93
C GLY G 119 -19.49 18.79 -31.84
N ARG G 120 -19.48 19.11 -33.13
CA ARG G 120 -20.08 18.21 -34.11
C ARG G 120 -19.23 16.97 -34.37
N GLY G 121 -17.94 17.03 -34.04
CA GLY G 121 -17.07 15.90 -34.26
C GLY G 121 -16.35 15.95 -35.60
N THR G 122 -15.11 15.47 -35.62
CA THR G 122 -14.32 15.36 -36.84
C THR G 122 -13.88 13.90 -36.99
N MET G 123 -14.02 13.37 -38.20
CA MET G 123 -13.83 11.95 -38.45
C MET G 123 -12.38 11.64 -38.79
N VAL G 124 -11.81 10.66 -38.11
CA VAL G 124 -10.44 10.21 -38.37
C VAL G 124 -10.52 8.80 -38.94
N THR G 125 -9.94 8.60 -40.12
CA THR G 125 -9.95 7.33 -40.82
C THR G 125 -8.51 6.89 -41.05
N VAL G 126 -8.08 5.86 -40.33
CA VAL G 126 -6.75 5.30 -40.49
C VAL G 126 -6.84 4.14 -41.46
N SER G 127 -6.28 4.31 -42.66
CA SER G 127 -6.39 3.31 -43.72
C SER G 127 -5.18 3.42 -44.63
N SER G 128 -4.98 2.36 -45.41
CA SER G 128 -3.92 2.33 -46.42
C SER G 128 -4.42 2.67 -47.81
N ALA G 129 -5.74 2.73 -48.01
CA ALA G 129 -6.30 3.05 -49.31
C ALA G 129 -6.00 4.49 -49.69
N SER G 130 -6.18 4.78 -50.98
CA SER G 130 -5.87 6.10 -51.53
C SER G 130 -7.15 6.85 -51.84
N THR G 131 -7.03 8.18 -51.89
CA THR G 131 -8.16 9.04 -52.20
C THR G 131 -8.54 8.91 -53.67
N LYS G 132 -9.84 8.87 -53.94
CA LYS G 132 -10.35 8.95 -55.30
C LYS G 132 -11.61 9.81 -55.32
N GLY G 133 -11.65 10.76 -56.25
CA GLY G 133 -12.79 11.63 -56.40
C GLY G 133 -13.97 10.92 -57.05
N PRO G 134 -15.16 11.50 -56.93
CA PRO G 134 -16.36 10.83 -57.42
C PRO G 134 -16.82 11.30 -58.80
N SER G 135 -17.52 10.43 -59.51
CA SER G 135 -18.22 10.78 -60.74
C SER G 135 -19.67 11.08 -60.42
N VAL G 136 -20.20 12.15 -61.02
CA VAL G 136 -21.53 12.65 -60.71
C VAL G 136 -22.39 12.56 -61.97
N PHE G 137 -23.48 11.80 -61.87
CA PHE G 137 -24.45 11.66 -62.95
C PHE G 137 -25.81 12.14 -62.50
N PRO G 138 -26.59 12.77 -63.37
CA PRO G 138 -27.92 13.25 -62.98
C PRO G 138 -28.95 12.13 -62.97
N LEU G 139 -30.01 12.36 -62.22
CA LEU G 139 -31.14 11.43 -62.14
C LEU G 139 -32.41 12.19 -62.53
N ALA G 140 -32.86 11.99 -63.76
CA ALA G 140 -33.99 12.67 -64.37
C ALA G 140 -35.29 11.94 -64.05
N PRO G 141 -36.41 12.67 -63.84
CA PRO G 141 -37.70 12.09 -63.50
C PRO G 141 -38.45 11.52 -64.70
N GLY G 148 -49.31 10.98 -60.62
CA GLY G 148 -48.06 11.63 -60.31
C GLY G 148 -48.20 13.14 -60.14
N GLY G 149 -48.48 13.56 -58.91
CA GLY G 149 -48.58 14.99 -58.64
C GLY G 149 -47.22 15.67 -58.56
N THR G 150 -46.23 14.98 -58.00
CA THR G 150 -44.89 15.51 -57.84
C THR G 150 -43.93 14.81 -58.78
N ALA G 151 -42.69 15.27 -58.76
CA ALA G 151 -41.61 14.62 -59.48
C ALA G 151 -40.43 14.44 -58.54
N ALA G 152 -39.62 13.41 -58.83
CA ALA G 152 -38.44 13.07 -58.04
C ALA G 152 -37.22 13.05 -58.95
N LEU G 153 -36.25 13.92 -58.65
CA LEU G 153 -35.03 14.02 -59.43
C LEU G 153 -33.85 14.16 -58.48
N GLY G 154 -32.68 13.74 -58.94
CA GLY G 154 -31.49 13.81 -58.11
C GLY G 154 -30.23 13.61 -58.90
N CYS G 155 -29.16 13.26 -58.18
CA CYS G 155 -27.88 12.94 -58.78
C CYS G 155 -27.28 11.73 -58.07
N LEU G 156 -26.36 11.06 -58.77
CA LEU G 156 -25.67 9.90 -58.25
C LEU G 156 -24.19 10.23 -58.11
N VAL G 157 -23.71 10.26 -56.87
CA VAL G 157 -22.28 10.43 -56.59
C VAL G 157 -21.68 9.04 -56.45
N LYS G 158 -20.75 8.70 -57.34
CA LYS G 158 -20.31 7.32 -57.53
C LYS G 158 -18.82 7.17 -57.36
N ASP G 159 -18.41 6.16 -56.60
CA ASP G 159 -17.04 5.66 -56.53
C ASP G 159 -16.07 6.71 -55.99
N TYR G 160 -16.21 7.00 -54.70
CA TYR G 160 -15.32 7.93 -54.02
C TYR G 160 -14.81 7.33 -52.72
N PHE G 161 -13.68 7.86 -52.25
CA PHE G 161 -13.06 7.45 -50.99
C PHE G 161 -12.16 8.57 -50.51
N PRO G 162 -12.20 8.93 -49.23
CA PRO G 162 -13.13 8.36 -48.24
C PRO G 162 -14.34 9.26 -48.01
N GLU G 163 -15.12 8.95 -46.99
CA GLU G 163 -16.19 9.83 -46.58
C GLU G 163 -15.60 11.17 -46.10
N PRO G 164 -16.37 12.26 -46.17
CA PRO G 164 -17.74 12.35 -46.69
C PRO G 164 -17.85 13.13 -48.00
N VAL G 165 -19.09 13.32 -48.44
CA VAL G 165 -19.43 14.26 -49.50
C VAL G 165 -20.58 15.12 -49.02
N THR G 166 -20.69 16.32 -49.57
CA THR G 166 -21.80 17.20 -49.29
C THR G 166 -22.48 17.57 -50.61
N VAL G 167 -23.80 17.58 -50.58
CA VAL G 167 -24.61 17.85 -51.75
C VAL G 167 -25.60 18.95 -51.41
N SER G 168 -25.76 19.89 -52.33
CA SER G 168 -26.73 20.96 -52.21
C SER G 168 -27.35 21.20 -53.57
N TRP G 169 -28.42 21.98 -53.59
CA TRP G 169 -29.20 22.20 -54.79
C TRP G 169 -29.39 23.68 -55.02
N ASN G 170 -29.10 24.13 -56.24
CA ASN G 170 -29.25 25.54 -56.64
C ASN G 170 -28.46 26.46 -55.71
N SER G 171 -27.22 26.06 -55.42
CA SER G 171 -26.30 26.81 -54.55
C SER G 171 -26.88 27.04 -53.16
N GLY G 172 -27.84 26.22 -52.73
CA GLY G 172 -28.47 26.37 -51.45
C GLY G 172 -29.85 27.01 -51.47
N ALA G 173 -30.39 27.31 -52.64
CA ALA G 173 -31.70 27.94 -52.72
C ALA G 173 -32.83 26.94 -52.51
N LEU G 174 -32.63 25.67 -52.88
CA LEU G 174 -33.59 24.61 -52.62
C LEU G 174 -33.11 23.84 -51.40
N THR G 175 -33.88 23.90 -50.32
CA THR G 175 -33.44 23.41 -49.01
C THR G 175 -34.10 22.10 -48.62
N SER G 176 -35.41 22.10 -48.43
CA SER G 176 -36.16 20.93 -47.99
C SER G 176 -37.03 20.43 -49.13
N GLY G 177 -37.25 19.12 -49.12
CA GLY G 177 -37.60 18.35 -50.31
C GLY G 177 -36.43 17.51 -50.78
N VAL G 178 -35.20 17.93 -50.45
CA VAL G 178 -34.02 17.12 -50.69
C VAL G 178 -33.94 16.02 -49.63
N HIS G 179 -33.33 14.90 -50.01
CA HIS G 179 -33.08 13.79 -49.10
C HIS G 179 -31.84 13.07 -49.62
N THR G 180 -30.71 13.32 -48.94
CA THR G 180 -29.44 12.70 -49.30
C THR G 180 -29.30 11.44 -48.45
N PHE G 181 -29.34 10.30 -49.11
CA PHE G 181 -29.32 9.02 -48.42
C PHE G 181 -27.92 8.69 -47.95
N PRO G 182 -27.80 7.95 -46.85
CA PRO G 182 -26.48 7.49 -46.41
C PRO G 182 -25.79 6.70 -47.51
N ALA G 183 -24.47 6.85 -47.58
CA ALA G 183 -23.69 6.22 -48.63
C ALA G 183 -23.65 4.70 -48.45
N VAL G 184 -23.32 4.02 -49.54
CA VAL G 184 -23.11 2.57 -49.54
C VAL G 184 -21.63 2.29 -49.72
N LEU G 185 -21.15 1.25 -49.06
CA LEU G 185 -19.76 0.81 -49.19
C LEU G 185 -19.75 -0.47 -50.03
N GLN G 186 -19.16 -0.39 -51.21
CA GLN G 186 -19.19 -1.50 -52.15
C GLN G 186 -17.97 -2.39 -51.99
N SER G 187 -18.01 -3.54 -52.66
CA SER G 187 -16.85 -4.43 -52.68
C SER G 187 -15.58 -3.72 -53.12
N SER G 188 -15.71 -2.66 -53.91
CA SER G 188 -14.55 -1.89 -54.36
C SER G 188 -13.78 -1.27 -53.22
N GLY G 189 -14.40 -1.08 -52.06
CA GLY G 189 -13.86 -0.18 -51.07
C GLY G 189 -14.15 1.28 -51.34
N LEU G 190 -14.96 1.57 -52.34
CA LEU G 190 -15.33 2.93 -52.71
C LEU G 190 -16.77 3.21 -52.30
N TYR G 191 -17.02 4.46 -51.94
CA TYR G 191 -18.34 4.88 -51.48
C TYR G 191 -19.20 5.38 -52.65
N SER G 192 -20.51 5.30 -52.47
CA SER G 192 -21.47 5.80 -53.44
C SER G 192 -22.73 6.20 -52.71
N LEU G 193 -23.29 7.35 -53.07
CA LEU G 193 -24.57 7.78 -52.53
C LEU G 193 -25.34 8.57 -53.58
N SER G 194 -26.59 8.89 -53.24
CA SER G 194 -27.44 9.70 -54.10
C SER G 194 -28.22 10.67 -53.22
N SER G 195 -28.81 11.67 -53.88
CA SER G 195 -29.58 12.70 -53.20
C SER G 195 -30.74 13.10 -54.12
N VAL G 196 -31.96 12.76 -53.71
CA VAL G 196 -33.14 13.02 -54.51
C VAL G 196 -33.93 14.16 -53.87
N VAL G 197 -34.51 15.01 -54.71
CA VAL G 197 -35.33 16.14 -54.25
C VAL G 197 -36.69 16.05 -54.93
N THR G 198 -37.74 16.25 -54.15
CA THR G 198 -39.11 16.20 -54.66
C THR G 198 -39.57 17.61 -54.98
N VAL G 199 -39.86 17.86 -56.27
CA VAL G 199 -40.32 19.16 -56.72
C VAL G 199 -41.67 19.00 -57.41
N PRO G 200 -42.51 20.03 -57.46
CA PRO G 200 -43.79 19.89 -58.15
C PRO G 200 -43.62 19.76 -59.66
N SER G 201 -44.54 19.02 -60.28
CA SER G 201 -44.56 18.91 -61.73
C SER G 201 -44.92 20.24 -62.40
N SER G 202 -45.28 21.26 -61.63
CA SER G 202 -45.56 22.57 -62.18
C SER G 202 -44.30 23.32 -62.58
N SER G 203 -43.21 23.11 -61.84
CA SER G 203 -41.97 23.85 -62.06
C SER G 203 -40.94 23.07 -62.88
N LEU G 204 -41.35 21.99 -63.54
CA LEU G 204 -40.39 21.16 -64.28
C LEU G 204 -39.81 21.91 -65.47
N GLY G 205 -40.62 22.71 -66.15
CA GLY G 205 -40.18 23.45 -67.30
C GLY G 205 -39.81 24.90 -67.05
N THR G 206 -39.86 25.35 -65.80
CA THR G 206 -39.57 26.74 -65.46
C THR G 206 -38.37 26.91 -64.54
N GLN G 207 -38.12 25.98 -63.63
CA GLN G 207 -37.02 26.08 -62.68
C GLN G 207 -35.93 25.10 -63.06
N THR G 208 -34.72 25.60 -63.27
CA THR G 208 -33.56 24.75 -63.52
C THR G 208 -33.04 24.19 -62.21
N TYR G 209 -32.62 22.93 -62.25
CA TYR G 209 -32.14 22.23 -61.06
C TYR G 209 -30.67 21.87 -61.25
N ILE G 210 -29.82 22.43 -60.40
CA ILE G 210 -28.36 22.27 -60.50
C ILE G 210 -27.88 21.44 -59.32
N CYS G 211 -26.97 20.52 -59.59
CA CYS G 211 -26.37 19.67 -58.57
C CYS G 211 -25.04 20.27 -58.14
N ASN G 212 -24.84 20.39 -56.83
CA ASN G 212 -23.59 20.92 -56.29
C ASN G 212 -23.02 19.89 -55.32
N VAL G 213 -22.08 19.10 -55.82
CA VAL G 213 -21.40 18.07 -55.05
C VAL G 213 -20.01 18.57 -54.68
N ASN G 214 -19.53 18.15 -53.52
CA ASN G 214 -18.20 18.52 -53.05
C ASN G 214 -17.58 17.34 -52.31
N HIS G 215 -16.37 16.96 -52.70
CA HIS G 215 -15.59 15.92 -52.03
C HIS G 215 -14.27 16.55 -51.58
N LYS G 216 -14.27 17.08 -50.36
CA LYS G 216 -13.09 17.81 -49.88
C LYS G 216 -11.80 16.99 -49.90
N PRO G 217 -11.77 15.72 -49.49
CA PRO G 217 -10.50 14.98 -49.53
C PRO G 217 -9.88 14.85 -50.91
N SER G 218 -10.66 15.01 -51.97
CA SER G 218 -10.16 14.93 -53.33
C SER G 218 -10.02 16.28 -54.01
N ASN G 219 -10.46 17.36 -53.37
CA ASN G 219 -10.52 18.68 -53.99
C ASN G 219 -11.34 18.65 -55.28
N THR G 220 -12.47 17.94 -55.24
CA THR G 220 -13.35 17.78 -56.38
C THR G 220 -14.66 18.51 -56.11
N LYS G 221 -15.05 19.37 -57.05
CA LYS G 221 -16.30 20.11 -56.96
C LYS G 221 -16.95 20.10 -58.34
N VAL G 222 -18.14 19.48 -58.43
CA VAL G 222 -18.84 19.33 -59.70
C VAL G 222 -20.17 20.07 -59.63
N ASP G 223 -20.60 20.59 -60.77
CA ASP G 223 -21.91 21.22 -60.92
C ASP G 223 -22.62 20.54 -62.09
N LYS G 224 -23.72 19.85 -61.79
CA LYS G 224 -24.44 19.04 -62.78
C LYS G 224 -25.88 19.53 -62.89
N LYS G 225 -26.28 19.92 -64.10
CA LYS G 225 -27.66 20.28 -64.36
C LYS G 225 -28.50 19.03 -64.55
N VAL G 226 -29.62 18.96 -63.85
CA VAL G 226 -30.54 17.83 -63.93
C VAL G 226 -31.75 18.29 -64.73
N GLU G 227 -31.84 17.81 -65.97
CA GLU G 227 -32.89 18.19 -66.91
C GLU G 227 -33.87 17.05 -67.13
N PRO G 228 -35.10 17.34 -67.51
CA PRO G 228 -36.07 16.27 -67.79
C PRO G 228 -35.65 15.43 -68.98
N LYS G 229 -36.28 14.26 -69.08
CA LYS G 229 -36.00 13.33 -70.17
C LYS G 229 -36.87 13.65 -71.39
N ASN H 7 -12.54 33.89 9.05
CA ASN H 7 -12.36 33.47 7.66
C ASN H 7 -12.07 34.65 6.76
N THR H 8 -10.88 35.23 6.90
CA THR H 8 -10.45 36.38 6.13
C THR H 8 -9.27 36.00 5.25
N THR H 9 -9.08 36.78 4.18
CA THR H 9 -7.93 36.64 3.30
C THR H 9 -7.05 37.87 3.43
N ASP H 10 -5.77 37.65 3.73
CA ASP H 10 -4.87 38.77 3.99
C ASP H 10 -4.35 39.39 2.70
N ASN H 11 -3.90 38.57 1.76
CA ASN H 11 -3.32 39.07 0.52
C ASN H 11 -3.81 38.22 -0.65
N ILE H 12 -3.82 38.84 -1.84
CA ILE H 12 -4.29 38.17 -3.04
C ILE H 12 -3.16 38.13 -4.07
N ASP H 13 -1.97 37.74 -3.64
CA ASP H 13 -0.81 37.70 -4.52
C ASP H 13 -0.89 36.61 -5.58
N TYR H 14 -1.92 35.75 -5.54
CA TYR H 14 -1.97 34.61 -6.46
C TYR H 14 -2.49 34.99 -7.85
N PHE H 15 -3.25 36.07 -7.97
CA PHE H 15 -3.70 36.51 -9.28
C PHE H 15 -2.51 36.86 -10.17
N ASP H 16 -2.48 36.29 -11.37
CA ASP H 16 -1.55 36.68 -12.41
C ASP H 16 -2.33 37.00 -13.67
N ILE H 17 -1.61 37.43 -14.70
CA ILE H 17 -2.24 37.71 -15.99
C ILE H 17 -1.16 37.71 -17.06
N SER H 18 -1.52 37.23 -18.25
CA SER H 18 -0.67 37.26 -19.42
C SER H 18 -1.29 38.18 -20.47
N ASP H 19 -0.42 38.70 -21.35
CA ASP H 19 -0.92 39.56 -22.41
C ASP H 19 -1.69 38.74 -23.44
N GLU H 20 -2.34 39.45 -24.36
CA GLU H 20 -3.16 38.79 -25.38
C GLU H 20 -2.35 37.82 -26.22
N SER H 21 -1.08 38.13 -26.48
CA SER H 21 -0.21 37.21 -27.20
C SER H 21 0.15 35.98 -26.38
N ASN H 22 -0.06 36.02 -25.06
CA ASN H 22 0.30 34.94 -24.14
C ASN H 22 1.80 34.66 -24.15
N TYR H 23 2.62 35.64 -24.55
CA TYR H 23 4.06 35.51 -24.54
C TYR H 23 4.69 36.11 -23.29
N TYR H 24 3.95 36.87 -22.51
CA TYR H 24 4.46 37.50 -21.29
C TYR H 24 3.52 37.18 -20.14
N LEU H 25 4.08 36.68 -19.03
CA LEU H 25 3.31 36.34 -17.84
C LEU H 25 3.70 37.30 -16.73
N ILE H 26 2.73 38.05 -16.22
CA ILE H 26 2.96 39.07 -15.20
C ILE H 26 2.58 38.50 -13.84
N SER H 27 3.51 38.57 -12.89
CA SER H 27 3.29 38.09 -11.54
C SER H 27 3.43 39.25 -10.56
N GLN H 28 2.66 39.18 -9.48
CA GLN H 28 2.69 40.24 -8.47
C GLN H 28 3.98 40.23 -7.66
N LEU H 29 4.72 39.12 -7.66
CA LEU H 29 5.98 39.03 -6.94
C LEU H 29 7.13 39.47 -7.82
N ARG H 30 8.16 40.01 -7.19
CA ARG H 30 9.36 40.39 -7.93
C ARG H 30 10.00 39.14 -8.54
N PRO H 31 10.58 39.25 -9.74
CA PRO H 31 10.73 40.46 -10.55
C PRO H 31 9.59 40.69 -11.53
N HIS H 32 8.41 40.14 -11.23
CA HIS H 32 7.19 40.33 -12.01
C HIS H 32 7.26 39.69 -13.41
N PHE H 33 8.46 39.45 -13.92
CA PHE H 33 8.64 38.85 -15.23
C PHE H 33 9.70 37.77 -15.16
N SER H 34 9.46 36.66 -15.84
CA SER H 34 10.50 35.66 -16.02
C SER H 34 11.72 36.24 -16.74
N ASN H 35 11.48 37.18 -17.67
CA ASN H 35 12.56 37.69 -18.51
C ASN H 35 13.60 38.49 -17.72
N ILE H 36 13.19 39.09 -16.59
CA ILE H 36 14.15 39.83 -15.78
C ILE H 36 15.18 38.89 -15.17
N TYR H 37 14.78 37.66 -14.81
CA TYR H 37 15.75 36.68 -14.35
C TYR H 37 16.73 36.31 -15.46
N PHE H 38 16.25 36.21 -16.70
CA PHE H 38 17.12 35.90 -17.82
C PHE H 38 18.12 37.02 -18.06
N PHE H 39 17.69 38.28 -17.90
CA PHE H 39 18.62 39.39 -18.01
C PHE H 39 19.72 39.30 -16.96
N ASP H 40 19.37 38.87 -15.74
CA ASP H 40 20.37 38.60 -14.73
C ASP H 40 21.31 37.48 -15.16
N GLU H 41 20.78 36.48 -15.86
CA GLU H 41 21.61 35.38 -16.33
C GLU H 41 22.60 35.84 -17.39
N PHE H 42 22.20 36.74 -18.27
CA PHE H 42 23.12 37.22 -19.29
C PHE H 42 24.26 38.03 -18.67
N LYS H 43 24.01 38.70 -17.55
CA LYS H 43 25.10 39.36 -16.82
C LYS H 43 26.18 38.36 -16.43
N ARG H 44 25.78 37.12 -16.13
CA ARG H 44 26.76 36.07 -15.87
C ARG H 44 27.40 35.59 -17.16
N TYR H 45 26.59 35.42 -18.22
CA TYR H 45 27.14 35.02 -19.51
C TYR H 45 28.18 36.02 -20.00
N ALA H 46 27.84 37.31 -19.98
CA ALA H 46 28.73 38.33 -20.53
C ALA H 46 30.03 38.42 -19.75
N SER H 47 30.00 38.15 -18.44
CA SER H 47 31.20 38.23 -17.63
C SER H 47 32.26 37.22 -18.03
N TYR H 48 31.96 36.30 -18.93
CA TYR H 48 32.92 35.30 -19.40
C TYR H 48 33.36 35.54 -20.83
N HIS H 49 32.85 36.59 -21.48
CA HIS H 49 33.25 36.97 -22.83
C HIS H 49 33.72 38.41 -22.81
N THR H 50 35.00 38.61 -23.16
CA THR H 50 35.58 39.96 -23.08
C THR H 50 34.90 40.93 -24.02
N GLU H 51 34.31 40.43 -25.11
CA GLU H 51 33.64 41.30 -26.07
C GLU H 51 32.36 41.92 -25.52
N ILE H 52 31.82 41.37 -24.42
CA ILE H 52 30.54 41.83 -23.91
C ILE H 52 30.73 42.50 -22.56
N LYS H 53 31.80 43.29 -22.43
CA LYS H 53 32.00 44.08 -21.21
C LYS H 53 31.03 45.23 -21.10
N ARG H 54 30.23 45.51 -22.14
CA ARG H 54 29.34 46.65 -22.15
C ARG H 54 28.04 46.42 -21.39
N TYR H 55 27.73 45.18 -21.02
CA TYR H 55 26.43 44.88 -20.43
C TYR H 55 26.37 45.20 -18.94
N GLU H 56 27.50 45.25 -18.24
CA GLU H 56 27.50 45.62 -16.83
C GLU H 56 26.87 47.00 -16.65
N ASP H 57 27.20 47.95 -17.51
CA ASP H 57 26.53 49.25 -17.49
C ASP H 57 25.08 49.13 -17.93
N ILE H 58 24.82 48.29 -18.94
CA ILE H 58 23.46 48.12 -19.44
C ILE H 58 22.57 47.49 -18.38
N HIS H 59 23.05 46.39 -17.76
CA HIS H 59 22.24 45.70 -16.77
C HIS H 59 22.00 46.57 -15.54
N LYS H 60 23.04 47.25 -15.06
CA LYS H 60 22.90 48.09 -13.87
C LYS H 60 21.92 49.24 -14.11
N THR H 61 21.83 49.72 -15.34
CA THR H 61 20.94 50.84 -15.64
C THR H 61 19.62 50.36 -16.21
N LYS H 62 19.64 49.80 -17.42
CA LYS H 62 18.40 49.51 -18.13
C LYS H 62 17.60 48.40 -17.46
N VAL H 63 18.28 47.33 -17.02
CA VAL H 63 17.57 46.20 -16.43
C VAL H 63 17.04 46.57 -15.05
N ASN H 64 17.86 47.22 -14.23
CA ASN H 64 17.41 47.60 -12.89
C ASN H 64 16.31 48.66 -12.95
N SER H 65 16.32 49.52 -13.98
CA SER H 65 15.25 50.49 -14.12
C SER H 65 13.96 49.83 -14.62
N LEU H 66 14.07 48.82 -15.49
CA LEU H 66 12.89 48.09 -15.91
C LEU H 66 12.23 47.37 -14.73
N LEU H 67 13.04 46.89 -13.79
CA LEU H 67 12.48 46.27 -12.59
C LEU H 67 11.76 47.29 -11.73
N ASN H 68 12.36 48.47 -11.54
CA ASN H 68 11.71 49.51 -10.76
C ASN H 68 10.43 49.97 -11.43
N GLU H 69 10.43 50.05 -12.77
CA GLU H 69 9.21 50.41 -13.50
C GLU H 69 8.16 49.32 -13.39
N ALA H 70 8.57 48.06 -13.45
CA ALA H 70 7.64 46.96 -13.24
C ALA H 70 7.03 47.01 -11.85
N SER H 71 7.85 47.32 -10.84
CA SER H 71 7.35 47.41 -9.47
C SER H 71 6.39 48.58 -9.32
N ARG H 72 6.69 49.72 -9.94
CA ARG H 72 5.81 50.87 -9.85
C ARG H 72 4.45 50.60 -10.49
N ALA H 73 4.46 49.95 -11.66
CA ALA H 73 3.21 49.63 -12.34
C ALA H 73 2.33 48.72 -11.48
N ILE H 74 2.94 47.74 -10.81
CA ILE H 74 2.19 46.89 -9.89
C ILE H 74 1.58 47.72 -8.77
N GLY H 75 2.35 48.68 -8.24
CA GLY H 75 1.86 49.50 -7.15
C GLY H 75 0.75 50.45 -7.55
N ILE H 76 0.70 50.82 -8.84
CA ILE H 76 -0.41 51.64 -9.33
C ILE H 76 -1.74 50.93 -9.11
N CYS H 77 -1.77 49.60 -9.23
CA CYS H 77 -2.99 48.82 -9.08
C CYS H 77 -3.32 48.48 -7.63
N ASN H 78 -2.71 49.16 -6.66
CA ASN H 78 -2.97 48.84 -5.27
C ASN H 78 -4.38 49.25 -4.84
N ARG H 79 -4.93 50.31 -5.42
CA ARG H 79 -6.30 50.70 -5.10
C ARG H 79 -7.30 49.67 -5.59
N ALA H 80 -7.07 49.13 -6.79
CA ALA H 80 -7.94 48.07 -7.30
C ALA H 80 -7.74 46.76 -6.54
N LYS H 81 -6.51 46.51 -6.08
CA LYS H 81 -6.24 45.29 -5.32
C LYS H 81 -7.05 45.27 -4.03
N ASN H 82 -7.06 46.38 -3.29
CA ASN H 82 -7.84 46.44 -2.06
C ASN H 82 -9.33 46.34 -2.33
N THR H 83 -9.79 46.85 -3.47
CA THR H 83 -11.22 46.77 -3.79
C THR H 83 -11.66 45.32 -3.96
N VAL H 84 -10.87 44.52 -4.68
CA VAL H 84 -11.18 43.11 -4.82
C VAL H 84 -11.08 42.39 -3.48
N LYS H 85 -10.07 42.75 -2.68
CA LYS H 85 -9.87 42.09 -1.39
C LYS H 85 -11.05 42.30 -0.47
N GLY H 86 -11.63 43.50 -0.47
CA GLY H 86 -12.80 43.75 0.35
C GLY H 86 -14.00 42.90 -0.05
N LEU H 87 -14.18 42.71 -1.36
CA LEU H 87 -15.29 41.89 -1.85
C LEU H 87 -15.07 40.41 -1.51
N ILE H 88 -13.82 39.95 -1.61
CA ILE H 88 -13.52 38.55 -1.30
C ILE H 88 -13.85 38.24 0.16
N ASN H 89 -13.51 39.17 1.07
CA ASN H 89 -13.79 38.98 2.48
C ASN H 89 -15.29 38.93 2.78
N ILE H 90 -16.11 39.53 1.92
CA ILE H 90 -17.56 39.46 2.13
C ILE H 90 -18.12 38.15 1.61
N LEU H 91 -17.70 37.71 0.42
CA LEU H 91 -18.30 36.55 -0.21
C LEU H 91 -17.88 35.25 0.47
N GLU H 92 -16.70 35.23 1.09
CA GLU H 92 -16.21 34.03 1.76
C GLU H 92 -16.53 34.01 3.24
N ASN H 93 -17.24 35.01 3.76
CA ASN H 93 -17.61 35.07 5.17
C ASN H 93 -19.11 35.30 5.26
N PRO H 94 -19.90 34.25 5.49
CA PRO H 94 -21.36 34.42 5.58
C PRO H 94 -21.80 35.34 6.69
N GLN H 95 -21.03 35.44 7.78
CA GLN H 95 -21.37 36.38 8.83
C GLN H 95 -21.25 37.82 8.34
N LYS H 96 -20.11 38.19 7.76
CA LYS H 96 -19.94 39.53 7.23
C LYS H 96 -20.87 39.83 6.07
N PHE H 97 -21.36 38.81 5.37
CA PHE H 97 -22.25 39.04 4.24
C PHE H 97 -23.64 39.46 4.71
N LYS H 98 -24.14 38.83 5.78
CA LYS H 98 -25.49 39.11 6.26
C LYS H 98 -25.57 40.39 7.09
N THR H 99 -24.47 41.13 7.24
CA THR H 99 -24.54 42.49 7.72
C THR H 99 -24.85 43.48 6.60
N GLN H 100 -24.70 43.05 5.35
CA GLN H 100 -24.79 43.89 4.18
C GLN H 100 -26.11 43.63 3.46
N ARG H 101 -26.55 44.62 2.67
CA ARG H 101 -27.92 44.67 2.15
C ARG H 101 -28.11 43.93 0.83
N GLU H 102 -27.19 44.05 -0.11
CA GLU H 102 -27.43 43.54 -1.46
C GLU H 102 -27.45 42.01 -1.47
N SER H 103 -27.79 41.45 -2.64
CA SER H 103 -27.90 40.02 -2.81
C SER H 103 -26.52 39.37 -2.96
N TYR H 104 -26.49 38.04 -2.88
CA TYR H 104 -25.24 37.33 -3.14
C TYR H 104 -24.93 37.30 -4.63
N ASP H 105 -25.97 37.17 -5.47
CA ASP H 105 -25.75 37.24 -6.91
C ASP H 105 -25.16 38.59 -7.32
N VAL H 106 -25.59 39.66 -6.65
CA VAL H 106 -25.07 40.99 -6.98
C VAL H 106 -23.63 41.13 -6.55
N LYS H 107 -23.30 40.66 -5.33
CA LYS H 107 -21.93 40.77 -4.84
C LYS H 107 -20.97 39.92 -5.66
N LEU H 108 -21.45 38.82 -6.24
CA LEU H 108 -20.62 38.02 -7.14
C LEU H 108 -20.30 38.80 -8.41
N ARG H 109 -21.30 39.45 -9.00
CA ARG H 109 -21.08 40.23 -10.21
C ARG H 109 -20.14 41.41 -9.94
N GLN H 110 -20.22 42.00 -8.76
CA GLN H 110 -19.26 43.04 -8.39
C GLN H 110 -17.86 42.48 -8.29
N TYR H 111 -17.73 41.26 -7.75
CA TYR H 111 -16.43 40.63 -7.62
C TYR H 111 -15.80 40.36 -8.99
N GLU H 112 -16.56 39.74 -9.89
CA GLU H 112 -16.03 39.42 -11.21
C GLU H 112 -15.69 40.68 -12.00
N GLU H 113 -16.50 41.74 -11.85
CA GLU H 113 -16.22 42.97 -12.57
C GLU H 113 -14.99 43.67 -12.01
N LYS H 114 -14.80 43.61 -10.69
CA LYS H 114 -13.67 44.28 -10.07
C LYS H 114 -12.41 43.44 -10.08
N LYS H 115 -12.53 42.11 -10.13
CA LYS H 115 -11.36 41.25 -10.20
C LYS H 115 -10.61 41.45 -11.52
N GLU H 116 -11.34 41.38 -12.65
CA GLU H 116 -10.70 41.56 -13.94
C GLU H 116 -10.32 43.01 -14.22
N ALA H 117 -10.91 43.96 -13.51
CA ALA H 117 -10.40 45.33 -13.55
C ALA H 117 -9.06 45.42 -12.85
N PHE H 118 -8.89 44.68 -11.76
CA PHE H 118 -7.59 44.60 -11.10
C PHE H 118 -6.58 43.86 -11.98
N ARG H 119 -6.98 42.71 -12.53
CA ARG H 119 -6.09 41.98 -13.43
C ARG H 119 -5.77 42.80 -14.67
N GLY H 120 -6.76 43.51 -15.21
CA GLY H 120 -6.50 44.34 -16.38
C GLY H 120 -5.54 45.48 -16.11
N CYS H 121 -5.56 45.98 -14.87
CA CYS H 121 -4.59 46.99 -14.44
C CYS H 121 -3.18 46.42 -14.43
N LEU H 122 -3.00 45.21 -13.90
CA LEU H 122 -1.69 44.59 -13.86
C LEU H 122 -1.10 44.43 -15.26
N LEU H 123 -1.95 44.28 -16.26
CA LEU H 123 -1.51 44.18 -17.65
C LEU H 123 -1.32 45.55 -18.29
N ASN H 124 -2.30 46.44 -18.13
CA ASN H 124 -2.25 47.71 -18.84
C ASN H 124 -1.09 48.58 -18.37
N LYS H 125 -0.87 48.66 -17.06
CA LYS H 125 0.23 49.46 -16.53
C LYS H 125 1.60 48.90 -16.90
N ASN H 126 1.66 47.64 -17.33
CA ASN H 126 2.92 46.99 -17.69
C ASN H 126 3.13 46.91 -19.19
N ARG H 127 2.20 47.43 -20.00
CA ARG H 127 2.31 47.30 -21.45
C ARG H 127 3.58 47.98 -21.97
N LYS H 128 3.91 49.16 -21.44
CA LYS H 128 5.15 49.82 -21.84
C LYS H 128 6.38 49.04 -21.39
N ASN H 129 6.27 48.31 -20.28
CA ASN H 129 7.39 47.49 -19.84
C ASN H 129 7.56 46.24 -20.69
N LEU H 130 6.46 45.73 -21.26
CA LEU H 130 6.57 44.62 -22.20
C LEU H 130 7.41 45.01 -23.41
N ASP H 131 7.23 46.25 -23.90
CA ASP H 131 8.03 46.71 -25.02
C ASP H 131 9.51 46.77 -24.65
N GLN H 132 9.82 47.22 -23.43
CA GLN H 132 11.21 47.29 -23.00
C GLN H 132 11.85 45.92 -22.88
N ILE H 133 11.06 44.89 -22.55
CA ILE H 133 11.60 43.54 -22.47
C ILE H 133 12.05 43.06 -23.85
N LYS H 134 11.22 43.29 -24.87
CA LYS H 134 11.58 42.89 -26.22
C LYS H 134 12.80 43.66 -26.71
N LYS H 135 12.93 44.93 -26.33
CA LYS H 135 14.09 45.71 -26.75
C LYS H 135 15.36 45.23 -26.06
N ILE H 136 15.29 44.96 -24.75
CA ILE H 136 16.46 44.44 -24.05
C ILE H 136 16.84 43.05 -24.55
N ASN H 137 15.85 42.24 -24.92
CA ASN H 137 16.14 40.94 -25.54
C ASN H 137 16.90 41.11 -26.84
N ASN H 138 16.41 42.01 -27.71
CA ASN H 138 17.10 42.28 -28.96
C ASN H 138 18.46 42.91 -28.72
N GLU H 139 18.59 43.73 -27.68
CA GLU H 139 19.89 44.32 -27.35
C GLU H 139 20.88 43.24 -26.93
N ILE H 140 20.40 42.21 -26.24
CA ILE H 140 21.27 41.10 -25.86
C ILE H 140 21.67 40.28 -27.09
N ARG H 141 20.72 40.06 -28.00
CA ARG H 141 21.05 39.38 -29.25
C ARG H 141 22.12 40.16 -30.02
N ASP H 142 21.94 41.48 -30.13
CA ASP H 142 22.90 42.29 -30.88
C ASP H 142 24.27 42.28 -30.21
N LEU H 143 24.31 42.34 -28.88
CA LEU H 143 25.59 42.31 -28.18
C LEU H 143 26.34 41.03 -28.45
N LEU H 144 25.65 39.88 -28.44
CA LEU H 144 26.30 38.61 -28.68
C LEU H 144 26.88 38.51 -30.09
N GLU H 145 26.44 39.37 -31.01
CA GLU H 145 27.02 39.40 -32.35
C GLU H 145 28.46 39.89 -32.33
N LYS H 146 28.90 40.52 -31.24
CA LYS H 146 30.26 41.03 -31.13
C LYS H 146 31.28 39.94 -30.79
N LEU H 147 30.84 38.71 -30.51
CA LEU H 147 31.76 37.64 -30.17
C LEU H 147 32.76 37.42 -31.31
N LYS H 148 34.04 37.36 -30.95
CA LYS H 148 35.11 37.21 -31.95
C LYS H 148 35.21 35.75 -32.40
N CYS H 149 34.23 35.35 -33.20
CA CYS H 149 34.16 34.02 -33.80
C CYS H 149 32.97 34.00 -34.74
N SER H 150 32.99 33.04 -35.66
CA SER H 150 31.95 32.96 -36.67
C SER H 150 31.39 31.56 -36.79
N GLN H 151 32.12 30.65 -37.44
CA GLN H 151 31.69 29.27 -37.62
C GLN H 151 32.18 28.36 -36.50
N ASP H 152 33.02 28.87 -35.57
CA ASP H 152 33.71 28.03 -34.59
C ASP H 152 33.80 28.78 -33.26
N CYS H 153 32.66 28.98 -32.62
CA CYS H 153 32.56 29.61 -31.30
C CYS H 153 32.59 28.54 -30.22
N GLN H 154 33.52 28.67 -29.27
CA GLN H 154 33.64 27.67 -28.21
C GLN H 154 32.35 27.60 -27.41
N THR H 155 31.98 26.37 -27.02
CA THR H 155 30.77 26.12 -26.26
C THR H 155 31.07 25.76 -24.80
N ASN H 156 32.25 26.11 -24.30
CA ASN H 156 32.63 25.71 -22.95
C ASN H 156 31.79 26.43 -21.90
N VAL H 157 31.58 27.74 -22.05
CA VAL H 157 30.77 28.48 -21.09
C VAL H 157 29.34 27.97 -21.10
N TYR H 158 28.83 27.62 -22.29
CA TYR H 158 27.48 27.10 -22.41
C TYR H 158 27.29 25.82 -21.58
N PHE H 159 28.21 24.86 -21.74
CA PHE H 159 28.13 23.64 -20.95
C PHE H 159 28.56 23.86 -19.51
N ASP H 160 29.32 24.92 -19.24
CA ASP H 160 29.62 25.28 -17.85
C ASP H 160 28.36 25.73 -17.13
N MET H 161 27.57 26.59 -17.77
CA MET H 161 26.34 27.05 -17.15
C MET H 161 25.35 25.91 -16.94
N ILE H 162 25.34 24.94 -17.85
CA ILE H 162 24.46 23.78 -17.70
C ILE H 162 24.85 22.98 -16.46
N LYS H 163 26.15 22.86 -16.20
CA LYS H 163 26.60 22.13 -15.02
C LYS H 163 26.19 22.83 -13.74
N ILE H 164 26.26 24.17 -13.73
CA ILE H 164 25.86 24.91 -12.54
C ILE H 164 24.34 24.85 -12.35
N TYR H 165 23.60 24.89 -13.46
CA TYR H 165 22.13 24.93 -13.36
C TYR H 165 21.59 23.66 -12.73
N LEU H 166 22.13 22.49 -13.11
CA LEU H 166 21.65 21.24 -12.56
C LEU H 166 21.87 21.14 -11.06
N VAL H 167 22.96 21.73 -10.56
CA VAL H 167 23.18 21.80 -9.12
C VAL H 167 22.08 22.62 -8.46
N ASP H 168 21.81 23.82 -9.01
CA ASP H 168 20.75 24.66 -8.45
C ASP H 168 19.38 24.02 -8.57
N PHE H 169 19.18 23.20 -9.60
CA PHE H 169 17.88 22.54 -9.76
C PHE H 169 17.65 21.51 -8.68
N LYS H 170 18.67 20.72 -8.36
CA LYS H 170 18.54 19.73 -7.29
C LYS H 170 18.34 20.37 -5.93
N LYS H 171 18.63 21.67 -5.79
CA LYS H 171 18.40 22.35 -4.52
C LYS H 171 16.92 22.41 -4.19
N MET H 172 16.05 22.44 -5.21
CA MET H 172 14.61 22.46 -4.98
C MET H 172 14.08 21.03 -4.94
N PRO H 173 13.46 20.61 -3.84
CA PRO H 173 12.85 19.26 -3.81
C PRO H 173 11.56 19.22 -4.61
N TYR H 174 11.67 18.83 -5.88
CA TYR H 174 10.52 18.85 -6.78
C TYR H 174 9.42 17.91 -6.30
N GLU H 175 9.80 16.73 -5.79
CA GLU H 175 8.83 15.73 -5.39
C GLU H 175 7.93 16.24 -4.26
N ASN H 176 8.44 17.15 -3.42
CA ASN H 176 7.63 17.72 -2.35
C ASN H 176 6.49 18.55 -2.92
N TYR H 177 6.77 19.39 -3.92
CA TYR H 177 5.70 20.13 -4.58
C TYR H 177 4.74 19.19 -5.29
N ASP H 178 5.28 18.15 -5.94
CA ASP H 178 4.44 17.19 -6.63
C ASP H 178 3.49 16.49 -5.68
N THR H 179 4.00 16.04 -4.53
CA THR H 179 3.16 15.36 -3.55
C THR H 179 2.11 16.31 -2.98
N PHE H 180 2.47 17.59 -2.81
CA PHE H 180 1.54 18.55 -2.22
C PHE H 180 0.33 18.76 -3.12
N ILE H 181 0.57 19.06 -4.40
CA ILE H 181 -0.55 19.41 -5.28
C ILE H 181 -1.39 18.19 -5.61
N LYS H 182 -0.78 17.00 -5.69
CA LYS H 182 -1.55 15.80 -6.00
C LYS H 182 -2.58 15.51 -4.92
N GLN H 183 -2.23 15.78 -3.66
CA GLN H 183 -3.15 15.47 -2.56
C GLN H 183 -4.18 16.56 -2.36
N TYR H 184 -3.75 17.82 -2.35
CA TYR H 184 -4.70 18.92 -2.17
C TYR H 184 -5.68 18.99 -3.33
N LYS H 185 -5.27 18.58 -4.52
CA LYS H 185 -6.19 18.52 -5.66
C LYS H 185 -7.21 17.40 -5.47
N ASN H 186 -6.78 16.26 -4.95
CA ASN H 186 -7.70 15.16 -4.71
C ASN H 186 -8.78 15.55 -3.72
N SER H 187 -8.38 16.18 -2.61
CA SER H 187 -9.35 16.59 -1.60
C SER H 187 -10.26 17.69 -2.14
N TYR H 188 -9.71 18.61 -2.93
CA TYR H 188 -10.51 19.70 -3.48
C TYR H 188 -11.61 19.17 -4.38
N LEU H 189 -11.28 18.23 -5.26
CA LEU H 189 -12.29 17.65 -6.14
C LEU H 189 -13.32 16.86 -5.36
N SER H 190 -12.89 16.13 -4.33
CA SER H 190 -13.82 15.36 -3.52
C SER H 190 -14.80 16.27 -2.79
N GLY H 191 -14.32 17.40 -2.29
CA GLY H 191 -15.21 18.34 -1.62
C GLY H 191 -16.17 19.02 -2.59
N VAL H 192 -15.69 19.35 -3.78
CA VAL H 192 -16.55 19.98 -4.79
C VAL H 192 -17.69 19.05 -5.17
N ASP H 193 -17.39 17.77 -5.37
CA ASP H 193 -18.45 16.82 -5.70
C ASP H 193 -19.33 16.51 -4.49
N MET H 194 -18.78 16.62 -3.28
CA MET H 194 -19.59 16.41 -2.09
C MET H 194 -20.59 17.55 -1.91
N ILE H 195 -20.22 18.77 -2.29
CA ILE H 195 -21.14 19.89 -2.22
C ILE H 195 -22.33 19.65 -3.16
N ARG H 196 -22.07 19.05 -4.32
CA ARG H 196 -23.16 18.75 -5.25
C ARG H 196 -24.16 17.78 -4.61
N LYS H 197 -23.67 16.78 -3.89
CA LYS H 197 -24.56 15.73 -3.40
C LYS H 197 -25.37 16.18 -2.19
N ILE H 198 -24.89 17.17 -1.43
CA ILE H 198 -25.56 17.56 -0.18
C ILE H 198 -26.16 18.96 -0.24
N GLU H 199 -25.96 19.71 -1.33
CA GLU H 199 -26.44 21.10 -1.35
C GLU H 199 -27.96 21.17 -1.29
N LYS H 200 -28.65 20.16 -1.81
CA LYS H 200 -30.11 20.12 -1.78
C LYS H 200 -30.66 19.47 -0.52
N GLN H 201 -29.79 18.99 0.38
CA GLN H 201 -30.23 18.42 1.65
C GLN H 201 -30.26 19.46 2.76
N ILE H 202 -29.22 20.28 2.86
CA ILE H 202 -29.10 21.28 3.91
C ILE H 202 -29.60 22.61 3.37
N ASP H 203 -30.69 23.12 3.94
CA ASP H 203 -31.24 24.42 3.55
C ASP H 203 -30.40 25.53 4.19
N ASN H 204 -29.20 25.68 3.66
CA ASN H 204 -28.24 26.70 4.10
C ASN H 204 -27.60 27.31 2.87
N PRO H 205 -28.37 28.12 2.12
CA PRO H 205 -27.86 28.59 0.82
C PRO H 205 -26.73 29.60 0.94
N VAL H 206 -26.70 30.40 2.01
CA VAL H 206 -25.68 31.44 2.11
C VAL H 206 -24.31 30.84 2.45
N THR H 207 -24.26 29.74 3.22
CA THR H 207 -22.99 29.09 3.49
C THR H 207 -22.51 28.31 2.28
N ILE H 208 -23.43 27.68 1.55
CA ILE H 208 -23.05 26.91 0.36
C ILE H 208 -22.47 27.83 -0.70
N ASN H 209 -23.09 28.99 -0.91
CA ASN H 209 -22.54 29.98 -1.84
C ASN H 209 -21.13 30.39 -1.43
N ALA H 210 -20.89 30.52 -0.12
CA ALA H 210 -19.58 30.89 0.37
C ALA H 210 -18.57 29.76 0.15
N ILE H 211 -19.00 28.51 0.34
CA ILE H 211 -18.12 27.37 0.09
C ILE H 211 -17.78 27.27 -1.39
N LYS H 212 -18.80 27.37 -2.25
CA LYS H 212 -18.56 27.27 -3.68
C LYS H 212 -17.67 28.38 -4.19
N PHE H 213 -17.85 29.61 -3.69
CA PHE H 213 -16.98 30.70 -4.10
C PHE H 213 -15.55 30.45 -3.66
N THR H 214 -15.36 30.01 -2.41
CA THR H 214 -14.02 29.72 -1.93
C THR H 214 -13.41 28.54 -2.68
N GLN H 215 -14.22 27.54 -3.03
CA GLN H 215 -13.71 26.41 -3.79
C GLN H 215 -13.30 26.84 -5.20
N LYS H 216 -14.06 27.75 -5.80
CA LYS H 216 -13.69 28.24 -7.13
C LYS H 216 -12.35 28.96 -7.11
N GLU H 217 -12.03 29.64 -6.00
CA GLU H 217 -10.72 30.26 -5.88
C GLU H 217 -9.62 29.22 -5.65
N MET H 218 -9.95 28.14 -4.94
CA MET H 218 -8.99 27.05 -4.78
C MET H 218 -8.61 26.45 -6.13
N GLY H 219 -9.61 26.20 -6.98
CA GLY H 219 -9.33 25.58 -8.27
C GLY H 219 -8.40 26.42 -9.13
N TYR H 220 -8.63 27.74 -9.17
CA TYR H 220 -7.77 28.61 -9.96
C TYR H 220 -6.33 28.57 -9.45
N ILE H 221 -6.15 28.57 -8.12
CA ILE H 221 -4.80 28.51 -7.57
C ILE H 221 -4.14 27.17 -7.93
N ILE H 222 -4.89 26.07 -7.80
CA ILE H 222 -4.36 24.78 -8.24
C ILE H 222 -4.01 24.83 -9.72
N ASP H 223 -4.86 25.45 -10.53
CA ASP H 223 -4.60 25.56 -11.96
C ASP H 223 -3.30 26.30 -12.22
N ARG H 224 -3.12 27.46 -11.57
CA ARG H 224 -1.87 28.20 -11.73
C ARG H 224 -0.70 27.46 -11.11
N PHE H 225 -0.92 26.73 -10.02
CA PHE H 225 0.15 25.94 -9.42
C PHE H 225 0.63 24.86 -10.37
N GLU H 226 -0.30 24.09 -10.93
CA GLU H 226 0.07 23.03 -11.87
C GLU H 226 0.78 23.59 -13.09
N TYR H 227 0.41 24.79 -13.53
CA TYR H 227 1.11 25.40 -14.66
C TYR H 227 2.58 25.63 -14.33
N HIS H 228 2.86 26.28 -13.20
CA HIS H 228 4.23 26.58 -12.83
C HIS H 228 5.02 25.30 -12.52
N LEU H 229 4.38 24.32 -11.88
CA LEU H 229 5.07 23.06 -11.60
C LEU H 229 5.46 22.35 -12.88
N GLN H 230 4.60 22.41 -13.90
CA GLN H 230 4.92 21.78 -15.18
C GLN H 230 6.03 22.53 -15.90
N LYS H 231 6.00 23.88 -15.86
CA LYS H 231 7.08 24.64 -16.47
C LYS H 231 8.39 24.43 -15.73
N VAL H 232 8.34 24.22 -14.42
CA VAL H 232 9.56 23.97 -13.65
C VAL H 232 10.13 22.59 -13.99
N LYS H 233 9.27 21.57 -14.01
CA LYS H 233 9.72 20.23 -14.36
C LYS H 233 10.25 20.19 -15.79
N HIS H 234 9.59 20.88 -16.72
CA HIS H 234 10.05 20.92 -18.09
C HIS H 234 11.42 21.58 -18.20
N SER H 235 11.67 22.61 -17.39
CA SER H 235 12.98 23.25 -17.38
C SER H 235 14.06 22.28 -16.93
N ILE H 236 13.77 21.48 -15.89
CA ILE H 236 14.77 20.58 -15.35
C ILE H 236 15.09 19.46 -16.35
N ASP H 237 14.04 18.90 -16.98
CA ASP H 237 14.27 17.79 -17.91
C ASP H 237 14.99 18.24 -19.16
N GLN H 238 14.64 19.42 -19.69
CA GLN H 238 15.25 19.88 -20.92
C GLN H 238 16.74 20.15 -20.74
N VAL H 239 17.13 20.75 -19.62
CA VAL H 239 18.54 21.04 -19.39
C VAL H 239 19.32 19.76 -19.15
N THR H 240 18.73 18.82 -18.39
CA THR H 240 19.39 17.54 -18.14
C THR H 240 19.54 16.73 -19.42
N ALA H 241 18.61 16.87 -20.36
CA ALA H 241 18.75 16.22 -21.65
C ALA H 241 19.95 16.77 -22.41
N LEU H 242 20.14 18.10 -22.38
CA LEU H 242 21.30 18.69 -23.01
C LEU H 242 22.59 18.23 -22.34
N SER H 243 22.58 18.11 -21.00
CA SER H 243 23.77 17.70 -20.29
C SER H 243 24.16 16.26 -20.62
N ASP H 244 23.17 15.40 -20.83
CA ASP H 244 23.40 14.00 -21.18
C ASP H 244 23.49 13.76 -22.68
N GLY H 245 23.35 14.80 -23.49
CA GLY H 245 23.33 14.66 -24.93
C GLY H 245 24.70 14.87 -25.56
N VAL H 246 24.68 15.04 -26.88
CA VAL H 246 25.91 15.27 -27.62
C VAL H 246 26.47 16.64 -27.25
N LYS H 247 27.79 16.72 -27.15
CA LYS H 247 28.49 17.96 -26.77
C LYS H 247 29.45 18.38 -27.86
N PRO H 248 29.09 19.34 -28.71
CA PRO H 248 30.05 19.85 -29.69
C PRO H 248 30.92 20.94 -29.09
N LYS H 249 32.21 20.89 -29.42
CA LYS H 249 33.14 21.87 -28.86
C LYS H 249 32.96 23.25 -29.48
N GLN H 250 32.57 23.30 -30.75
CA GLN H 250 32.45 24.57 -31.47
C GLN H 250 31.21 24.54 -32.35
N VAL H 251 30.45 25.63 -32.33
CA VAL H 251 29.26 25.81 -33.16
C VAL H 251 29.35 27.19 -33.82
N THR H 252 28.34 27.49 -34.64
CA THR H 252 28.27 28.81 -35.26
C THR H 252 27.70 29.83 -34.28
N LYS H 253 27.99 31.11 -34.55
CA LYS H 253 27.61 32.18 -33.63
C LYS H 253 26.09 32.29 -33.50
N ASN H 254 25.35 32.00 -34.58
CA ASN H 254 23.90 32.02 -34.50
C ASN H 254 23.40 30.92 -33.58
N ARG H 255 24.01 29.73 -33.65
CA ARG H 255 23.57 28.62 -32.81
C ARG H 255 23.89 28.87 -31.34
N LEU H 256 25.06 29.44 -31.04
CA LEU H 256 25.38 29.76 -29.66
C LEU H 256 24.46 30.85 -29.12
N LYS H 257 24.04 31.78 -29.97
CA LYS H 257 23.03 32.75 -29.55
C LYS H 257 21.73 32.04 -29.19
N GLU H 258 21.37 30.99 -29.94
CA GLU H 258 20.22 30.17 -29.57
C GLU H 258 20.50 29.37 -28.30
N TYR H 259 21.72 28.85 -28.16
CA TYR H 259 22.08 28.06 -26.98
C TYR H 259 21.94 28.90 -25.71
N TYR H 260 22.53 30.10 -25.70
CA TYR H 260 22.48 30.94 -24.52
C TYR H 260 21.04 31.33 -24.18
N PHE H 261 20.24 31.64 -25.19
CA PHE H 261 18.84 31.99 -24.94
C PHE H 261 18.04 30.77 -24.49
N ASN H 262 18.45 29.57 -24.90
CA ASN H 262 17.77 28.34 -24.51
C ASN H 262 17.89 28.12 -23.00
N ILE H 263 19.10 27.88 -22.52
CA ILE H 263 19.28 27.62 -21.09
C ILE H 263 18.93 28.85 -20.27
N GLY H 264 19.15 30.05 -20.82
CA GLY H 264 18.74 31.25 -20.11
C GLY H 264 17.25 31.32 -19.91
N ASN H 265 16.47 30.90 -20.91
CA ASN H 265 15.03 30.83 -20.74
C ASN H 265 14.63 29.77 -19.74
N TYR H 266 15.18 28.55 -19.88
CA TYR H 266 14.84 27.46 -18.98
C TYR H 266 15.15 27.83 -17.53
N TYR H 267 16.30 28.47 -17.29
CA TYR H 267 16.68 28.80 -15.93
C TYR H 267 15.81 29.91 -15.35
N SER H 268 15.48 30.92 -16.16
CA SER H 268 14.62 31.99 -15.67
C SER H 268 13.21 31.48 -15.41
N ILE H 269 12.70 30.60 -16.29
CA ILE H 269 11.40 29.98 -16.07
C ILE H 269 11.42 29.17 -14.78
N PHE H 270 12.54 28.53 -14.48
CA PHE H 270 12.66 27.77 -13.24
C PHE H 270 12.57 28.68 -12.02
N LYS H 271 13.40 29.72 -11.98
CA LYS H 271 13.38 30.64 -10.85
C LYS H 271 12.03 31.35 -10.74
N PHE H 272 11.43 31.69 -11.87
CA PHE H 272 10.09 32.28 -11.86
C PHE H 272 9.08 31.31 -11.28
N GLY H 273 9.10 30.05 -11.74
CA GLY H 273 8.17 29.06 -11.22
C GLY H 273 8.36 28.83 -9.73
N LYS H 274 9.60 28.81 -9.26
CA LYS H 274 9.87 28.63 -7.84
C LYS H 274 9.24 29.75 -7.01
N ASP H 275 9.36 31.00 -7.48
CA ASP H 275 8.81 32.13 -6.75
C ASP H 275 7.31 32.01 -6.57
N SER H 276 6.59 31.63 -7.64
CA SER H 276 5.14 31.53 -7.57
C SER H 276 4.68 30.25 -6.89
N LEU H 277 5.38 29.14 -7.12
CA LEU H 277 4.99 27.87 -6.50
C LEU H 277 4.97 27.99 -4.99
N ASN H 278 5.98 28.63 -4.40
CA ASN H 278 5.99 28.84 -2.96
C ASN H 278 4.87 29.77 -2.53
N MET H 279 4.53 30.76 -3.35
CA MET H 279 3.43 31.66 -3.01
C MET H 279 2.08 30.96 -3.20
N LEU H 280 1.92 30.24 -4.31
CA LEU H 280 0.67 29.52 -4.53
C LEU H 280 0.46 28.41 -3.51
N ASN H 281 1.56 27.79 -3.05
CA ASN H 281 1.45 26.78 -2.00
C ASN H 281 0.84 27.37 -0.74
N LYS H 282 1.33 28.52 -0.30
CA LYS H 282 0.77 29.16 0.88
C LYS H 282 -0.63 29.68 0.62
N ALA H 283 -0.92 30.12 -0.61
CA ALA H 283 -2.25 30.63 -0.92
C ALA H 283 -3.29 29.51 -0.91
N LEU H 284 -2.95 28.35 -1.49
CA LEU H 284 -3.90 27.24 -1.51
C LEU H 284 -4.15 26.68 -0.12
N ILE H 285 -3.11 26.67 0.73
CA ILE H 285 -3.29 26.19 2.10
C ILE H 285 -4.22 27.10 2.87
N HIS H 286 -4.08 28.42 2.69
CA HIS H 286 -4.95 29.36 3.40
C HIS H 286 -6.39 29.25 2.93
N LYS H 287 -6.59 29.07 1.62
CA LYS H 287 -7.95 28.91 1.12
C LYS H 287 -8.55 27.56 1.53
N GLU H 288 -7.72 26.53 1.66
CA GLU H 288 -8.22 25.23 2.10
C GLU H 288 -8.68 25.25 3.54
N LYS H 289 -8.03 26.05 4.38
CA LYS H 289 -8.49 26.19 5.77
C LYS H 289 -9.81 26.94 5.85
N ILE H 290 -10.05 27.85 4.91
CA ILE H 290 -11.32 28.59 4.91
C ILE H 290 -12.47 27.67 4.52
N VAL H 291 -12.27 26.83 3.50
CA VAL H 291 -13.33 25.93 3.07
C VAL H 291 -13.72 24.98 4.20
N HIS H 292 -12.75 24.52 4.99
CA HIS H 292 -13.05 23.60 6.07
C HIS H 292 -13.66 24.30 7.28
N ASN H 293 -13.37 25.57 7.48
CA ASN H 293 -14.09 26.33 8.50
C ASN H 293 -15.52 26.61 8.02
N LEU H 294 -15.69 26.85 6.72
CA LEU H 294 -17.03 27.02 6.18
C LEU H 294 -17.84 25.73 6.27
N LEU H 295 -17.22 24.60 5.92
CA LEU H 295 -17.89 23.32 6.07
C LEU H 295 -18.24 23.03 7.53
N GLY H 296 -17.38 23.48 8.45
CA GLY H 296 -17.73 23.36 9.86
C GLY H 296 -18.96 24.18 10.22
N GLU H 297 -19.06 25.39 9.66
CA GLU H 297 -20.25 26.20 9.87
C GLU H 297 -21.48 25.54 9.27
N LEU H 298 -21.32 24.93 8.09
CA LEU H 298 -22.45 24.27 7.43
C LEU H 298 -22.94 23.07 8.25
N PHE H 299 -22.02 22.25 8.73
CA PHE H 299 -22.38 21.06 9.50
C PHE H 299 -22.55 21.33 10.98
N GLY H 300 -22.07 22.47 11.48
CA GLY H 300 -22.25 22.81 12.87
C GLY H 300 -23.58 23.45 13.21
N HIS H 301 -24.46 23.60 12.21
CA HIS H 301 -25.77 24.22 12.42
C HIS H 301 -26.83 23.38 11.71
N LEU H 302 -26.99 22.14 12.15
CA LEU H 302 -28.03 21.27 11.63
C LEU H 302 -29.27 21.23 12.50
N GLU H 303 -29.13 21.50 13.79
CA GLU H 303 -30.27 21.51 14.70
C GLU H 303 -31.14 22.75 14.51
N TYR I 7 -13.17 -3.06 -4.90
CA TYR I 7 -11.74 -3.19 -5.18
C TYR I 7 -11.32 -4.65 -5.16
N GLU I 8 -10.42 -5.03 -6.06
CA GLU I 8 -9.93 -6.39 -6.17
C GLU I 8 -8.41 -6.41 -6.14
N LEU I 9 -7.85 -7.43 -5.48
CA LEU I 9 -6.41 -7.59 -5.34
C LEU I 9 -5.98 -8.86 -6.06
N THR I 10 -4.98 -8.74 -6.92
CA THR I 10 -4.54 -9.84 -7.76
C THR I 10 -3.24 -10.41 -7.22
N GLN I 11 -3.23 -11.70 -6.92
CA GLN I 11 -2.06 -12.41 -6.43
C GLN I 11 -1.84 -13.67 -7.25
N ALA I 12 -0.58 -13.93 -7.59
CA ALA I 12 -0.26 -15.16 -8.30
C ALA I 12 -0.48 -16.36 -7.38
N PRO I 13 -0.99 -17.48 -7.90
CA PRO I 13 -1.27 -18.63 -7.02
C PRO I 13 -0.02 -19.30 -6.46
N SER I 14 1.14 -19.14 -7.08
CA SER I 14 2.32 -19.89 -6.65
C SER I 14 3.59 -19.16 -7.04
N VAL I 15 4.60 -19.28 -6.19
CA VAL I 15 5.94 -18.76 -6.44
C VAL I 15 6.94 -19.76 -5.90
N SER I 16 8.00 -20.02 -6.67
CA SER I 16 9.04 -20.97 -6.29
C SER I 16 10.38 -20.26 -6.18
N VAL I 17 11.11 -20.56 -5.11
CA VAL I 17 12.45 -20.01 -4.88
C VAL I 17 13.36 -21.10 -4.34
N ALA I 18 14.67 -20.87 -4.46
CA ALA I 18 15.72 -21.72 -3.93
C ALA I 18 16.21 -21.16 -2.59
N PRO I 19 16.74 -22.01 -1.71
CA PRO I 19 17.23 -21.51 -0.42
C PRO I 19 18.33 -20.47 -0.61
N GLY I 20 18.30 -19.45 0.26
CA GLY I 20 19.25 -18.36 0.18
C GLY I 20 18.93 -17.30 -0.85
N GLN I 21 17.94 -17.52 -1.70
CA GLN I 21 17.57 -16.55 -2.72
C GLN I 21 16.65 -15.49 -2.13
N THR I 22 16.08 -14.65 -2.99
CA THR I 22 15.15 -13.60 -2.58
C THR I 22 13.79 -13.87 -3.20
N ALA I 23 12.81 -14.24 -2.39
CA ALA I 23 11.46 -14.46 -2.87
C ALA I 23 10.75 -13.14 -3.07
N ARG I 24 9.85 -13.11 -4.06
CA ARG I 24 9.07 -11.91 -4.35
C ARG I 24 7.63 -12.33 -4.62
N ILE I 25 6.71 -11.79 -3.83
CA ILE I 25 5.28 -12.08 -3.95
C ILE I 25 4.57 -10.77 -4.26
N THR I 26 3.80 -10.75 -5.34
CA THR I 26 3.22 -9.52 -5.87
C THR I 26 1.77 -9.35 -5.42
N CYS I 27 1.37 -8.10 -5.28
CA CYS I 27 -0.02 -7.73 -4.96
C CYS I 27 -0.42 -6.61 -5.92
N GLY I 28 -1.32 -6.92 -6.84
CA GLY I 28 -1.70 -5.99 -7.88
C GLY I 28 -3.06 -5.35 -7.63
N GLY I 29 -3.19 -4.10 -8.07
CA GLY I 29 -4.44 -3.37 -7.95
C GLY I 29 -4.35 -1.98 -8.55
N ASP I 30 -5.47 -1.48 -9.09
CA ASP I 30 -5.50 -0.17 -9.71
C ASP I 30 -5.08 0.92 -8.73
N ASN I 31 -3.90 1.50 -8.95
CA ASN I 31 -3.36 2.56 -8.11
C ASN I 31 -3.32 2.13 -6.64
N ILE I 32 -2.83 0.90 -6.42
CA ILE I 32 -2.70 0.37 -5.08
C ILE I 32 -1.72 1.18 -4.24
N GLY I 33 -0.84 1.94 -4.89
CA GLY I 33 0.12 2.78 -4.18
C GLY I 33 -0.49 3.92 -3.40
N ARG I 34 -1.79 4.18 -3.56
CA ARG I 34 -2.44 5.22 -2.79
C ARG I 34 -2.82 4.77 -1.39
N THR I 35 -2.94 3.47 -1.15
CA THR I 35 -3.38 2.95 0.13
C THR I 35 -2.32 2.05 0.71
N SER I 36 -2.45 1.76 2.01
CA SER I 36 -1.51 0.89 2.70
C SER I 36 -1.78 -0.57 2.37
N VAL I 37 -0.70 -1.33 2.16
CA VAL I 37 -0.77 -2.76 1.92
C VAL I 37 -0.21 -3.49 3.14
N HIS I 38 -0.96 -4.46 3.64
CA HIS I 38 -0.53 -5.29 4.76
C HIS I 38 -0.33 -6.72 4.29
N TRP I 39 0.65 -7.41 4.88
CA TRP I 39 1.04 -8.75 4.46
C TRP I 39 0.93 -9.72 5.63
N TYR I 40 0.40 -10.91 5.36
CA TYR I 40 0.20 -11.94 6.37
C TYR I 40 0.83 -13.24 5.90
N GLN I 41 1.54 -13.91 6.81
CA GLN I 41 2.10 -15.23 6.57
C GLN I 41 1.23 -16.25 7.29
N GLN I 42 0.85 -17.31 6.58
CA GLN I 42 0.03 -18.37 7.14
C GLN I 42 0.69 -19.72 6.84
N LYS I 43 1.27 -20.33 7.87
CA LYS I 43 1.82 -21.67 7.74
C LYS I 43 0.70 -22.70 7.95
N PRO I 44 0.86 -23.92 7.40
CA PRO I 44 -0.23 -24.90 7.47
C PRO I 44 -0.68 -25.18 8.89
N GLY I 45 -1.99 -25.21 9.07
CA GLY I 45 -2.57 -25.49 10.37
C GLY I 45 -2.39 -24.39 11.39
N GLN I 46 -2.03 -23.19 10.96
CA GLN I 46 -1.76 -22.08 11.87
C GLN I 46 -2.58 -20.87 11.46
N ALA I 47 -2.61 -19.89 12.36
CA ALA I 47 -3.30 -18.63 12.10
C ALA I 47 -2.40 -17.67 11.33
N PRO I 48 -2.98 -16.71 10.63
CA PRO I 48 -2.16 -15.70 9.94
C PRO I 48 -1.33 -14.90 10.92
N VAL I 49 -0.14 -14.51 10.47
CA VAL I 49 0.79 -13.70 11.26
C VAL I 49 1.11 -12.45 10.48
N LEU I 50 0.84 -11.28 11.07
CA LEU I 50 1.15 -10.02 10.40
C LEU I 50 2.65 -9.88 10.23
N VAL I 51 3.10 -9.85 8.98
CA VAL I 51 4.51 -9.85 8.68
C VAL I 51 5.02 -8.51 8.15
N ILE I 52 4.18 -7.74 7.44
CA ILE I 52 4.51 -6.39 6.99
C ILE I 52 3.22 -5.59 6.98
N PHE I 53 3.25 -4.40 7.57
CA PHE I 53 2.10 -3.50 7.57
C PHE I 53 2.52 -2.13 7.07
N TYR I 54 1.54 -1.38 6.57
CA TYR I 54 1.74 -0.04 6.00
C TYR I 54 2.88 -0.05 4.98
N ASP I 55 2.70 -0.90 3.96
CA ASP I 55 3.62 -1.02 2.82
C ASP I 55 4.97 -1.60 3.19
N ASN I 56 5.65 -1.05 4.21
CA ASN I 56 7.01 -1.48 4.50
C ASN I 56 7.37 -1.49 5.98
N ASP I 57 6.42 -1.30 6.89
CA ASP I 57 6.72 -1.37 8.31
C ASP I 57 6.72 -2.81 8.79
N ARG I 58 7.66 -3.13 9.68
CA ARG I 58 7.90 -4.50 10.12
C ARG I 58 7.58 -4.64 11.60
N PRO I 59 6.70 -5.55 12.00
CA PRO I 59 6.43 -5.75 13.42
C PRO I 59 7.68 -6.25 14.15
N SER I 60 7.80 -5.83 15.41
CA SER I 60 8.89 -6.30 16.26
C SER I 60 8.79 -7.81 16.44
N GLY I 61 9.86 -8.52 16.11
CA GLY I 61 9.89 -9.97 16.15
C GLY I 61 9.88 -10.63 14.80
N ILE I 62 9.56 -9.89 13.74
CA ILE I 62 9.61 -10.40 12.38
C ILE I 62 11.03 -10.22 11.85
N PRO I 63 11.61 -11.23 11.20
CA PRO I 63 13.00 -11.09 10.73
C PRO I 63 13.16 -9.97 9.71
N GLU I 64 14.34 -9.36 9.71
CA GLU I 64 14.65 -8.30 8.76
C GLU I 64 14.61 -8.78 7.31
N ARG I 65 14.70 -10.10 7.09
CA ARG I 65 14.58 -10.66 5.75
C ARG I 65 13.25 -10.35 5.10
N PHE I 66 12.28 -9.81 5.84
CA PHE I 66 10.98 -9.42 5.31
C PHE I 66 10.96 -7.92 5.08
N SER I 67 10.74 -7.52 3.83
CA SER I 67 10.67 -6.11 3.46
C SER I 67 9.49 -5.92 2.51
N GLY I 68 9.05 -4.68 2.38
CA GLY I 68 7.86 -4.39 1.60
C GLY I 68 8.03 -3.16 0.74
N SER I 69 7.29 -3.13 -0.36
CA SER I 69 7.27 -1.99 -1.27
C SER I 69 5.90 -1.91 -1.91
N ASN I 70 5.39 -0.69 -2.06
CA ASN I 70 4.08 -0.46 -2.67
C ASN I 70 4.16 0.83 -3.48
N SER I 71 3.89 0.72 -4.78
CA SER I 71 3.99 1.87 -5.67
C SER I 71 3.18 1.59 -6.92
N GLY I 72 2.52 2.63 -7.44
CA GLY I 72 1.78 2.49 -8.68
C GLY I 72 0.67 1.49 -8.56
N ASN I 73 0.68 0.49 -9.44
CA ASN I 73 -0.35 -0.55 -9.47
C ASN I 73 0.14 -1.88 -8.94
N MET I 74 1.29 -1.93 -8.26
CA MET I 74 1.86 -3.18 -7.81
C MET I 74 2.49 -3.02 -6.43
N ALA I 75 2.11 -3.91 -5.51
CA ALA I 75 2.76 -4.03 -4.21
C ALA I 75 3.55 -5.33 -4.17
N THR I 76 4.68 -5.31 -3.46
CA THR I 76 5.59 -6.46 -3.46
C THR I 76 6.11 -6.70 -2.05
N LEU I 77 6.00 -7.96 -1.61
CA LEU I 77 6.63 -8.44 -0.39
C LEU I 77 7.81 -9.32 -0.78
N SER I 78 8.99 -8.99 -0.27
CA SER I 78 10.23 -9.67 -0.64
C SER I 78 10.87 -10.31 0.57
N ILE I 79 11.19 -11.60 0.47
CA ILE I 79 11.86 -12.34 1.52
C ILE I 79 13.26 -12.69 1.02
N SER I 80 14.28 -12.21 1.73
CA SER I 80 15.67 -12.41 1.33
C SER I 80 16.30 -13.54 2.13
N ARG I 81 17.26 -14.21 1.50
CA ARG I 81 17.95 -15.37 2.07
C ARG I 81 16.93 -16.38 2.59
N VAL I 82 16.07 -16.83 1.66
CA VAL I 82 14.90 -17.62 2.03
C VAL I 82 15.33 -18.93 2.68
N GLU I 83 14.72 -19.23 3.81
CA GLU I 83 14.88 -20.50 4.49
C GLU I 83 13.71 -21.42 4.15
N VAL I 84 13.90 -22.71 4.42
CA VAL I 84 12.83 -23.69 4.19
C VAL I 84 11.63 -23.38 5.05
N GLY I 85 11.85 -22.88 6.27
CA GLY I 85 10.77 -22.53 7.16
C GLY I 85 9.88 -21.42 6.66
N ASP I 86 10.29 -20.71 5.60
CA ASP I 86 9.46 -19.65 5.02
C ASP I 86 8.31 -20.20 4.17
N GLU I 87 8.25 -21.50 3.94
CA GLU I 87 7.16 -22.08 3.17
C GLU I 87 5.83 -21.83 3.87
N ALA I 88 4.97 -21.04 3.22
CA ALA I 88 3.66 -20.69 3.78
C ALA I 88 2.82 -20.08 2.66
N ASP I 89 1.59 -19.73 3.01
CA ASP I 89 0.74 -18.92 2.15
C ASP I 89 0.84 -17.46 2.58
N TYR I 90 0.92 -16.57 1.61
CA TYR I 90 1.08 -15.15 1.88
C TYR I 90 -0.09 -14.39 1.28
N TYR I 91 -0.74 -13.57 2.11
CA TYR I 91 -1.91 -12.80 1.72
C TYR I 91 -1.61 -11.31 1.88
N CYS I 92 -2.03 -10.51 0.91
CA CYS I 92 -2.01 -9.06 1.05
C CYS I 92 -3.43 -8.56 1.33
N GLN I 93 -3.51 -7.36 1.89
CA GLN I 93 -4.78 -6.79 2.29
C GLN I 93 -4.70 -5.27 2.20
N VAL I 94 -5.77 -4.66 1.71
CA VAL I 94 -5.90 -3.21 1.67
C VAL I 94 -7.32 -2.84 2.11
N TRP I 95 -7.53 -1.54 2.30
CA TRP I 95 -8.86 -0.99 2.56
C TRP I 95 -9.54 -0.67 1.24
N ASP I 96 -10.74 -1.21 1.04
CA ASP I 96 -11.54 -0.94 -0.15
C ASP I 96 -12.26 0.39 0.06
N SER I 97 -11.74 1.46 -0.56
CA SER I 97 -12.25 2.81 -0.33
C SER I 97 -13.59 3.07 -1.02
N ASN I 98 -14.00 2.22 -1.97
CA ASN I 98 -15.31 2.39 -2.59
C ASN I 98 -16.41 1.77 -1.74
N ASN I 99 -16.18 0.59 -1.18
CA ASN I 99 -17.17 -0.11 -0.39
C ASN I 99 -16.91 -0.06 1.11
N ASP I 100 -15.81 0.56 1.54
CA ASP I 100 -15.54 0.84 2.94
C ASP I 100 -15.50 -0.44 3.79
N HIS I 101 -14.54 -1.30 3.47
CA HIS I 101 -14.33 -2.53 4.23
C HIS I 101 -13.00 -3.13 3.80
N PRO I 102 -12.37 -3.95 4.64
CA PRO I 102 -11.12 -4.61 4.25
C PRO I 102 -11.36 -5.64 3.16
N VAL I 103 -10.29 -5.98 2.45
CA VAL I 103 -10.35 -6.97 1.37
C VAL I 103 -9.01 -7.67 1.29
N PHE I 104 -9.04 -8.99 1.08
CA PHE I 104 -7.85 -9.81 1.01
C PHE I 104 -7.63 -10.30 -0.41
N GLY I 105 -6.37 -10.39 -0.81
CA GLY I 105 -6.03 -11.02 -2.07
C GLY I 105 -6.22 -12.52 -2.01
N GLY I 106 -6.09 -13.14 -3.18
CA GLY I 106 -6.34 -14.57 -3.30
C GLY I 106 -5.32 -15.44 -2.60
N GLY I 107 -4.15 -14.90 -2.28
CA GLY I 107 -3.13 -15.66 -1.60
C GLY I 107 -2.11 -16.23 -2.57
N THR I 108 -0.88 -16.40 -2.08
CA THR I 108 0.22 -16.93 -2.88
C THR I 108 0.97 -17.96 -2.06
N LYS I 109 1.08 -19.17 -2.58
CA LYS I 109 1.78 -20.26 -1.90
C LYS I 109 3.25 -20.26 -2.32
N LEU I 110 4.14 -20.10 -1.34
CA LEU I 110 5.58 -20.11 -1.59
C LEU I 110 6.13 -21.51 -1.32
N THR I 111 6.86 -22.05 -2.29
CA THR I 111 7.46 -23.37 -2.20
C THR I 111 8.96 -23.23 -2.36
N VAL I 112 9.71 -23.61 -1.34
CA VAL I 112 11.16 -23.53 -1.37
C VAL I 112 11.70 -24.82 -2.00
N VAL I 113 12.35 -24.69 -3.14
CA VAL I 113 12.84 -25.82 -3.92
C VAL I 113 14.17 -26.30 -3.35
N GLY I 114 14.74 -27.33 -3.97
CA GLY I 114 16.08 -27.78 -3.64
C GLY I 114 16.21 -28.60 -2.39
N GLN I 115 15.11 -28.91 -1.70
CA GLN I 115 15.20 -29.77 -0.54
C GLN I 115 15.59 -31.18 -0.97
N PRO I 116 16.24 -31.94 -0.07
CA PRO I 116 16.65 -33.30 -0.44
C PRO I 116 15.46 -34.18 -0.78
N LYS I 117 15.62 -35.02 -1.80
CA LYS I 117 14.56 -35.93 -2.21
C LYS I 117 14.52 -37.11 -1.26
N ALA I 118 13.32 -37.46 -0.80
CA ALA I 118 13.10 -38.58 0.11
C ALA I 118 12.15 -39.58 -0.53
N ALA I 119 12.51 -40.86 -0.46
CA ALA I 119 11.70 -41.91 -1.08
C ALA I 119 10.59 -42.34 -0.13
N PRO I 120 9.40 -42.64 -0.64
CA PRO I 120 8.29 -43.02 0.24
C PRO I 120 8.46 -44.41 0.82
N SER I 121 7.96 -44.57 2.04
CA SER I 121 7.86 -45.87 2.70
C SER I 121 6.40 -46.30 2.70
N VAL I 122 6.14 -47.54 2.30
CA VAL I 122 4.79 -48.02 2.05
C VAL I 122 4.49 -49.20 2.97
N THR I 123 3.34 -49.15 3.63
CA THR I 123 2.84 -50.27 4.42
C THR I 123 1.44 -50.60 3.93
N LEU I 124 1.18 -51.87 3.68
CA LEU I 124 -0.10 -52.34 3.16
C LEU I 124 -0.70 -53.34 4.13
N PHE I 125 -1.92 -53.08 4.58
CA PHE I 125 -2.62 -53.98 5.48
C PHE I 125 -3.78 -54.67 4.78
N PRO I 126 -3.92 -55.98 4.95
CA PRO I 126 -5.08 -56.68 4.41
C PRO I 126 -6.34 -56.35 5.20
N PRO I 127 -7.52 -56.69 4.69
CA PRO I 127 -8.75 -56.43 5.45
C PRO I 127 -8.73 -57.09 6.82
N SER I 128 -9.32 -56.40 7.79
CA SER I 128 -9.43 -56.97 9.13
C SER I 128 -10.30 -58.22 9.11
N SER I 129 -9.99 -59.14 10.03
CA SER I 129 -10.83 -60.33 10.18
C SER I 129 -12.18 -59.98 10.79
N GLU I 130 -12.19 -59.07 11.78
CA GLU I 130 -13.45 -58.57 12.33
C GLU I 130 -14.27 -57.86 11.25
N GLU I 131 -13.61 -57.18 10.31
CA GLU I 131 -14.33 -56.49 9.27
C GLU I 131 -14.99 -57.47 8.31
N LEU I 132 -14.25 -58.49 7.88
CA LEU I 132 -14.81 -59.48 6.96
C LEU I 132 -15.98 -60.23 7.58
N GLN I 133 -15.99 -60.35 8.91
CA GLN I 133 -17.16 -60.91 9.58
C GLN I 133 -18.39 -60.04 9.42
N ALA I 134 -18.20 -58.73 9.18
CA ALA I 134 -19.29 -57.81 8.93
C ALA I 134 -19.56 -57.61 7.45
N ASN I 135 -19.10 -58.54 6.60
CA ASN I 135 -19.35 -58.53 5.17
C ASN I 135 -18.80 -57.26 4.51
N LYS I 136 -17.61 -56.85 4.91
CA LYS I 136 -16.93 -55.70 4.31
C LYS I 136 -15.43 -55.99 4.31
N ALA I 137 -14.73 -55.33 3.38
CA ALA I 137 -13.30 -55.52 3.26
C ALA I 137 -12.66 -54.22 2.81
N THR I 138 -11.64 -53.78 3.54
CA THR I 138 -10.92 -52.56 3.22
C THR I 138 -9.42 -52.85 3.17
N LEU I 139 -8.77 -52.42 2.09
CA LEU I 139 -7.32 -52.46 1.98
C LEU I 139 -6.76 -51.09 2.31
N VAL I 140 -5.76 -51.05 3.19
CA VAL I 140 -5.20 -49.80 3.68
C VAL I 140 -3.76 -49.69 3.19
N CYS I 141 -3.47 -48.64 2.43
CA CYS I 141 -2.13 -48.36 1.95
C CYS I 141 -1.66 -47.04 2.54
N LEU I 142 -0.60 -47.08 3.33
CA LEU I 142 -0.06 -45.91 4.03
C LEU I 142 1.29 -45.55 3.42
N ILE I 143 1.42 -44.31 2.97
CA ILE I 143 2.63 -43.81 2.34
C ILE I 143 3.21 -42.74 3.25
N SER I 144 4.51 -42.86 3.56
CA SER I 144 5.13 -42.08 4.61
C SER I 144 6.49 -41.55 4.15
N ASP I 145 6.84 -40.38 4.68
CA ASP I 145 8.18 -39.80 4.59
C ASP I 145 8.69 -39.75 3.15
N PHE I 146 8.14 -38.81 2.39
CA PHE I 146 8.58 -38.62 1.02
C PHE I 146 8.57 -37.14 0.66
N TYR I 147 9.64 -36.69 0.00
CA TYR I 147 9.73 -35.36 -0.55
C TYR I 147 10.24 -35.44 -1.99
N PRO I 148 9.65 -34.68 -2.92
CA PRO I 148 8.52 -33.76 -2.73
C PRO I 148 7.19 -34.47 -2.47
N GLY I 149 6.15 -33.68 -2.17
CA GLY I 149 4.84 -34.23 -1.88
C GLY I 149 4.00 -34.42 -3.13
N ALA I 150 4.35 -35.42 -3.93
CA ALA I 150 3.62 -35.69 -5.17
C ALA I 150 3.78 -37.18 -5.48
N VAL I 151 2.74 -37.96 -5.23
CA VAL I 151 2.75 -39.39 -5.51
C VAL I 151 1.47 -39.77 -6.24
N THR I 152 1.59 -40.75 -7.14
CA THR I 152 0.44 -41.38 -7.77
C THR I 152 0.37 -42.84 -7.30
N VAL I 153 -0.83 -43.30 -7.00
CA VAL I 153 -1.06 -44.62 -6.43
C VAL I 153 -1.89 -45.43 -7.40
N ALA I 154 -1.45 -46.65 -7.67
CA ALA I 154 -2.17 -47.59 -8.51
C ALA I 154 -2.41 -48.89 -7.74
N TRP I 155 -3.61 -49.43 -7.87
CA TRP I 155 -3.98 -50.68 -7.21
C TRP I 155 -4.08 -51.80 -8.24
N LYS I 156 -3.87 -53.03 -7.78
CA LYS I 156 -3.85 -54.18 -8.67
C LYS I 156 -4.48 -55.39 -8.00
N ALA I 157 -5.46 -55.99 -8.67
CA ALA I 157 -6.00 -57.29 -8.29
C ALA I 157 -5.27 -58.35 -9.11
N ASP I 158 -4.55 -59.23 -8.42
CA ASP I 158 -3.60 -60.12 -9.08
C ASP I 158 -2.61 -59.28 -9.89
N SER I 159 -2.79 -59.26 -11.22
CA SER I 159 -1.96 -58.43 -12.09
C SER I 159 -2.78 -57.40 -12.86
N SER I 160 -4.09 -57.31 -12.60
CA SER I 160 -4.96 -56.40 -13.32
C SER I 160 -5.19 -55.11 -12.54
N PRO I 161 -5.13 -53.95 -13.20
CA PRO I 161 -5.37 -52.68 -12.51
C PRO I 161 -6.78 -52.62 -11.96
N VAL I 162 -6.90 -52.02 -10.78
CA VAL I 162 -8.19 -51.81 -10.13
C VAL I 162 -8.49 -50.32 -10.14
N LYS I 163 -9.62 -49.94 -10.74
CA LYS I 163 -10.08 -48.56 -10.71
C LYS I 163 -11.24 -48.36 -9.73
N ALA I 164 -12.19 -49.29 -9.69
CA ALA I 164 -13.36 -49.13 -8.84
C ALA I 164 -12.99 -49.29 -7.37
N GLY I 165 -13.58 -48.43 -6.53
CA GLY I 165 -13.43 -48.57 -5.10
C GLY I 165 -12.14 -48.04 -4.52
N VAL I 166 -11.52 -47.04 -5.15
CA VAL I 166 -10.26 -46.46 -4.69
C VAL I 166 -10.50 -45.01 -4.29
N GLU I 167 -10.00 -44.64 -3.11
CA GLU I 167 -10.05 -43.26 -2.64
C GLU I 167 -8.72 -42.92 -1.98
N THR I 168 -8.09 -41.84 -2.44
CA THR I 168 -6.75 -41.46 -2.00
C THR I 168 -6.77 -40.04 -1.44
N THR I 169 -6.01 -39.83 -0.38
CA THR I 169 -5.90 -38.50 0.20
C THR I 169 -4.95 -37.62 -0.60
N THR I 170 -5.08 -36.32 -0.40
CA THR I 170 -4.07 -35.40 -0.88
C THR I 170 -2.83 -35.49 0.02
N PRO I 171 -1.64 -35.32 -0.55
CA PRO I 171 -0.42 -35.40 0.28
C PRO I 171 -0.33 -34.21 1.23
N SER I 172 -0.04 -34.51 2.49
CA SER I 172 0.05 -33.49 3.53
C SER I 172 1.45 -33.51 4.15
N LYS I 173 1.99 -32.30 4.36
CA LYS I 173 3.33 -32.18 4.93
C LYS I 173 3.32 -32.58 6.40
N GLN I 174 4.25 -33.45 6.78
CA GLN I 174 4.29 -34.00 8.12
C GLN I 174 5.00 -33.05 9.08
N SER I 175 5.37 -33.58 10.25
CA SER I 175 6.14 -32.80 11.22
C SER I 175 7.51 -32.44 10.67
N ASN I 176 8.13 -33.36 9.92
CA ASN I 176 9.53 -33.28 9.54
C ASN I 176 9.72 -32.83 8.10
N ASN I 177 8.86 -31.95 7.59
CA ASN I 177 8.92 -31.40 6.24
C ASN I 177 8.84 -32.46 5.15
N LYS I 178 8.53 -33.70 5.51
CA LYS I 178 8.18 -34.73 4.55
C LYS I 178 6.66 -34.87 4.50
N TYR I 179 6.18 -35.65 3.54
CA TYR I 179 4.76 -35.72 3.26
C TYR I 179 4.22 -37.12 3.56
N ALA I 180 2.91 -37.20 3.72
CA ALA I 180 2.22 -38.44 4.00
C ALA I 180 0.91 -38.48 3.21
N ALA I 181 0.55 -39.68 2.78
CA ALA I 181 -0.72 -39.89 2.07
C ALA I 181 -1.18 -41.32 2.31
N SER I 182 -2.48 -41.54 2.16
CA SER I 182 -3.06 -42.86 2.34
C SER I 182 -4.03 -43.15 1.21
N SER I 183 -4.15 -44.44 0.86
CA SER I 183 -5.04 -44.88 -0.20
C SER I 183 -5.85 -46.07 0.31
N TYR I 184 -7.15 -46.05 0.04
CA TYR I 184 -8.08 -47.06 0.52
C TYR I 184 -8.77 -47.73 -0.65
N LEU I 185 -8.69 -49.06 -0.72
CA LEU I 185 -9.38 -49.84 -1.74
C LEU I 185 -10.51 -50.62 -1.07
N SER I 186 -11.73 -50.36 -1.50
CA SER I 186 -12.89 -51.04 -0.96
C SER I 186 -13.23 -52.26 -1.80
N LEU I 187 -13.50 -53.37 -1.15
CA LEU I 187 -13.84 -54.62 -1.83
C LEU I 187 -14.95 -55.32 -1.07
N THR I 188 -15.63 -56.22 -1.77
CA THR I 188 -16.47 -57.17 -1.07
C THR I 188 -15.62 -58.34 -0.57
N PRO I 189 -16.03 -59.00 0.51
CA PRO I 189 -15.29 -60.19 0.97
C PRO I 189 -15.11 -61.23 -0.12
N GLU I 190 -16.09 -61.37 -1.02
CA GLU I 190 -15.94 -62.31 -2.13
C GLU I 190 -14.83 -61.90 -3.07
N GLN I 191 -14.71 -60.59 -3.34
CA GLN I 191 -13.62 -60.11 -4.19
C GLN I 191 -12.26 -60.37 -3.57
N TRP I 192 -12.15 -60.20 -2.26
CA TRP I 192 -10.85 -60.34 -1.59
C TRP I 192 -10.39 -61.80 -1.59
N LYS I 193 -11.25 -62.72 -1.12
CA LYS I 193 -10.90 -64.13 -1.12
C LYS I 193 -10.81 -64.72 -2.52
N SER I 194 -11.31 -64.03 -3.54
CA SER I 194 -11.29 -64.57 -4.89
C SER I 194 -9.89 -64.60 -5.48
N HIS I 195 -9.13 -63.52 -5.29
CA HIS I 195 -7.89 -63.33 -6.02
C HIS I 195 -6.70 -63.95 -5.28
N ARG I 196 -5.59 -64.08 -6.00
CA ARG I 196 -4.35 -64.55 -5.41
C ARG I 196 -3.66 -63.49 -4.57
N SER I 197 -3.81 -62.21 -4.96
CA SER I 197 -3.06 -61.14 -4.33
C SER I 197 -3.75 -59.81 -4.58
N TYR I 198 -3.26 -58.79 -3.89
CA TYR I 198 -3.62 -57.40 -4.13
C TYR I 198 -2.38 -56.56 -3.84
N SER I 199 -2.21 -55.48 -4.60
CA SER I 199 -0.98 -54.70 -4.52
C SER I 199 -1.27 -53.22 -4.55
N CYS I 200 -0.59 -52.48 -3.68
CA CYS I 200 -0.57 -51.02 -3.71
C CYS I 200 0.79 -50.58 -4.25
N GLN I 201 0.79 -49.95 -5.42
CA GLN I 201 2.01 -49.47 -6.04
C GLN I 201 2.06 -47.95 -5.96
N VAL I 202 3.17 -47.42 -5.47
CA VAL I 202 3.35 -45.99 -5.24
C VAL I 202 4.42 -45.48 -6.19
N THR I 203 4.05 -44.52 -7.02
CA THR I 203 4.98 -43.89 -7.96
C THR I 203 5.35 -42.51 -7.42
N HIS I 204 6.66 -42.27 -7.26
CA HIS I 204 7.14 -41.00 -6.73
C HIS I 204 8.37 -40.58 -7.52
N GLU I 205 8.23 -39.49 -8.30
CA GLU I 205 9.33 -38.90 -9.06
C GLU I 205 10.02 -39.94 -9.94
N GLY I 206 9.23 -40.84 -10.53
CA GLY I 206 9.71 -41.84 -11.45
C GLY I 206 9.96 -43.20 -10.83
N SER I 207 10.26 -43.26 -9.54
CA SER I 207 10.52 -44.52 -8.87
C SER I 207 9.24 -45.08 -8.27
N THR I 208 9.20 -46.41 -8.14
CA THR I 208 8.02 -47.10 -7.62
C THR I 208 8.37 -47.91 -6.38
N VAL I 209 7.43 -47.93 -5.43
CA VAL I 209 7.45 -48.84 -4.29
C VAL I 209 6.15 -49.63 -4.32
N GLU I 210 6.24 -50.94 -4.18
CA GLU I 210 5.07 -51.80 -4.27
C GLU I 210 5.04 -52.78 -3.10
N LYS I 211 3.88 -52.88 -2.47
CA LYS I 211 3.63 -53.87 -1.44
C LYS I 211 2.45 -54.74 -1.85
N THR I 212 2.36 -55.92 -1.25
CA THR I 212 1.40 -56.92 -1.67
C THR I 212 0.93 -57.74 -0.48
N VAL I 213 -0.38 -58.03 -0.45
CA VAL I 213 -0.97 -58.89 0.58
C VAL I 213 -1.89 -59.90 -0.11
N ALA I 214 -2.19 -60.97 0.62
CA ALA I 214 -2.99 -62.07 0.09
C ALA I 214 -3.76 -62.71 1.22
N PRO I 215 -4.89 -63.38 0.92
CA PRO I 215 -5.62 -64.15 1.92
C PRO I 215 -5.20 -65.61 1.99
N TYR J 7 28.08 21.27 49.98
CA TYR J 7 27.48 22.32 49.17
C TYR J 7 26.30 22.95 49.91
N GLU J 8 26.29 24.28 50.00
CA GLU J 8 25.26 25.02 50.69
C GLU J 8 24.39 25.78 49.70
N LEU J 9 23.12 25.96 50.07
CA LEU J 9 22.15 26.69 49.26
C LEU J 9 21.65 27.87 50.07
N THR J 10 21.78 29.06 49.50
CA THR J 10 21.41 30.31 50.19
C THR J 10 20.02 30.75 49.74
N GLN J 11 19.10 30.86 50.68
CA GLN J 11 17.74 31.29 50.43
C GLN J 11 17.39 32.43 51.36
N ALA J 12 16.82 33.50 50.81
CA ALA J 12 16.34 34.59 51.66
C ALA J 12 15.23 34.06 52.57
N PRO J 13 15.20 34.49 53.84
CA PRO J 13 14.20 33.91 54.76
C PRO J 13 12.77 34.23 54.40
N SER J 14 12.52 35.35 53.70
CA SER J 14 11.14 35.74 53.42
C SER J 14 11.13 36.72 52.26
N VAL J 15 9.99 36.76 51.58
CA VAL J 15 9.74 37.69 50.48
C VAL J 15 8.27 38.08 50.51
N SER J 16 7.99 39.36 50.34
CA SER J 16 6.63 39.87 50.28
C SER J 16 6.30 40.30 48.86
N VAL J 17 5.01 40.24 48.52
CA VAL J 17 4.55 40.58 47.19
C VAL J 17 3.06 40.92 47.27
N ALA J 18 2.62 41.82 46.41
CA ALA J 18 1.21 42.20 46.35
C ALA J 18 0.46 41.29 45.37
N PRO J 19 -0.86 41.18 45.51
CA PRO J 19 -1.62 40.34 44.57
C PRO J 19 -1.47 40.83 43.14
N GLY J 20 -1.31 39.87 42.22
CA GLY J 20 -1.12 40.18 40.83
C GLY J 20 0.30 40.46 40.40
N GLN J 21 1.19 40.74 41.34
CA GLN J 21 2.58 41.03 41.01
C GLN J 21 3.34 39.74 40.74
N THR J 22 4.65 39.87 40.50
CA THR J 22 5.53 38.74 40.23
C THR J 22 6.44 38.52 41.42
N ALA J 23 6.27 37.41 42.12
CA ALA J 23 7.15 37.05 43.21
C ALA J 23 8.41 36.36 42.67
N ARG J 24 9.55 36.73 43.24
CA ARG J 24 10.84 36.20 42.81
C ARG J 24 11.58 35.66 44.02
N ILE J 25 11.73 34.34 44.09
CA ILE J 25 12.43 33.68 45.18
C ILE J 25 13.74 33.14 44.64
N THR J 26 14.84 33.58 45.23
CA THR J 26 16.18 33.25 44.77
C THR J 26 16.77 32.07 45.55
N CYS J 27 17.71 31.40 44.92
CA CYS J 27 18.44 30.29 45.53
C CYS J 27 19.88 30.35 45.04
N GLY J 28 20.81 30.67 45.93
CA GLY J 28 22.19 30.91 45.56
C GLY J 28 23.11 29.73 45.88
N GLY J 29 24.19 29.65 45.12
CA GLY J 29 25.21 28.63 45.31
C GLY J 29 26.33 28.81 44.33
N ASP J 30 27.56 28.45 44.72
CA ASP J 30 28.71 28.62 43.84
C ASP J 30 28.55 27.81 42.56
N ASN J 31 28.37 28.50 41.44
CA ASN J 31 28.22 27.86 40.13
C ASN J 31 27.03 26.90 40.13
N ILE J 32 25.96 27.29 40.82
CA ILE J 32 24.75 26.48 40.89
C ILE J 32 24.18 26.17 39.51
N GLY J 33 24.51 26.99 38.51
CA GLY J 33 23.99 26.80 37.17
C GLY J 33 24.53 25.58 36.46
N ARG J 34 25.49 24.87 37.05
CA ARG J 34 26.02 23.65 36.45
C ARG J 34 25.19 22.42 36.79
N THR J 35 24.21 22.54 37.67
CA THR J 35 23.37 21.41 38.08
C THR J 35 21.91 21.84 38.09
N SER J 36 21.03 20.85 38.20
CA SER J 36 19.59 21.09 38.12
C SER J 36 19.03 21.53 39.47
N VAL J 37 18.18 22.55 39.44
CA VAL J 37 17.48 23.05 40.61
C VAL J 37 16.02 22.62 40.54
N HIS J 38 15.51 22.05 41.63
CA HIS J 38 14.10 21.73 41.76
C HIS J 38 13.49 22.56 42.88
N TRP J 39 12.22 22.90 42.71
CA TRP J 39 11.52 23.80 43.62
C TRP J 39 10.28 23.12 44.19
N TYR J 40 10.02 23.37 45.48
CA TYR J 40 8.91 22.77 46.19
C TYR J 40 8.12 23.85 46.91
N GLN J 41 6.80 23.74 46.86
CA GLN J 41 5.90 24.63 47.58
C GLN J 41 5.30 23.88 48.75
N GLN J 42 5.37 24.46 49.94
CA GLN J 42 4.84 23.84 51.15
C GLN J 42 3.89 24.81 51.83
N LYS J 43 2.59 24.53 51.71
CA LYS J 43 1.59 25.27 52.46
C LYS J 43 1.64 24.85 53.93
N PRO J 44 1.15 25.71 54.85
CA PRO J 44 1.37 25.48 56.30
C PRO J 44 1.19 24.06 56.79
N GLY J 45 0.00 23.49 56.64
CA GLY J 45 -0.23 22.15 57.17
C GLY J 45 0.00 21.02 56.21
N GLN J 46 0.39 21.30 54.98
CA GLN J 46 0.48 20.28 53.94
C GLN J 46 1.92 19.80 53.77
N ALA J 47 2.12 18.94 52.77
CA ALA J 47 3.40 18.37 52.39
C ALA J 47 3.98 19.10 51.19
N PRO J 48 5.29 18.99 50.97
CA PRO J 48 5.89 19.66 49.82
C PRO J 48 5.29 19.18 48.49
N VAL J 49 5.03 20.14 47.61
CA VAL J 49 4.52 19.87 46.26
C VAL J 49 5.53 20.39 45.26
N LEU J 50 5.88 19.56 44.27
CA LEU J 50 6.86 19.92 43.27
C LEU J 50 6.26 20.92 42.28
N VAL J 51 6.82 22.13 42.21
CA VAL J 51 6.34 23.15 41.29
C VAL J 51 7.25 23.31 40.08
N ILE J 52 8.56 23.15 40.23
CA ILE J 52 9.52 23.27 39.13
C ILE J 52 10.59 22.22 39.32
N PHE J 53 11.00 21.57 38.24
CA PHE J 53 12.12 20.63 38.28
C PHE J 53 13.01 20.88 37.06
N TYR J 54 14.29 20.51 37.21
CA TYR J 54 15.31 20.72 36.19
C TYR J 54 15.31 22.16 35.71
N ASP J 55 15.55 23.07 36.66
CA ASP J 55 15.67 24.50 36.40
C ASP J 55 14.35 25.15 35.96
N ASN J 56 13.70 24.59 34.93
CA ASN J 56 12.54 25.28 34.37
C ASN J 56 11.44 24.37 33.83
N ASP J 57 11.46 23.06 34.09
CA ASP J 57 10.37 22.20 33.69
C ASP J 57 9.25 22.27 34.72
N ARG J 58 8.02 22.10 34.24
CA ARG J 58 6.83 22.30 35.06
C ARG J 58 5.99 21.03 35.11
N PRO J 59 5.70 20.48 36.28
CA PRO J 59 4.81 19.32 36.35
C PRO J 59 3.42 19.65 35.85
N SER J 60 2.82 18.70 35.14
CA SER J 60 1.45 18.85 34.68
C SER J 60 0.52 18.99 35.88
N GLY J 61 -0.24 20.09 35.91
CA GLY J 61 -1.08 20.43 37.05
C GLY J 61 -0.64 21.67 37.79
N ILE J 62 0.61 22.08 37.63
CA ILE J 62 1.10 23.33 38.21
C ILE J 62 0.80 24.46 37.23
N PRO J 63 0.23 25.58 37.68
CA PRO J 63 -0.12 26.66 36.74
C PRO J 63 1.10 27.21 36.02
N GLU J 64 0.84 27.82 34.85
CA GLU J 64 1.87 28.47 34.07
C GLU J 64 2.48 29.67 34.77
N ARG J 65 1.85 30.17 35.84
CA ARG J 65 2.40 31.27 36.60
C ARG J 65 3.72 30.93 37.29
N PHE J 66 4.12 29.67 37.26
CA PHE J 66 5.38 29.23 37.85
C PHE J 66 6.40 28.99 36.76
N SER J 67 7.62 29.51 36.96
CA SER J 67 8.70 29.34 36.02
C SER J 67 10.02 29.48 36.77
N GLY J 68 11.09 29.00 36.16
CA GLY J 68 12.38 29.02 36.81
C GLY J 68 13.51 29.29 35.83
N SER J 69 14.61 29.78 36.39
CA SER J 69 15.84 30.00 35.65
C SER J 69 17.02 29.64 36.55
N ASN J 70 18.12 29.27 35.92
CA ASN J 70 19.33 28.88 36.67
C ASN J 70 20.54 29.22 35.81
N SER J 71 21.40 30.10 36.32
CA SER J 71 22.60 30.48 35.59
C SER J 71 23.59 31.11 36.57
N GLY J 72 24.87 30.83 36.34
CA GLY J 72 25.89 31.43 37.18
C GLY J 72 25.79 30.93 38.61
N ASN J 73 25.61 31.86 39.55
CA ASN J 73 25.54 31.55 40.97
C ASN J 73 24.16 31.81 41.56
N MET J 74 23.13 31.92 40.73
CA MET J 74 21.79 32.26 41.21
C MET J 74 20.73 31.52 40.42
N ALA J 75 19.81 30.87 41.13
CA ALA J 75 18.63 30.25 40.55
C ALA J 75 17.40 30.95 41.09
N THR J 76 16.40 31.13 40.24
CA THR J 76 15.24 31.96 40.58
C THR J 76 13.96 31.22 40.26
N LEU J 77 13.04 31.22 41.22
CA LEU J 77 11.67 30.77 41.03
C LEU J 77 10.77 31.99 40.96
N SER J 78 10.07 32.15 39.85
CA SER J 78 9.22 33.31 39.61
C SER J 78 7.76 32.88 39.58
N ILE J 79 6.93 33.58 40.35
CA ILE J 79 5.48 33.35 40.38
C ILE J 79 4.82 34.64 39.90
N SER J 80 4.23 34.60 38.72
CA SER J 80 3.56 35.77 38.16
C SER J 80 2.09 35.77 38.56
N ARG J 81 1.50 36.97 38.59
CA ARG J 81 0.09 37.18 38.93
C ARG J 81 -0.27 36.43 40.21
N VAL J 82 0.45 36.76 41.29
CA VAL J 82 0.32 36.04 42.54
C VAL J 82 -1.07 36.27 43.13
N GLU J 83 -1.70 35.19 43.60
CA GLU J 83 -2.94 35.25 44.36
C GLU J 83 -2.68 34.81 45.79
N VAL J 84 -3.68 35.02 46.65
CA VAL J 84 -3.52 34.76 48.08
C VAL J 84 -3.19 33.30 48.34
N GLY J 85 -3.65 32.39 47.48
CA GLY J 85 -3.36 30.98 47.65
C GLY J 85 -1.90 30.62 47.51
N ASP J 86 -1.08 31.51 46.97
CA ASP J 86 0.34 31.23 46.80
C ASP J 86 1.14 31.38 48.08
N GLU J 87 0.52 31.83 49.17
CA GLU J 87 1.22 31.95 50.44
C GLU J 87 1.69 30.58 50.91
N ALA J 88 3.01 30.41 50.99
CA ALA J 88 3.61 29.14 51.38
C ALA J 88 5.09 29.37 51.60
N ASP J 89 5.78 28.31 52.04
CA ASP J 89 7.23 28.28 52.05
C ASP J 89 7.72 27.58 50.79
N TYR J 90 8.82 28.06 50.23
CA TYR J 90 9.38 27.52 49.00
C TYR J 90 10.80 27.08 49.27
N TYR J 91 11.14 25.86 48.85
CA TYR J 91 12.45 25.27 49.07
C TYR J 91 13.08 24.92 47.73
N CYS J 92 14.36 25.22 47.58
CA CYS J 92 15.11 24.77 46.41
C CYS J 92 15.95 23.56 46.79
N GLN J 93 16.36 22.80 45.77
CA GLN J 93 17.11 21.57 45.98
C GLN J 93 18.01 21.32 44.79
N VAL J 94 19.25 20.89 45.06
CA VAL J 94 20.19 20.44 44.05
C VAL J 94 20.88 19.19 44.58
N TRP J 95 21.69 18.58 43.73
CA TRP J 95 22.51 17.43 44.10
C TRP J 95 23.89 17.91 44.53
N ASP J 96 24.22 17.70 45.80
CA ASP J 96 25.57 17.96 46.29
C ASP J 96 26.54 17.01 45.62
N SER J 97 27.15 17.45 44.52
CA SER J 97 28.07 16.60 43.77
C SER J 97 29.35 16.28 44.53
N ASN J 98 29.66 17.03 45.59
CA ASN J 98 30.85 16.75 46.36
C ASN J 98 30.64 15.64 47.37
N ASN J 99 29.45 15.55 47.96
CA ASN J 99 29.15 14.54 48.96
C ASN J 99 28.13 13.52 48.48
N ASP J 100 27.62 13.66 47.25
CA ASP J 100 26.77 12.66 46.61
C ASP J 100 25.49 12.40 47.40
N HIS J 101 24.71 13.46 47.59
CA HIS J 101 23.41 13.35 48.25
C HIS J 101 22.63 14.64 48.01
N PRO J 102 21.31 14.59 48.08
CA PRO J 102 20.51 15.81 47.93
C PRO J 102 20.74 16.78 49.07
N VAL J 103 20.34 18.03 48.83
CA VAL J 103 20.46 19.09 49.81
C VAL J 103 19.43 20.16 49.50
N PHE J 104 18.78 20.67 50.54
CA PHE J 104 17.74 21.67 50.41
C PHE J 104 18.21 23.02 50.92
N GLY J 105 17.63 24.08 50.36
CA GLY J 105 17.85 25.41 50.90
C GLY J 105 17.07 25.62 52.20
N GLY J 106 17.38 26.73 52.86
CA GLY J 106 16.72 27.04 54.11
C GLY J 106 15.25 27.36 53.98
N GLY J 107 14.79 27.68 52.79
CA GLY J 107 13.39 27.98 52.57
C GLY J 107 13.10 29.46 52.63
N THR J 108 12.10 29.87 51.85
CA THR J 108 11.66 31.27 51.79
C THR J 108 10.16 31.30 51.99
N LYS J 109 9.71 32.09 52.98
CA LYS J 109 8.29 32.26 53.22
C LYS J 109 7.76 33.43 52.39
N LEU J 110 6.72 33.16 51.60
CA LEU J 110 6.09 34.19 50.77
C LEU J 110 4.85 34.71 51.48
N THR J 111 4.70 36.03 51.52
CA THR J 111 3.55 36.68 52.12
C THR J 111 2.92 37.61 51.10
N VAL J 112 1.61 37.52 50.93
CA VAL J 112 0.85 38.42 50.06
C VAL J 112 0.27 39.52 50.94
N VAL J 113 0.66 40.76 50.66
CA VAL J 113 0.49 41.86 51.60
C VAL J 113 -0.63 42.83 51.22
N GLY J 114 -1.15 42.78 50.00
CA GLY J 114 -2.16 43.73 49.61
C GLY J 114 -3.56 43.45 50.07
N GLN J 115 -3.75 42.45 50.93
CA GLN J 115 -5.08 42.02 51.32
C GLN J 115 -5.73 43.04 52.26
N PRO J 116 -7.07 43.04 52.35
CA PRO J 116 -7.74 44.04 53.19
C PRO J 116 -7.49 43.81 54.67
N LYS J 117 -7.28 44.91 55.38
CA LYS J 117 -7.08 44.85 56.83
C LYS J 117 -8.34 44.37 57.52
N ALA J 118 -8.18 43.43 58.45
CA ALA J 118 -9.29 42.88 59.21
C ALA J 118 -8.97 42.97 60.70
N ALA J 119 -9.87 43.60 61.46
CA ALA J 119 -9.66 43.77 62.89
C ALA J 119 -9.90 42.45 63.62
N PRO J 120 -9.20 42.23 64.74
CA PRO J 120 -9.37 40.97 65.47
C PRO J 120 -10.63 40.96 66.32
N SER J 121 -11.33 39.82 66.29
CA SER J 121 -12.41 39.56 67.21
C SER J 121 -11.87 38.84 68.44
N VAL J 122 -12.33 39.26 69.62
CA VAL J 122 -11.76 38.82 70.88
C VAL J 122 -12.87 38.33 71.79
N THR J 123 -12.69 37.13 72.36
CA THR J 123 -13.57 36.58 73.38
C THR J 123 -12.73 36.23 74.61
N LEU J 124 -13.22 36.61 75.78
CA LEU J 124 -12.51 36.40 77.04
C LEU J 124 -13.38 35.59 77.99
N PHE J 125 -12.79 34.57 78.61
CA PHE J 125 -13.51 33.68 79.50
C PHE J 125 -12.94 33.78 80.92
N PRO J 126 -13.78 33.88 81.93
CA PRO J 126 -13.29 33.85 83.31
C PRO J 126 -12.92 32.43 83.70
N PRO J 127 -12.26 32.24 84.84
CA PRO J 127 -11.97 30.86 85.29
C PRO J 127 -13.26 30.11 85.59
N SER J 128 -13.27 28.84 85.18
CA SER J 128 -14.44 28.00 85.46
C SER J 128 -14.56 27.73 86.96
N SER J 129 -15.78 27.34 87.36
CA SER J 129 -16.03 27.07 88.77
C SER J 129 -15.34 25.78 89.21
N GLU J 130 -15.35 24.75 88.35
CA GLU J 130 -14.67 23.51 88.67
C GLU J 130 -13.18 23.73 88.88
N GLU J 131 -12.57 24.57 88.04
CA GLU J 131 -11.15 24.87 88.20
C GLU J 131 -10.88 25.62 89.49
N LEU J 132 -11.81 26.50 89.90
CA LEU J 132 -11.60 27.27 91.12
C LEU J 132 -11.67 26.37 92.36
N GLN J 133 -12.52 25.34 92.35
CA GLN J 133 -12.57 24.42 93.47
C GLN J 133 -11.35 23.52 93.54
N ALA J 134 -10.61 23.39 92.44
CA ALA J 134 -9.33 22.68 92.42
C ALA J 134 -8.15 23.62 92.66
N ASN J 135 -8.42 24.87 93.06
CA ASN J 135 -7.39 25.87 93.36
C ASN J 135 -6.49 26.14 92.15
N LYS J 136 -7.12 26.33 91.00
CA LYS J 136 -6.44 26.82 89.81
C LYS J 136 -7.34 27.85 89.14
N ALA J 137 -6.73 28.77 88.42
CA ALA J 137 -7.47 29.85 87.77
C ALA J 137 -6.80 30.18 86.44
N THR J 138 -7.52 29.94 85.35
CA THR J 138 -7.01 30.20 84.00
C THR J 138 -8.03 31.05 83.25
N LEU J 139 -7.57 32.18 82.72
CA LEU J 139 -8.40 33.04 81.89
C LEU J 139 -8.01 32.85 80.44
N VAL J 140 -9.00 32.70 79.57
CA VAL J 140 -8.78 32.38 78.16
C VAL J 140 -9.21 33.56 77.31
N CYS J 141 -8.32 34.03 76.45
CA CYS J 141 -8.55 35.16 75.56
C CYS J 141 -8.30 34.68 74.13
N LEU J 142 -9.37 34.58 73.34
CA LEU J 142 -9.31 33.98 72.02
C LEU J 142 -9.44 35.06 70.95
N ILE J 143 -8.41 35.17 70.11
CA ILE J 143 -8.31 36.22 69.10
C ILE J 143 -8.37 35.56 67.72
N SER J 144 -9.25 36.07 66.86
CA SER J 144 -9.47 35.42 65.58
C SER J 144 -9.88 36.44 64.52
N ASP J 145 -9.73 36.01 63.25
CA ASP J 145 -10.23 36.75 62.10
C ASP J 145 -9.55 38.11 61.95
N PHE J 146 -8.24 38.15 62.14
CA PHE J 146 -7.47 39.37 61.96
C PHE J 146 -6.42 39.18 60.86
N TYR J 147 -6.21 40.25 60.08
CA TYR J 147 -5.17 40.31 59.07
C TYR J 147 -4.62 41.73 59.07
N PRO J 148 -3.29 41.90 58.98
CA PRO J 148 -2.24 40.87 58.90
C PRO J 148 -2.09 40.06 60.19
N GLY J 149 -1.37 38.95 60.11
CA GLY J 149 -1.23 38.04 61.24
C GLY J 149 -0.17 38.46 62.24
N ALA J 150 -0.41 39.57 62.93
CA ALA J 150 0.52 40.07 63.93
C ALA J 150 -0.26 40.90 64.94
N VAL J 151 -0.34 40.41 66.18
CA VAL J 151 -1.02 41.11 67.25
C VAL J 151 -0.08 41.18 68.45
N THR J 152 -0.42 42.08 69.38
CA THR J 152 0.28 42.19 70.66
C THR J 152 -0.77 42.18 71.76
N VAL J 153 -0.55 41.35 72.77
CA VAL J 153 -1.53 41.09 73.82
C VAL J 153 -0.99 41.63 75.14
N ALA J 154 -1.84 42.35 75.86
CA ALA J 154 -1.50 42.90 77.17
C ALA J 154 -2.60 42.53 78.15
N TRP J 155 -2.22 41.97 79.29
CA TRP J 155 -3.16 41.60 80.34
C TRP J 155 -3.09 42.63 81.46
N LYS J 156 -4.23 42.90 82.08
CA LYS J 156 -4.33 43.89 83.14
C LYS J 156 -5.09 43.32 84.33
N ALA J 157 -4.51 43.46 85.52
CA ALA J 157 -5.19 43.19 86.77
C ALA J 157 -5.71 44.52 87.31
N ASP J 158 -7.03 44.65 87.40
CA ASP J 158 -7.67 45.95 87.59
C ASP J 158 -7.22 46.90 86.48
N SER J 159 -6.25 47.77 86.80
CA SER J 159 -5.61 48.61 85.81
C SER J 159 -4.10 48.43 85.77
N SER J 160 -3.58 47.44 86.50
CA SER J 160 -2.13 47.19 86.57
C SER J 160 -1.73 46.15 85.53
N PRO J 161 -0.66 46.39 84.77
CA PRO J 161 -0.21 45.41 83.78
C PRO J 161 0.26 44.12 84.44
N VAL J 162 -0.10 43.00 83.84
CA VAL J 162 0.28 41.68 84.32
C VAL J 162 1.43 41.16 83.46
N LYS J 163 2.53 40.77 84.10
CA LYS J 163 3.68 40.20 83.41
C LYS J 163 3.84 38.72 83.69
N ALA J 164 3.56 38.26 84.90
CA ALA J 164 3.76 36.87 85.26
C ALA J 164 2.58 36.02 84.83
N GLY J 165 2.87 34.80 84.38
CA GLY J 165 1.84 33.84 84.07
C GLY J 165 1.08 34.08 82.79
N VAL J 166 1.73 34.60 81.76
CA VAL J 166 1.10 34.87 80.47
C VAL J 166 1.77 34.00 79.41
N GLU J 167 0.98 33.14 78.76
CA GLU J 167 1.44 32.33 77.64
C GLU J 167 0.60 32.67 76.42
N THR J 168 1.27 32.94 75.30
CA THR J 168 0.59 33.36 74.07
C THR J 168 1.09 32.56 72.89
N THR J 169 0.17 32.14 72.03
CA THR J 169 0.50 31.35 70.87
C THR J 169 1.05 32.22 69.74
N THR J 170 1.67 31.56 68.78
CA THR J 170 1.97 32.22 67.51
C THR J 170 0.67 32.41 66.73
N PRO J 171 0.61 33.42 65.86
CA PRO J 171 -0.54 33.52 64.96
C PRO J 171 -0.51 32.40 63.92
N SER J 172 -1.68 31.82 63.68
CA SER J 172 -1.83 30.73 62.71
C SER J 172 -2.92 31.08 61.73
N LYS J 173 -2.65 30.89 60.44
CA LYS J 173 -3.60 31.25 59.40
C LYS J 173 -4.79 30.30 59.39
N GLN J 174 -5.99 30.86 59.34
CA GLN J 174 -7.22 30.07 59.34
C GLN J 174 -7.52 29.60 57.90
N SER J 175 -8.73 29.10 57.70
CA SER J 175 -9.14 28.65 56.37
C SER J 175 -9.46 29.83 55.45
N ASN J 176 -10.03 30.90 56.01
CA ASN J 176 -10.38 32.09 55.24
C ASN J 176 -9.19 33.01 54.99
N ASN J 177 -7.97 32.51 55.14
CA ASN J 177 -6.71 33.24 54.96
C ASN J 177 -6.51 34.35 55.98
N LYS J 178 -7.29 34.38 57.05
CA LYS J 178 -7.04 35.26 58.18
C LYS J 178 -6.34 34.47 59.28
N TYR J 179 -6.02 35.15 60.37
CA TYR J 179 -5.18 34.56 61.40
C TYR J 179 -5.90 34.50 62.74
N ALA J 180 -5.43 33.60 63.61
CA ALA J 180 -5.98 33.41 64.94
C ALA J 180 -4.86 33.22 65.95
N ALA J 181 -5.19 33.46 67.21
CA ALA J 181 -4.23 33.32 68.31
C ALA J 181 -5.02 33.25 69.61
N SER J 182 -4.30 32.94 70.69
CA SER J 182 -4.92 32.79 72.00
C SER J 182 -3.88 33.02 73.08
N SER J 183 -4.30 33.65 74.17
CA SER J 183 -3.42 33.95 75.29
C SER J 183 -4.08 33.51 76.59
N TYR J 184 -3.27 32.95 77.48
CA TYR J 184 -3.75 32.41 78.75
C TYR J 184 -3.05 33.12 79.90
N LEU J 185 -3.81 33.50 80.92
CA LEU J 185 -3.27 34.08 82.15
C LEU J 185 -3.58 33.14 83.30
N SER J 186 -2.54 32.67 83.98
CA SER J 186 -2.67 31.80 85.14
C SER J 186 -2.43 32.61 86.41
N LEU J 187 -3.18 32.28 87.45
CA LEU J 187 -3.09 32.99 88.73
C LEU J 187 -3.77 32.15 89.80
N THR J 188 -3.50 32.50 91.07
CA THR J 188 -4.15 31.81 92.16
C THR J 188 -5.60 32.27 92.31
N PRO J 189 -6.51 31.39 92.76
CA PRO J 189 -7.89 31.80 92.98
C PRO J 189 -8.04 33.04 93.85
N GLU J 190 -7.02 33.31 94.67
CA GLU J 190 -7.06 34.48 95.54
C GLU J 190 -6.83 35.77 94.75
N GLN J 191 -5.90 35.75 93.80
CA GLN J 191 -5.72 36.93 92.95
C GLN J 191 -6.94 37.21 92.11
N TRP J 192 -7.70 36.17 91.77
CA TRP J 192 -8.92 36.35 90.98
C TRP J 192 -9.98 37.09 91.78
N LYS J 193 -10.10 36.78 93.08
CA LYS J 193 -11.10 37.42 93.92
C LYS J 193 -10.62 38.73 94.53
N SER J 194 -9.32 39.00 94.51
CA SER J 194 -8.83 40.23 95.12
C SER J 194 -8.87 41.41 94.17
N HIS J 195 -9.02 41.18 92.87
CA HIS J 195 -9.16 42.24 91.89
C HIS J 195 -10.62 42.36 91.48
N ARG J 196 -10.99 43.57 91.01
CA ARG J 196 -12.31 43.76 90.43
C ARG J 196 -12.43 43.05 89.07
N SER J 197 -11.49 43.31 88.17
CA SER J 197 -11.60 42.91 86.79
C SER J 197 -10.24 42.50 86.25
N TYR J 198 -10.27 41.69 85.21
CA TYR J 198 -9.09 41.34 84.42
C TYR J 198 -9.42 41.62 82.96
N SER J 199 -8.49 42.25 82.26
CA SER J 199 -8.73 42.66 80.88
C SER J 199 -7.65 42.09 79.98
N CYS J 200 -8.06 41.67 78.80
CA CYS J 200 -7.16 41.18 77.75
C CYS J 200 -7.17 42.20 76.64
N GLN J 201 -6.09 42.98 76.53
CA GLN J 201 -5.98 44.06 75.55
C GLN J 201 -5.22 43.53 74.34
N VAL J 202 -5.93 43.36 73.23
CA VAL J 202 -5.34 42.88 71.98
C VAL J 202 -5.16 44.08 71.06
N THR J 203 -3.91 44.33 70.66
CA THR J 203 -3.56 45.43 69.79
C THR J 203 -3.22 44.90 68.40
N HIS J 204 -3.72 45.57 67.37
CA HIS J 204 -3.54 45.11 65.99
C HIS J 204 -3.45 46.31 65.08
N GLU J 205 -2.27 46.57 64.52
CA GLU J 205 -2.03 47.67 63.59
C GLU J 205 -2.46 49.01 64.19
N GLY J 206 -1.99 49.27 65.41
CA GLY J 206 -2.27 50.52 66.10
C GLY J 206 -3.57 50.55 66.87
N SER J 207 -4.58 49.80 66.43
CA SER J 207 -5.85 49.75 67.12
C SER J 207 -5.89 48.58 68.11
N THR J 208 -6.47 48.83 69.27
CA THR J 208 -6.53 47.85 70.34
C THR J 208 -7.99 47.48 70.63
N VAL J 209 -8.23 46.19 70.84
CA VAL J 209 -9.54 45.68 71.26
C VAL J 209 -9.38 45.07 72.63
N GLU J 210 -10.27 45.42 73.55
CA GLU J 210 -10.16 45.02 74.95
C GLU J 210 -11.45 44.35 75.42
N LYS J 211 -11.32 43.17 76.01
CA LYS J 211 -12.40 42.49 76.69
C LYS J 211 -12.11 42.46 78.19
N THR J 212 -13.16 42.23 78.99
CA THR J 212 -13.02 42.28 80.44
C THR J 212 -13.95 41.25 81.08
N VAL J 213 -13.47 40.63 82.17
CA VAL J 213 -14.26 39.71 82.95
C VAL J 213 -14.11 40.05 84.43
N ALA J 214 -15.06 39.59 85.23
CA ALA J 214 -15.07 39.86 86.66
C ALA J 214 -15.68 38.66 87.37
N PRO J 215 -15.29 38.40 88.63
CA PRO J 215 -15.86 37.32 89.44
C PRO J 215 -17.38 37.42 89.62
N THR K 8 3.72 -45.88 -59.44
CA THR K 8 4.16 -45.53 -60.78
C THR K 8 3.81 -44.08 -61.13
N THR K 9 4.81 -43.34 -61.63
CA THR K 9 4.63 -41.96 -62.06
C THR K 9 4.95 -41.86 -63.54
N ASP K 10 3.97 -41.42 -64.33
CA ASP K 10 4.10 -41.35 -65.77
C ASP K 10 4.36 -39.94 -66.29
N ASN K 11 4.50 -38.96 -65.40
CA ASN K 11 4.55 -37.57 -65.80
C ASN K 11 5.27 -36.76 -64.73
N ILE K 12 6.24 -35.96 -65.13
CA ILE K 12 6.97 -35.09 -64.20
C ILE K 12 7.00 -33.66 -64.71
N ASP K 13 5.92 -33.24 -65.40
CA ASP K 13 5.83 -31.89 -65.94
C ASP K 13 5.85 -30.82 -64.86
N TYR K 14 5.70 -31.18 -63.58
CA TYR K 14 5.60 -30.16 -62.54
C TYR K 14 6.93 -29.47 -62.26
N PHE K 15 8.05 -30.08 -62.63
CA PHE K 15 9.35 -29.47 -62.39
C PHE K 15 9.50 -28.18 -63.19
N ASP K 16 10.04 -27.15 -62.53
CA ASP K 16 10.33 -25.89 -63.19
C ASP K 16 11.61 -25.31 -62.58
N ILE K 17 12.18 -24.33 -63.27
CA ILE K 17 13.43 -23.71 -62.83
C ILE K 17 13.47 -22.28 -63.32
N SER K 18 14.04 -21.40 -62.49
CA SER K 18 14.26 -20.00 -62.83
C SER K 18 15.74 -19.76 -63.09
N ASP K 19 16.03 -18.67 -63.78
CA ASP K 19 17.41 -18.28 -63.98
C ASP K 19 17.98 -17.68 -62.68
N GLU K 20 19.29 -17.42 -62.69
CA GLU K 20 19.96 -16.97 -61.48
C GLU K 20 19.45 -15.61 -61.01
N SER K 21 19.05 -14.75 -61.94
CA SER K 21 18.50 -13.45 -61.56
C SER K 21 17.06 -13.55 -61.05
N ASN K 22 16.42 -14.71 -61.21
CA ASN K 22 15.02 -14.91 -60.86
C ASN K 22 14.10 -13.93 -61.59
N TYR K 23 14.49 -13.56 -62.81
CA TYR K 23 13.64 -12.74 -63.67
C TYR K 23 12.87 -13.56 -64.68
N TYR K 24 13.23 -14.83 -64.88
CA TYR K 24 12.60 -15.70 -65.87
C TYR K 24 12.28 -17.04 -65.22
N LEU K 25 11.01 -17.43 -65.27
CA LEU K 25 10.56 -18.72 -64.76
C LEU K 25 10.26 -19.63 -65.94
N ILE K 26 10.98 -20.74 -66.03
CA ILE K 26 10.87 -21.67 -67.14
C ILE K 26 9.94 -22.81 -66.75
N SER K 27 8.93 -23.06 -67.59
CA SER K 27 7.98 -24.13 -67.36
C SER K 27 8.03 -25.12 -68.51
N GLN K 28 7.83 -26.40 -68.19
CA GLN K 28 7.80 -27.42 -69.23
C GLN K 28 6.56 -27.30 -70.13
N LEU K 29 5.53 -26.61 -69.66
CA LEU K 29 4.34 -26.42 -70.47
C LEU K 29 4.51 -25.22 -71.37
N ARG K 30 4.00 -25.33 -72.60
CA ARG K 30 3.99 -24.17 -73.49
C ARG K 30 3.04 -23.11 -72.94
N PRO K 31 3.39 -21.82 -73.05
CA PRO K 31 4.53 -21.25 -73.80
C PRO K 31 5.89 -21.25 -73.12
N HIS K 32 6.07 -22.01 -72.03
CA HIS K 32 7.34 -22.11 -71.32
C HIS K 32 7.75 -20.82 -70.61
N PHE K 33 7.39 -19.67 -71.19
CA PHE K 33 7.68 -18.38 -70.58
C PHE K 33 6.42 -17.54 -70.58
N SER K 34 6.10 -16.96 -69.42
CA SER K 34 4.98 -16.03 -69.35
C SER K 34 5.16 -14.84 -70.28
N ASN K 35 6.42 -14.52 -70.63
CA ASN K 35 6.68 -13.38 -71.51
C ASN K 35 6.10 -13.60 -72.89
N ILE K 36 5.98 -14.87 -73.33
CA ILE K 36 5.36 -15.15 -74.62
C ILE K 36 3.91 -14.69 -74.62
N TYR K 37 3.19 -14.94 -73.51
CA TYR K 37 1.80 -14.50 -73.41
C TYR K 37 1.71 -12.98 -73.50
N PHE K 38 2.68 -12.27 -72.93
CA PHE K 38 2.69 -10.81 -73.02
C PHE K 38 2.94 -10.36 -74.45
N PHE K 39 3.80 -11.07 -75.19
CA PHE K 39 4.04 -10.73 -76.58
C PHE K 39 2.77 -10.87 -77.41
N ASP K 40 1.96 -11.89 -77.11
CA ASP K 40 0.67 -12.02 -77.77
C ASP K 40 -0.28 -10.90 -77.38
N GLU K 41 -0.19 -10.41 -76.14
CA GLU K 41 -1.01 -9.29 -75.72
C GLU K 41 -0.62 -8.01 -76.46
N PHE K 42 0.66 -7.85 -76.81
CA PHE K 42 1.06 -6.68 -77.56
C PHE K 42 0.55 -6.73 -78.99
N LYS K 43 0.36 -7.93 -79.54
CA LYS K 43 -0.30 -8.04 -80.84
C LYS K 43 -1.73 -7.50 -80.77
N ARG K 44 -2.35 -7.57 -79.59
CA ARG K 44 -3.66 -6.97 -79.39
C ARG K 44 -3.56 -5.45 -79.22
N TYR K 45 -2.51 -4.99 -78.53
CA TYR K 45 -2.30 -3.55 -78.40
C TYR K 45 -2.04 -2.93 -79.76
N ALA K 46 -1.29 -3.62 -80.62
CA ALA K 46 -1.02 -3.11 -81.96
C ALA K 46 -2.29 -2.96 -82.78
N SER K 47 -3.33 -3.75 -82.47
CA SER K 47 -4.58 -3.65 -83.21
C SER K 47 -5.20 -2.26 -83.08
N TYR K 48 -4.91 -1.56 -81.99
CA TYR K 48 -5.56 -0.29 -81.69
C TYR K 48 -4.72 0.92 -82.09
N HIS K 49 -3.47 0.74 -82.48
CA HIS K 49 -2.56 1.83 -82.82
C HIS K 49 -2.03 1.60 -84.23
N THR K 50 -2.43 2.46 -85.17
CA THR K 50 -2.00 2.31 -86.55
C THR K 50 -0.51 2.55 -86.73
N GLU K 51 0.12 3.32 -85.83
CA GLU K 51 1.55 3.55 -85.93
C GLU K 51 2.33 2.25 -85.81
N ILE K 52 1.86 1.32 -84.98
CA ILE K 52 2.61 0.09 -84.72
C ILE K 52 1.91 -1.09 -85.36
N LYS K 53 1.25 -0.85 -86.50
CA LYS K 53 0.63 -1.93 -87.26
C LYS K 53 1.64 -2.84 -87.95
N ARG K 54 2.93 -2.72 -87.63
CA ARG K 54 3.95 -3.59 -88.18
C ARG K 54 4.34 -4.73 -87.25
N TYR K 55 3.85 -4.74 -86.00
CA TYR K 55 4.26 -5.77 -85.06
C TYR K 55 3.74 -7.15 -85.45
N GLU K 56 2.56 -7.21 -86.10
CA GLU K 56 2.05 -8.50 -86.54
C GLU K 56 3.00 -9.17 -87.52
N ASP K 57 3.69 -8.37 -88.34
CA ASP K 57 4.74 -8.92 -89.20
C ASP K 57 5.94 -9.40 -88.41
N ILE K 58 6.14 -8.88 -87.20
CA ILE K 58 7.25 -9.32 -86.35
C ILE K 58 6.83 -10.47 -85.45
N HIS K 59 5.63 -10.39 -84.86
CA HIS K 59 5.17 -11.46 -83.98
C HIS K 59 4.96 -12.76 -84.75
N LYS K 60 4.44 -12.68 -85.97
CA LYS K 60 4.25 -13.87 -86.78
C LYS K 60 5.57 -14.57 -87.08
N THR K 61 6.69 -13.86 -87.01
CA THR K 61 8.01 -14.42 -87.27
C THR K 61 8.86 -14.55 -86.02
N LYS K 62 9.00 -13.48 -85.23
CA LYS K 62 9.94 -13.47 -84.12
C LYS K 62 9.44 -14.31 -82.94
N VAL K 63 8.28 -13.96 -82.39
CA VAL K 63 7.82 -14.63 -81.19
C VAL K 63 7.33 -16.03 -81.49
N ASN K 64 6.85 -16.28 -82.71
CA ASN K 64 6.42 -17.62 -83.09
C ASN K 64 7.61 -18.57 -83.23
N SER K 65 8.79 -18.03 -83.58
CA SER K 65 10.00 -18.83 -83.61
C SER K 65 10.66 -18.91 -82.23
N LEU K 66 10.53 -17.87 -81.41
CA LEU K 66 11.04 -17.95 -80.04
C LEU K 66 10.34 -19.08 -79.27
N LEU K 67 9.05 -19.29 -79.54
CA LEU K 67 8.30 -20.33 -78.88
C LEU K 67 8.64 -21.71 -79.44
N ASN K 68 8.83 -21.80 -80.76
CA ASN K 68 9.31 -23.04 -81.36
C ASN K 68 10.71 -23.37 -80.87
N GLU K 69 11.57 -22.35 -80.74
CA GLU K 69 12.91 -22.59 -80.18
C GLU K 69 12.84 -22.97 -78.71
N ALA K 70 11.81 -22.49 -78.00
CA ALA K 70 11.65 -22.87 -76.61
C ALA K 70 11.21 -24.32 -76.46
N SER K 71 10.28 -24.76 -77.32
CA SER K 71 9.83 -26.14 -77.29
C SER K 71 10.94 -27.12 -77.66
N ARG K 72 11.75 -26.76 -78.66
CA ARG K 72 12.87 -27.61 -79.05
C ARG K 72 13.92 -27.68 -77.94
N ALA K 73 14.15 -26.57 -77.26
CA ALA K 73 15.10 -26.57 -76.14
C ALA K 73 14.58 -27.41 -74.99
N ILE K 74 13.28 -27.33 -74.69
CA ILE K 74 12.70 -28.17 -73.65
C ILE K 74 12.73 -29.63 -74.06
N GLY K 75 12.35 -29.93 -75.31
CA GLY K 75 12.38 -31.29 -75.81
C GLY K 75 13.78 -31.88 -75.92
N ILE K 76 14.82 -31.04 -75.88
CA ILE K 76 16.18 -31.54 -75.97
C ILE K 76 16.56 -32.28 -74.70
N CYS K 77 16.00 -31.90 -73.56
CA CYS K 77 16.33 -32.49 -72.27
C CYS K 77 15.48 -33.71 -71.93
N ASN K 78 14.70 -34.22 -72.89
CA ASN K 78 13.84 -35.37 -72.61
C ASN K 78 14.64 -36.60 -72.23
N ARG K 79 15.91 -36.68 -72.63
CA ARG K 79 16.74 -37.81 -72.23
C ARG K 79 16.99 -37.81 -70.73
N ALA K 80 17.42 -36.67 -70.18
CA ALA K 80 17.65 -36.56 -68.75
C ALA K 80 16.34 -36.57 -67.96
N LYS K 81 15.21 -36.30 -68.62
CA LYS K 81 13.93 -36.38 -67.93
C LYS K 81 13.57 -37.83 -67.62
N ASN K 82 13.65 -38.71 -68.62
CA ASN K 82 13.29 -40.11 -68.42
C ASN K 82 14.18 -40.77 -67.37
N THR K 83 15.41 -40.29 -67.21
CA THR K 83 16.28 -40.83 -66.16
C THR K 83 15.71 -40.54 -64.78
N VAL K 84 15.18 -39.33 -64.57
CA VAL K 84 14.55 -39.00 -63.31
C VAL K 84 13.24 -39.77 -63.14
N LYS K 85 12.47 -39.90 -64.24
CA LYS K 85 11.24 -40.70 -64.19
C LYS K 85 11.52 -42.13 -63.75
N GLY K 86 12.61 -42.72 -64.25
CA GLY K 86 12.93 -44.08 -63.86
C GLY K 86 13.33 -44.19 -62.41
N LEU K 87 14.05 -43.19 -61.89
CA LEU K 87 14.45 -43.22 -60.48
C LEU K 87 13.29 -42.91 -59.56
N ILE K 88 12.31 -42.13 -60.02
CA ILE K 88 11.14 -41.84 -59.20
C ILE K 88 10.32 -43.11 -58.97
N ASN K 89 10.11 -43.89 -60.03
CA ASN K 89 9.33 -45.12 -59.91
C ASN K 89 10.02 -46.17 -59.04
N ILE K 90 11.34 -46.08 -58.89
CA ILE K 90 12.05 -47.01 -58.02
C ILE K 90 11.96 -46.57 -56.56
N LEU K 91 12.00 -45.26 -56.32
CA LEU K 91 11.90 -44.75 -54.95
C LEU K 91 10.46 -44.66 -54.46
N GLU K 92 9.48 -44.73 -55.36
CA GLU K 92 8.08 -44.67 -54.98
C GLU K 92 7.47 -46.05 -54.77
N ASN K 93 7.92 -47.05 -55.52
CA ASN K 93 7.37 -48.39 -55.45
C ASN K 93 8.33 -49.30 -54.69
N PRO K 94 8.04 -49.67 -53.45
CA PRO K 94 8.98 -50.53 -52.70
C PRO K 94 9.20 -51.89 -53.34
N GLN K 95 8.22 -52.40 -54.11
CA GLN K 95 8.42 -53.66 -54.80
C GLN K 95 9.48 -53.53 -55.89
N LYS K 96 9.36 -52.50 -56.74
CA LYS K 96 10.35 -52.25 -57.77
C LYS K 96 11.67 -51.75 -57.21
N PHE K 97 11.74 -51.41 -55.92
CA PHE K 97 12.99 -51.12 -55.26
C PHE K 97 13.72 -52.39 -54.83
N LYS K 98 12.99 -53.48 -54.62
CA LYS K 98 13.60 -54.72 -54.17
C LYS K 98 14.52 -55.32 -55.23
N THR K 99 14.22 -55.10 -56.50
CA THR K 99 15.10 -55.58 -57.57
C THR K 99 16.35 -54.72 -57.74
N GLN K 100 16.37 -53.52 -57.18
CA GLN K 100 17.59 -52.73 -57.13
C GLN K 100 18.57 -53.34 -56.14
N ARG K 101 19.85 -53.36 -56.51
CA ARG K 101 20.88 -53.91 -55.63
C ARG K 101 21.48 -52.88 -54.68
N GLU K 102 21.31 -51.58 -54.95
CA GLU K 102 21.98 -50.54 -54.19
C GLU K 102 21.11 -50.08 -53.03
N SER K 103 21.72 -49.34 -52.10
CA SER K 103 21.01 -48.90 -50.91
C SER K 103 19.92 -47.89 -51.28
N TYR K 104 19.09 -47.57 -50.29
CA TYR K 104 18.09 -46.52 -50.47
C TYR K 104 18.70 -45.14 -50.26
N ASP K 105 19.68 -45.03 -49.37
CA ASP K 105 20.38 -43.76 -49.18
C ASP K 105 21.15 -43.36 -50.43
N VAL K 106 21.73 -44.33 -51.13
CA VAL K 106 22.54 -44.00 -52.30
C VAL K 106 21.66 -43.64 -53.50
N LYS K 107 20.46 -44.22 -53.58
CA LYS K 107 19.59 -43.93 -54.72
C LYS K 107 18.76 -42.68 -54.49
N LEU K 108 18.64 -42.22 -53.25
CA LEU K 108 18.11 -40.88 -53.01
C LEU K 108 19.11 -39.82 -53.44
N ARG K 109 20.40 -40.06 -53.20
CA ARG K 109 21.43 -39.13 -53.65
C ARG K 109 21.51 -39.08 -55.16
N GLN K 110 21.33 -40.23 -55.82
CA GLN K 110 21.31 -40.25 -57.28
C GLN K 110 20.08 -39.55 -57.84
N TYR K 111 18.96 -39.58 -57.11
CA TYR K 111 17.76 -38.89 -57.56
C TYR K 111 17.95 -37.37 -57.49
N GLU K 112 18.46 -36.88 -56.36
CA GLU K 112 18.67 -35.45 -56.19
C GLU K 112 19.65 -34.91 -57.24
N GLU K 113 20.67 -35.69 -57.56
CA GLU K 113 21.64 -35.25 -58.58
C GLU K 113 21.03 -35.29 -59.96
N LYS K 114 20.39 -36.40 -60.33
CA LYS K 114 19.77 -36.50 -61.64
C LYS K 114 18.63 -35.50 -61.80
N LYS K 115 17.98 -35.12 -60.71
CA LYS K 115 16.91 -34.13 -60.77
C LYS K 115 17.46 -32.77 -61.19
N GLU K 116 18.56 -32.33 -60.56
CA GLU K 116 19.14 -31.04 -60.91
C GLU K 116 19.76 -31.05 -62.31
N ALA K 117 20.21 -32.23 -62.77
CA ALA K 117 20.70 -32.33 -64.14
C ALA K 117 19.57 -32.11 -65.15
N PHE K 118 18.35 -32.49 -64.79
CA PHE K 118 17.20 -32.22 -65.65
C PHE K 118 16.75 -30.77 -65.53
N ARG K 119 16.70 -30.24 -64.29
CA ARG K 119 16.31 -28.85 -64.10
C ARG K 119 17.31 -27.90 -64.74
N GLY K 120 18.60 -28.11 -64.48
CA GLY K 120 19.62 -27.26 -65.07
C GLY K 120 19.69 -27.37 -66.58
N CYS K 121 19.28 -28.52 -67.13
CA CYS K 121 19.25 -28.67 -68.58
C CYS K 121 18.20 -27.77 -69.20
N LEU K 122 17.01 -27.71 -68.61
CA LEU K 122 15.96 -26.83 -69.12
C LEU K 122 16.38 -25.38 -69.07
N LEU K 123 17.15 -24.99 -68.05
CA LEU K 123 17.64 -23.62 -67.96
C LEU K 123 18.74 -23.37 -68.98
N ASN K 124 19.74 -24.26 -69.03
CA ASN K 124 20.88 -24.05 -69.93
C ASN K 124 20.44 -24.04 -71.38
N LYS K 125 19.67 -25.04 -71.80
CA LYS K 125 19.20 -25.11 -73.19
C LYS K 125 18.32 -23.93 -73.58
N ASN K 126 17.83 -23.15 -72.61
CA ASN K 126 16.99 -22.00 -72.90
C ASN K 126 17.71 -20.68 -72.68
N ARG K 127 18.94 -20.69 -72.19
CA ARG K 127 19.68 -19.44 -71.99
C ARG K 127 19.80 -18.64 -73.28
N LYS K 128 19.93 -19.33 -74.41
CA LYS K 128 19.86 -18.64 -75.70
C LYS K 128 18.50 -17.97 -75.89
N ASN K 129 17.41 -18.66 -75.55
CA ASN K 129 16.08 -18.11 -75.71
C ASN K 129 15.80 -16.98 -74.72
N LEU K 130 16.48 -16.96 -73.57
CA LEU K 130 16.22 -15.94 -72.56
C LEU K 130 16.81 -14.60 -72.97
N ASP K 131 17.92 -14.60 -73.72
CA ASP K 131 18.45 -13.36 -74.25
C ASP K 131 17.55 -12.79 -75.33
N GLN K 132 16.79 -13.66 -76.02
CA GLN K 132 15.86 -13.19 -77.04
C GLN K 132 14.65 -12.49 -76.44
N ILE K 133 14.20 -12.95 -75.27
CA ILE K 133 13.09 -12.29 -74.59
C ILE K 133 13.45 -10.86 -74.23
N LYS K 134 14.70 -10.64 -73.82
CA LYS K 134 15.14 -9.28 -73.52
C LYS K 134 15.08 -8.40 -74.77
N LYS K 135 15.55 -8.92 -75.91
CA LYS K 135 15.56 -8.13 -77.14
C LYS K 135 14.15 -7.77 -77.59
N ILE K 136 13.24 -8.75 -77.58
CA ILE K 136 11.88 -8.50 -78.04
C ILE K 136 11.14 -7.59 -77.07
N ASN K 137 11.50 -7.64 -75.78
CA ASN K 137 10.96 -6.67 -74.83
C ASN K 137 11.37 -5.25 -75.20
N ASN K 138 12.65 -5.05 -75.51
CA ASN K 138 13.11 -3.74 -75.93
C ASN K 138 12.52 -3.34 -77.27
N GLU K 139 12.35 -4.29 -78.19
CA GLU K 139 11.76 -3.99 -79.48
C GLU K 139 10.32 -3.53 -79.33
N ILE K 140 9.57 -4.16 -78.43
CA ILE K 140 8.20 -3.71 -78.15
C ILE K 140 8.23 -2.31 -77.55
N ARG K 141 9.20 -2.05 -76.66
CA ARG K 141 9.37 -0.70 -76.13
C ARG K 141 9.66 0.29 -77.25
N ASP K 142 10.69 0.01 -78.06
CA ASP K 142 11.05 0.95 -79.12
C ASP K 142 9.93 1.10 -80.14
N LEU K 143 9.12 0.06 -80.35
CA LEU K 143 7.99 0.17 -81.27
C LEU K 143 6.98 1.19 -80.77
N LEU K 144 6.65 1.13 -79.47
CA LEU K 144 5.70 2.07 -78.89
C LEU K 144 6.19 3.51 -78.93
N GLU K 145 7.47 3.74 -79.21
CA GLU K 145 7.96 5.09 -79.38
C GLU K 145 7.42 5.75 -80.64
N LYS K 146 7.02 4.95 -81.63
CA LYS K 146 6.46 5.48 -82.87
C LYS K 146 5.07 6.10 -82.72
N LEU K 147 4.47 6.01 -81.52
CA LEU K 147 3.14 6.58 -81.32
C LEU K 147 3.17 8.09 -81.55
N LYS K 148 2.22 8.60 -82.33
CA LYS K 148 2.14 10.02 -82.64
C LYS K 148 1.53 10.78 -81.46
N CYS K 149 2.27 10.77 -80.35
CA CYS K 149 1.88 11.47 -79.13
C CYS K 149 3.11 11.62 -78.27
N SER K 150 3.06 12.58 -77.35
CA SER K 150 4.21 12.88 -76.51
C SER K 150 3.78 13.31 -75.12
N GLN K 151 3.11 14.46 -75.03
CA GLN K 151 2.63 14.96 -73.75
C GLN K 151 1.23 14.48 -73.40
N ASP K 152 0.44 14.10 -74.41
CA ASP K 152 -1.00 13.81 -74.22
C ASP K 152 -1.38 12.60 -75.08
N CYS K 153 -1.04 11.41 -74.58
CA CYS K 153 -1.43 10.16 -75.21
C CYS K 153 -2.75 9.66 -74.59
N GLN K 154 -3.72 9.31 -75.43
CA GLN K 154 -5.00 8.84 -74.92
C GLN K 154 -4.84 7.50 -74.23
N THR K 155 -5.60 7.31 -73.15
CA THR K 155 -5.55 6.09 -72.34
C THR K 155 -6.75 5.19 -72.55
N ASN K 156 -7.57 5.43 -73.59
CA ASN K 156 -8.79 4.67 -73.78
C ASN K 156 -8.49 3.19 -74.04
N VAL K 157 -7.51 2.91 -74.89
CA VAL K 157 -7.16 1.53 -75.18
C VAL K 157 -6.59 0.84 -73.94
N TYR K 158 -5.87 1.59 -73.11
CA TYR K 158 -5.34 1.03 -71.87
C TYR K 158 -6.46 0.60 -70.94
N PHE K 159 -7.45 1.46 -70.72
CA PHE K 159 -8.59 1.11 -69.89
C PHE K 159 -9.54 0.14 -70.58
N ASP K 160 -9.54 0.11 -71.91
CA ASP K 160 -10.29 -0.92 -72.62
C ASP K 160 -9.76 -2.31 -72.29
N MET K 161 -8.44 -2.46 -72.23
CA MET K 161 -7.85 -3.76 -71.93
C MET K 161 -8.14 -4.19 -70.50
N ILE K 162 -8.17 -3.23 -69.57
CA ILE K 162 -8.45 -3.55 -68.19
C ILE K 162 -9.85 -4.10 -68.03
N LYS K 163 -10.82 -3.54 -68.75
CA LYS K 163 -12.19 -4.03 -68.68
C LYS K 163 -12.31 -5.44 -69.25
N ILE K 164 -11.59 -5.70 -70.34
CA ILE K 164 -11.57 -7.05 -70.91
C ILE K 164 -10.79 -8.00 -70.01
N TYR K 165 -9.75 -7.51 -69.34
CA TYR K 165 -8.93 -8.38 -68.49
C TYR K 165 -9.73 -8.90 -67.30
N LEU K 166 -10.50 -8.04 -66.64
CA LEU K 166 -11.27 -8.47 -65.48
C LEU K 166 -12.37 -9.44 -65.86
N VAL K 167 -12.90 -9.34 -67.09
CA VAL K 167 -13.87 -10.33 -67.56
C VAL K 167 -13.22 -11.70 -67.64
N ASP K 168 -12.02 -11.78 -68.22
CA ASP K 168 -11.31 -13.05 -68.29
C ASP K 168 -10.91 -13.55 -66.91
N PHE K 169 -10.63 -12.63 -65.97
CA PHE K 169 -10.26 -13.04 -64.62
C PHE K 169 -11.41 -13.75 -63.94
N LYS K 170 -12.64 -13.22 -64.07
CA LYS K 170 -13.80 -13.86 -63.46
C LYS K 170 -14.06 -15.25 -64.00
N LYS K 171 -13.61 -15.55 -65.23
CA LYS K 171 -13.84 -16.85 -65.82
C LYS K 171 -13.10 -17.96 -65.10
N MET K 172 -12.09 -17.64 -64.30
CA MET K 172 -11.37 -18.63 -63.53
C MET K 172 -11.88 -18.63 -62.09
N PRO K 173 -12.56 -19.68 -61.64
CA PRO K 173 -13.00 -19.72 -60.24
C PRO K 173 -11.83 -19.85 -59.28
N TYR K 174 -11.33 -18.71 -58.82
CA TYR K 174 -10.14 -18.70 -57.95
C TYR K 174 -10.40 -19.48 -56.66
N GLU K 175 -11.62 -19.39 -56.13
CA GLU K 175 -11.92 -20.03 -54.85
C GLU K 175 -11.78 -21.54 -54.93
N ASN K 176 -12.13 -22.15 -56.07
CA ASN K 176 -11.97 -23.59 -56.22
C ASN K 176 -10.51 -24.00 -56.06
N TYR K 177 -9.59 -23.20 -56.60
CA TYR K 177 -8.17 -23.50 -56.45
C TYR K 177 -7.73 -23.33 -54.99
N ASP K 178 -8.20 -22.25 -54.34
CA ASP K 178 -7.83 -22.00 -52.96
C ASP K 178 -8.35 -23.11 -52.04
N THR K 179 -9.58 -23.55 -52.26
CA THR K 179 -10.14 -24.63 -51.45
C THR K 179 -9.37 -25.92 -51.64
N PHE K 180 -8.94 -26.20 -52.88
CA PHE K 180 -8.24 -27.44 -53.16
C PHE K 180 -6.91 -27.50 -52.43
N ILE K 181 -6.11 -26.44 -52.53
CA ILE K 181 -4.77 -26.48 -51.97
C ILE K 181 -4.80 -26.47 -50.45
N LYS K 182 -5.76 -25.76 -49.85
CA LYS K 182 -5.81 -25.69 -48.39
C LYS K 182 -6.19 -27.04 -47.78
N GLN K 183 -7.11 -27.76 -48.44
CA GLN K 183 -7.51 -29.07 -47.91
C GLN K 183 -6.44 -30.11 -48.13
N TYR K 184 -5.70 -30.03 -49.24
CA TYR K 184 -4.63 -30.99 -49.49
C TYR K 184 -3.37 -30.64 -48.68
N LYS K 185 -3.13 -29.35 -48.45
CA LYS K 185 -1.97 -28.96 -47.65
C LYS K 185 -2.11 -29.43 -46.21
N ASN K 186 -3.29 -29.23 -45.61
CA ASN K 186 -3.49 -29.61 -44.22
C ASN K 186 -3.37 -31.11 -44.03
N SER K 187 -4.01 -31.89 -44.89
CA SER K 187 -3.90 -33.34 -44.80
C SER K 187 -2.49 -33.81 -45.11
N TYR K 188 -1.78 -33.09 -45.98
CA TYR K 188 -0.38 -33.42 -46.25
C TYR K 188 0.48 -33.21 -45.01
N LEU K 189 0.21 -32.13 -44.27
CA LEU K 189 1.02 -31.85 -43.08
C LEU K 189 0.70 -32.84 -41.96
N SER K 190 -0.58 -33.04 -41.66
CA SER K 190 -0.95 -34.00 -40.63
C SER K 190 -0.47 -35.41 -40.99
N GLY K 191 -0.39 -35.71 -42.29
CA GLY K 191 0.19 -36.98 -42.71
C GLY K 191 1.68 -37.04 -42.43
N VAL K 192 2.40 -35.95 -42.68
CA VAL K 192 3.83 -35.91 -42.42
C VAL K 192 4.11 -36.03 -40.93
N ASP K 193 3.36 -35.28 -40.11
CA ASP K 193 3.54 -35.35 -38.66
C ASP K 193 3.07 -36.68 -38.09
N MET K 194 2.20 -37.40 -38.81
CA MET K 194 1.77 -38.71 -38.36
C MET K 194 2.84 -39.77 -38.62
N ILE K 195 3.58 -39.64 -39.72
CA ILE K 195 4.71 -40.52 -39.97
C ILE K 195 5.73 -40.38 -38.85
N ARG K 196 5.93 -39.16 -38.35
CA ARG K 196 6.84 -38.93 -37.24
C ARG K 196 6.41 -39.66 -35.97
N LYS K 197 5.13 -40.00 -35.84
CA LYS K 197 4.62 -40.66 -34.66
C LYS K 197 4.71 -42.19 -34.74
N ILE K 198 4.50 -42.75 -35.93
CA ILE K 198 4.32 -44.19 -36.08
C ILE K 198 5.49 -44.87 -36.77
N GLU K 199 6.49 -44.11 -37.24
CA GLU K 199 7.59 -44.74 -37.96
C GLU K 199 8.42 -45.64 -37.07
N LYS K 200 8.60 -45.25 -35.81
CA LYS K 200 9.33 -46.08 -34.85
C LYS K 200 8.47 -47.20 -34.28
N GLN K 201 7.15 -47.06 -34.33
CA GLN K 201 6.26 -48.09 -33.79
C GLN K 201 6.09 -49.25 -34.75
N ILE K 202 6.02 -48.98 -36.05
CA ILE K 202 5.86 -49.99 -37.09
C ILE K 202 7.18 -50.12 -37.83
N ASP K 203 7.78 -51.30 -37.78
CA ASP K 203 9.09 -51.54 -38.40
C ASP K 203 8.86 -51.98 -39.84
N ASN K 204 8.71 -51.01 -40.73
CA ASN K 204 8.61 -51.23 -42.18
C ASN K 204 9.38 -50.12 -42.87
N PRO K 205 10.71 -50.12 -42.75
CA PRO K 205 11.47 -48.92 -43.14
C PRO K 205 11.47 -48.65 -44.62
N VAL K 206 11.50 -49.70 -45.47
CA VAL K 206 11.53 -49.46 -46.90
C VAL K 206 10.20 -48.88 -47.39
N THR K 207 9.10 -49.18 -46.69
CA THR K 207 7.83 -48.54 -47.01
C THR K 207 7.78 -47.13 -46.44
N ILE K 208 8.28 -46.94 -45.22
CA ILE K 208 8.32 -45.60 -44.63
C ILE K 208 9.17 -44.68 -45.48
N ASN K 209 10.27 -45.19 -46.03
CA ASN K 209 11.11 -44.39 -46.92
C ASN K 209 10.38 -44.04 -48.20
N ALA K 210 9.50 -44.93 -48.68
CA ALA K 210 8.72 -44.64 -49.88
C ALA K 210 7.65 -43.60 -49.60
N ILE K 211 6.99 -43.71 -48.43
CA ILE K 211 6.00 -42.70 -48.05
C ILE K 211 6.67 -41.35 -47.88
N LYS K 212 7.84 -41.33 -47.23
CA LYS K 212 8.54 -40.06 -47.00
C LYS K 212 9.00 -39.44 -48.30
N PHE K 213 9.48 -40.25 -49.24
CA PHE K 213 9.92 -39.73 -50.52
C PHE K 213 8.77 -39.10 -51.30
N THR K 214 7.63 -39.81 -51.36
CA THR K 214 6.48 -39.28 -52.07
C THR K 214 5.87 -38.08 -51.35
N GLN K 215 5.96 -38.06 -50.02
CA GLN K 215 5.49 -36.88 -49.29
C GLN K 215 6.37 -35.67 -49.59
N LYS K 216 7.67 -35.89 -49.78
CA LYS K 216 8.55 -34.79 -50.17
C LYS K 216 8.22 -34.28 -51.57
N GLU K 217 7.75 -35.19 -52.45
CA GLU K 217 7.33 -34.75 -53.78
C GLU K 217 6.03 -33.96 -53.72
N MET K 218 5.13 -34.36 -52.81
CA MET K 218 3.90 -33.59 -52.60
C MET K 218 4.21 -32.17 -52.13
N GLY K 219 5.07 -32.04 -51.11
CA GLY K 219 5.38 -30.74 -50.56
C GLY K 219 6.00 -29.79 -51.56
N TYR K 220 6.79 -30.33 -52.50
CA TYR K 220 7.34 -29.50 -53.55
C TYR K 220 6.25 -28.96 -54.48
N ILE K 221 5.31 -29.83 -54.86
CA ILE K 221 4.24 -29.40 -55.75
C ILE K 221 3.35 -28.37 -55.07
N ILE K 222 3.07 -28.56 -53.78
CA ILE K 222 2.32 -27.56 -53.02
C ILE K 222 3.06 -26.23 -53.00
N ASP K 223 4.38 -26.29 -52.83
CA ASP K 223 5.18 -25.06 -52.84
C ASP K 223 5.07 -24.36 -54.19
N ARG K 224 5.08 -25.12 -55.28
CA ARG K 224 4.93 -24.53 -56.61
C ARG K 224 3.48 -24.11 -56.88
N PHE K 225 2.52 -24.89 -56.37
CA PHE K 225 1.12 -24.52 -56.53
C PHE K 225 0.83 -23.19 -55.83
N GLU K 226 1.32 -23.04 -54.60
CA GLU K 226 1.07 -21.82 -53.84
C GLU K 226 1.77 -20.61 -54.44
N TYR K 227 2.88 -20.81 -55.16
CA TYR K 227 3.53 -19.70 -55.84
C TYR K 227 2.65 -19.12 -56.93
N HIS K 228 2.23 -19.98 -57.87
CA HIS K 228 1.42 -19.52 -59.00
C HIS K 228 0.06 -18.99 -58.54
N LEU K 229 -0.52 -19.63 -57.52
CA LEU K 229 -1.80 -19.15 -57.01
C LEU K 229 -1.68 -17.75 -56.44
N GLN K 230 -0.60 -17.47 -55.71
CA GLN K 230 -0.39 -16.13 -55.17
C GLN K 230 -0.16 -15.12 -56.29
N LYS K 231 0.60 -15.50 -57.32
CA LYS K 231 0.78 -14.62 -58.46
C LYS K 231 -0.53 -14.39 -59.20
N VAL K 232 -1.33 -15.44 -59.36
CA VAL K 232 -2.64 -15.29 -59.97
C VAL K 232 -3.49 -14.30 -59.19
N LYS K 233 -3.53 -14.45 -57.87
CA LYS K 233 -4.30 -13.53 -57.04
C LYS K 233 -3.74 -12.12 -57.11
N HIS K 234 -2.41 -11.99 -57.15
CA HIS K 234 -1.80 -10.67 -57.28
C HIS K 234 -2.17 -10.03 -58.61
N SER K 235 -2.24 -10.82 -59.68
CA SER K 235 -2.63 -10.28 -60.98
C SER K 235 -4.06 -9.76 -60.95
N ILE K 236 -4.97 -10.49 -60.31
CA ILE K 236 -6.37 -10.08 -60.28
C ILE K 236 -6.55 -8.85 -59.41
N ASP K 237 -5.82 -8.78 -58.29
CA ASP K 237 -6.01 -7.67 -57.37
C ASP K 237 -5.42 -6.37 -57.92
N GLN K 238 -4.25 -6.45 -58.54
CA GLN K 238 -3.62 -5.24 -59.05
C GLN K 238 -4.41 -4.64 -60.21
N VAL K 239 -4.87 -5.48 -61.14
CA VAL K 239 -5.67 -4.98 -62.25
C VAL K 239 -6.98 -4.39 -61.74
N THR K 240 -7.58 -5.03 -60.73
CA THR K 240 -8.81 -4.51 -60.14
C THR K 240 -8.59 -3.17 -59.47
N ALA K 241 -7.42 -2.97 -58.86
CA ALA K 241 -7.12 -1.66 -58.25
C ALA K 241 -7.03 -0.57 -59.30
N LEU K 242 -6.43 -0.88 -60.46
CA LEU K 242 -6.38 0.11 -61.54
C LEU K 242 -7.76 0.39 -62.11
N SER K 243 -8.64 -0.61 -62.15
CA SER K 243 -9.98 -0.40 -62.69
C SER K 243 -10.82 0.51 -61.81
N ASP K 244 -10.57 0.51 -60.49
CA ASP K 244 -11.33 1.31 -59.56
C ASP K 244 -10.58 2.57 -59.09
N GLY K 245 -9.37 2.79 -59.60
CA GLY K 245 -8.57 3.94 -59.21
C GLY K 245 -8.81 5.14 -60.11
N VAL K 246 -7.93 6.14 -59.96
CA VAL K 246 -8.05 7.34 -60.76
C VAL K 246 -7.81 7.02 -62.23
N LYS K 247 -8.53 7.70 -63.11
CA LYS K 247 -8.45 7.45 -64.54
C LYS K 247 -8.08 8.74 -65.27
N PRO K 248 -6.81 8.96 -65.57
CA PRO K 248 -6.43 10.12 -66.39
C PRO K 248 -6.70 9.85 -67.86
N LYS K 249 -7.28 10.84 -68.54
CA LYS K 249 -7.56 10.69 -69.96
C LYS K 249 -6.30 10.75 -70.79
N GLN K 250 -5.27 11.46 -70.31
CA GLN K 250 -4.04 11.67 -71.05
C GLN K 250 -2.84 11.58 -70.12
N VAL K 251 -1.79 10.91 -70.58
CA VAL K 251 -0.52 10.82 -69.88
C VAL K 251 0.60 11.00 -70.90
N THR K 252 1.84 11.01 -70.40
CA THR K 252 2.98 11.07 -71.30
C THR K 252 3.21 9.73 -71.96
N LYS K 253 3.92 9.75 -73.10
CA LYS K 253 4.20 8.52 -73.82
C LYS K 253 4.99 7.54 -72.96
N ASN K 254 5.99 8.05 -72.22
CA ASN K 254 6.75 7.19 -71.31
C ASN K 254 5.84 6.50 -70.31
N ARG K 255 4.87 7.23 -69.77
CA ARG K 255 3.97 6.65 -68.76
C ARG K 255 3.05 5.61 -69.38
N LEU K 256 2.60 5.84 -70.60
CA LEU K 256 1.71 4.87 -71.24
C LEU K 256 2.47 3.62 -71.67
N LYS K 257 3.77 3.74 -71.93
CA LYS K 257 4.57 2.56 -72.24
C LYS K 257 4.64 1.61 -71.04
N GLU K 258 4.85 2.16 -69.84
CA GLU K 258 4.83 1.32 -68.65
C GLU K 258 3.41 0.90 -68.27
N TYR K 259 2.41 1.66 -68.71
CA TYR K 259 1.02 1.23 -68.51
C TYR K 259 0.74 -0.07 -69.25
N TYR K 260 1.17 -0.17 -70.50
CA TYR K 260 0.99 -1.40 -71.26
C TYR K 260 1.81 -2.54 -70.67
N PHE K 261 3.02 -2.23 -70.20
CA PHE K 261 3.88 -3.27 -69.65
C PHE K 261 3.40 -3.73 -68.28
N ASN K 262 2.71 -2.86 -67.54
CA ASN K 262 2.22 -3.26 -66.22
C ASN K 262 1.04 -4.22 -66.34
N ILE K 263 -0.02 -3.80 -67.02
CA ILE K 263 -1.18 -4.68 -67.17
C ILE K 263 -0.84 -5.86 -68.07
N GLY K 264 0.02 -5.65 -69.08
CA GLY K 264 0.47 -6.76 -69.89
C GLY K 264 1.26 -7.78 -69.08
N ASN K 265 1.99 -7.32 -68.07
CA ASN K 265 2.68 -8.24 -67.17
C ASN K 265 1.69 -9.05 -66.34
N TYR K 266 0.70 -8.37 -65.74
CA TYR K 266 -0.27 -9.05 -64.89
C TYR K 266 -1.06 -10.09 -65.67
N TYR K 267 -1.50 -9.75 -66.88
CA TYR K 267 -2.22 -10.72 -67.70
C TYR K 267 -1.30 -11.85 -68.14
N SER K 268 -0.03 -11.53 -68.43
CA SER K 268 0.94 -12.56 -68.76
C SER K 268 1.11 -13.53 -67.58
N ILE K 269 1.27 -12.98 -66.37
CA ILE K 269 1.41 -13.82 -65.19
C ILE K 269 0.13 -14.60 -64.92
N PHE K 270 -1.04 -14.02 -65.23
CA PHE K 270 -2.30 -14.71 -65.00
C PHE K 270 -2.41 -15.97 -65.86
N LYS K 271 -2.26 -15.81 -67.18
CA LYS K 271 -2.36 -16.95 -68.07
C LYS K 271 -1.30 -18.00 -67.76
N PHE K 272 -0.11 -17.56 -67.36
CA PHE K 272 0.96 -18.50 -67.02
C PHE K 272 0.61 -19.30 -65.77
N GLY K 273 0.17 -18.61 -64.70
CA GLY K 273 -0.20 -19.32 -63.49
C GLY K 273 -1.36 -20.26 -63.70
N LYS K 274 -2.32 -19.87 -64.54
CA LYS K 274 -3.47 -20.73 -64.82
C LYS K 274 -3.03 -22.03 -65.49
N ASP K 275 -2.11 -21.95 -66.44
CA ASP K 275 -1.61 -23.16 -67.10
C ASP K 275 -0.85 -24.04 -66.12
N SER K 276 -0.13 -23.43 -65.18
CA SER K 276 0.63 -24.21 -64.20
C SER K 276 -0.28 -24.79 -63.11
N LEU K 277 -1.25 -24.00 -62.64
CA LEU K 277 -2.12 -24.46 -61.56
C LEU K 277 -2.91 -25.70 -61.97
N ASN K 278 -3.50 -25.67 -63.17
CA ASN K 278 -4.23 -26.84 -63.66
C ASN K 278 -3.32 -28.06 -63.77
N MET K 279 -2.04 -27.84 -64.10
CA MET K 279 -1.10 -28.94 -64.18
C MET K 279 -0.70 -29.43 -62.79
N LEU K 280 -0.37 -28.50 -61.89
CA LEU K 280 0.03 -28.88 -60.54
C LEU K 280 -1.13 -29.49 -59.76
N ASN K 281 -2.37 -29.10 -60.08
CA ASN K 281 -3.52 -29.68 -59.40
C ASN K 281 -3.62 -31.17 -59.67
N LYS K 282 -3.38 -31.59 -60.91
CA LYS K 282 -3.42 -33.02 -61.24
C LYS K 282 -2.18 -33.75 -60.74
N ALA K 283 -1.05 -33.07 -60.63
CA ALA K 283 0.16 -33.71 -60.14
C ALA K 283 0.08 -33.98 -58.64
N LEU K 284 -0.45 -33.02 -57.88
CA LEU K 284 -0.60 -33.23 -56.44
C LEU K 284 -1.57 -34.37 -56.15
N ILE K 285 -2.66 -34.45 -56.92
CA ILE K 285 -3.63 -35.53 -56.72
C ILE K 285 -2.99 -36.88 -57.01
N HIS K 286 -2.17 -36.97 -58.06
CA HIS K 286 -1.54 -38.23 -58.42
C HIS K 286 -0.55 -38.68 -57.33
N LYS K 287 0.22 -37.75 -56.76
CA LYS K 287 1.12 -38.11 -55.68
C LYS K 287 0.36 -38.46 -54.42
N GLU K 288 -0.78 -37.80 -54.16
CA GLU K 288 -1.57 -38.10 -52.98
C GLU K 288 -2.18 -39.50 -53.06
N LYS K 289 -2.63 -39.91 -54.25
CA LYS K 289 -3.14 -41.26 -54.41
C LYS K 289 -2.05 -42.30 -54.12
N ILE K 290 -0.83 -42.02 -54.55
CA ILE K 290 0.28 -42.95 -54.29
C ILE K 290 0.56 -43.05 -52.80
N VAL K 291 0.58 -41.90 -52.11
CA VAL K 291 0.86 -41.90 -50.67
C VAL K 291 -0.16 -42.73 -49.92
N HIS K 292 -1.44 -42.58 -50.26
CA HIS K 292 -2.48 -43.35 -49.59
C HIS K 292 -2.40 -44.83 -49.95
N ASN K 293 -2.00 -45.15 -51.18
CA ASN K 293 -1.75 -46.54 -51.52
C ASN K 293 -0.56 -47.08 -50.75
N LEU K 294 0.50 -46.27 -50.58
CA LEU K 294 1.66 -46.70 -49.80
C LEU K 294 1.29 -46.91 -48.35
N LEU K 295 0.46 -46.03 -47.79
CA LEU K 295 -0.01 -46.22 -46.43
C LEU K 295 -0.91 -47.44 -46.31
N GLY K 296 -1.64 -47.76 -47.39
CA GLY K 296 -2.44 -48.98 -47.39
C GLY K 296 -1.58 -50.23 -47.27
N GLU K 297 -0.42 -50.22 -47.92
CA GLU K 297 0.49 -51.37 -47.82
C GLU K 297 1.18 -51.39 -46.46
N LEU K 298 1.45 -50.23 -45.87
CA LEU K 298 2.06 -50.18 -44.54
C LEU K 298 1.16 -50.83 -43.51
N PHE K 299 -0.12 -50.47 -43.51
CA PHE K 299 -1.08 -51.00 -42.54
C PHE K 299 -1.75 -52.28 -43.01
N GLY K 300 -1.53 -52.69 -44.27
CA GLY K 300 -2.18 -53.88 -44.80
C GLY K 300 -1.48 -55.18 -44.49
N HIS K 301 -0.22 -55.12 -44.06
CA HIS K 301 0.57 -56.31 -43.75
C HIS K 301 1.00 -56.22 -42.29
N LEU K 302 0.15 -56.71 -41.40
CA LEU K 302 0.44 -56.69 -39.97
C LEU K 302 0.33 -58.10 -39.37
N ASN L 7 27.35 1.87 17.11
CA ASN L 7 27.67 1.08 18.30
C ASN L 7 26.43 0.33 18.79
N THR L 8 26.58 -0.98 18.96
CA THR L 8 25.47 -1.88 19.19
C THR L 8 25.57 -2.53 20.56
N THR L 9 24.41 -2.78 21.17
CA THR L 9 24.32 -3.64 22.35
C THR L 9 24.23 -5.07 21.84
N ASP L 10 25.38 -5.77 21.86
CA ASP L 10 25.45 -7.11 21.29
C ASP L 10 25.00 -8.20 22.24
N ASN L 11 24.90 -7.89 23.53
CA ASN L 11 24.60 -8.90 24.55
C ASN L 11 23.71 -8.28 25.62
N ILE L 12 22.57 -8.91 25.89
CA ILE L 12 21.64 -8.41 26.89
C ILE L 12 21.47 -9.41 28.03
N ASP L 13 22.59 -10.00 28.48
CA ASP L 13 22.54 -10.90 29.63
C ASP L 13 22.21 -10.19 30.94
N TYR L 14 22.21 -8.85 30.95
CA TYR L 14 22.12 -8.13 32.21
C TYR L 14 20.71 -8.12 32.80
N PHE L 15 19.68 -8.42 32.02
CA PHE L 15 18.34 -8.52 32.58
C PHE L 15 18.23 -9.74 33.49
N ASP L 16 17.59 -9.54 34.64
CA ASP L 16 17.24 -10.65 35.52
C ASP L 16 15.85 -10.43 36.08
N ILE L 17 15.35 -11.42 36.80
CA ILE L 17 13.98 -11.42 37.31
C ILE L 17 13.95 -12.22 38.60
N SER L 18 13.05 -11.82 39.50
CA SER L 18 12.81 -12.53 40.74
C SER L 18 11.31 -12.76 40.91
N ASP L 19 10.96 -13.84 41.60
CA ASP L 19 9.56 -14.21 41.79
C ASP L 19 8.85 -13.20 42.68
N GLU L 20 7.55 -13.41 42.88
CA GLU L 20 6.73 -12.47 43.63
C GLU L 20 7.13 -12.37 45.09
N SER L 21 7.75 -13.40 45.65
CA SER L 21 8.28 -13.31 47.01
C SER L 21 9.58 -12.54 47.08
N ASN L 22 10.19 -12.22 45.94
CA ASN L 22 11.55 -11.70 45.87
C ASN L 22 12.53 -12.66 46.56
N TYR L 23 12.21 -13.94 46.54
CA TYR L 23 12.99 -14.96 47.21
C TYR L 23 13.97 -15.68 46.29
N TYR L 24 13.54 -16.03 45.09
CA TYR L 24 14.40 -16.66 44.09
C TYR L 24 14.78 -15.64 43.03
N LEU L 25 16.07 -15.56 42.72
CA LEU L 25 16.60 -14.62 41.73
C LEU L 25 17.13 -15.40 40.54
N ILE L 26 16.48 -15.24 39.38
CA ILE L 26 16.86 -15.96 38.17
C ILE L 26 17.82 -15.11 37.37
N SER L 27 18.94 -15.71 36.96
CA SER L 27 19.95 -15.05 36.13
C SER L 27 20.08 -15.79 34.81
N GLN L 28 20.37 -15.03 33.75
CA GLN L 28 20.55 -15.64 32.43
C GLN L 28 21.85 -16.41 32.31
N LEU L 29 22.75 -16.28 33.29
CA LEU L 29 24.02 -16.99 33.27
C LEU L 29 23.89 -18.31 34.03
N ARG L 30 24.55 -19.34 33.52
CA ARG L 30 24.64 -20.61 34.22
C ARG L 30 25.16 -20.37 35.64
N PRO L 31 24.62 -21.06 36.65
CA PRO L 31 23.53 -22.04 36.63
C PRO L 31 22.15 -21.44 36.89
N HIS L 32 21.98 -20.14 36.63
CA HIS L 32 20.70 -19.45 36.67
C HIS L 32 20.14 -19.30 38.09
N PHE L 33 20.45 -20.22 38.99
CA PHE L 33 20.08 -20.08 40.40
C PHE L 33 21.32 -20.27 41.26
N SER L 34 21.45 -19.42 42.30
CA SER L 34 22.51 -19.64 43.27
C SER L 34 22.31 -20.95 44.03
N ASN L 35 21.07 -21.45 44.10
CA ASN L 35 20.79 -22.70 44.79
C ASN L 35 21.50 -23.88 44.13
N ILE L 36 21.76 -23.78 42.82
CA ILE L 36 22.54 -24.84 42.16
C ILE L 36 23.97 -24.83 42.67
N TYR L 37 24.52 -23.64 42.92
CA TYR L 37 25.86 -23.55 43.49
C TYR L 37 25.92 -24.13 44.89
N PHE L 38 24.82 -24.02 45.65
CA PHE L 38 24.74 -24.65 46.95
C PHE L 38 24.76 -26.17 46.81
N PHE L 39 24.04 -26.71 45.81
CA PHE L 39 24.01 -28.15 45.62
C PHE L 39 25.36 -28.68 45.17
N ASP L 40 26.11 -27.89 44.40
CA ASP L 40 27.49 -28.25 44.08
C ASP L 40 28.38 -28.21 45.31
N GLU L 41 28.02 -27.43 46.32
CA GLU L 41 28.81 -27.37 47.55
C GLU L 41 28.56 -28.58 48.43
N PHE L 42 27.31 -29.06 48.51
CA PHE L 42 27.04 -30.26 49.29
C PHE L 42 27.66 -31.50 48.65
N LYS L 43 27.92 -31.47 47.34
CA LYS L 43 28.74 -32.52 46.74
C LYS L 43 30.12 -32.53 47.38
N ARG L 44 30.65 -31.36 47.72
CA ARG L 44 31.92 -31.27 48.43
C ARG L 44 31.77 -31.61 49.92
N TYR L 45 30.63 -31.27 50.52
CA TYR L 45 30.41 -31.63 51.92
C TYR L 45 30.30 -33.13 52.09
N ALA L 46 29.47 -33.77 51.27
CA ALA L 46 29.35 -35.22 51.31
C ALA L 46 30.65 -35.93 50.90
N SER L 47 31.57 -35.20 50.26
CA SER L 47 32.83 -35.81 49.86
C SER L 47 33.70 -36.20 51.06
N TYR L 48 33.45 -35.61 52.23
CA TYR L 48 34.26 -35.87 53.41
C TYR L 48 33.56 -36.78 54.42
N HIS L 49 32.40 -37.33 54.08
CA HIS L 49 31.65 -38.22 54.96
C HIS L 49 31.24 -39.46 54.17
N THR L 50 31.91 -40.57 54.43
CA THR L 50 31.70 -41.78 53.63
C THR L 50 30.29 -42.33 53.79
N GLU L 51 29.66 -42.10 54.95
CA GLU L 51 28.32 -42.63 55.20
C GLU L 51 27.26 -41.96 54.34
N ILE L 52 27.55 -40.83 53.70
CA ILE L 52 26.58 -40.17 52.84
C ILE L 52 27.13 -40.10 51.42
N LYS L 53 27.79 -41.17 50.98
CA LYS L 53 28.33 -41.23 49.63
C LYS L 53 27.25 -41.29 48.56
N ARG L 54 25.97 -41.42 48.94
CA ARG L 54 24.91 -41.53 47.96
C ARG L 54 24.59 -40.20 47.28
N TYR L 55 25.05 -39.07 47.82
CA TYR L 55 24.83 -37.80 47.13
C TYR L 55 25.55 -37.74 45.79
N GLU L 56 26.59 -38.57 45.60
CA GLU L 56 27.21 -38.68 44.29
C GLU L 56 26.23 -39.16 43.22
N ASP L 57 25.10 -39.71 43.64
CA ASP L 57 24.00 -40.06 42.74
C ASP L 57 22.92 -38.99 42.68
N ILE L 58 22.64 -38.32 43.80
CA ILE L 58 21.67 -37.22 43.78
C ILE L 58 22.17 -36.08 42.92
N HIS L 59 23.47 -35.77 42.99
CA HIS L 59 24.04 -34.73 42.16
C HIS L 59 23.99 -35.11 40.68
N LYS L 60 24.26 -36.37 40.36
CA LYS L 60 24.23 -36.81 38.98
C LYS L 60 22.80 -36.93 38.45
N THR L 61 21.83 -37.12 39.33
CA THR L 61 20.44 -37.30 38.94
C THR L 61 19.60 -36.06 39.21
N LYS L 62 19.36 -35.72 40.48
CA LYS L 62 18.38 -34.69 40.80
C LYS L 62 18.86 -33.30 40.40
N VAL L 63 19.94 -32.82 40.99
CA VAL L 63 20.38 -31.45 40.72
C VAL L 63 20.96 -31.30 39.32
N ASN L 64 21.36 -32.40 38.68
CA ASN L 64 21.74 -32.32 37.29
C ASN L 64 20.52 -32.12 36.40
N SER L 65 19.43 -32.83 36.69
CA SER L 65 18.20 -32.64 35.93
C SER L 65 17.61 -31.26 36.17
N LEU L 66 17.79 -30.71 37.39
CA LEU L 66 17.31 -29.36 37.65
C LEU L 66 18.12 -28.32 36.87
N LEU L 67 19.45 -28.49 36.86
CA LEU L 67 20.30 -27.56 36.12
C LEU L 67 20.02 -27.62 34.63
N ASN L 68 19.75 -28.83 34.11
CA ASN L 68 19.43 -28.97 32.69
C ASN L 68 18.05 -28.43 32.38
N GLU L 69 17.08 -28.66 33.27
CA GLU L 69 15.74 -28.12 33.06
C GLU L 69 15.74 -26.60 33.15
N ALA L 70 16.57 -26.04 34.04
CA ALA L 70 16.68 -24.59 34.15
C ALA L 70 17.24 -23.99 32.88
N SER L 71 18.30 -24.60 32.34
CA SER L 71 18.90 -24.10 31.10
C SER L 71 17.93 -24.23 29.93
N ARG L 72 17.18 -25.32 29.88
CA ARG L 72 16.19 -25.49 28.82
C ARG L 72 15.11 -24.41 28.90
N ALA L 73 14.67 -24.09 30.13
CA ALA L 73 13.66 -23.05 30.29
C ALA L 73 14.18 -21.69 29.84
N ILE L 74 15.43 -21.38 30.18
CA ILE L 74 16.01 -20.11 29.76
C ILE L 74 16.08 -20.02 28.24
N GLY L 75 16.46 -21.13 27.59
CA GLY L 75 16.58 -21.14 26.15
C GLY L 75 15.26 -20.99 25.41
N ILE L 76 14.15 -21.29 26.07
CA ILE L 76 12.84 -21.15 25.44
C ILE L 76 12.50 -19.69 25.21
N CYS L 77 13.06 -18.80 26.02
CA CYS L 77 12.83 -17.37 25.91
C CYS L 77 13.80 -16.68 24.95
N ASN L 78 14.61 -17.45 24.22
CA ASN L 78 15.58 -16.84 23.31
C ASN L 78 14.89 -16.07 22.20
N ARG L 79 13.71 -16.52 21.77
CA ARG L 79 12.97 -15.78 20.75
C ARG L 79 12.55 -14.42 21.27
N ALA L 80 12.02 -14.36 22.50
CA ALA L 80 11.72 -13.08 23.11
C ALA L 80 12.99 -12.28 23.38
N LYS L 81 14.11 -12.96 23.63
CA LYS L 81 15.37 -12.27 23.90
C LYS L 81 15.87 -11.53 22.67
N ASN L 82 15.80 -12.17 21.50
CA ASN L 82 16.29 -11.51 20.29
C ASN L 82 15.37 -10.37 19.88
N THR L 83 14.10 -10.45 20.25
CA THR L 83 13.16 -9.38 19.90
C THR L 83 13.45 -8.11 20.68
N VAL L 84 13.72 -8.22 21.99
CA VAL L 84 14.10 -7.04 22.75
C VAL L 84 15.49 -6.54 22.33
N LYS L 85 16.39 -7.47 22.01
CA LYS L 85 17.70 -7.07 21.50
C LYS L 85 17.57 -6.24 20.24
N GLY L 86 16.61 -6.59 19.37
CA GLY L 86 16.40 -5.82 18.15
C GLY L 86 15.84 -4.44 18.42
N LEU L 87 14.93 -4.33 19.40
CA LEU L 87 14.39 -3.03 19.75
C LEU L 87 15.41 -2.15 20.44
N ILE L 88 16.28 -2.76 21.27
CA ILE L 88 17.35 -2.00 21.90
C ILE L 88 18.32 -1.46 20.85
N ASN L 89 18.63 -2.29 19.84
CA ASN L 89 19.55 -1.86 18.79
C ASN L 89 18.99 -0.71 17.98
N ILE L 90 17.66 -0.59 17.90
CA ILE L 90 17.06 0.50 17.15
C ILE L 90 16.95 1.76 18.00
N LEU L 91 16.57 1.61 19.27
CA LEU L 91 16.36 2.76 20.14
C LEU L 91 17.66 3.42 20.59
N GLU L 92 18.79 2.72 20.53
CA GLU L 92 20.06 3.26 20.96
C GLU L 92 20.91 3.78 19.81
N ASN L 93 20.50 3.55 18.57
CA ASN L 93 21.27 3.97 17.40
C ASN L 93 20.44 4.90 16.55
N PRO L 94 20.73 6.21 16.54
CA PRO L 94 19.94 7.13 15.71
C PRO L 94 20.04 6.82 14.22
N GLN L 95 21.19 6.33 13.75
CA GLN L 95 21.30 5.96 12.34
C GLN L 95 20.40 4.78 12.02
N LYS L 96 20.28 3.82 12.95
CA LYS L 96 19.38 2.69 12.73
C LYS L 96 17.92 3.12 12.83
N PHE L 97 17.60 3.99 13.79
CA PHE L 97 16.22 4.45 13.94
C PHE L 97 15.74 5.20 12.71
N LYS L 98 16.66 5.83 11.97
CA LYS L 98 16.28 6.60 10.79
C LYS L 98 15.95 5.71 9.58
N THR L 99 16.41 4.46 9.59
CA THR L 99 16.12 3.56 8.48
C THR L 99 14.73 2.93 8.57
N GLN L 100 14.02 3.13 9.69
CA GLN L 100 12.64 2.71 9.83
C GLN L 100 11.74 3.94 9.94
N ARG L 101 10.42 3.70 9.89
CA ARG L 101 9.46 4.77 9.68
C ARG L 101 8.63 5.14 10.90
N GLU L 102 8.60 4.30 11.92
CA GLU L 102 7.70 4.54 13.05
C GLU L 102 8.30 5.54 14.02
N SER L 103 7.42 6.23 14.74
CA SER L 103 7.85 7.27 15.67
C SER L 103 8.56 6.67 16.88
N TYR L 104 9.30 7.53 17.60
CA TYR L 104 10.11 7.06 18.71
C TYR L 104 9.24 6.56 19.86
N ASP L 105 8.17 7.28 20.20
CA ASP L 105 7.29 6.84 21.27
C ASP L 105 6.63 5.51 20.94
N VAL L 106 6.37 5.26 19.65
CA VAL L 106 5.79 3.99 19.24
C VAL L 106 6.79 2.85 19.44
N LYS L 107 8.06 3.07 19.10
CA LYS L 107 9.07 2.05 19.30
C LYS L 107 9.42 1.89 20.78
N LEU L 108 9.42 2.99 21.53
CA LEU L 108 9.70 2.91 22.95
C LEU L 108 8.64 2.09 23.68
N ARG L 109 7.38 2.18 23.23
CA ARG L 109 6.32 1.40 23.85
C ARG L 109 6.47 -0.08 23.54
N GLN L 110 6.86 -0.42 22.30
CA GLN L 110 7.10 -1.81 21.95
C GLN L 110 8.24 -2.39 22.78
N TYR L 111 9.26 -1.58 23.07
CA TYR L 111 10.39 -2.03 23.87
C TYR L 111 9.95 -2.38 25.29
N GLU L 112 9.17 -1.49 25.91
CA GLU L 112 8.69 -1.77 27.27
C GLU L 112 7.77 -2.98 27.30
N GLU L 113 7.02 -3.21 26.21
CA GLU L 113 6.13 -4.36 26.16
C GLU L 113 6.92 -5.66 26.03
N LYS L 114 7.85 -5.71 25.07
CA LYS L 114 8.63 -6.92 24.86
C LYS L 114 9.61 -7.18 26.00
N LYS L 115 10.05 -6.13 26.69
CA LYS L 115 10.96 -6.30 27.82
C LYS L 115 10.26 -7.01 28.97
N GLU L 116 9.00 -6.65 29.23
CA GLU L 116 8.22 -7.36 30.24
C GLU L 116 7.87 -8.76 29.79
N ALA L 117 7.74 -8.97 28.47
CA ALA L 117 7.44 -10.31 27.96
C ALA L 117 8.66 -11.22 28.06
N PHE L 118 9.86 -10.68 27.83
CA PHE L 118 11.06 -11.49 27.92
C PHE L 118 11.40 -11.81 29.38
N ARG L 119 11.39 -10.79 30.24
CA ARG L 119 11.62 -11.02 31.66
C ARG L 119 10.54 -11.90 32.27
N GLY L 120 9.28 -11.65 31.90
CA GLY L 120 8.21 -12.52 32.36
C GLY L 120 8.37 -13.95 31.90
N CYS L 121 8.99 -14.15 30.73
CA CYS L 121 9.24 -15.50 30.26
C CYS L 121 10.31 -16.21 31.10
N LEU L 122 11.33 -15.45 31.52
CA LEU L 122 12.39 -16.06 32.31
C LEU L 122 11.89 -16.59 33.64
N LEU L 123 10.84 -15.96 34.19
CA LEU L 123 10.25 -16.43 35.44
C LEU L 123 9.21 -17.51 35.23
N ASN L 124 8.35 -17.36 34.23
CA ASN L 124 7.26 -18.31 34.01
C ASN L 124 7.79 -19.68 33.61
N LYS L 125 8.76 -19.73 32.70
CA LYS L 125 9.31 -21.01 32.26
C LYS L 125 10.11 -21.71 33.35
N ASN L 126 10.41 -21.03 34.45
CA ASN L 126 11.21 -21.60 35.53
C ASN L 126 10.40 -21.87 36.80
N ARG L 127 9.09 -21.63 36.78
CA ARG L 127 8.29 -21.76 38.00
C ARG L 127 8.33 -23.19 38.52
N LYS L 128 8.20 -24.18 37.63
CA LYS L 128 8.27 -25.57 38.06
C LYS L 128 9.67 -25.94 38.56
N ASN L 129 10.70 -25.24 38.08
CA ASN L 129 12.06 -25.57 38.47
C ASN L 129 12.39 -25.07 39.88
N LEU L 130 11.82 -23.93 40.28
CA LEU L 130 12.08 -23.43 41.63
C LEU L 130 11.32 -24.23 42.68
N ASP L 131 10.17 -24.80 42.31
CA ASP L 131 9.53 -25.78 43.18
C ASP L 131 10.46 -26.93 43.49
N GLN L 132 11.27 -27.34 42.51
CA GLN L 132 12.23 -28.41 42.72
C GLN L 132 13.35 -28.02 43.68
N ILE L 133 13.57 -26.71 43.89
CA ILE L 133 14.67 -26.28 44.75
C ILE L 133 14.43 -26.73 46.19
N LYS L 134 13.24 -26.44 46.73
CA LYS L 134 12.97 -26.81 48.12
C LYS L 134 12.94 -28.32 48.31
N LYS L 135 12.50 -29.07 47.29
CA LYS L 135 12.49 -30.52 47.40
C LYS L 135 13.91 -31.06 47.50
N ILE L 136 14.87 -30.42 46.83
CA ILE L 136 16.25 -30.87 46.90
C ILE L 136 16.87 -30.51 48.24
N ASN L 137 16.50 -29.35 48.79
CA ASN L 137 17.03 -28.94 50.09
C ASN L 137 16.68 -29.94 51.18
N ASN L 138 15.43 -30.42 51.18
CA ASN L 138 15.00 -31.38 52.19
C ASN L 138 15.76 -32.70 52.05
N GLU L 139 15.94 -33.18 50.82
CA GLU L 139 16.71 -34.39 50.59
C GLU L 139 18.14 -34.25 51.12
N ILE L 140 18.71 -33.05 51.03
CA ILE L 140 20.04 -32.81 51.58
C ILE L 140 20.00 -32.86 53.11
N ARG L 141 19.03 -32.17 53.71
CA ARG L 141 18.85 -32.24 55.16
C ARG L 141 18.67 -33.69 55.61
N ASP L 142 17.82 -34.45 54.90
CA ASP L 142 17.60 -35.84 55.25
C ASP L 142 18.87 -36.66 55.09
N LEU L 143 19.69 -36.34 54.08
CA LEU L 143 20.89 -37.13 53.84
C LEU L 143 21.87 -37.02 54.99
N LEU L 144 22.01 -35.82 55.56
CA LEU L 144 22.93 -35.62 56.67
C LEU L 144 22.52 -36.38 57.92
N GLU L 145 21.25 -36.82 57.99
CA GLU L 145 20.83 -37.64 59.12
C GLU L 145 21.56 -38.97 59.16
N LYS L 146 22.04 -39.45 58.01
CA LYS L 146 22.76 -40.72 57.92
C LYS L 146 24.19 -40.64 58.45
N LEU L 147 24.58 -39.50 59.03
CA LEU L 147 25.91 -39.39 59.61
C LEU L 147 26.06 -40.33 60.80
N LYS L 148 27.22 -40.97 60.91
CA LYS L 148 27.48 -41.85 62.05
C LYS L 148 27.47 -41.07 63.36
N CYS L 149 27.81 -39.79 63.32
CA CYS L 149 27.80 -38.96 64.52
C CYS L 149 26.37 -38.74 65.00
N SER L 150 26.26 -38.12 66.18
CA SER L 150 24.96 -37.82 66.76
C SER L 150 25.06 -36.60 67.67
N GLN L 151 25.40 -36.82 68.93
CA GLN L 151 25.56 -35.73 69.88
C GLN L 151 26.95 -35.11 69.84
N ASP L 152 27.92 -35.74 69.18
CA ASP L 152 29.30 -35.26 69.16
C ASP L 152 29.84 -35.28 67.74
N CYS L 153 29.24 -34.48 66.86
CA CYS L 153 29.72 -34.35 65.50
C CYS L 153 30.85 -33.33 65.47
N GLN L 154 32.00 -33.74 64.95
CA GLN L 154 33.16 -32.86 64.91
C GLN L 154 33.03 -31.83 63.80
N THR L 155 33.58 -30.65 64.04
CA THR L 155 33.41 -29.50 63.17
C THR L 155 34.63 -29.23 62.29
N ASN L 156 35.55 -30.20 62.18
CA ASN L 156 36.78 -29.96 61.43
C ASN L 156 36.49 -29.72 59.95
N VAL L 157 35.59 -30.51 59.37
CA VAL L 157 35.22 -30.31 57.96
C VAL L 157 34.54 -28.96 57.78
N TYR L 158 33.72 -28.56 58.75
CA TYR L 158 33.03 -27.28 58.66
C TYR L 158 34.02 -26.12 58.66
N PHE L 159 35.04 -26.17 59.51
CA PHE L 159 36.01 -25.08 59.58
C PHE L 159 37.06 -25.19 58.48
N ASP L 160 37.32 -26.39 57.96
CA ASP L 160 38.23 -26.51 56.83
C ASP L 160 37.63 -25.90 55.56
N MET L 161 36.31 -26.00 55.40
CA MET L 161 35.65 -25.34 54.27
C MET L 161 35.69 -23.83 54.42
N ILE L 162 35.57 -23.33 55.65
CA ILE L 162 35.66 -21.90 55.90
C ILE L 162 37.02 -21.37 55.49
N LYS L 163 38.09 -22.11 55.83
CA LYS L 163 39.44 -21.70 55.44
C LYS L 163 39.60 -21.69 53.93
N ILE L 164 38.95 -22.62 53.23
CA ILE L 164 39.02 -22.63 51.77
C ILE L 164 38.22 -21.47 51.20
N TYR L 165 37.04 -21.20 51.76
CA TYR L 165 36.21 -20.09 51.28
C TYR L 165 36.93 -18.76 51.43
N LEU L 166 37.71 -18.60 52.50
CA LEU L 166 38.47 -17.36 52.69
C LEU L 166 39.52 -17.18 51.59
N VAL L 167 40.03 -18.29 51.04
CA VAL L 167 40.97 -18.21 49.93
C VAL L 167 40.23 -17.86 48.65
N ASP L 168 39.11 -18.52 48.40
CA ASP L 168 38.32 -18.23 47.20
C ASP L 168 37.84 -16.79 47.19
N PHE L 169 37.51 -16.25 48.37
CA PHE L 169 37.06 -14.86 48.47
C PHE L 169 38.14 -13.90 47.99
N LYS L 170 39.38 -14.12 48.41
CA LYS L 170 40.46 -13.21 48.04
C LYS L 170 40.74 -13.22 46.55
N LYS L 171 40.31 -14.26 45.83
CA LYS L 171 40.53 -14.31 44.39
C LYS L 171 39.70 -13.28 43.64
N MET L 172 38.65 -12.71 44.27
CA MET L 172 37.91 -11.69 43.54
C MET L 172 38.42 -10.30 43.88
N PRO L 173 38.36 -9.37 42.93
CA PRO L 173 38.85 -7.99 43.18
C PRO L 173 37.76 -7.04 43.69
N TYR L 174 37.41 -7.20 44.96
CA TYR L 174 36.31 -6.41 45.53
C TYR L 174 36.65 -4.93 45.54
N GLU L 175 37.86 -4.57 45.98
CA GLU L 175 38.22 -3.16 46.10
C GLU L 175 38.16 -2.46 44.75
N ASN L 176 38.63 -3.12 43.69
CA ASN L 176 38.57 -2.52 42.36
C ASN L 176 37.13 -2.44 41.85
N TYR L 177 36.31 -3.45 42.16
CA TYR L 177 34.90 -3.38 41.82
C TYR L 177 34.24 -2.17 42.49
N ASP L 178 34.53 -1.95 43.77
CA ASP L 178 33.97 -0.80 44.48
C ASP L 178 34.40 0.51 43.82
N THR L 179 35.70 0.63 43.53
CA THR L 179 36.19 1.83 42.83
C THR L 179 35.51 1.97 41.47
N PHE L 180 35.33 0.86 40.75
CA PHE L 180 34.74 0.92 39.42
C PHE L 180 33.30 1.41 39.49
N ILE L 181 32.50 0.84 40.39
CA ILE L 181 31.07 1.15 40.40
C ILE L 181 30.82 2.56 40.93
N LYS L 182 31.56 2.97 41.97
CA LYS L 182 31.40 4.32 42.50
C LYS L 182 31.68 5.37 41.43
N GLN L 183 32.73 5.14 40.64
CA GLN L 183 33.17 6.14 39.67
C GLN L 183 32.32 6.10 38.40
N TYR L 184 31.90 4.91 37.97
CA TYR L 184 30.99 4.85 36.84
C TYR L 184 29.60 5.33 37.22
N LYS L 185 29.20 5.14 38.48
CA LYS L 185 27.94 5.73 38.94
C LYS L 185 28.04 7.25 38.98
N ASN L 186 29.18 7.77 39.44
CA ASN L 186 29.37 9.22 39.45
C ASN L 186 29.35 9.77 38.03
N SER L 187 30.04 9.10 37.11
CA SER L 187 30.04 9.54 35.72
C SER L 187 28.64 9.46 35.11
N TYR L 188 27.88 8.43 35.47
CA TYR L 188 26.56 8.24 34.89
C TYR L 188 25.58 9.30 35.36
N LEU L 189 25.67 9.72 36.62
CA LEU L 189 24.70 10.67 37.15
C LEU L 189 24.91 12.06 36.57
N SER L 190 26.17 12.50 36.44
CA SER L 190 26.42 13.82 35.87
C SER L 190 26.06 13.86 34.39
N GLY L 191 26.14 12.74 33.69
CA GLY L 191 25.68 12.70 32.32
C GLY L 191 24.17 12.80 32.21
N VAL L 192 23.44 12.20 33.15
CA VAL L 192 21.98 12.32 33.17
C VAL L 192 21.58 13.75 33.47
N ASP L 193 22.25 14.39 34.43
CA ASP L 193 21.94 15.78 34.75
C ASP L 193 22.32 16.73 33.64
N MET L 194 23.43 16.45 32.93
CA MET L 194 23.81 17.29 31.80
C MET L 194 22.77 17.23 30.70
N ILE L 195 22.28 16.04 30.38
CA ILE L 195 21.23 15.91 29.37
C ILE L 195 19.97 16.66 29.80
N ARG L 196 19.69 16.68 31.11
CA ARG L 196 18.56 17.47 31.61
C ARG L 196 18.69 18.93 31.23
N LYS L 197 19.90 19.50 31.39
CA LYS L 197 20.08 20.92 31.10
C LYS L 197 20.07 21.19 29.61
N ILE L 198 20.76 20.35 28.83
CA ILE L 198 21.00 20.64 27.41
C ILE L 198 19.82 20.27 26.52
N GLU L 199 18.86 19.50 27.03
CA GLU L 199 17.77 19.02 26.20
C GLU L 199 16.82 20.16 25.82
N LYS L 200 16.49 20.24 24.54
CA LYS L 200 15.49 21.17 24.03
C LYS L 200 14.61 20.42 23.04
N GLN L 201 13.57 21.08 22.57
CA GLN L 201 12.61 20.50 21.64
C GLN L 201 12.36 21.41 20.45
N ILE L 202 13.42 22.06 19.96
CA ILE L 202 13.33 22.89 18.76
C ILE L 202 13.93 22.20 17.54
N ASP L 203 14.91 21.32 17.72
CA ASP L 203 15.53 20.58 16.63
C ASP L 203 15.11 19.11 16.68
N ASN L 204 15.80 18.29 15.90
CA ASN L 204 15.52 16.86 15.89
C ASN L 204 16.00 16.23 17.20
N PRO L 205 15.13 15.57 17.97
CA PRO L 205 15.55 15.06 19.28
C PRO L 205 15.90 13.58 19.27
N VAL L 206 16.37 13.05 18.14
CA VAL L 206 16.59 11.61 18.08
C VAL L 206 17.85 11.21 18.84
N THR L 207 18.91 12.03 18.76
CA THR L 207 20.15 11.69 19.45
C THR L 207 19.97 11.82 20.96
N ILE L 208 19.25 12.84 21.41
CA ILE L 208 18.96 12.98 22.84
C ILE L 208 18.13 11.80 23.32
N ASN L 209 17.19 11.34 22.50
CA ASN L 209 16.37 10.19 22.87
C ASN L 209 17.21 8.93 23.03
N ALA L 210 18.14 8.69 22.10
CA ALA L 210 18.99 7.51 22.18
C ALA L 210 19.89 7.57 23.40
N ILE L 211 20.39 8.75 23.75
CA ILE L 211 21.23 8.90 24.94
C ILE L 211 20.45 8.54 26.18
N LYS L 212 19.25 9.12 26.35
CA LYS L 212 18.46 8.86 27.54
C LYS L 212 18.03 7.41 27.63
N PHE L 213 17.64 6.81 26.50
CA PHE L 213 17.34 5.38 26.49
C PHE L 213 18.54 4.56 26.93
N THR L 214 19.74 4.93 26.48
CA THR L 214 20.91 4.18 26.91
C THR L 214 21.19 4.43 28.38
N GLN L 215 20.99 5.66 28.85
CA GLN L 215 21.26 5.96 30.26
C GLN L 215 20.32 5.21 31.19
N LYS L 216 19.05 5.06 30.78
CA LYS L 216 18.10 4.37 31.64
C LYS L 216 18.47 2.90 31.80
N GLU L 217 19.03 2.28 30.76
CA GLU L 217 19.53 0.91 30.92
C GLU L 217 20.78 0.89 31.79
N MET L 218 21.62 1.92 31.68
CA MET L 218 22.79 2.04 32.55
C MET L 218 22.38 2.05 34.02
N GLY L 219 21.37 2.86 34.36
CA GLY L 219 20.91 2.92 35.73
C GLY L 219 20.44 1.57 36.25
N TYR L 220 19.72 0.82 35.42
CA TYR L 220 19.32 -0.52 35.81
C TYR L 220 20.54 -1.41 36.04
N ILE L 221 21.51 -1.38 35.12
CA ILE L 221 22.71 -2.19 35.27
C ILE L 221 23.49 -1.78 36.51
N ILE L 222 23.55 -0.48 36.80
CA ILE L 222 24.22 -0.03 38.01
C ILE L 222 23.47 -0.51 39.24
N ASP L 223 22.13 -0.48 39.20
CA ASP L 223 21.34 -0.92 40.33
C ASP L 223 21.52 -2.41 40.60
N ARG L 224 21.68 -3.21 39.53
CA ARG L 224 21.91 -4.64 39.70
C ARG L 224 23.32 -4.92 40.18
N PHE L 225 24.29 -4.14 39.70
CA PHE L 225 25.68 -4.33 40.13
C PHE L 225 25.83 -4.08 41.62
N GLU L 226 25.29 -2.96 42.10
CA GLU L 226 25.38 -2.66 43.52
C GLU L 226 24.65 -3.70 44.36
N TYR L 227 23.63 -4.33 43.81
CA TYR L 227 22.93 -5.40 44.53
C TYR L 227 23.86 -6.58 44.77
N HIS L 228 24.52 -7.07 43.72
CA HIS L 228 25.37 -8.25 43.87
C HIS L 228 26.65 -7.93 44.61
N LEU L 229 27.18 -6.72 44.47
CA LEU L 229 28.38 -6.35 45.23
C LEU L 229 28.06 -6.31 46.73
N GLN L 230 26.89 -5.79 47.09
CA GLN L 230 26.51 -5.75 48.51
C GLN L 230 26.25 -7.16 49.04
N LYS L 231 25.60 -8.01 48.24
CA LYS L 231 25.40 -9.39 48.64
C LYS L 231 26.72 -10.14 48.76
N VAL L 232 27.65 -9.88 47.84
CA VAL L 232 28.97 -10.53 47.90
C VAL L 232 29.70 -10.12 49.17
N LYS L 233 29.71 -8.82 49.46
CA LYS L 233 30.39 -8.36 50.67
C LYS L 233 29.78 -8.96 51.93
N HIS L 234 28.46 -9.11 51.95
CA HIS L 234 27.80 -9.65 53.15
C HIS L 234 28.23 -11.09 53.41
N SER L 235 28.26 -11.92 52.36
CA SER L 235 28.65 -13.31 52.51
C SER L 235 30.12 -13.45 52.88
N ILE L 236 30.98 -12.57 52.36
CA ILE L 236 32.38 -12.58 52.75
C ILE L 236 32.51 -12.28 54.23
N ASP L 237 31.85 -11.21 54.69
CA ASP L 237 31.98 -10.82 56.09
C ASP L 237 31.32 -11.83 57.02
N GLN L 238 30.22 -12.45 56.60
CA GLN L 238 29.56 -13.43 57.45
C GLN L 238 30.42 -14.67 57.62
N VAL L 239 31.03 -15.16 56.54
CA VAL L 239 31.91 -16.31 56.64
C VAL L 239 33.18 -15.96 57.41
N THR L 240 33.71 -14.75 57.20
CA THR L 240 34.86 -14.29 57.97
C THR L 240 34.53 -14.19 59.45
N ALA L 241 33.30 -13.77 59.76
CA ALA L 241 32.88 -13.71 61.16
C ALA L 241 32.86 -15.09 61.80
N LEU L 242 32.46 -16.11 61.04
CA LEU L 242 32.52 -17.47 61.56
C LEU L 242 33.96 -17.94 61.74
N SER L 243 34.89 -17.42 60.92
CA SER L 243 36.29 -17.80 61.06
C SER L 243 36.92 -17.16 62.29
N ASP L 244 36.40 -16.03 62.74
CA ASP L 244 36.97 -15.31 63.87
C ASP L 244 36.15 -15.45 65.15
N GLY L 245 35.08 -16.23 65.12
CA GLY L 245 34.25 -16.46 66.29
C GLY L 245 34.70 -17.67 67.08
N VAL L 246 33.80 -18.14 67.94
CA VAL L 246 34.08 -19.33 68.73
C VAL L 246 34.14 -20.55 67.83
N LYS L 247 35.09 -21.44 68.10
CA LYS L 247 35.33 -22.63 67.29
C LYS L 247 35.08 -23.87 68.15
N PRO L 248 33.82 -24.29 68.31
CA PRO L 248 33.55 -25.51 69.06
C PRO L 248 34.09 -26.73 68.33
N LYS L 249 34.80 -27.59 69.07
CA LYS L 249 35.36 -28.78 68.46
C LYS L 249 34.28 -29.78 68.08
N GLN L 250 33.12 -29.75 68.76
CA GLN L 250 32.04 -30.68 68.50
C GLN L 250 30.71 -29.96 68.64
N VAL L 251 29.75 -30.34 67.81
CA VAL L 251 28.38 -29.83 67.89
C VAL L 251 27.42 -30.99 67.66
N THR L 252 26.13 -30.71 67.82
CA THR L 252 25.10 -31.69 67.54
C THR L 252 25.04 -31.98 66.04
N LYS L 253 24.39 -33.10 65.70
CA LYS L 253 24.05 -33.33 64.30
C LYS L 253 23.01 -32.33 63.83
N ASN L 254 22.10 -31.93 64.72
CA ASN L 254 21.12 -30.91 64.38
C ASN L 254 21.80 -29.60 64.02
N ARG L 255 22.83 -29.22 64.78
CA ARG L 255 23.52 -27.97 64.50
C ARG L 255 24.44 -28.08 63.29
N LEU L 256 25.15 -29.22 63.15
CA LEU L 256 26.06 -29.39 62.03
C LEU L 256 25.34 -29.30 60.69
N LYS L 257 24.08 -29.74 60.64
CA LYS L 257 23.28 -29.53 59.44
C LYS L 257 23.07 -28.04 59.17
N GLU L 258 22.77 -27.27 60.21
CA GLU L 258 22.60 -25.83 60.05
C GLU L 258 23.93 -25.14 59.76
N TYR L 259 25.04 -25.72 60.22
CA TYR L 259 26.35 -25.15 59.92
C TYR L 259 26.64 -25.23 58.42
N TYR L 260 26.54 -26.43 57.85
CA TYR L 260 26.83 -26.60 56.42
C TYR L 260 25.84 -25.83 55.57
N PHE L 261 24.59 -25.70 56.01
CA PHE L 261 23.62 -24.94 55.24
C PHE L 261 23.93 -23.44 55.28
N ASN L 262 24.52 -22.96 56.38
CA ASN L 262 24.82 -21.54 56.50
C ASN L 262 25.98 -21.14 55.61
N ILE L 263 27.13 -21.81 55.76
CA ILE L 263 28.28 -21.48 54.91
C ILE L 263 28.02 -21.87 53.47
N GLY L 264 27.20 -22.88 53.24
CA GLY L 264 26.88 -23.26 51.87
C GLY L 264 26.03 -22.22 51.15
N ASN L 265 25.01 -21.72 51.83
CA ASN L 265 24.18 -20.67 51.25
C ASN L 265 24.98 -19.39 51.03
N TYR L 266 25.81 -19.03 52.00
CA TYR L 266 26.66 -17.84 51.87
C TYR L 266 27.59 -17.98 50.67
N TYR L 267 28.24 -19.13 50.55
CA TYR L 267 29.23 -19.33 49.49
C TYR L 267 28.57 -19.37 48.12
N SER L 268 27.35 -19.90 48.03
CA SER L 268 26.65 -19.91 46.75
C SER L 268 26.28 -18.50 46.31
N ILE L 269 25.88 -17.65 47.27
CA ILE L 269 25.60 -16.25 46.96
C ILE L 269 26.86 -15.58 46.44
N PHE L 270 28.01 -15.90 47.03
CA PHE L 270 29.27 -15.31 46.58
C PHE L 270 29.58 -15.74 45.14
N LYS L 271 29.45 -17.04 44.85
CA LYS L 271 29.70 -17.52 43.50
C LYS L 271 28.69 -16.93 42.51
N PHE L 272 27.44 -16.80 42.94
CA PHE L 272 26.42 -16.21 42.08
C PHE L 272 26.74 -14.75 41.78
N GLY L 273 27.07 -13.98 42.82
CA GLY L 273 27.44 -12.59 42.61
C GLY L 273 28.69 -12.44 41.74
N LYS L 274 29.64 -13.36 41.89
CA LYS L 274 30.86 -13.29 41.09
C LYS L 274 30.56 -13.41 39.61
N ASP L 275 29.66 -14.33 39.24
CA ASP L 275 29.25 -14.46 37.84
C ASP L 275 28.53 -13.21 37.37
N SER L 276 27.61 -12.68 38.18
CA SER L 276 26.84 -11.51 37.79
C SER L 276 27.73 -10.27 37.71
N LEU L 277 28.63 -10.10 38.68
CA LEU L 277 29.46 -8.91 38.70
C LEU L 277 30.39 -8.85 37.48
N ASN L 278 30.88 -10.00 37.04
CA ASN L 278 31.71 -10.02 35.85
C ASN L 278 30.92 -9.59 34.62
N MET L 279 29.70 -10.12 34.47
CA MET L 279 28.89 -9.78 33.30
C MET L 279 28.42 -8.33 33.36
N LEU L 280 27.93 -7.90 34.54
CA LEU L 280 27.45 -6.53 34.68
C LEU L 280 28.58 -5.51 34.51
N ASN L 281 29.81 -5.90 34.86
CA ASN L 281 30.95 -5.02 34.64
C ASN L 281 31.12 -4.69 33.16
N LYS L 282 31.06 -5.72 32.30
CA LYS L 282 31.19 -5.48 30.87
C LYS L 282 29.98 -4.76 30.31
N ALA L 283 28.79 -5.12 30.79
CA ALA L 283 27.56 -4.48 30.29
C ALA L 283 27.58 -2.99 30.55
N LEU L 284 27.97 -2.57 31.75
CA LEU L 284 28.05 -1.14 32.05
C LEU L 284 29.13 -0.46 31.21
N ILE L 285 30.26 -1.13 31.01
CA ILE L 285 31.34 -0.54 30.21
C ILE L 285 30.90 -0.38 28.77
N HIS L 286 30.20 -1.38 28.22
CA HIS L 286 29.73 -1.29 26.84
C HIS L 286 28.71 -0.16 26.68
N LYS L 287 27.80 -0.03 27.65
CA LYS L 287 26.82 1.06 27.59
C LYS L 287 27.50 2.42 27.68
N GLU L 288 28.55 2.53 28.50
CA GLU L 288 29.26 3.79 28.63
C GLU L 288 29.90 4.20 27.31
N LYS L 289 30.51 3.24 26.60
CA LYS L 289 31.13 3.57 25.32
C LYS L 289 30.07 3.90 24.27
N ILE L 290 28.85 3.38 24.43
CA ILE L 290 27.76 3.76 23.53
C ILE L 290 27.31 5.18 23.82
N VAL L 291 27.21 5.56 25.10
CA VAL L 291 26.78 6.91 25.46
C VAL L 291 27.74 7.94 24.92
N HIS L 292 29.04 7.71 25.10
CA HIS L 292 30.02 8.72 24.70
C HIS L 292 30.16 8.77 23.18
N ASN L 293 29.93 7.65 22.49
CA ASN L 293 29.84 7.70 21.04
C ASN L 293 28.63 8.52 20.61
N LEU L 294 27.51 8.40 21.34
CA LEU L 294 26.36 9.23 21.05
C LEU L 294 26.60 10.69 21.42
N LEU L 295 27.36 10.93 22.49
CA LEU L 295 27.70 12.30 22.86
C LEU L 295 28.55 12.96 21.78
N GLY L 296 29.52 12.22 21.22
CA GLY L 296 30.27 12.74 20.10
C GLY L 296 29.40 12.97 18.88
N GLU L 297 28.41 12.10 18.68
CA GLU L 297 27.43 12.32 17.61
C GLU L 297 26.62 13.59 17.87
N LEU L 298 26.22 13.80 19.12
CA LEU L 298 25.43 14.98 19.47
C LEU L 298 26.23 16.26 19.28
N PHE L 299 27.51 16.24 19.65
CA PHE L 299 28.38 17.40 19.54
C PHE L 299 29.20 17.40 18.23
N GLY L 300 28.94 16.47 17.32
CA GLY L 300 29.75 16.35 16.13
C GLY L 300 29.50 17.42 15.09
N HIS L 301 28.37 18.12 15.16
CA HIS L 301 28.03 19.19 14.23
C HIS L 301 27.59 20.40 15.06
N LEU L 302 28.53 21.26 15.40
CA LEU L 302 28.23 22.49 16.14
C LEU L 302 27.88 23.65 15.22
N GLU L 303 28.48 23.70 14.02
CA GLU L 303 28.15 24.75 13.06
C GLU L 303 26.66 24.75 12.77
N GLU L 304 26.10 23.59 12.47
CA GLU L 304 24.66 23.41 12.48
C GLU L 304 24.18 23.29 13.92
N ARG L 305 22.97 23.80 14.18
CA ARG L 305 22.42 23.76 15.53
C ARG L 305 22.16 22.33 15.98
#